data_3TGU
#
_entry.id   3TGU
#
_cell.length_a   172.678
_cell.length_b   183.305
_cell.length_c   241.944
_cell.angle_alpha   90.00
_cell.angle_beta   90.00
_cell.angle_gamma   90.00
#
_symmetry.space_group_name_H-M   'P 21 21 21'
#
loop_
_entity.id
_entity.type
_entity.pdbx_description
1 polymer 'Mitochondrial ubiquinol-cytochrome-c reductase complex core protein i'
2 polymer 'Mitochondrial ubiquinol-cytochrome-c reductase complex core protein 2'
3 polymer 'Cytochrome b'
4 polymer 'Mitochondrial cytochrome c1, heme protein'
5 polymer 'Cytochrome b-c1 complex subunit Rieske, mitochondrial'
6 polymer 'Mitochondrial ubiquinol-cytochrome c reductase 14 kda protein'
7 polymer 'Mitochondrial ubiquinol-cytochrome c reductase ubiquinone-binding protein qp-c'
8 polymer 'Mitochondrial ubiquinol-cytochrome c reductase 11 kda protein, complex iii subunit viii'
9 polymer 'Cytochrome b-c1 complex subunit Rieske, mitochondrial'
10 polymer 'Mitochondrial ubiquinol-cytochrome c reductase 7.2 kda protein'
11 non-polymer 'UNKNOWN LIGAND'
12 non-polymer 'PROTOPORPHYRIN IX CONTAINING FE'
13 non-polymer 'methyl (2E)-3-methoxy-2-[2-({[6-methyl-3-(trifluoromethyl)quinoxalin-2-yl]oxy}methyl)phenyl]prop-2-enoate'
14 non-polymer 'Coenzyme Q10, (2Z,6E,10Z,14E,18E,22E,26Z)-isomer'
15 non-polymer CARDIOLIPIN
16 non-polymer 1,2-dioleoyl-sn-glycero-3-phosphoethanolamine
17 non-polymer GLYCEROL
18 non-polymer 'HEME C'
19 non-polymer 'octyl beta-D-glucopyranoside'
20 non-polymer 'FE2/S2 (INORGANIC) CLUSTER'
21 water water
#
loop_
_entity_poly.entity_id
_entity_poly.type
_entity_poly.pdbx_seq_one_letter_code
_entity_poly.pdbx_strand_id
1 'polypeptide(L)'
;AATYAQTLQNIPETNVTTLDNGLRVASEESSQPTCTVGVWIGAGSRYENEKNNGAGYFVEHLAFKGTKKRPCAAFEKEVE
SMGAHFNGYTSREQTAFYIKALSKDMPKVVELLADVVQNCALEESQIEKERGVILQELKEMDNDMTNVTFDYLHATAFQG
TALARTVEGTTENIKHLTRADLASYIDTHFKAPRMVLAAAGGISHKELVDAARQHFSGVSFTYKEDAVPILPRCRFTGSE
IRARDDALPVAHVALAVEGPGWADPDNVVLHVANAIIGRYDRTFGGGKHLSSRLAALAVEHKLCHSFQTFNTSYSDTGLF
GFHFVADPLSIDDMMFCAQGEWMRLCTSTTESEVKRAKNHLRSAMVAQLDGTTPVCETIGSHLLNYGRRISLEEWDSRIS
AVDARMVRDVCSKYIYDKCPALAAVGPIEQLLDYNRIRSGMYWIRF
;
A,N
2 'polypeptide(L)'
;SLKVAPKVAVSAAAERVKLCPGAEDLEITKLPNGLIIASLENFSPASRIGVFIKAGSRYETTANLGTAHLLRLASPLTTK
GASSFRITRGIEAVGGSLSVYSTREKMTYCVECLRDHVDTVMEYLLNVTTAPEFRPWEVTDLQPQLKVDKAVAFQSPQVG
VLENLHAAAYKTALANPLYCPDYRIGKITSEQLHHFVQNNFTSARMALVGIGVKHSDLKQVAEQFLNIRSGAGTSSAKAT
YWGGEIREQNGHSLVHAAVVTEGAAVGSAEANAFSVLQHVLGAGPLIKRGSSVTSKLYQGVAKATTQPFDASAFNVNYSD
SGLFGFYTISQAAHAGEVIRAAMNQLKAAAQGGVTEEDVTKAKNQLKATYLMSVETAQGLLNEIGSEALLSGTHTAPSVV
AQKIDSVTSADVVNAAKKFVSGKKSMAASGDLGSTPFLDEL
;
B,O
3 'polypeptide(L)'
;(FME)APNIRKSHPLLKMINNSLIDLPAPSNISAWWNFGSLLAVCLMTQILTGLLLAMHYTADTSLAFSSVAHTCRNVQY
GWLIRNLHANGASFFFICIFLHIGRGLYYGSYLYKETWNTGVILLLTLMATAFVGYVLPWGQMSFWGATVITNLFSAIPY
IGHTLVEWAWGGFSVDNPTLTRFFALHFLLPFAIAGITIIHLTFLHESGSNNPLGISSDSDKIPFHPYYSFKDILGLTLM
LTPFLTLALFSPNLLGDPENFTPANPLVTPPHIKPEWYFLFAYAILRSIPNKLGGVLALAASVLILFLIPFLHKSKQRTM
TFRPLSQTLFWLLVANLLILTWIGSQPVEHPFIIIGQMASLSYFTILLILFPTIGTLENKMLNY
;
C,P
4 'polypeptide(L)'
;GELELHPPAFPWSHGGPLSALDHSSVRRGFQVYKQVCSACHSMDYVAFRNLIGVTHTEAEAKALAEEVEVQDGPDENGEL
FMRPGKISDYFPKPYPNPEAARAANNGALPPDLSYIVNARHGGEDYVFSLLTGYCDPPAGVVVREGLHYNPYFPGQAIGM
APPIYNEILEYDDGTPATMSQIAKDVCTFLRWAAEPEHDQRKRMGLKMLLISALLTSLLYYMKRHKWSVLKSRKMAYRPP
K
;
D,Q
5 'polypeptide(L)'
;VHNDVTVPDFSAYRREDVMDATTSSQTSSEDRKGFSYLVTATACVATAYAAKNVVTQFISSLSASADVLALSKIEIKLSD
IPEGKNVAFKWRGKPLFVRHRTQAEINQEAEVDVSKLRDPQHDLDRVKKPEWVILVGVCTHLGCVPIANSGDFGGYYCPC
HGSHYDASGRIRKGPAPYNLEVPTYQFVGDDLVVVG
;
E,R
6 'polypeptide(L)'
;AARATVAGGGRLMDRIRKWYYNAAGFNKYGLMRDDTLYEDDDVKEALKRLPEDLYNERMFRIKRALDLSLKHRILPKEQW
VKYEEDKPYLEPYLKEVIRERLEREAWNKK
;
F,S
7 'polypeptide(L)'
;GIHFGNLARVRHIITYSLSPFEQRAIPNIFSDALPNVWRRFSSQVFKVAPPFLGAYLLYSWGTQEFERLKRKNPADYEND
Q
;
G,T
8 'polypeptide(L)' LRGSGEEEEEELVDPLTTIREHCEQTEKCVKARERLELCDARVSSRSHTEEQCTEELFDFLHARDHCVAHKLFNKLK H,U
9 'polypeptide(L)'
;(AME)LSVAARSGPFAPYLSAAAHAVPGPL(UNK)(UNK)(UNK)(UNK)(UNK)(UNK)(UNK)(UNK)(UNK)(UNK)
(UNK)(UNK)(UNK)(UNK)(UNK)DLKRPLLCRESMSGRSARRDLVAGISLNAPASVRY
;
I,V
10 'polypeptide(L)' ALLRQAYSALFRRTSTFALTVVLGAVLFERAFDQGADAIFEHLNEGKLWKHIKHKYEASEE J,W
#
# COMPACT_ATOMS: atom_id res chain seq x y z
N ALA A 2 -8.67 -64.26 7.67
CA ALA A 2 -10.04 -63.78 7.29
C ALA A 2 -9.95 -62.45 6.54
N THR A 3 -10.63 -62.38 5.39
CA THR A 3 -10.62 -61.16 4.57
C THR A 3 -11.82 -60.26 4.77
N TYR A 4 -11.63 -58.96 4.50
CA TYR A 4 -12.69 -57.98 4.61
C TYR A 4 -13.86 -58.48 3.78
N ALA A 5 -13.54 -59.02 2.62
CA ALA A 5 -14.54 -59.54 1.70
C ALA A 5 -15.51 -60.50 2.39
N GLN A 6 -14.95 -61.49 3.06
CA GLN A 6 -15.73 -62.51 3.76
C GLN A 6 -16.48 -62.01 4.99
N THR A 7 -15.78 -61.35 5.91
CA THR A 7 -16.41 -60.84 7.12
C THR A 7 -17.71 -60.12 6.82
N LEU A 8 -17.76 -59.47 5.66
CA LEU A 8 -18.96 -58.75 5.25
C LEU A 8 -20.11 -59.71 5.01
N GLN A 9 -19.79 -60.91 4.56
CA GLN A 9 -20.79 -61.93 4.27
C GLN A 9 -21.30 -62.61 5.55
N ASN A 10 -20.39 -62.98 6.44
CA ASN A 10 -20.77 -63.63 7.68
C ASN A 10 -21.76 -62.83 8.51
N ILE A 11 -21.91 -61.55 8.23
CA ILE A 11 -22.83 -60.72 9.00
C ILE A 11 -24.26 -61.25 8.93
N PRO A 12 -24.85 -61.57 10.09
CA PRO A 12 -26.21 -62.09 10.17
C PRO A 12 -27.23 -61.19 9.47
N GLU A 13 -27.99 -61.78 8.57
CA GLU A 13 -29.00 -61.08 7.79
C GLU A 13 -30.04 -60.39 8.68
N THR A 14 -30.77 -59.45 8.10
CA THR A 14 -31.79 -58.72 8.84
C THR A 14 -33.16 -59.31 8.52
N ASN A 15 -33.78 -59.92 9.51
CA ASN A 15 -35.10 -60.54 9.33
C ASN A 15 -36.18 -59.47 9.43
N VAL A 16 -37.07 -59.45 8.46
CA VAL A 16 -38.16 -58.49 8.46
C VAL A 16 -39.48 -59.19 8.19
N THR A 17 -40.47 -58.89 9.00
CA THR A 17 -41.78 -59.49 8.85
C THR A 17 -42.84 -58.43 9.14
N THR A 18 -43.87 -58.37 8.32
CA THR A 18 -44.91 -57.38 8.52
C THR A 18 -46.12 -57.97 9.24
N LEU A 19 -46.73 -57.20 10.12
CA LEU A 19 -47.93 -57.64 10.84
C LEU A 19 -49.18 -57.31 10.01
N ASP A 20 -50.34 -57.40 10.63
CA ASP A 20 -51.58 -57.11 9.94
C ASP A 20 -51.88 -55.63 9.92
N ASN A 21 -51.82 -54.99 11.07
CA ASN A 21 -52.08 -53.56 11.15
C ASN A 21 -51.15 -52.82 10.21
N GLY A 22 -50.10 -53.49 9.76
CA GLY A 22 -49.15 -52.88 8.84
C GLY A 22 -47.77 -52.65 9.41
N LEU A 23 -47.68 -52.55 10.74
CA LEU A 23 -46.41 -52.35 11.40
C LEU A 23 -45.39 -53.37 10.90
N ARG A 24 -44.13 -52.96 10.80
CA ARG A 24 -43.09 -53.86 10.34
C ARG A 24 -42.15 -54.19 11.49
N VAL A 25 -41.66 -55.43 11.51
CA VAL A 25 -40.75 -55.85 12.57
C VAL A 25 -39.46 -56.39 11.97
N ALA A 26 -38.34 -55.78 12.35
CA ALA A 26 -37.03 -56.18 11.84
C ALA A 26 -35.97 -56.29 12.92
N SER A 27 -34.98 -57.13 12.68
CA SER A 27 -33.94 -57.34 13.67
C SER A 27 -32.67 -57.99 13.12
N GLU A 28 -31.57 -57.76 13.83
CA GLU A 28 -30.29 -58.35 13.49
C GLU A 28 -29.78 -58.96 14.77
N GLU A 29 -29.78 -60.29 14.80
CA GLU A 29 -29.37 -61.05 15.97
C GLU A 29 -27.87 -61.27 16.07
N SER A 30 -27.33 -60.98 17.24
CA SER A 30 -25.90 -61.14 17.51
C SER A 30 -25.74 -62.04 18.73
N SER A 31 -24.49 -62.28 19.09
CA SER A 31 -24.19 -63.12 20.24
C SER A 31 -24.29 -62.34 21.54
N GLN A 32 -24.38 -61.02 21.42
CA GLN A 32 -24.47 -60.11 22.56
C GLN A 32 -25.54 -60.39 23.61
N PRO A 33 -25.18 -60.20 24.89
CA PRO A 33 -26.06 -60.41 26.05
C PRO A 33 -26.95 -59.19 26.25
N THR A 34 -26.48 -58.04 25.79
CA THR A 34 -27.20 -56.79 25.91
C THR A 34 -27.81 -56.45 24.55
N CYS A 35 -28.69 -55.46 24.52
CA CYS A 35 -29.32 -55.10 23.25
C CYS A 35 -30.07 -53.77 23.26
N THR A 36 -30.73 -53.49 22.13
CA THR A 36 -31.51 -52.27 21.95
C THR A 36 -32.70 -52.56 21.06
N VAL A 37 -33.85 -52.02 21.43
CA VAL A 37 -35.05 -52.17 20.62
C VAL A 37 -35.78 -50.85 20.74
N GLY A 38 -36.47 -50.47 19.66
CA GLY A 38 -37.22 -49.24 19.66
C GLY A 38 -38.08 -49.12 18.41
N VAL A 39 -38.95 -48.12 18.41
CA VAL A 39 -39.84 -47.86 17.27
C VAL A 39 -39.43 -46.57 16.53
N TRP A 40 -39.21 -46.70 15.22
CA TRP A 40 -38.83 -45.58 14.36
C TRP A 40 -40.01 -45.14 13.53
N ILE A 41 -40.55 -43.97 13.86
CA ILE A 41 -41.71 -43.42 13.19
C ILE A 41 -41.42 -42.42 12.06
N GLY A 42 -42.16 -42.56 10.96
CA GLY A 42 -42.00 -41.64 9.86
C GLY A 42 -42.87 -40.42 10.14
N ALA A 43 -42.42 -39.58 11.06
CA ALA A 43 -43.15 -38.37 11.41
C ALA A 43 -42.23 -37.33 12.06
N GLY A 44 -42.39 -36.08 11.65
CA GLY A 44 -41.57 -35.01 12.21
C GLY A 44 -42.17 -33.64 11.97
N SER A 45 -41.32 -32.62 11.94
CA SER A 45 -41.79 -31.26 11.73
C SER A 45 -42.34 -31.04 10.31
N ARG A 46 -41.79 -31.78 9.34
CA ARG A 46 -42.26 -31.62 7.97
C ARG A 46 -43.73 -32.00 7.90
N TYR A 47 -44.16 -32.86 8.82
CA TYR A 47 -45.54 -33.29 8.84
C TYR A 47 -46.43 -32.32 9.58
N GLU A 48 -45.84 -31.33 10.26
CA GLU A 48 -46.63 -30.36 10.99
C GLU A 48 -47.05 -29.19 10.08
N ASN A 49 -47.92 -28.34 10.60
CA ASN A 49 -48.41 -27.18 9.87
C ASN A 49 -48.07 -25.94 10.67
N GLU A 50 -48.52 -24.80 10.17
CA GLU A 50 -48.30 -23.51 10.79
C GLU A 50 -48.69 -23.44 12.27
N LYS A 51 -49.92 -23.87 12.59
CA LYS A 51 -50.39 -23.78 13.97
C LYS A 51 -50.01 -24.91 14.94
N ASN A 52 -49.59 -26.06 14.42
CA ASN A 52 -49.21 -27.15 15.32
C ASN A 52 -47.72 -27.47 15.25
N ASN A 53 -46.94 -26.56 14.68
CA ASN A 53 -45.49 -26.73 14.58
C ASN A 53 -44.93 -26.91 15.98
N GLY A 54 -44.24 -28.03 16.22
CA GLY A 54 -43.65 -28.28 17.51
C GLY A 54 -44.33 -29.38 18.31
N ALA A 55 -45.52 -29.78 17.89
CA ALA A 55 -46.25 -30.85 18.56
C ALA A 55 -45.38 -32.09 18.72
N GLY A 56 -44.82 -32.56 17.60
CA GLY A 56 -43.99 -33.74 17.65
C GLY A 56 -42.91 -33.68 18.70
N TYR A 57 -42.49 -32.46 19.04
CA TYR A 57 -41.44 -32.22 20.03
C TYR A 57 -42.02 -32.15 21.43
N PHE A 58 -43.13 -31.44 21.55
CA PHE A 58 -43.83 -31.29 22.83
C PHE A 58 -44.20 -32.70 23.27
N VAL A 59 -44.54 -33.53 22.28
CA VAL A 59 -44.89 -34.94 22.52
C VAL A 59 -43.65 -35.69 23.02
N GLU A 60 -42.56 -35.60 22.27
CA GLU A 60 -41.32 -36.25 22.64
C GLU A 60 -40.96 -36.01 24.11
N HIS A 61 -41.40 -34.87 24.66
CA HIS A 61 -41.13 -34.55 26.06
C HIS A 61 -42.02 -35.30 27.05
N LEU A 62 -43.26 -35.58 26.63
CA LEU A 62 -44.20 -36.28 27.49
C LEU A 62 -44.16 -37.78 27.27
N ALA A 63 -43.58 -38.22 26.16
CA ALA A 63 -43.50 -39.64 25.88
C ALA A 63 -42.83 -40.43 26.99
N PHE A 64 -42.24 -39.76 27.96
CA PHE A 64 -41.57 -40.44 29.06
C PHE A 64 -42.18 -40.14 30.43
N LYS A 65 -43.14 -39.22 30.48
CA LYS A 65 -43.76 -38.88 31.75
C LYS A 65 -44.89 -39.87 32.08
N GLY A 66 -44.79 -41.07 31.52
CA GLY A 66 -45.77 -42.10 31.79
C GLY A 66 -47.01 -42.22 30.93
N THR A 67 -47.56 -43.43 30.92
CA THR A 67 -48.76 -43.76 30.16
C THR A 67 -49.94 -43.81 31.12
N LYS A 68 -51.08 -44.28 30.63
CA LYS A 68 -52.28 -44.39 31.46
C LYS A 68 -52.20 -45.70 32.23
N LYS A 69 -51.66 -46.73 31.59
CA LYS A 69 -51.52 -48.04 32.22
C LYS A 69 -50.66 -47.91 33.49
N ARG A 70 -49.78 -46.91 33.51
CA ARG A 70 -48.91 -46.70 34.67
C ARG A 70 -48.35 -45.28 34.72
N PRO A 71 -48.80 -44.48 35.71
CA PRO A 71 -48.34 -43.09 35.87
C PRO A 71 -46.83 -42.88 35.88
N CYS A 72 -46.42 -41.62 36.00
CA CYS A 72 -45.01 -41.23 35.98
C CYS A 72 -44.06 -42.04 36.85
N ALA A 73 -44.11 -41.82 38.16
CA ALA A 73 -43.24 -42.50 39.10
C ALA A 73 -43.12 -44.00 38.84
N ALA A 74 -44.24 -44.64 38.53
CA ALA A 74 -44.26 -46.06 38.25
C ALA A 74 -43.43 -46.36 37.02
N PHE A 75 -43.82 -45.75 35.91
CA PHE A 75 -43.12 -45.96 34.65
C PHE A 75 -41.61 -45.83 34.81
N GLU A 76 -41.17 -44.70 35.35
CA GLU A 76 -39.75 -44.47 35.52
C GLU A 76 -39.10 -45.53 36.38
N LYS A 77 -39.67 -45.72 37.56
CA LYS A 77 -39.16 -46.72 38.50
C LYS A 77 -39.01 -48.05 37.78
N GLU A 78 -40.04 -48.47 37.06
CA GLU A 78 -40.01 -49.73 36.34
C GLU A 78 -38.90 -49.85 35.30
N VAL A 79 -38.52 -48.73 34.68
CA VAL A 79 -37.47 -48.73 33.66
C VAL A 79 -36.09 -48.73 34.31
N GLU A 80 -35.91 -47.81 35.24
CA GLU A 80 -34.65 -47.68 35.96
C GLU A 80 -34.28 -48.96 36.67
N SER A 81 -35.17 -49.42 37.55
CA SER A 81 -34.94 -50.62 38.35
C SER A 81 -34.61 -51.88 37.56
N MET A 82 -34.64 -51.81 36.25
CA MET A 82 -34.28 -52.96 35.44
C MET A 82 -33.06 -52.63 34.60
N GLY A 83 -32.38 -51.56 35.01
CA GLY A 83 -31.17 -51.11 34.35
C GLY A 83 -31.24 -50.83 32.86
N ALA A 84 -32.43 -50.48 32.38
CA ALA A 84 -32.62 -50.19 30.96
C ALA A 84 -32.51 -48.68 30.75
N HIS A 85 -32.00 -48.29 29.57
CA HIS A 85 -31.85 -46.89 29.22
C HIS A 85 -32.94 -46.51 28.22
N PHE A 86 -33.71 -45.47 28.56
CA PHE A 86 -34.76 -45.02 27.66
C PHE A 86 -34.45 -43.62 27.12
N ASN A 87 -34.30 -43.54 25.81
CA ASN A 87 -33.98 -42.29 25.13
C ASN A 87 -34.72 -42.22 23.79
N GLY A 88 -34.58 -41.09 23.11
CA GLY A 88 -35.24 -40.92 21.83
C GLY A 88 -34.97 -39.58 21.19
N TYR A 89 -35.66 -39.31 20.09
CA TYR A 89 -35.49 -38.04 19.39
C TYR A 89 -36.57 -37.77 18.35
N THR A 90 -36.55 -36.56 17.81
CA THR A 90 -37.51 -36.18 16.81
C THR A 90 -36.86 -35.19 15.85
N SER A 91 -36.80 -35.54 14.57
CA SER A 91 -36.21 -34.67 13.55
C SER A 91 -37.30 -34.03 12.68
N ARG A 92 -37.03 -33.84 11.38
CA ARG A 92 -38.01 -33.21 10.49
C ARG A 92 -38.86 -34.25 9.79
N GLU A 93 -38.24 -35.37 9.46
CA GLU A 93 -38.92 -36.46 8.79
C GLU A 93 -38.79 -37.76 9.55
N GLN A 94 -38.45 -37.71 10.84
CA GLN A 94 -38.27 -38.95 11.57
C GLN A 94 -38.22 -38.79 13.08
N THR A 95 -38.96 -39.64 13.78
CA THR A 95 -38.97 -39.63 15.25
C THR A 95 -38.59 -41.05 15.66
N ALA A 96 -38.17 -41.22 16.91
CA ALA A 96 -37.82 -42.56 17.36
C ALA A 96 -37.66 -42.61 18.88
N PHE A 97 -38.13 -43.71 19.47
CA PHE A 97 -38.03 -43.94 20.90
C PHE A 97 -37.42 -45.33 20.99
N TYR A 98 -36.28 -45.45 21.66
CA TYR A 98 -35.65 -46.74 21.78
C TYR A 98 -35.17 -47.03 23.19
N ILE A 99 -34.98 -48.31 23.48
CA ILE A 99 -34.53 -48.72 24.80
C ILE A 99 -33.31 -49.62 24.74
N LYS A 100 -32.44 -49.44 25.71
CA LYS A 100 -31.23 -50.24 25.83
C LYS A 100 -31.36 -51.06 27.10
N ALA A 101 -31.28 -52.38 26.95
CA ALA A 101 -31.39 -53.26 28.10
C ALA A 101 -30.75 -54.61 27.82
N LEU A 102 -30.90 -55.52 28.77
CA LEU A 102 -30.35 -56.86 28.68
C LEU A 102 -31.28 -57.66 27.76
N SER A 103 -30.70 -58.48 26.89
CA SER A 103 -31.50 -59.28 25.95
C SER A 103 -32.69 -59.95 26.63
N LYS A 104 -32.52 -60.32 27.89
CA LYS A 104 -33.58 -60.96 28.66
C LYS A 104 -34.89 -60.17 28.62
N ASP A 105 -34.85 -58.95 29.14
CA ASP A 105 -36.03 -58.09 29.20
C ASP A 105 -36.70 -57.74 27.88
N MET A 106 -36.07 -58.13 26.78
CA MET A 106 -36.60 -57.84 25.45
C MET A 106 -38.13 -57.70 25.36
N PRO A 107 -38.88 -58.72 25.80
CA PRO A 107 -40.34 -58.68 25.76
C PRO A 107 -40.99 -57.59 26.63
N LYS A 108 -40.55 -57.44 27.86
CA LYS A 108 -41.14 -56.42 28.72
C LYS A 108 -40.86 -55.05 28.10
N VAL A 109 -39.72 -54.94 27.43
CA VAL A 109 -39.33 -53.71 26.77
C VAL A 109 -40.39 -53.37 25.73
N VAL A 110 -40.62 -54.29 24.80
CA VAL A 110 -41.61 -54.09 23.76
C VAL A 110 -42.94 -53.59 24.32
N GLU A 111 -43.37 -54.21 25.42
CA GLU A 111 -44.62 -53.82 26.06
C GLU A 111 -44.59 -52.34 26.42
N LEU A 112 -43.44 -51.91 26.94
CA LEU A 112 -43.25 -50.52 27.34
C LEU A 112 -43.23 -49.61 26.10
N LEU A 113 -42.45 -49.99 25.09
CA LEU A 113 -42.37 -49.20 23.88
C LEU A 113 -43.81 -48.96 23.41
N ALA A 114 -44.55 -50.05 23.21
CA ALA A 114 -45.94 -49.98 22.78
C ALA A 114 -46.83 -49.13 23.67
N ASP A 115 -46.64 -49.22 24.98
CA ASP A 115 -47.44 -48.45 25.90
C ASP A 115 -47.20 -46.94 25.73
N VAL A 116 -45.99 -46.57 25.34
CA VAL A 116 -45.63 -45.16 25.15
C VAL A 116 -46.18 -44.56 23.85
N VAL A 117 -45.93 -45.26 22.75
CA VAL A 117 -46.40 -44.81 21.43
C VAL A 117 -47.91 -44.89 21.29
N GLN A 118 -48.57 -45.59 22.21
CA GLN A 118 -50.02 -45.75 22.13
C GLN A 118 -50.83 -45.13 23.26
N ASN A 119 -50.33 -45.24 24.49
CA ASN A 119 -51.08 -44.72 25.64
C ASN A 119 -50.47 -43.58 26.42
N CYS A 120 -49.59 -42.80 25.81
CA CYS A 120 -49.00 -41.68 26.53
C CYS A 120 -50.09 -40.94 27.31
N ALA A 121 -49.92 -40.84 28.62
CA ALA A 121 -50.91 -40.21 29.49
C ALA A 121 -51.26 -38.76 29.14
N LEU A 122 -50.28 -37.98 28.69
CA LEU A 122 -50.51 -36.59 28.36
C LEU A 122 -51.18 -35.84 29.51
N GLU A 123 -50.79 -36.18 30.75
CA GLU A 123 -51.38 -35.53 31.92
C GLU A 123 -51.28 -34.03 31.71
N GLU A 124 -52.36 -33.32 31.97
CA GLU A 124 -52.37 -31.87 31.78
C GLU A 124 -51.50 -31.04 32.72
N SER A 125 -51.24 -31.55 33.93
CA SER A 125 -50.41 -30.79 34.86
C SER A 125 -48.97 -30.85 34.36
N GLN A 126 -48.65 -31.94 33.67
CA GLN A 126 -47.32 -32.17 33.12
C GLN A 126 -47.10 -31.22 31.93
N ILE A 127 -48.14 -31.05 31.12
CA ILE A 127 -48.05 -30.17 29.97
C ILE A 127 -47.70 -28.74 30.35
N GLU A 128 -48.27 -28.24 31.43
CA GLU A 128 -47.95 -26.88 31.83
C GLU A 128 -46.55 -26.77 32.37
N LYS A 129 -45.91 -27.91 32.63
CA LYS A 129 -44.55 -27.90 33.15
C LYS A 129 -43.56 -27.97 31.98
N GLU A 130 -43.84 -28.82 30.99
CA GLU A 130 -42.99 -28.98 29.81
C GLU A 130 -42.96 -27.69 29.00
N ARG A 131 -44.00 -26.89 29.15
CA ARG A 131 -44.13 -25.62 28.47
C ARG A 131 -42.93 -24.73 28.85
N GLY A 132 -42.64 -24.68 30.14
CA GLY A 132 -41.51 -23.89 30.59
C GLY A 132 -40.21 -24.57 30.19
N VAL A 133 -40.16 -25.89 30.36
CA VAL A 133 -38.98 -26.68 30.01
C VAL A 133 -38.58 -26.48 28.57
N ILE A 134 -39.53 -26.62 27.66
CA ILE A 134 -39.24 -26.43 26.26
C ILE A 134 -38.78 -24.99 26.02
N LEU A 135 -39.53 -24.02 26.52
CA LEU A 135 -39.14 -22.62 26.32
C LEU A 135 -37.68 -22.44 26.75
N GLN A 136 -37.31 -23.08 27.85
CA GLN A 136 -35.95 -22.96 28.34
C GLN A 136 -34.94 -23.59 27.40
N GLU A 137 -35.29 -24.70 26.76
CA GLU A 137 -34.38 -25.36 25.85
C GLU A 137 -34.21 -24.55 24.56
N LEU A 138 -35.19 -23.70 24.25
CA LEU A 138 -35.11 -22.89 23.05
C LEU A 138 -34.07 -21.81 23.25
N LYS A 139 -34.05 -21.23 24.44
CA LYS A 139 -33.09 -20.18 24.76
C LYS A 139 -31.69 -20.75 24.86
N GLU A 140 -31.58 -21.99 25.29
CA GLU A 140 -30.28 -22.61 25.38
C GLU A 140 -29.80 -22.94 23.97
N MET A 141 -30.66 -23.56 23.16
CA MET A 141 -30.29 -23.94 21.80
C MET A 141 -30.06 -22.74 20.90
N ASP A 142 -30.57 -21.60 21.32
CA ASP A 142 -30.41 -20.39 20.56
C ASP A 142 -28.97 -19.94 20.63
N ASN A 143 -28.24 -20.44 21.63
CA ASN A 143 -26.85 -20.05 21.77
C ASN A 143 -25.88 -21.04 21.14
N ASP A 144 -26.42 -21.95 20.33
CA ASP A 144 -25.59 -22.92 19.62
C ASP A 144 -25.61 -22.52 18.14
N MET A 145 -24.66 -21.66 17.77
CA MET A 145 -24.53 -21.15 16.41
C MET A 145 -24.63 -22.19 15.32
N THR A 146 -24.04 -23.36 15.52
CA THR A 146 -24.09 -24.39 14.49
C THR A 146 -25.53 -24.80 14.17
N ASN A 147 -26.35 -24.92 15.20
CA ASN A 147 -27.74 -25.27 14.98
C ASN A 147 -28.53 -24.07 14.50
N VAL A 148 -28.26 -22.90 15.05
CA VAL A 148 -28.96 -21.70 14.62
C VAL A 148 -28.71 -21.56 13.12
N THR A 149 -27.51 -21.93 12.71
CA THR A 149 -27.12 -21.83 11.32
C THR A 149 -27.77 -22.83 10.40
N PHE A 150 -27.90 -24.07 10.83
CA PHE A 150 -28.55 -25.05 9.96
C PHE A 150 -30.04 -24.80 9.85
N ASP A 151 -30.65 -24.27 10.91
CA ASP A 151 -32.07 -23.98 10.86
C ASP A 151 -32.27 -22.84 9.86
N TYR A 152 -31.41 -21.84 9.90
CA TYR A 152 -31.50 -20.74 8.95
C TYR A 152 -31.28 -21.27 7.54
N LEU A 153 -30.36 -22.22 7.38
CA LEU A 153 -30.10 -22.76 6.06
C LEU A 153 -31.39 -23.36 5.51
N HIS A 154 -32.07 -24.16 6.34
CA HIS A 154 -33.34 -24.78 5.97
C HIS A 154 -34.43 -23.73 5.73
N ALA A 155 -34.55 -22.81 6.68
CA ALA A 155 -35.52 -21.73 6.62
C ALA A 155 -35.50 -20.97 5.30
N THR A 156 -34.31 -20.84 4.70
CA THR A 156 -34.19 -20.12 3.43
C THR A 156 -34.12 -21.07 2.23
N ALA A 157 -33.37 -22.16 2.33
CA ALA A 157 -33.27 -23.10 1.21
C ALA A 157 -34.65 -23.59 0.79
N PHE A 158 -35.52 -23.84 1.77
CA PHE A 158 -36.87 -24.33 1.51
C PHE A 158 -37.91 -23.34 1.97
N GLN A 159 -37.60 -22.06 1.88
CA GLN A 159 -38.55 -21.04 2.31
C GLN A 159 -39.93 -21.29 1.73
N GLY A 160 -40.93 -20.96 2.53
CA GLY A 160 -42.32 -21.11 2.12
C GLY A 160 -42.85 -22.53 2.09
N THR A 161 -42.13 -23.46 2.72
CA THR A 161 -42.57 -24.86 2.75
C THR A 161 -42.39 -25.48 4.13
N ALA A 162 -42.73 -26.76 4.23
CA ALA A 162 -42.67 -27.49 5.48
C ALA A 162 -41.24 -27.67 5.99
N LEU A 163 -40.33 -28.02 5.10
CA LEU A 163 -38.96 -28.20 5.53
C LEU A 163 -38.32 -26.92 6.09
N ALA A 164 -38.98 -25.78 5.89
CA ALA A 164 -38.44 -24.51 6.38
C ALA A 164 -38.60 -24.29 7.88
N ARG A 165 -39.34 -25.18 8.53
CA ARG A 165 -39.58 -25.06 9.96
C ARG A 165 -38.57 -25.77 10.84
N THR A 166 -38.43 -25.26 12.07
CA THR A 166 -37.51 -25.85 13.05
C THR A 166 -38.25 -27.04 13.66
N VAL A 167 -37.51 -27.98 14.22
CA VAL A 167 -38.14 -29.15 14.83
C VAL A 167 -38.79 -28.76 16.16
N GLU A 168 -38.14 -27.89 16.90
CA GLU A 168 -38.67 -27.47 18.20
C GLU A 168 -39.90 -26.58 18.07
N GLY A 169 -40.17 -26.09 16.87
CA GLY A 169 -41.33 -25.24 16.72
C GLY A 169 -41.13 -23.80 17.11
N THR A 170 -42.22 -23.04 17.14
CA THR A 170 -42.21 -21.62 17.45
C THR A 170 -42.52 -21.33 18.90
N THR A 171 -42.18 -20.12 19.33
CA THR A 171 -42.44 -19.69 20.68
C THR A 171 -43.94 -19.63 20.91
N GLU A 172 -44.67 -19.07 19.95
CA GLU A 172 -46.11 -18.98 20.10
C GLU A 172 -46.77 -20.35 20.25
N ASN A 173 -46.39 -21.29 19.40
CA ASN A 173 -46.95 -22.64 19.45
C ASN A 173 -46.72 -23.33 20.80
N ILE A 174 -45.51 -23.25 21.30
CA ILE A 174 -45.23 -23.89 22.56
C ILE A 174 -46.07 -23.27 23.67
N LYS A 175 -46.29 -21.95 23.60
CA LYS A 175 -47.08 -21.24 24.61
C LYS A 175 -48.58 -21.56 24.56
N HIS A 176 -49.06 -21.97 23.39
CA HIS A 176 -50.49 -22.24 23.23
C HIS A 176 -50.91 -23.64 22.79
N LEU A 177 -49.99 -24.55 22.53
CA LEU A 177 -50.41 -25.89 22.10
C LEU A 177 -51.34 -26.50 23.14
N THR A 178 -52.31 -27.27 22.68
CA THR A 178 -53.29 -27.88 23.56
C THR A 178 -53.18 -29.39 23.77
N ARG A 179 -53.72 -29.82 24.92
CA ARG A 179 -53.76 -31.21 25.31
C ARG A 179 -54.35 -31.91 24.09
N ALA A 180 -55.28 -31.21 23.46
CA ALA A 180 -55.94 -31.71 22.26
C ALA A 180 -54.94 -31.94 21.12
N ASP A 181 -54.28 -30.85 20.71
CA ASP A 181 -53.31 -30.89 19.62
C ASP A 181 -52.31 -32.02 19.76
N LEU A 182 -51.78 -32.18 20.97
CA LEU A 182 -50.81 -33.23 21.23
C LEU A 182 -51.45 -34.59 21.02
N ALA A 183 -52.65 -34.74 21.55
CA ALA A 183 -53.38 -35.99 21.39
C ALA A 183 -53.57 -36.20 19.89
N SER A 184 -54.15 -35.18 19.24
CA SER A 184 -54.40 -35.20 17.81
C SER A 184 -53.16 -35.59 16.99
N TYR A 185 -51.99 -35.05 17.38
CA TYR A 185 -50.75 -35.35 16.67
C TYR A 185 -50.45 -36.85 16.76
N ILE A 186 -50.44 -37.36 17.99
CA ILE A 186 -50.16 -38.77 18.24
C ILE A 186 -51.12 -39.67 17.47
N ASP A 187 -52.42 -39.35 17.54
CA ASP A 187 -53.45 -40.14 16.85
C ASP A 187 -53.27 -40.09 15.34
N THR A 188 -53.06 -38.90 14.82
CA THR A 188 -52.89 -38.71 13.40
C THR A 188 -51.60 -39.31 12.87
N HIS A 189 -50.50 -39.14 13.60
CA HIS A 189 -49.20 -39.60 13.13
C HIS A 189 -48.59 -40.91 13.60
N PHE A 190 -48.70 -41.22 14.88
CA PHE A 190 -48.12 -42.48 15.39
C PHE A 190 -48.95 -43.68 15.01
N LYS A 191 -48.86 -44.13 13.77
CA LYS A 191 -49.64 -45.27 13.30
C LYS A 191 -48.83 -46.42 12.70
N ALA A 192 -49.30 -47.63 13.00
CA ALA A 192 -48.70 -48.90 12.56
C ALA A 192 -47.96 -48.97 11.22
N PRO A 193 -48.61 -48.59 10.11
CA PRO A 193 -47.94 -48.64 8.81
C PRO A 193 -46.80 -47.64 8.65
N ARG A 194 -46.83 -46.61 9.51
CA ARG A 194 -45.83 -45.55 9.51
C ARG A 194 -44.74 -45.80 10.58
N MET A 195 -44.78 -46.98 11.22
CA MET A 195 -43.82 -47.31 12.26
C MET A 195 -43.03 -48.59 11.96
N VAL A 196 -41.90 -48.73 12.63
CA VAL A 196 -41.04 -49.89 12.48
C VAL A 196 -40.47 -50.25 13.84
N LEU A 197 -40.60 -51.52 14.21
CA LEU A 197 -40.06 -52.00 15.47
C LEU A 197 -38.71 -52.59 15.07
N ALA A 198 -37.64 -51.99 15.60
CA ALA A 198 -36.29 -52.44 15.28
C ALA A 198 -35.58 -52.94 16.53
N ALA A 199 -34.84 -54.02 16.36
CA ALA A 199 -34.10 -54.60 17.47
C ALA A 199 -32.75 -55.10 17.00
N ALA A 200 -31.74 -54.88 17.82
CA ALA A 200 -30.38 -55.33 17.53
C ALA A 200 -29.77 -55.86 18.82
N GLY A 201 -29.06 -56.99 18.72
CA GLY A 201 -28.46 -57.61 19.88
C GLY A 201 -28.74 -59.10 19.93
N GLY A 202 -28.73 -59.68 21.12
CA GLY A 202 -28.98 -61.11 21.25
C GLY A 202 -30.44 -61.45 21.44
N ILE A 203 -31.24 -61.21 20.41
CA ILE A 203 -32.68 -61.50 20.47
C ILE A 203 -33.15 -62.33 19.29
N SER A 204 -34.17 -63.16 19.55
CA SER A 204 -34.76 -64.02 18.54
C SER A 204 -35.85 -63.29 17.76
N HIS A 205 -35.68 -63.21 16.44
CA HIS A 205 -36.66 -62.52 15.62
C HIS A 205 -38.05 -63.04 15.93
N LYS A 206 -38.22 -64.35 15.84
CA LYS A 206 -39.50 -64.99 16.10
C LYS A 206 -40.02 -64.58 17.47
N GLU A 207 -39.15 -64.62 18.46
CA GLU A 207 -39.52 -64.26 19.81
C GLU A 207 -40.00 -62.81 19.81
N LEU A 208 -39.27 -61.96 19.07
CA LEU A 208 -39.58 -60.54 18.95
C LEU A 208 -40.91 -60.28 18.28
N VAL A 209 -41.08 -60.84 17.09
CA VAL A 209 -42.32 -60.64 16.35
C VAL A 209 -43.54 -61.12 17.16
N ASP A 210 -43.32 -62.13 18.01
CA ASP A 210 -44.40 -62.66 18.84
C ASP A 210 -44.88 -61.58 19.79
N ALA A 211 -43.93 -61.00 20.52
CA ALA A 211 -44.22 -59.95 21.47
C ALA A 211 -44.95 -58.77 20.82
N ALA A 212 -44.58 -58.48 19.57
CA ALA A 212 -45.18 -57.39 18.81
C ALA A 212 -46.66 -57.60 18.68
N ARG A 213 -47.03 -58.71 18.03
CA ARG A 213 -48.43 -59.07 17.82
C ARG A 213 -49.20 -58.90 19.10
N GLN A 214 -48.55 -59.21 20.21
CA GLN A 214 -49.16 -59.13 21.52
C GLN A 214 -49.51 -57.73 22.02
N HIS A 215 -48.58 -56.79 21.96
CA HIS A 215 -48.88 -55.44 22.46
C HIS A 215 -49.16 -54.40 21.39
N PHE A 216 -48.91 -54.76 20.13
CA PHE A 216 -49.19 -53.88 19.00
C PHE A 216 -50.47 -54.46 18.40
N SER A 217 -51.57 -54.19 19.09
CA SER A 217 -52.89 -54.68 18.74
C SER A 217 -53.61 -53.96 17.60
N GLY A 218 -54.59 -53.14 17.96
CA GLY A 218 -55.37 -52.38 17.00
C GLY A 218 -55.15 -52.61 15.52
N VAL A 219 -56.14 -53.19 14.84
CA VAL A 219 -56.06 -53.42 13.41
C VAL A 219 -56.99 -52.38 12.76
N SER A 220 -56.75 -52.10 11.48
CA SER A 220 -57.54 -51.11 10.75
C SER A 220 -58.70 -51.67 9.94
N PHE A 221 -59.76 -50.87 9.81
CA PHE A 221 -60.95 -51.25 9.08
C PHE A 221 -60.98 -50.66 7.68
N THR A 222 -60.96 -49.33 7.62
CA THR A 222 -61.00 -48.61 6.35
C THR A 222 -59.72 -48.81 5.54
N TYR A 223 -59.65 -48.18 4.37
CA TYR A 223 -58.49 -48.27 3.50
C TYR A 223 -57.58 -47.08 3.78
N LYS A 224 -58.17 -46.03 4.35
CA LYS A 224 -57.41 -44.83 4.68
C LYS A 224 -56.46 -45.06 5.83
N GLU A 225 -56.82 -45.97 6.73
CA GLU A 225 -55.98 -46.28 7.87
C GLU A 225 -54.70 -47.05 7.50
N ASP A 226 -54.67 -47.65 6.32
CA ASP A 226 -53.49 -48.39 5.91
C ASP A 226 -52.77 -47.72 4.75
N ALA A 227 -53.10 -46.46 4.53
CA ALA A 227 -52.49 -45.67 3.46
C ALA A 227 -51.42 -44.77 4.08
N VAL A 228 -50.21 -44.86 3.54
CA VAL A 228 -49.08 -44.04 4.00
C VAL A 228 -49.03 -42.80 3.08
N PRO A 229 -49.56 -41.66 3.57
CA PRO A 229 -49.60 -40.39 2.82
C PRO A 229 -48.28 -39.88 2.25
N ILE A 230 -48.31 -39.50 0.98
CA ILE A 230 -47.12 -38.96 0.32
C ILE A 230 -47.20 -37.44 0.51
N LEU A 231 -46.14 -36.86 1.07
CA LEU A 231 -46.09 -35.42 1.35
C LEU A 231 -45.91 -34.47 0.16
N PRO A 232 -46.51 -33.27 0.26
CA PRO A 232 -46.38 -32.27 -0.81
C PRO A 232 -44.91 -31.86 -0.91
N ARG A 233 -44.36 -31.95 -2.11
CA ARG A 233 -42.95 -31.62 -2.36
C ARG A 233 -42.51 -30.20 -1.94
N CYS A 234 -41.29 -30.10 -1.41
CA CYS A 234 -40.75 -28.81 -0.96
C CYS A 234 -39.85 -28.16 -2.02
N ARG A 235 -40.19 -26.92 -2.36
CA ARG A 235 -39.46 -26.17 -3.39
C ARG A 235 -38.20 -25.56 -2.88
N PHE A 236 -37.08 -25.87 -3.55
CA PHE A 236 -35.78 -25.32 -3.19
C PHE A 236 -35.60 -23.91 -3.78
N THR A 237 -34.91 -23.04 -3.05
CA THR A 237 -34.71 -21.67 -3.52
C THR A 237 -33.29 -21.18 -3.30
N GLY A 238 -32.65 -20.76 -4.39
CA GLY A 238 -31.30 -20.23 -4.30
C GLY A 238 -31.45 -18.87 -3.63
N SER A 239 -30.99 -18.73 -2.40
CA SER A 239 -31.14 -17.48 -1.69
C SER A 239 -30.19 -17.40 -0.52
N GLU A 240 -30.36 -16.37 0.31
CA GLU A 240 -29.50 -16.22 1.46
C GLU A 240 -30.15 -15.46 2.61
N ILE A 241 -29.72 -15.81 3.81
CA ILE A 241 -30.15 -15.18 5.02
C ILE A 241 -28.85 -14.87 5.77
N ARG A 242 -28.69 -13.61 6.16
CA ARG A 242 -27.50 -13.18 6.86
C ARG A 242 -27.90 -12.55 8.18
N ALA A 243 -27.60 -13.26 9.27
CA ALA A 243 -27.91 -12.77 10.60
C ALA A 243 -26.61 -12.19 11.14
N ARG A 244 -26.52 -10.86 11.16
CA ARG A 244 -25.30 -10.23 11.60
C ARG A 244 -25.27 -9.72 13.02
N ASP A 245 -24.19 -10.07 13.71
CA ASP A 245 -23.96 -9.63 15.08
C ASP A 245 -22.47 -9.62 15.26
N ASP A 246 -21.87 -8.42 15.17
CA ASP A 246 -20.43 -8.31 15.31
C ASP A 246 -19.97 -8.57 16.73
N ALA A 247 -20.90 -8.72 17.66
CA ALA A 247 -20.52 -8.97 19.05
C ALA A 247 -20.20 -10.46 19.27
N LEU A 248 -20.46 -11.31 18.28
CA LEU A 248 -20.16 -12.72 18.42
C LEU A 248 -18.69 -12.94 18.05
N PRO A 249 -18.02 -13.85 18.77
CA PRO A 249 -16.62 -14.24 18.62
C PRO A 249 -16.19 -14.72 17.24
N VAL A 250 -16.97 -15.63 16.65
CA VAL A 250 -16.61 -16.13 15.33
C VAL A 250 -17.82 -16.26 14.41
N ALA A 251 -17.56 -16.31 13.12
CA ALA A 251 -18.63 -16.41 12.16
C ALA A 251 -18.90 -17.84 11.72
N HIS A 252 -20.17 -18.09 11.41
CA HIS A 252 -20.62 -19.38 10.94
C HIS A 252 -21.18 -19.16 9.55
N VAL A 253 -20.78 -20.01 8.62
CA VAL A 253 -21.25 -19.91 7.25
C VAL A 253 -21.63 -21.33 6.80
N ALA A 254 -22.78 -21.45 6.15
CA ALA A 254 -23.25 -22.72 5.65
C ALA A 254 -23.81 -22.45 4.26
N LEU A 255 -23.31 -23.22 3.29
CA LEU A 255 -23.72 -23.06 1.89
C LEU A 255 -24.11 -24.42 1.32
N ALA A 256 -25.18 -24.49 0.53
CA ALA A 256 -25.60 -25.78 0.00
C ALA A 256 -26.48 -25.74 -1.23
N VAL A 257 -26.49 -26.86 -1.95
CA VAL A 257 -27.31 -27.02 -3.16
C VAL A 257 -28.31 -28.13 -2.88
N GLU A 258 -29.36 -28.24 -3.68
CA GLU A 258 -30.37 -29.27 -3.46
C GLU A 258 -29.91 -30.71 -3.76
N GLY A 259 -30.12 -31.58 -2.77
CA GLY A 259 -29.75 -32.99 -2.89
C GLY A 259 -30.86 -33.84 -3.50
N PRO A 260 -30.54 -35.08 -3.93
CA PRO A 260 -31.55 -35.94 -4.54
C PRO A 260 -32.63 -36.58 -3.64
N GLY A 261 -32.25 -37.08 -2.47
CA GLY A 261 -33.23 -37.72 -1.61
C GLY A 261 -32.90 -39.21 -1.51
N TRP A 262 -33.04 -39.76 -0.31
CA TRP A 262 -32.73 -41.16 -0.02
C TRP A 262 -32.61 -42.12 -1.18
N ALA A 263 -33.72 -42.37 -1.85
CA ALA A 263 -33.78 -43.31 -2.96
C ALA A 263 -32.65 -43.28 -4.01
N ASP A 264 -32.28 -42.09 -4.47
CA ASP A 264 -31.26 -41.94 -5.51
C ASP A 264 -29.87 -42.52 -5.25
N PRO A 265 -29.37 -43.35 -6.17
CA PRO A 265 -28.05 -44.02 -6.14
C PRO A 265 -26.90 -43.01 -6.19
N ASP A 266 -27.20 -41.82 -6.68
CA ASP A 266 -26.19 -40.77 -6.77
C ASP A 266 -25.71 -40.42 -5.37
N ASN A 267 -26.58 -40.58 -4.37
CA ASN A 267 -26.19 -40.27 -3.01
C ASN A 267 -24.89 -40.98 -2.62
N VAL A 268 -24.65 -42.15 -3.21
CA VAL A 268 -23.43 -42.87 -2.89
C VAL A 268 -22.24 -42.02 -3.33
N VAL A 269 -22.23 -41.66 -4.62
CA VAL A 269 -21.17 -40.84 -5.18
C VAL A 269 -20.98 -39.57 -4.37
N LEU A 270 -22.08 -38.84 -4.13
CA LEU A 270 -22.02 -37.60 -3.36
C LEU A 270 -21.24 -37.80 -2.05
N HIS A 271 -21.53 -38.88 -1.33
CA HIS A 271 -20.83 -39.14 -0.07
C HIS A 271 -19.35 -39.42 -0.31
N VAL A 272 -19.03 -40.01 -1.45
CA VAL A 272 -17.65 -40.28 -1.79
C VAL A 272 -16.99 -38.93 -2.01
N ALA A 273 -17.72 -38.05 -2.70
CA ALA A 273 -17.25 -36.71 -2.99
C ALA A 273 -16.91 -36.04 -1.67
N ASN A 274 -17.90 -35.93 -0.80
CA ASN A 274 -17.69 -35.31 0.50
C ASN A 274 -16.48 -35.92 1.20
N ALA A 275 -16.21 -37.19 0.92
CA ALA A 275 -15.07 -37.86 1.55
C ALA A 275 -13.75 -37.26 1.06
N ILE A 276 -13.74 -36.77 -0.17
CA ILE A 276 -12.56 -36.16 -0.75
C ILE A 276 -12.26 -34.81 -0.10
N ILE A 277 -13.30 -34.00 0.08
CA ILE A 277 -13.16 -32.69 0.70
C ILE A 277 -13.02 -32.89 2.20
N GLY A 278 -13.70 -33.91 2.71
CA GLY A 278 -13.62 -34.23 4.12
C GLY A 278 -14.07 -33.18 5.12
N ARG A 279 -13.41 -33.16 6.28
CA ARG A 279 -13.72 -32.21 7.32
C ARG A 279 -12.43 -31.87 8.09
N TYR A 280 -12.53 -30.91 9.01
CA TYR A 280 -11.37 -30.47 9.77
C TYR A 280 -11.72 -29.60 10.95
N ASP A 281 -10.84 -29.58 11.94
CA ASP A 281 -11.03 -28.75 13.12
C ASP A 281 -9.63 -28.59 13.73
N ARG A 282 -9.40 -27.47 14.42
CA ARG A 282 -8.09 -27.17 15.01
C ARG A 282 -7.40 -28.17 15.93
N THR A 283 -8.00 -29.33 16.20
CA THR A 283 -7.33 -30.29 17.07
C THR A 283 -6.97 -31.56 16.32
N PHE A 284 -6.97 -31.48 15.00
CA PHE A 284 -6.59 -32.60 14.15
C PHE A 284 -5.07 -32.59 14.16
N GLY A 285 -4.47 -33.65 14.67
CA GLY A 285 -3.02 -33.73 14.73
C GLY A 285 -2.32 -33.77 13.38
N GLY A 286 -3.03 -34.27 12.37
CA GLY A 286 -2.43 -34.38 11.04
C GLY A 286 -1.86 -33.07 10.55
N GLY A 287 -2.53 -31.98 10.92
CA GLY A 287 -2.08 -30.64 10.56
C GLY A 287 -1.90 -30.36 9.08
N LYS A 288 -0.76 -29.76 8.76
CA LYS A 288 -0.45 -29.39 7.39
C LYS A 288 -0.28 -30.55 6.43
N HIS A 289 -0.38 -31.77 6.94
CA HIS A 289 -0.20 -32.94 6.10
C HIS A 289 -1.47 -33.69 5.72
N LEU A 290 -2.59 -33.29 6.31
CA LEU A 290 -3.87 -33.91 6.02
C LEU A 290 -4.02 -34.06 4.51
N SER A 291 -4.69 -35.12 4.09
CA SER A 291 -4.87 -35.38 2.67
C SER A 291 -5.89 -34.43 2.02
N SER A 292 -6.79 -33.90 2.84
CA SER A 292 -7.80 -32.97 2.33
C SER A 292 -7.17 -31.63 1.96
N ARG A 293 -7.23 -31.31 0.67
CA ARG A 293 -6.67 -30.06 0.21
C ARG A 293 -7.21 -28.87 0.98
N LEU A 294 -8.53 -28.85 1.23
CA LEU A 294 -9.12 -27.73 1.95
C LEU A 294 -8.64 -27.67 3.40
N ALA A 295 -8.42 -28.84 4.01
CA ALA A 295 -7.95 -28.88 5.38
C ALA A 295 -6.52 -28.34 5.41
N ALA A 296 -5.74 -28.73 4.41
CA ALA A 296 -4.35 -28.29 4.28
C ALA A 296 -4.27 -26.76 4.23
N LEU A 297 -4.96 -26.15 3.27
CA LEU A 297 -4.98 -24.71 3.12
C LEU A 297 -5.46 -24.10 4.41
N ALA A 298 -6.50 -24.68 4.98
CA ALA A 298 -7.05 -24.18 6.22
C ALA A 298 -5.96 -24.07 7.29
N VAL A 299 -5.03 -25.02 7.28
CA VAL A 299 -3.94 -25.01 8.24
C VAL A 299 -2.86 -24.01 7.81
N GLU A 300 -2.46 -24.09 6.55
CA GLU A 300 -1.42 -23.21 6.02
C GLU A 300 -1.77 -21.73 6.23
N HIS A 301 -2.98 -21.33 5.86
CA HIS A 301 -3.38 -19.94 5.97
C HIS A 301 -4.28 -19.60 7.14
N LYS A 302 -4.46 -20.53 8.06
CA LYS A 302 -5.30 -20.30 9.24
C LYS A 302 -6.71 -19.82 8.86
N LEU A 303 -7.29 -20.45 7.83
CA LEU A 303 -8.61 -20.07 7.34
C LEU A 303 -9.81 -20.26 8.26
N CYS A 304 -9.79 -21.28 9.13
CA CYS A 304 -10.94 -21.52 9.99
C CYS A 304 -10.66 -22.32 11.25
N HIS A 305 -11.62 -22.31 12.17
CA HIS A 305 -11.53 -23.07 13.41
C HIS A 305 -11.98 -24.50 13.10
N SER A 306 -12.79 -24.64 12.05
CA SER A 306 -13.31 -25.94 11.61
C SER A 306 -14.23 -25.85 10.41
N PHE A 307 -14.41 -26.97 9.73
CA PHE A 307 -15.30 -27.04 8.59
C PHE A 307 -15.75 -28.48 8.38
N GLN A 308 -16.90 -28.66 7.75
CA GLN A 308 -17.45 -29.98 7.53
C GLN A 308 -18.35 -29.98 6.31
N THR A 309 -18.37 -31.10 5.60
CA THR A 309 -19.22 -31.23 4.44
C THR A 309 -20.41 -32.07 4.93
N PHE A 310 -21.54 -31.99 4.25
CA PHE A 310 -22.70 -32.75 4.64
C PHE A 310 -23.61 -33.07 3.48
N ASN A 311 -24.22 -34.25 3.53
CA ASN A 311 -25.16 -34.68 2.49
C ASN A 311 -26.42 -35.12 3.20
N THR A 312 -27.17 -34.14 3.71
CA THR A 312 -28.42 -34.37 4.42
C THR A 312 -29.53 -34.79 3.48
N SER A 313 -29.90 -36.07 3.52
CA SER A 313 -30.95 -36.60 2.65
C SER A 313 -32.32 -36.60 3.30
N TYR A 314 -33.33 -36.51 2.44
CA TYR A 314 -34.73 -36.55 2.85
C TYR A 314 -35.45 -37.46 1.85
N SER A 315 -36.73 -37.70 2.09
CA SER A 315 -37.49 -38.57 1.20
C SER A 315 -37.41 -38.18 -0.27
N ASP A 316 -37.83 -36.94 -0.57
CA ASP A 316 -37.88 -36.40 -1.94
C ASP A 316 -36.88 -35.29 -2.28
N THR A 317 -36.15 -34.80 -1.29
CA THR A 317 -35.17 -33.75 -1.53
C THR A 317 -33.89 -33.93 -0.71
N GLY A 318 -33.19 -32.83 -0.44
CA GLY A 318 -31.94 -32.90 0.33
C GLY A 318 -31.07 -31.66 0.26
N LEU A 319 -30.03 -31.61 1.07
CA LEU A 319 -29.10 -30.47 1.09
C LEU A 319 -27.68 -30.98 1.04
N PHE A 320 -26.94 -30.56 0.02
CA PHE A 320 -25.55 -30.97 -0.16
C PHE A 320 -24.70 -29.72 -0.06
N GLY A 321 -23.92 -29.60 1.02
CA GLY A 321 -23.10 -28.42 1.14
C GLY A 321 -21.94 -28.54 2.08
N PHE A 322 -21.69 -27.47 2.83
CA PHE A 322 -20.60 -27.45 3.77
C PHE A 322 -20.80 -26.30 4.76
N HIS A 323 -20.14 -26.41 5.90
CA HIS A 323 -20.27 -25.43 6.96
C HIS A 323 -18.92 -25.20 7.59
N PHE A 324 -18.58 -23.94 7.86
CA PHE A 324 -17.32 -23.63 8.49
C PHE A 324 -17.47 -22.53 9.52
N VAL A 325 -16.53 -22.51 10.47
CA VAL A 325 -16.51 -21.53 11.54
C VAL A 325 -15.15 -20.86 11.38
N ALA A 326 -15.11 -19.53 11.35
CA ALA A 326 -13.82 -18.87 11.18
C ALA A 326 -13.86 -17.47 11.75
N ASP A 327 -12.68 -16.91 11.97
CA ASP A 327 -12.58 -15.56 12.51
C ASP A 327 -13.10 -14.59 11.48
N PRO A 328 -13.68 -13.47 11.95
CA PRO A 328 -14.26 -12.43 11.11
C PRO A 328 -13.41 -12.04 9.91
N LEU A 329 -12.10 -12.00 10.09
CA LEU A 329 -11.22 -11.61 9.01
C LEU A 329 -10.67 -12.70 8.10
N SER A 330 -11.24 -13.89 8.12
CA SER A 330 -10.72 -14.93 7.23
C SER A 330 -11.88 -15.63 6.53
N ILE A 331 -13.08 -15.08 6.70
CA ILE A 331 -14.25 -15.68 6.08
C ILE A 331 -14.11 -15.72 4.59
N ASP A 332 -13.70 -14.61 4.00
CA ASP A 332 -13.59 -14.54 2.55
C ASP A 332 -12.70 -15.59 1.94
N ASP A 333 -11.47 -15.67 2.42
CA ASP A 333 -10.53 -16.62 1.88
C ASP A 333 -11.03 -18.04 2.04
N MET A 334 -11.59 -18.37 3.21
CA MET A 334 -12.10 -19.73 3.44
C MET A 334 -13.17 -20.09 2.41
N MET A 335 -14.15 -19.20 2.25
CA MET A 335 -15.23 -19.41 1.30
C MET A 335 -14.64 -19.59 -0.08
N PHE A 336 -13.66 -18.76 -0.39
CA PHE A 336 -13.00 -18.80 -1.68
C PHE A 336 -12.37 -20.16 -1.94
N CYS A 337 -11.58 -20.63 -0.98
CA CYS A 337 -10.91 -21.91 -1.09
C CYS A 337 -11.89 -23.05 -1.09
N ALA A 338 -12.98 -22.90 -0.33
CA ALA A 338 -13.99 -23.95 -0.27
C ALA A 338 -14.71 -24.12 -1.61
N GLN A 339 -15.23 -23.04 -2.14
CA GLN A 339 -15.92 -23.12 -3.42
C GLN A 339 -14.94 -23.62 -4.43
N GLY A 340 -13.67 -23.30 -4.22
CA GLY A 340 -12.64 -23.76 -5.13
C GLY A 340 -12.65 -25.27 -5.19
N GLU A 341 -12.56 -25.89 -4.03
CA GLU A 341 -12.54 -27.33 -3.94
C GLU A 341 -13.79 -27.96 -4.55
N TRP A 342 -14.90 -27.25 -4.49
CA TRP A 342 -16.13 -27.77 -5.07
C TRP A 342 -15.98 -27.83 -6.57
N MET A 343 -15.42 -26.76 -7.15
CA MET A 343 -15.22 -26.71 -8.59
C MET A 343 -14.21 -27.77 -9.01
N ARG A 344 -13.23 -28.05 -8.15
CA ARG A 344 -12.25 -29.07 -8.45
C ARG A 344 -12.95 -30.41 -8.58
N LEU A 345 -13.99 -30.60 -7.76
CA LEU A 345 -14.78 -31.82 -7.79
C LEU A 345 -15.47 -32.05 -9.12
N CYS A 346 -16.09 -31.01 -9.66
CA CYS A 346 -16.79 -31.12 -10.93
C CYS A 346 -15.85 -31.23 -12.12
N THR A 347 -14.63 -30.74 -11.97
CA THR A 347 -13.70 -30.71 -13.10
C THR A 347 -12.39 -31.47 -13.09
N SER A 348 -11.81 -31.79 -11.94
CA SER A 348 -10.52 -32.47 -12.01
C SER A 348 -10.19 -33.59 -11.04
N THR A 349 -11.19 -34.08 -10.32
CA THR A 349 -11.00 -35.17 -9.37
C THR A 349 -10.11 -36.26 -9.98
N THR A 350 -9.17 -36.77 -9.19
CA THR A 350 -8.24 -37.83 -9.64
C THR A 350 -8.62 -39.21 -9.12
N GLU A 351 -8.13 -40.25 -9.77
CA GLU A 351 -8.42 -41.61 -9.32
C GLU A 351 -7.77 -41.83 -7.96
N SER A 352 -6.73 -41.06 -7.67
CA SER A 352 -6.03 -41.20 -6.40
C SER A 352 -6.94 -40.71 -5.29
N GLU A 353 -7.56 -39.56 -5.52
CA GLU A 353 -8.45 -38.96 -4.53
C GLU A 353 -9.64 -39.87 -4.22
N VAL A 354 -10.19 -40.51 -5.24
CA VAL A 354 -11.35 -41.38 -5.05
C VAL A 354 -11.00 -42.65 -4.31
N LYS A 355 -9.87 -43.26 -4.70
CA LYS A 355 -9.40 -44.47 -4.07
C LYS A 355 -9.44 -44.28 -2.55
N ARG A 356 -8.87 -43.17 -2.10
CA ARG A 356 -8.84 -42.85 -0.68
C ARG A 356 -10.22 -42.53 -0.13
N ALA A 357 -11.01 -41.80 -0.91
CA ALA A 357 -12.34 -41.39 -0.49
C ALA A 357 -13.20 -42.61 -0.16
N LYS A 358 -13.11 -43.60 -1.03
CA LYS A 358 -13.86 -44.83 -0.85
C LYS A 358 -13.44 -45.50 0.45
N ASN A 359 -12.13 -45.64 0.66
CA ASN A 359 -11.65 -46.27 1.88
C ASN A 359 -12.12 -45.51 3.11
N HIS A 360 -12.17 -44.18 3.01
CA HIS A 360 -12.64 -43.40 4.15
C HIS A 360 -14.13 -43.62 4.34
N LEU A 361 -14.88 -43.71 3.24
CA LEU A 361 -16.32 -43.92 3.30
C LEU A 361 -16.66 -45.32 3.81
N ARG A 362 -15.86 -46.32 3.44
CA ARG A 362 -16.09 -47.70 3.90
C ARG A 362 -15.97 -47.73 5.42
N SER A 363 -14.82 -47.28 5.93
CA SER A 363 -14.59 -47.23 7.37
C SER A 363 -15.73 -46.47 8.07
N ALA A 364 -16.24 -45.44 7.41
CA ALA A 364 -17.30 -44.63 7.97
C ALA A 364 -18.61 -45.41 8.12
N MET A 365 -18.99 -46.16 7.09
CA MET A 365 -20.24 -46.92 7.13
C MET A 365 -20.15 -48.04 8.18
N VAL A 366 -18.96 -48.62 8.31
CA VAL A 366 -18.75 -49.69 9.28
C VAL A 366 -18.84 -49.10 10.68
N ALA A 367 -18.34 -47.89 10.84
CA ALA A 367 -18.38 -47.23 12.13
C ALA A 367 -19.79 -46.87 12.58
N GLN A 368 -20.73 -46.84 11.64
CA GLN A 368 -22.11 -46.51 11.98
C GLN A 368 -22.84 -47.76 12.50
N LEU A 369 -22.09 -48.85 12.62
CA LEU A 369 -22.64 -50.11 13.11
C LEU A 369 -21.75 -50.62 14.23
N ASP A 370 -21.45 -49.73 15.18
CA ASP A 370 -20.60 -50.06 16.31
C ASP A 370 -21.42 -49.98 17.58
N GLY A 371 -22.15 -51.07 17.86
CA GLY A 371 -22.98 -51.13 19.03
C GLY A 371 -24.37 -51.51 18.60
N THR A 372 -25.24 -51.82 19.54
CA THR A 372 -26.59 -52.20 19.18
C THR A 372 -27.45 -50.99 18.86
N THR A 373 -27.29 -49.91 19.62
CA THR A 373 -28.10 -48.72 19.35
C THR A 373 -27.86 -48.22 17.94
N PRO A 374 -26.60 -48.08 17.51
CA PRO A 374 -26.39 -47.59 16.14
C PRO A 374 -26.85 -48.56 15.04
N VAL A 375 -26.84 -49.85 15.31
CA VAL A 375 -27.27 -50.83 14.31
C VAL A 375 -28.78 -50.80 14.23
N CYS A 376 -29.40 -50.50 15.36
CA CYS A 376 -30.85 -50.43 15.47
C CYS A 376 -31.34 -49.19 14.72
N GLU A 377 -30.58 -48.11 14.87
CA GLU A 377 -30.87 -46.84 14.22
C GLU A 377 -30.82 -47.02 12.72
N THR A 378 -29.83 -47.76 12.25
CA THR A 378 -29.67 -48.03 10.83
C THR A 378 -30.85 -48.83 10.26
N ILE A 379 -31.27 -49.86 10.98
CA ILE A 379 -32.39 -50.69 10.55
C ILE A 379 -33.65 -49.84 10.52
N GLY A 380 -33.93 -49.14 11.63
CA GLY A 380 -35.10 -48.29 11.71
C GLY A 380 -35.21 -47.33 10.53
N SER A 381 -34.11 -46.65 10.24
CA SER A 381 -34.06 -45.69 9.14
C SER A 381 -34.07 -46.36 7.77
N HIS A 382 -33.27 -47.40 7.58
CA HIS A 382 -33.26 -48.06 6.28
C HIS A 382 -34.67 -48.45 5.83
N LEU A 383 -35.40 -49.19 6.67
CA LEU A 383 -36.74 -49.61 6.29
C LEU A 383 -37.60 -48.41 6.00
N LEU A 384 -37.61 -47.48 6.94
CA LEU A 384 -38.39 -46.27 6.82
C LEU A 384 -38.05 -45.44 5.55
N ASN A 385 -36.77 -45.40 5.16
CA ASN A 385 -36.33 -44.61 3.99
C ASN A 385 -36.10 -45.37 2.68
N TYR A 386 -35.54 -46.57 2.77
CA TYR A 386 -35.27 -47.39 1.58
C TYR A 386 -36.25 -48.56 1.46
N GLY A 387 -37.18 -48.67 2.41
CA GLY A 387 -38.17 -49.74 2.39
C GLY A 387 -37.57 -51.14 2.51
N ARG A 388 -36.44 -51.23 3.19
CA ARG A 388 -35.74 -52.49 3.39
C ARG A 388 -34.37 -52.16 3.96
N ARG A 389 -33.57 -53.19 4.18
CA ARG A 389 -32.25 -52.96 4.73
C ARG A 389 -31.20 -53.14 3.65
N ILE A 390 -30.18 -52.29 3.69
CA ILE A 390 -29.10 -52.38 2.73
C ILE A 390 -27.86 -52.74 3.55
N SER A 391 -27.34 -53.94 3.30
CA SER A 391 -26.18 -54.47 4.02
C SER A 391 -24.89 -53.76 3.70
N LEU A 392 -23.86 -54.05 4.49
CA LEU A 392 -22.54 -53.49 4.28
C LEU A 392 -21.99 -54.13 3.01
N GLU A 393 -22.41 -55.36 2.75
CA GLU A 393 -21.95 -56.06 1.57
C GLU A 393 -22.48 -55.38 0.30
N GLU A 394 -23.71 -54.87 0.36
CA GLU A 394 -24.28 -54.19 -0.80
C GLU A 394 -23.65 -52.81 -0.93
N TRP A 395 -23.72 -52.03 0.16
CA TRP A 395 -23.15 -50.70 0.17
C TRP A 395 -21.77 -50.74 -0.47
N ASP A 396 -20.88 -51.53 0.12
CA ASP A 396 -19.52 -51.65 -0.37
C ASP A 396 -19.44 -51.89 -1.87
N SER A 397 -20.38 -52.65 -2.42
CA SER A 397 -20.38 -52.91 -3.86
C SER A 397 -20.57 -51.59 -4.60
N ARG A 398 -21.58 -50.84 -4.15
CA ARG A 398 -21.93 -49.54 -4.72
C ARG A 398 -20.75 -48.60 -4.66
N ILE A 399 -20.13 -48.56 -3.50
CA ILE A 399 -18.97 -47.71 -3.28
C ILE A 399 -17.83 -48.10 -4.18
N SER A 400 -17.58 -49.40 -4.35
CA SER A 400 -16.48 -49.83 -5.21
C SER A 400 -16.70 -49.45 -6.66
N ALA A 401 -17.95 -49.25 -7.05
CA ALA A 401 -18.28 -48.88 -8.42
C ALA A 401 -17.89 -47.44 -8.79
N VAL A 402 -17.77 -46.57 -7.79
CA VAL A 402 -17.43 -45.18 -7.99
C VAL A 402 -15.99 -44.94 -8.44
N ASP A 403 -15.83 -44.09 -9.46
CA ASP A 403 -14.53 -43.75 -10.00
C ASP A 403 -14.46 -42.24 -10.26
N ALA A 404 -13.27 -41.72 -10.49
CA ALA A 404 -13.11 -40.29 -10.74
C ALA A 404 -14.18 -39.80 -11.71
N ARG A 405 -14.13 -40.32 -12.92
CA ARG A 405 -15.07 -39.97 -13.97
C ARG A 405 -16.49 -39.79 -13.43
N MET A 406 -16.93 -40.76 -12.62
CA MET A 406 -18.27 -40.74 -12.04
C MET A 406 -18.49 -39.57 -11.10
N VAL A 407 -17.55 -39.35 -10.19
CA VAL A 407 -17.66 -38.26 -9.22
C VAL A 407 -17.77 -36.94 -9.93
N ARG A 408 -16.97 -36.75 -10.97
CA ARG A 408 -17.01 -35.52 -11.72
C ARG A 408 -18.38 -35.31 -12.30
N ASP A 409 -18.90 -36.31 -12.99
CA ASP A 409 -20.21 -36.17 -13.59
C ASP A 409 -21.34 -35.95 -12.58
N VAL A 410 -21.29 -36.62 -11.44
CA VAL A 410 -22.35 -36.45 -10.44
C VAL A 410 -22.29 -35.09 -9.78
N CYS A 411 -21.10 -34.65 -9.43
CA CYS A 411 -20.95 -33.34 -8.80
C CYS A 411 -21.32 -32.22 -9.77
N SER A 412 -20.91 -32.36 -11.02
CA SER A 412 -21.25 -31.36 -12.01
C SER A 412 -22.77 -31.28 -12.09
N LYS A 413 -23.41 -32.43 -12.03
CA LYS A 413 -24.85 -32.50 -12.13
C LYS A 413 -25.58 -31.75 -11.02
N TYR A 414 -25.05 -31.80 -9.79
CA TYR A 414 -25.72 -31.14 -8.67
C TYR A 414 -25.14 -29.81 -8.24
N ILE A 415 -23.87 -29.57 -8.56
CA ILE A 415 -23.17 -28.34 -8.15
C ILE A 415 -22.95 -27.25 -9.20
N TYR A 416 -22.33 -27.63 -10.30
CA TYR A 416 -22.01 -26.68 -11.34
C TYR A 416 -23.09 -25.73 -11.81
N ASP A 417 -22.78 -24.45 -11.70
CA ASP A 417 -23.66 -23.36 -12.10
C ASP A 417 -25.05 -23.38 -11.47
N LYS A 418 -25.12 -23.78 -10.20
CA LYS A 418 -26.38 -23.82 -9.49
C LYS A 418 -26.50 -22.62 -8.55
N CYS A 419 -27.73 -22.27 -8.18
CA CYS A 419 -27.93 -21.17 -7.25
C CYS A 419 -28.03 -21.77 -5.86
N PRO A 420 -26.97 -21.63 -5.06
CA PRO A 420 -26.93 -22.17 -3.71
C PRO A 420 -27.79 -21.43 -2.70
N ALA A 421 -27.87 -22.00 -1.50
CA ALA A 421 -28.60 -21.40 -0.42
C ALA A 421 -27.50 -21.08 0.55
N LEU A 422 -27.61 -19.92 1.16
CA LEU A 422 -26.59 -19.48 2.09
C LEU A 422 -27.16 -18.97 3.37
N ALA A 423 -26.52 -19.36 4.46
CA ALA A 423 -26.90 -18.92 5.79
C ALA A 423 -25.60 -18.49 6.43
N ALA A 424 -25.58 -17.28 6.97
CA ALA A 424 -24.39 -16.74 7.61
C ALA A 424 -24.85 -16.10 8.91
N VAL A 425 -24.11 -16.39 9.98
CA VAL A 425 -24.43 -15.88 11.30
C VAL A 425 -23.20 -15.33 12.01
N GLY A 426 -23.34 -14.18 12.66
CA GLY A 426 -22.22 -13.59 13.37
C GLY A 426 -21.56 -12.38 12.73
N PRO A 427 -20.25 -12.16 12.94
CA PRO A 427 -19.49 -11.04 12.38
C PRO A 427 -19.11 -11.36 10.95
N ILE A 428 -20.11 -11.33 10.08
CA ILE A 428 -19.94 -11.69 8.68
C ILE A 428 -19.62 -10.60 7.63
N GLU A 429 -19.25 -9.40 8.06
CA GLU A 429 -18.96 -8.35 7.09
C GLU A 429 -18.04 -8.70 5.95
N GLN A 430 -16.94 -9.41 6.22
CA GLN A 430 -15.99 -9.75 5.16
C GLN A 430 -16.49 -10.73 4.09
N LEU A 431 -17.58 -11.44 4.36
CA LEU A 431 -18.12 -12.38 3.38
C LEU A 431 -19.15 -11.56 2.68
N LEU A 432 -19.18 -11.51 1.35
CA LEU A 432 -20.24 -10.69 0.80
C LEU A 432 -20.76 -10.97 -0.60
N ASP A 433 -21.90 -10.35 -0.86
CA ASP A 433 -22.63 -10.42 -2.10
C ASP A 433 -22.94 -11.83 -2.58
N TYR A 434 -24.24 -12.11 -2.72
CA TYR A 434 -24.67 -13.39 -3.21
C TYR A 434 -24.05 -13.54 -4.60
N ASN A 435 -24.17 -12.48 -5.40
CA ASN A 435 -23.62 -12.50 -6.76
C ASN A 435 -22.20 -13.04 -6.82
N ARG A 436 -21.33 -12.56 -5.94
CA ARG A 436 -19.96 -13.05 -5.92
C ARG A 436 -19.94 -14.53 -5.55
N ILE A 437 -20.74 -14.93 -4.55
CA ILE A 437 -20.80 -16.34 -4.17
C ILE A 437 -21.27 -17.16 -5.36
N ARG A 438 -22.25 -16.63 -6.08
CA ARG A 438 -22.82 -17.32 -7.22
C ARG A 438 -21.79 -17.57 -8.32
N SER A 439 -20.94 -16.57 -8.59
CA SER A 439 -19.93 -16.73 -9.62
C SER A 439 -18.92 -17.80 -9.20
N GLY A 440 -18.85 -18.08 -7.91
CA GLY A 440 -17.93 -19.10 -7.44
C GLY A 440 -18.42 -20.49 -7.82
N MET A 441 -19.62 -20.56 -8.34
CA MET A 441 -20.21 -21.82 -8.74
C MET A 441 -19.83 -22.26 -10.16
N TYR A 442 -18.85 -21.64 -10.78
CA TYR A 442 -18.43 -22.07 -12.11
C TYR A 442 -17.01 -21.67 -12.50
N TRP A 443 -16.43 -22.50 -13.37
CA TRP A 443 -15.05 -22.36 -13.87
C TRP A 443 -14.04 -22.79 -12.80
N ILE A 444 -13.54 -24.03 -12.94
CA ILE A 444 -12.56 -24.62 -12.02
C ILE A 444 -11.56 -23.65 -11.40
N PRO B 21 -17.70 -68.56 11.25
CA PRO B 21 -18.09 -69.02 12.61
C PRO B 21 -18.46 -67.84 13.51
N GLY B 22 -17.61 -67.52 14.48
CA GLY B 22 -17.92 -66.40 15.36
C GLY B 22 -17.64 -66.67 16.82
N ALA B 23 -18.12 -67.81 17.32
CA ALA B 23 -17.90 -68.19 18.72
C ALA B 23 -16.42 -68.54 18.83
N GLU B 24 -15.58 -67.50 18.96
CA GLU B 24 -14.13 -67.66 19.03
C GLU B 24 -13.57 -67.70 20.45
N ASP B 25 -12.30 -67.31 20.56
CA ASP B 25 -11.55 -67.31 21.81
C ASP B 25 -10.80 -66.00 22.02
N LEU B 26 -10.23 -65.85 23.21
CA LEU B 26 -9.43 -64.67 23.54
C LEU B 26 -8.07 -65.12 24.06
N GLU B 27 -7.14 -65.37 23.15
CA GLU B 27 -5.80 -65.79 23.54
C GLU B 27 -5.11 -64.62 24.24
N ILE B 28 -3.98 -64.88 24.89
CA ILE B 28 -3.28 -63.81 25.60
C ILE B 28 -1.88 -64.21 26.10
N THR B 29 -0.94 -64.33 25.16
CA THR B 29 0.45 -64.70 25.45
C THR B 29 1.17 -63.63 26.27
N LYS B 30 2.43 -63.88 26.62
CA LYS B 30 3.23 -62.92 27.39
C LYS B 30 4.73 -63.15 27.22
N LEU B 31 5.25 -62.77 26.06
CA LEU B 31 6.66 -62.91 25.70
C LEU B 31 7.69 -62.76 26.82
N PRO B 32 8.95 -63.19 26.54
CA PRO B 32 10.10 -63.16 27.45
C PRO B 32 10.28 -61.87 28.26
N ASN B 33 10.53 -60.77 27.54
CA ASN B 33 10.75 -59.46 28.15
C ASN B 33 9.66 -58.95 29.10
N GLY B 34 8.47 -59.55 29.04
CA GLY B 34 7.38 -59.13 29.92
C GLY B 34 6.28 -58.41 29.15
N LEU B 35 6.43 -58.35 27.82
CA LEU B 35 5.45 -57.69 26.97
C LEU B 35 4.24 -58.59 26.81
N ILE B 36 3.07 -58.07 27.17
CA ILE B 36 1.83 -58.83 27.07
C ILE B 36 1.16 -58.65 25.71
N ILE B 37 0.48 -59.70 25.25
CA ILE B 37 -0.19 -59.65 23.95
C ILE B 37 -1.58 -60.29 23.99
N ALA B 38 -2.61 -59.47 24.18
CA ALA B 38 -3.99 -59.96 24.21
C ALA B 38 -4.60 -59.83 22.81
N SER B 39 -5.38 -60.82 22.41
CA SER B 39 -6.00 -60.80 21.09
C SER B 39 -7.37 -61.46 21.06
N LEU B 40 -8.16 -61.12 20.06
CA LEU B 40 -9.50 -61.67 19.88
C LEU B 40 -9.76 -61.87 18.39
N GLU B 41 -11.02 -61.97 18.02
CA GLU B 41 -11.38 -62.16 16.62
C GLU B 41 -12.88 -62.41 16.47
N ASN B 42 -13.64 -61.33 16.28
CA ASN B 42 -15.09 -61.44 16.11
C ASN B 42 -15.46 -61.30 14.64
N PHE B 43 -14.47 -61.51 13.78
CA PHE B 43 -14.65 -61.42 12.34
C PHE B 43 -15.38 -60.16 11.89
N SER B 44 -15.11 -59.06 12.61
CA SER B 44 -15.70 -57.77 12.28
C SER B 44 -14.99 -57.31 11.03
N PRO B 45 -15.69 -56.58 10.15
CA PRO B 45 -15.09 -56.09 8.91
C PRO B 45 -13.91 -55.16 9.13
N ALA B 46 -13.81 -54.61 10.34
CA ALA B 46 -12.73 -53.68 10.66
C ALA B 46 -11.97 -54.15 11.89
N SER B 47 -10.67 -53.86 11.90
CA SER B 47 -9.80 -54.23 13.01
C SER B 47 -9.44 -52.98 13.81
N ARG B 48 -9.10 -53.17 15.08
CA ARG B 48 -8.73 -52.07 15.95
C ARG B 48 -7.59 -52.52 16.86
N ILE B 49 -6.40 -51.94 16.66
CA ILE B 49 -5.23 -52.31 17.45
C ILE B 49 -4.74 -51.21 18.38
N GLY B 50 -4.38 -51.60 19.60
CA GLY B 50 -3.90 -50.63 20.58
C GLY B 50 -2.60 -51.00 21.27
N VAL B 51 -2.04 -50.03 21.98
CA VAL B 51 -0.81 -50.20 22.71
C VAL B 51 -1.01 -49.49 24.04
N PHE B 52 -1.45 -50.25 25.03
CA PHE B 52 -1.70 -49.71 26.37
C PHE B 52 -0.38 -49.63 27.10
N ILE B 53 -0.21 -48.57 27.89
CA ILE B 53 1.04 -48.36 28.60
C ILE B 53 0.85 -47.76 29.98
N LYS B 54 1.61 -48.26 30.93
CA LYS B 54 1.56 -47.74 32.29
C LYS B 54 2.46 -46.50 32.23
N ALA B 55 1.86 -45.34 32.00
CA ALA B 55 2.58 -44.08 31.91
C ALA B 55 1.59 -42.94 31.83
N GLY B 56 1.85 -41.86 32.56
CA GLY B 56 0.93 -40.74 32.55
C GLY B 56 1.52 -39.53 33.23
N SER B 57 0.66 -38.60 33.62
CA SER B 57 1.12 -37.38 34.28
C SER B 57 1.50 -37.71 35.73
N ARG B 58 1.21 -38.94 36.12
CA ARG B 58 1.51 -39.41 37.47
C ARG B 58 3.02 -39.62 37.69
N TYR B 59 3.76 -39.80 36.60
CA TYR B 59 5.21 -40.00 36.65
C TYR B 59 5.99 -38.71 36.37
N GLU B 60 5.34 -37.56 36.49
CA GLU B 60 6.02 -36.31 36.24
C GLU B 60 6.44 -35.75 37.57
N THR B 61 7.34 -34.77 37.53
CA THR B 61 7.84 -34.11 38.73
C THR B 61 7.78 -32.63 38.43
N THR B 62 7.84 -31.83 39.48
CA THR B 62 7.82 -30.39 39.34
C THR B 62 8.70 -29.96 38.15
N ALA B 63 9.74 -30.75 37.89
CA ALA B 63 10.70 -30.46 36.82
C ALA B 63 10.26 -30.71 35.36
N ASN B 64 9.41 -31.72 35.13
CA ASN B 64 9.00 -32.00 33.76
C ASN B 64 7.48 -32.03 33.55
N LEU B 65 6.76 -31.31 34.38
CA LEU B 65 5.30 -31.23 34.27
C LEU B 65 4.86 -31.03 32.82
N GLY B 66 3.67 -31.51 32.51
CA GLY B 66 3.14 -31.36 31.17
C GLY B 66 3.77 -32.21 30.08
N THR B 67 5.00 -32.67 30.31
CA THR B 67 5.68 -33.48 29.30
C THR B 67 4.81 -34.67 28.79
N ALA B 68 3.98 -35.22 29.68
CA ALA B 68 3.10 -36.34 29.30
C ALA B 68 2.05 -35.84 28.32
N HIS B 69 1.52 -34.64 28.58
CA HIS B 69 0.51 -34.04 27.73
C HIS B 69 1.07 -33.81 26.34
N LEU B 70 2.25 -33.19 26.26
CA LEU B 70 2.89 -32.91 24.97
C LEU B 70 3.18 -34.18 24.21
N LEU B 71 3.53 -35.23 24.94
CA LEU B 71 3.83 -36.52 24.36
C LEU B 71 2.59 -37.07 23.65
N ARG B 72 1.44 -36.71 24.19
CA ARG B 72 0.16 -37.15 23.64
C ARG B 72 -0.06 -36.46 22.29
N LEU B 73 0.19 -35.14 22.26
CA LEU B 73 0.02 -34.37 21.05
C LEU B 73 1.13 -34.62 20.03
N ALA B 74 2.24 -35.15 20.50
CA ALA B 74 3.37 -35.41 19.63
C ALA B 74 3.31 -36.69 18.80
N SER B 75 2.23 -37.45 18.93
CA SER B 75 2.11 -38.70 18.20
C SER B 75 2.33 -38.61 16.68
N PRO B 76 1.96 -37.49 16.06
CA PRO B 76 2.17 -37.41 14.62
C PRO B 76 3.57 -37.00 14.15
N LEU B 77 4.46 -36.63 15.07
CA LEU B 77 5.81 -36.20 14.70
C LEU B 77 6.64 -37.31 14.03
N THR B 78 7.70 -36.92 13.32
CA THR B 78 8.52 -37.91 12.61
C THR B 78 9.15 -38.95 13.53
N THR B 79 9.19 -40.17 13.02
CA THR B 79 9.74 -41.32 13.73
C THR B 79 10.93 -41.81 12.92
N LYS B 80 11.72 -42.71 13.47
CA LYS B 80 12.89 -43.21 12.76
C LYS B 80 12.54 -44.00 11.49
N GLY B 81 11.32 -44.53 11.44
CA GLY B 81 10.92 -45.31 10.27
C GLY B 81 10.00 -44.60 9.31
N ALA B 82 9.18 -43.68 9.81
CA ALA B 82 8.25 -42.94 8.98
C ALA B 82 8.25 -41.47 9.34
N SER B 83 8.11 -40.62 8.32
CA SER B 83 8.10 -39.17 8.49
C SER B 83 6.75 -38.64 8.92
N SER B 84 6.77 -37.46 9.52
CA SER B 84 5.56 -36.79 9.98
C SER B 84 4.56 -36.79 8.84
N PHE B 85 5.09 -36.68 7.63
CA PHE B 85 4.29 -36.66 6.42
C PHE B 85 3.68 -38.01 6.10
N ARG B 86 4.52 -39.05 5.97
CA ARG B 86 4.01 -40.37 5.64
C ARG B 86 3.07 -40.98 6.67
N ILE B 87 3.27 -40.63 7.94
CA ILE B 87 2.41 -41.16 8.98
C ILE B 87 0.96 -40.75 8.73
N THR B 88 0.75 -39.49 8.39
CA THR B 88 -0.61 -38.98 8.15
C THR B 88 -1.15 -39.36 6.78
N ARG B 89 -0.40 -39.05 5.73
CA ARG B 89 -0.86 -39.42 4.41
C ARG B 89 -0.98 -40.93 4.29
N GLY B 90 -0.12 -41.65 5.03
CA GLY B 90 -0.13 -43.10 4.99
C GLY B 90 -1.36 -43.72 5.62
N ILE B 91 -1.71 -43.25 6.82
CA ILE B 91 -2.88 -43.77 7.52
C ILE B 91 -4.17 -43.36 6.83
N GLU B 92 -4.22 -42.12 6.33
CA GLU B 92 -5.42 -41.63 5.66
C GLU B 92 -5.66 -42.35 4.34
N ALA B 93 -4.56 -42.73 3.70
CA ALA B 93 -4.61 -43.42 2.42
C ALA B 93 -5.46 -44.69 2.48
N VAL B 94 -5.48 -45.36 3.63
CA VAL B 94 -6.25 -46.58 3.78
C VAL B 94 -7.47 -46.39 4.68
N GLY B 95 -8.01 -45.18 4.67
CA GLY B 95 -9.18 -44.90 5.48
C GLY B 95 -8.99 -45.23 6.95
N GLY B 96 -7.74 -45.29 7.38
CA GLY B 96 -7.48 -45.61 8.78
C GLY B 96 -7.50 -44.39 9.68
N SER B 97 -7.31 -44.62 10.98
CA SER B 97 -7.29 -43.54 11.95
C SER B 97 -6.22 -43.83 12.98
N LEU B 98 -5.89 -42.84 13.80
CA LEU B 98 -4.85 -42.98 14.80
C LEU B 98 -5.09 -41.99 15.89
N SER B 99 -5.23 -42.47 17.12
CA SER B 99 -5.48 -41.57 18.22
C SER B 99 -4.72 -41.97 19.49
N VAL B 100 -4.76 -41.10 20.49
CA VAL B 100 -4.07 -41.36 21.73
C VAL B 100 -4.95 -40.92 22.90
N TYR B 101 -5.48 -41.87 23.66
CA TYR B 101 -6.29 -41.53 24.82
C TYR B 101 -5.39 -41.78 26.02
N SER B 102 -5.52 -40.96 27.06
CA SER B 102 -4.69 -41.18 28.23
C SER B 102 -5.31 -40.61 29.50
N THR B 103 -5.14 -41.34 30.60
CA THR B 103 -5.66 -40.90 31.88
C THR B 103 -4.47 -40.34 32.65
N ARG B 104 -4.60 -40.28 33.97
CA ARG B 104 -3.54 -39.76 34.79
C ARG B 104 -2.43 -40.81 34.99
N GLU B 105 -2.68 -42.04 34.54
CA GLU B 105 -1.68 -43.10 34.72
C GLU B 105 -1.66 -44.20 33.66
N LYS B 106 -2.26 -43.96 32.51
CA LYS B 106 -2.23 -44.94 31.43
C LYS B 106 -2.39 -44.21 30.09
N MET B 107 -1.61 -44.62 29.10
CA MET B 107 -1.66 -44.02 27.77
C MET B 107 -2.00 -45.10 26.75
N THR B 108 -2.92 -44.80 25.84
CA THR B 108 -3.29 -45.80 24.85
C THR B 108 -3.20 -45.27 23.44
N TYR B 109 -2.31 -45.86 22.65
CA TYR B 109 -2.14 -45.47 21.27
C TYR B 109 -2.88 -46.51 20.46
N CYS B 110 -4.00 -46.14 19.84
CA CYS B 110 -4.71 -47.11 19.03
C CYS B 110 -5.04 -46.60 17.63
N VAL B 111 -5.08 -47.54 16.69
CA VAL B 111 -5.37 -47.25 15.31
C VAL B 111 -6.58 -48.09 14.92
N GLU B 112 -7.22 -47.75 13.80
CA GLU B 112 -8.39 -48.48 13.30
C GLU B 112 -8.37 -48.48 11.80
N CYS B 113 -8.93 -49.53 11.20
CA CYS B 113 -8.97 -49.64 9.76
C CYS B 113 -9.68 -50.90 9.32
N LEU B 114 -9.76 -51.09 8.01
CA LEU B 114 -10.39 -52.27 7.46
C LEU B 114 -9.40 -53.42 7.61
N ARG B 115 -9.93 -54.64 7.74
CA ARG B 115 -9.10 -55.82 7.91
C ARG B 115 -7.93 -55.90 6.94
N ASP B 116 -8.15 -55.54 5.69
CA ASP B 116 -7.09 -55.61 4.67
C ASP B 116 -5.87 -54.73 4.90
N HIS B 117 -6.04 -53.66 5.67
CA HIS B 117 -4.93 -52.74 5.87
C HIS B 117 -4.27 -52.72 7.23
N VAL B 118 -4.69 -53.63 8.11
CA VAL B 118 -4.12 -53.70 9.45
C VAL B 118 -2.58 -53.64 9.40
N ASP B 119 -2.00 -54.46 8.54
CA ASP B 119 -0.55 -54.51 8.37
C ASP B 119 0.03 -53.14 8.08
N THR B 120 -0.57 -52.43 7.13
CA THR B 120 -0.14 -51.08 6.75
C THR B 120 -0.18 -50.12 7.94
N VAL B 121 -1.35 -49.98 8.53
CA VAL B 121 -1.56 -49.11 9.68
C VAL B 121 -0.68 -49.49 10.86
N MET B 122 -0.30 -50.76 10.93
CA MET B 122 0.52 -51.24 12.05
C MET B 122 1.91 -50.61 12.08
N GLU B 123 2.53 -50.51 10.91
CA GLU B 123 3.86 -49.92 10.80
C GLU B 123 3.98 -48.60 11.55
N TYR B 124 2.98 -47.75 11.39
CA TYR B 124 3.01 -46.45 12.03
C TYR B 124 2.80 -46.52 13.55
N LEU B 125 1.90 -47.40 13.99
CA LEU B 125 1.66 -47.55 15.43
C LEU B 125 2.97 -47.95 16.09
N LEU B 126 3.65 -48.91 15.49
CA LEU B 126 4.93 -49.42 15.98
C LEU B 126 5.90 -48.24 16.09
N ASN B 127 6.09 -47.54 14.98
CA ASN B 127 6.99 -46.39 14.88
C ASN B 127 6.70 -45.27 15.88
N VAL B 128 5.43 -44.92 16.00
CA VAL B 128 5.03 -43.85 16.90
C VAL B 128 5.33 -44.10 18.37
N THR B 129 5.03 -45.31 18.84
CA THR B 129 5.22 -45.68 20.25
C THR B 129 6.62 -46.18 20.68
N THR B 130 7.44 -46.59 19.72
CA THR B 130 8.76 -47.11 20.06
C THR B 130 9.93 -46.33 19.47
N ALA B 131 9.72 -45.68 18.32
CA ALA B 131 10.81 -44.95 17.66
C ALA B 131 10.66 -43.43 17.43
N PRO B 132 10.09 -42.69 18.40
CA PRO B 132 9.97 -41.26 18.16
C PRO B 132 11.34 -40.59 18.02
N GLU B 133 11.40 -39.45 17.36
CA GLU B 133 12.66 -38.73 17.20
C GLU B 133 12.63 -37.37 17.90
N PHE B 134 11.42 -36.87 18.15
CA PHE B 134 11.25 -35.59 18.84
C PHE B 134 12.26 -34.54 18.38
N ARG B 135 12.31 -34.32 17.07
CA ARG B 135 13.22 -33.33 16.50
C ARG B 135 12.88 -32.00 17.15
N PRO B 136 13.90 -31.27 17.63
CA PRO B 136 13.75 -29.98 18.30
C PRO B 136 12.79 -29.02 17.62
N TRP B 137 12.98 -28.79 16.32
CA TRP B 137 12.10 -27.88 15.61
C TRP B 137 10.66 -28.39 15.56
N GLU B 138 10.46 -29.65 15.22
CA GLU B 138 9.10 -30.17 15.19
C GLU B 138 8.49 -29.93 16.56
N VAL B 139 9.21 -30.30 17.61
CA VAL B 139 8.74 -30.14 18.97
C VAL B 139 8.39 -28.69 19.27
N THR B 140 9.27 -27.79 18.86
CA THR B 140 9.08 -26.37 19.08
C THR B 140 7.83 -25.80 18.39
N ASP B 141 7.61 -26.19 17.13
CA ASP B 141 6.44 -25.72 16.39
C ASP B 141 5.16 -26.26 17.01
N LEU B 142 5.26 -27.43 17.62
CA LEU B 142 4.13 -28.10 18.22
C LEU B 142 3.63 -27.55 19.55
N GLN B 143 4.55 -27.17 20.42
CA GLN B 143 4.19 -26.69 21.74
C GLN B 143 3.04 -25.71 21.86
N PRO B 144 3.00 -24.66 21.02
CA PRO B 144 1.88 -23.74 21.16
C PRO B 144 0.50 -24.41 21.05
N GLN B 145 0.48 -25.65 20.55
CA GLN B 145 -0.76 -26.40 20.42
C GLN B 145 -1.33 -26.81 21.77
N LEU B 146 -0.46 -26.94 22.77
CA LEU B 146 -0.90 -27.32 24.10
C LEU B 146 -1.85 -26.24 24.56
N LYS B 147 -1.53 -25.01 24.18
CA LYS B 147 -2.34 -23.85 24.55
C LYS B 147 -3.76 -24.01 24.01
N VAL B 148 -3.86 -24.37 22.74
CA VAL B 148 -5.16 -24.55 22.11
C VAL B 148 -5.91 -25.76 22.67
N ASP B 149 -5.29 -26.92 22.55
CA ASP B 149 -5.89 -28.16 23.02
C ASP B 149 -6.46 -28.03 24.42
N LYS B 150 -5.75 -27.32 25.29
CA LYS B 150 -6.19 -27.14 26.65
C LYS B 150 -7.41 -26.24 26.69
N ALA B 151 -7.37 -25.15 25.93
CA ALA B 151 -8.46 -24.18 25.87
C ALA B 151 -9.83 -24.77 25.47
N VAL B 152 -9.84 -25.78 24.59
CA VAL B 152 -11.10 -26.38 24.21
C VAL B 152 -11.57 -27.28 25.33
N ALA B 153 -10.68 -28.12 25.86
CA ALA B 153 -11.04 -29.04 26.93
C ALA B 153 -11.67 -28.28 28.10
N PHE B 154 -11.04 -27.19 28.51
CA PHE B 154 -11.51 -26.38 29.62
C PHE B 154 -12.82 -25.63 29.38
N GLN B 155 -13.47 -25.90 28.25
CA GLN B 155 -14.73 -25.24 27.97
C GLN B 155 -15.79 -25.84 28.87
N SER B 156 -15.64 -27.13 29.19
CA SER B 156 -16.57 -27.83 30.08
C SER B 156 -16.04 -27.54 31.48
N PRO B 157 -16.88 -26.97 32.35
CA PRO B 157 -16.39 -26.68 33.70
C PRO B 157 -16.04 -27.97 34.39
N GLN B 158 -16.72 -29.02 33.96
CA GLN B 158 -16.51 -30.36 34.46
C GLN B 158 -14.98 -30.62 34.61
N VAL B 159 -14.22 -30.37 33.55
CA VAL B 159 -12.77 -30.60 33.56
C VAL B 159 -11.95 -29.70 34.47
N GLY B 160 -12.37 -28.45 34.63
CA GLY B 160 -11.64 -27.54 35.47
C GLY B 160 -11.62 -27.96 36.94
N VAL B 161 -12.77 -28.38 37.45
CA VAL B 161 -12.87 -28.78 38.86
C VAL B 161 -12.19 -30.11 39.14
N LEU B 162 -12.18 -31.03 38.18
CA LEU B 162 -11.52 -32.30 38.41
C LEU B 162 -10.00 -32.13 38.50
N GLU B 163 -9.48 -31.09 37.85
CA GLU B 163 -8.04 -30.81 37.92
C GLU B 163 -7.75 -30.36 39.34
N ASN B 164 -8.49 -29.37 39.81
CA ASN B 164 -8.30 -28.86 41.15
C ASN B 164 -8.67 -29.87 42.24
N LEU B 165 -9.60 -30.77 41.93
CA LEU B 165 -9.99 -31.79 42.90
C LEU B 165 -8.76 -32.62 43.19
N HIS B 166 -8.27 -33.34 42.19
CA HIS B 166 -7.07 -34.15 42.38
C HIS B 166 -5.98 -33.36 43.07
N ALA B 167 -5.87 -32.08 42.73
CA ALA B 167 -4.85 -31.24 43.34
C ALA B 167 -5.06 -31.15 44.84
N ALA B 168 -6.27 -30.80 45.26
CA ALA B 168 -6.59 -30.66 46.67
C ALA B 168 -6.65 -32.02 47.38
N ALA B 169 -6.92 -33.07 46.64
CA ALA B 169 -7.02 -34.39 47.26
C ALA B 169 -5.66 -35.04 47.48
N TYR B 170 -4.65 -34.63 46.71
CA TYR B 170 -3.35 -35.24 46.88
C TYR B 170 -2.17 -34.28 47.10
N LYS B 171 -0.99 -34.86 47.28
CA LYS B 171 0.23 -34.11 47.49
C LYS B 171 1.23 -34.48 46.39
N THR B 172 0.91 -35.53 45.63
CA THR B 172 1.82 -35.99 44.58
C THR B 172 1.20 -36.97 43.59
N ALA B 173 1.97 -37.29 42.54
CA ALA B 173 1.58 -38.23 41.50
C ALA B 173 0.22 -37.95 40.86
N LEU B 174 -0.84 -38.37 41.55
CA LEU B 174 -2.20 -38.17 41.06
C LEU B 174 -2.59 -36.70 41.21
N ALA B 175 -1.85 -35.97 42.02
CA ALA B 175 -2.13 -34.56 42.23
C ALA B 175 -1.74 -33.80 40.98
N ASN B 176 -0.94 -34.43 40.13
CA ASN B 176 -0.51 -33.80 38.90
C ASN B 176 -1.65 -33.59 37.91
N PRO B 177 -1.71 -32.41 37.29
CA PRO B 177 -2.75 -32.04 36.32
C PRO B 177 -2.63 -32.91 35.05
N LEU B 178 -3.75 -33.12 34.36
CA LEU B 178 -3.77 -33.93 33.16
C LEU B 178 -3.39 -33.12 31.92
N TYR B 179 -3.55 -31.79 32.04
CA TYR B 179 -3.20 -30.87 30.96
C TYR B 179 -2.04 -29.97 31.41
N CYS B 180 -0.98 -29.95 30.60
CA CYS B 180 0.21 -29.17 30.85
C CYS B 180 -0.07 -27.79 31.41
N PRO B 181 0.52 -27.46 32.57
CA PRO B 181 0.30 -26.14 33.15
C PRO B 181 0.79 -25.06 32.21
N ASP B 182 0.17 -23.88 32.32
CA ASP B 182 0.50 -22.75 31.46
C ASP B 182 1.95 -22.32 31.47
N TYR B 183 2.51 -22.14 32.66
CA TYR B 183 3.89 -21.70 32.79
C TYR B 183 4.89 -22.62 32.07
N ARG B 184 4.51 -23.88 31.86
CA ARG B 184 5.42 -24.78 31.19
C ARG B 184 5.20 -24.91 29.70
N ILE B 185 4.20 -24.20 29.17
CA ILE B 185 3.96 -24.26 27.73
C ILE B 185 5.13 -23.59 27.04
N GLY B 186 5.79 -24.34 26.17
CA GLY B 186 6.92 -23.83 25.44
C GLY B 186 8.26 -24.03 26.13
N LYS B 187 8.24 -24.65 27.30
CA LYS B 187 9.48 -24.89 28.05
C LYS B 187 9.87 -26.37 28.13
N ILE B 188 9.05 -27.23 27.54
CA ILE B 188 9.33 -28.65 27.53
C ILE B 188 10.41 -28.89 26.47
N THR B 189 11.30 -29.84 26.71
CA THR B 189 12.38 -30.11 25.77
C THR B 189 12.27 -31.46 25.08
N SER B 190 13.04 -31.64 24.00
CA SER B 190 13.06 -32.90 23.28
C SER B 190 13.67 -33.92 24.23
N GLU B 191 14.48 -33.41 25.13
CA GLU B 191 15.13 -34.24 26.14
C GLU B 191 14.02 -34.86 26.95
N GLN B 192 13.38 -34.03 27.77
CA GLN B 192 12.29 -34.46 28.63
C GLN B 192 11.40 -35.48 27.95
N LEU B 193 11.09 -35.27 26.67
CA LEU B 193 10.25 -36.21 25.96
C LEU B 193 10.97 -37.54 25.84
N HIS B 194 12.20 -37.51 25.33
CA HIS B 194 12.98 -38.73 25.17
C HIS B 194 13.08 -39.50 26.48
N HIS B 195 13.58 -38.85 27.52
CA HIS B 195 13.74 -39.50 28.81
C HIS B 195 12.41 -40.06 29.31
N PHE B 196 11.35 -39.27 29.18
CA PHE B 196 10.05 -39.74 29.63
C PHE B 196 9.63 -41.01 28.90
N VAL B 197 9.96 -41.09 27.61
CA VAL B 197 9.61 -42.27 26.82
C VAL B 197 10.52 -43.46 27.09
N GLN B 198 11.76 -43.17 27.47
CA GLN B 198 12.70 -44.23 27.76
C GLN B 198 12.41 -44.88 29.11
N ASN B 199 12.07 -44.05 30.10
CA ASN B 199 11.81 -44.55 31.45
C ASN B 199 10.40 -45.05 31.71
N ASN B 200 9.51 -44.99 30.73
CA ASN B 200 8.14 -45.42 30.98
C ASN B 200 7.57 -46.34 29.92
N PHE B 201 8.03 -46.20 28.68
CA PHE B 201 7.53 -47.05 27.60
C PHE B 201 8.45 -48.27 27.52
N THR B 202 8.47 -49.04 28.60
CA THR B 202 9.30 -50.25 28.73
C THR B 202 8.44 -51.52 28.67
N SER B 203 8.79 -52.44 27.78
CA SER B 203 8.04 -53.69 27.56
C SER B 203 7.27 -54.31 28.73
N ALA B 204 7.81 -54.25 29.94
CA ALA B 204 7.12 -54.84 31.09
C ALA B 204 5.94 -53.99 31.55
N ARG B 205 5.83 -52.79 30.98
CA ARG B 205 4.76 -51.84 31.31
C ARG B 205 3.82 -51.64 30.14
N MET B 206 4.07 -52.37 29.05
CA MET B 206 3.26 -52.24 27.84
C MET B 206 2.49 -53.51 27.47
N ALA B 207 1.37 -53.31 26.78
CA ALA B 207 0.52 -54.41 26.33
C ALA B 207 0.01 -54.11 24.92
N LEU B 208 0.07 -55.08 24.02
CA LEU B 208 -0.38 -54.91 22.65
C LEU B 208 -1.71 -55.62 22.36
N VAL B 209 -2.81 -55.04 22.83
CA VAL B 209 -4.13 -55.64 22.60
C VAL B 209 -4.55 -55.46 21.14
N GLY B 210 -5.61 -56.15 20.71
CA GLY B 210 -6.03 -56.02 19.32
C GLY B 210 -7.21 -56.86 18.85
N ILE B 211 -8.38 -56.23 18.77
CA ILE B 211 -9.63 -56.87 18.34
C ILE B 211 -9.74 -56.98 16.82
N GLY B 212 -10.13 -58.15 16.32
CA GLY B 212 -10.28 -58.31 14.89
C GLY B 212 -9.10 -58.85 14.10
N VAL B 213 -8.21 -59.58 14.78
CA VAL B 213 -7.03 -60.17 14.12
C VAL B 213 -6.66 -61.47 14.82
N LYS B 214 -6.20 -62.46 14.06
CA LYS B 214 -5.81 -63.74 14.67
C LYS B 214 -4.66 -63.51 15.65
N HIS B 215 -4.74 -64.14 16.81
CA HIS B 215 -3.71 -63.97 17.83
C HIS B 215 -2.29 -64.29 17.36
N SER B 216 -2.16 -65.20 16.40
CA SER B 216 -0.84 -65.58 15.91
C SER B 216 -0.11 -64.44 15.21
N ASP B 217 -0.86 -63.59 14.51
CA ASP B 217 -0.28 -62.47 13.77
C ASP B 217 0.12 -61.33 14.69
N LEU B 218 -0.78 -60.95 15.58
CA LEU B 218 -0.50 -59.86 16.50
C LEU B 218 0.73 -60.22 17.31
N LYS B 219 0.94 -61.53 17.49
CA LYS B 219 2.08 -62.03 18.24
C LYS B 219 3.36 -61.91 17.41
N GLN B 220 3.27 -62.33 16.16
CA GLN B 220 4.41 -62.29 15.23
C GLN B 220 4.95 -60.86 15.12
N VAL B 221 4.04 -59.90 15.10
CA VAL B 221 4.39 -58.49 15.01
C VAL B 221 5.22 -58.06 16.20
N ALA B 222 4.67 -58.23 17.39
CA ALA B 222 5.33 -57.87 18.64
C ALA B 222 6.78 -58.34 18.64
N GLU B 223 6.97 -59.66 18.68
CA GLU B 223 8.31 -60.26 18.71
C GLU B 223 9.29 -59.59 17.75
N GLN B 224 9.12 -59.89 16.47
CA GLN B 224 9.99 -59.40 15.41
C GLN B 224 10.28 -57.89 15.35
N PHE B 225 9.55 -57.07 16.11
CA PHE B 225 9.80 -55.63 16.07
C PHE B 225 10.10 -54.93 17.39
N LEU B 226 9.07 -54.71 18.19
CA LEU B 226 9.19 -54.02 19.47
C LEU B 226 10.53 -54.11 20.24
N ASN B 227 11.13 -52.94 20.48
CA ASN B 227 12.40 -52.79 21.18
C ASN B 227 12.28 -52.24 22.61
N ILE B 228 12.74 -51.00 22.82
CA ILE B 228 12.75 -50.35 24.15
C ILE B 228 12.68 -51.38 25.26
N ARG B 229 13.86 -51.86 25.65
CA ARG B 229 14.01 -52.88 26.67
C ARG B 229 13.03 -52.89 27.83
N SER B 230 12.87 -54.09 28.38
CA SER B 230 12.00 -54.37 29.50
C SER B 230 12.36 -53.58 30.75
N GLY B 231 11.73 -53.97 31.86
CA GLY B 231 11.97 -53.30 33.12
C GLY B 231 10.76 -52.49 33.50
N ALA B 232 10.98 -51.43 34.27
CA ALA B 232 9.89 -50.59 34.70
C ALA B 232 10.43 -49.20 35.00
N GLY B 233 11.65 -48.93 34.52
CA GLY B 233 12.30 -47.64 34.74
C GLY B 233 11.76 -46.84 35.91
N THR B 234 11.44 -45.58 35.67
CA THR B 234 10.90 -44.70 36.70
C THR B 234 9.70 -45.33 37.40
N SER B 235 9.61 -45.14 38.71
CA SER B 235 8.49 -45.68 39.47
C SER B 235 7.75 -44.48 40.07
N SER B 236 6.43 -44.55 40.07
CA SER B 236 5.65 -43.47 40.63
C SER B 236 5.69 -43.45 42.15
N ALA B 237 6.04 -42.29 42.70
CA ALA B 237 6.09 -42.12 44.15
C ALA B 237 4.68 -42.21 44.72
N LYS B 238 4.37 -43.35 45.34
CA LYS B 238 3.07 -43.59 45.96
C LYS B 238 2.28 -42.31 46.26
N ALA B 239 1.04 -42.28 45.83
CA ALA B 239 0.17 -41.13 46.05
C ALA B 239 -0.12 -40.94 47.53
N THR B 240 -0.04 -39.70 47.99
CA THR B 240 -0.29 -39.40 49.39
C THR B 240 -1.52 -38.50 49.55
N TYR B 241 -2.51 -38.96 50.29
CA TYR B 241 -3.72 -38.17 50.48
C TYR B 241 -3.43 -36.87 51.23
N TRP B 242 -4.06 -35.78 50.79
CA TRP B 242 -3.89 -34.46 51.42
C TRP B 242 -5.19 -33.96 52.03
N GLY B 243 -6.27 -34.04 51.25
CA GLY B 243 -7.54 -33.57 51.76
C GLY B 243 -7.54 -32.06 51.81
N GLY B 244 -7.41 -31.45 50.64
CA GLY B 244 -7.39 -30.00 50.56
C GLY B 244 -8.72 -29.47 50.09
N GLU B 245 -8.81 -28.17 49.95
CA GLU B 245 -10.03 -27.52 49.52
C GLU B 245 -9.66 -26.34 48.62
N ILE B 246 -9.83 -26.52 47.31
CA ILE B 246 -9.53 -25.51 46.32
C ILE B 246 -10.81 -24.88 45.76
N ARG B 247 -10.93 -23.57 45.86
CA ARG B 247 -12.13 -22.89 45.37
C ARG B 247 -11.83 -21.87 44.28
N GLU B 248 -12.58 -21.92 43.17
CA GLU B 248 -12.37 -20.98 42.07
C GLU B 248 -13.54 -20.04 41.78
N GLN B 249 -13.48 -18.84 42.37
CA GLN B 249 -14.50 -17.82 42.18
C GLN B 249 -14.31 -17.26 40.77
N ASN B 250 -15.26 -17.52 39.88
CA ASN B 250 -15.11 -17.02 38.52
C ASN B 250 -16.35 -16.36 37.91
N GLY B 251 -17.35 -16.08 38.73
CA GLY B 251 -18.55 -15.42 38.23
C GLY B 251 -19.65 -16.25 37.60
N HIS B 252 -19.34 -17.47 37.15
CA HIS B 252 -20.33 -18.35 36.54
C HIS B 252 -21.62 -18.46 37.35
N SER B 253 -22.76 -18.46 36.66
CA SER B 253 -24.05 -18.57 37.34
C SER B 253 -24.29 -20.00 37.81
N LEU B 254 -23.51 -20.93 37.27
CA LEU B 254 -23.65 -22.32 37.66
C LEU B 254 -22.43 -22.82 38.41
N VAL B 255 -22.64 -23.16 39.67
CA VAL B 255 -21.59 -23.68 40.54
C VAL B 255 -21.41 -25.20 40.41
N HIS B 256 -20.19 -25.63 40.15
CA HIS B 256 -19.86 -27.05 40.08
C HIS B 256 -19.11 -27.29 41.37
N ALA B 257 -19.33 -28.44 41.99
CA ALA B 257 -18.62 -28.74 43.23
C ALA B 257 -18.47 -30.24 43.39
N ALA B 258 -17.34 -30.64 43.95
CA ALA B 258 -17.07 -32.04 44.16
C ALA B 258 -16.49 -32.19 45.57
N VAL B 259 -16.99 -33.20 46.28
CA VAL B 259 -16.53 -33.48 47.63
C VAL B 259 -16.27 -34.96 47.64
N VAL B 260 -15.03 -35.33 47.95
CA VAL B 260 -14.67 -36.74 47.98
C VAL B 260 -13.84 -37.13 49.20
N THR B 261 -13.57 -38.42 49.29
CA THR B 261 -12.79 -39.02 50.36
C THR B 261 -11.98 -40.09 49.67
N GLU B 262 -10.89 -40.52 50.28
CA GLU B 262 -10.11 -41.57 49.63
C GLU B 262 -10.97 -42.81 49.57
N GLY B 263 -10.97 -43.48 48.43
CA GLY B 263 -11.79 -44.67 48.28
C GLY B 263 -11.01 -45.90 47.88
N ALA B 264 -11.66 -46.77 47.10
CA ALA B 264 -11.04 -48.02 46.66
C ALA B 264 -9.97 -47.85 45.61
N ALA B 265 -9.06 -48.82 45.57
CA ALA B 265 -7.99 -48.81 44.58
C ALA B 265 -8.44 -49.78 43.50
N VAL B 266 -7.74 -49.75 42.36
CA VAL B 266 -8.11 -50.63 41.25
C VAL B 266 -8.09 -52.07 41.72
N GLY B 267 -8.95 -52.89 41.13
CA GLY B 267 -9.02 -54.29 41.49
C GLY B 267 -9.06 -54.60 42.98
N SER B 268 -9.29 -53.57 43.80
CA SER B 268 -9.36 -53.72 45.24
C SER B 268 -10.56 -54.56 45.63
N ALA B 269 -10.52 -55.11 46.83
CA ALA B 269 -11.62 -55.91 47.33
C ALA B 269 -12.77 -54.94 47.60
N GLU B 270 -12.44 -53.90 48.36
CA GLU B 270 -13.38 -52.85 48.74
C GLU B 270 -14.00 -52.09 47.55
N ALA B 271 -13.38 -52.22 46.39
CA ALA B 271 -13.84 -51.55 45.17
C ALA B 271 -15.32 -51.71 44.88
N ASN B 272 -15.71 -52.92 44.45
CA ASN B 272 -17.09 -53.23 44.10
C ASN B 272 -18.15 -52.65 45.05
N ALA B 273 -17.77 -52.40 46.30
CA ALA B 273 -18.68 -51.83 47.28
C ALA B 273 -19.13 -50.43 46.89
N PHE B 274 -18.16 -49.55 46.64
CA PHE B 274 -18.44 -48.17 46.23
C PHE B 274 -19.17 -48.10 44.89
N SER B 275 -18.79 -48.98 43.98
CA SER B 275 -19.42 -49.03 42.66
C SER B 275 -20.92 -49.18 42.87
N VAL B 276 -21.28 -50.03 43.83
CA VAL B 276 -22.69 -50.27 44.14
C VAL B 276 -23.26 -49.11 44.94
N LEU B 277 -22.51 -48.62 45.93
CA LEU B 277 -22.99 -47.48 46.71
C LEU B 277 -23.23 -46.33 45.74
N GLN B 278 -22.48 -46.37 44.64
CA GLN B 278 -22.58 -45.36 43.61
C GLN B 278 -23.98 -45.41 43.02
N HIS B 279 -24.30 -46.53 42.38
CA HIS B 279 -25.60 -46.71 41.76
C HIS B 279 -26.75 -46.63 42.75
N VAL B 280 -26.47 -46.86 44.02
CA VAL B 280 -27.51 -46.77 45.03
C VAL B 280 -27.85 -45.30 45.28
N LEU B 281 -26.85 -44.44 45.13
CA LEU B 281 -27.01 -43.00 45.33
C LEU B 281 -27.44 -42.28 44.06
N GLY B 282 -27.11 -42.86 42.92
CA GLY B 282 -27.45 -42.27 41.64
C GLY B 282 -26.21 -41.96 40.83
N ALA B 283 -25.96 -42.73 39.78
CA ALA B 283 -24.77 -42.51 38.95
C ALA B 283 -25.05 -42.18 37.48
N GLY B 284 -25.80 -41.11 37.24
CA GLY B 284 -26.10 -40.72 35.87
C GLY B 284 -27.40 -41.24 35.28
N PRO B 285 -28.35 -40.34 34.94
CA PRO B 285 -29.69 -40.58 34.36
C PRO B 285 -29.84 -41.69 33.31
N LEU B 286 -31.01 -42.33 33.32
CA LEU B 286 -31.33 -43.43 32.39
C LEU B 286 -32.51 -43.15 31.49
N ILE B 287 -33.30 -42.14 31.84
CA ILE B 287 -34.48 -41.76 31.05
C ILE B 287 -34.33 -40.30 30.58
N LYS B 288 -34.29 -40.10 29.27
CA LYS B 288 -34.15 -38.76 28.70
C LYS B 288 -35.10 -37.71 29.32
N ARG B 289 -34.52 -36.73 30.03
CA ARG B 289 -35.28 -35.66 30.71
C ARG B 289 -36.10 -36.15 31.88
N GLY B 290 -35.79 -37.34 32.37
CA GLY B 290 -36.52 -37.89 33.49
C GLY B 290 -35.87 -37.61 34.82
N SER B 291 -36.67 -37.64 35.89
CA SER B 291 -36.17 -37.41 37.25
C SER B 291 -35.87 -38.73 37.91
N SER B 292 -34.61 -39.15 37.87
CA SER B 292 -34.19 -40.41 38.46
C SER B 292 -34.82 -40.65 39.83
N VAL B 293 -35.50 -41.79 39.98
CA VAL B 293 -36.16 -42.14 41.23
C VAL B 293 -35.26 -43.09 42.01
N THR B 294 -34.62 -43.99 41.28
CA THR B 294 -33.69 -44.96 41.85
C THR B 294 -32.47 -44.21 42.37
N SER B 295 -32.48 -42.88 42.22
CA SER B 295 -31.39 -42.04 42.67
C SER B 295 -31.76 -41.33 43.98
N LYS B 296 -31.29 -41.87 45.09
CA LYS B 296 -31.57 -41.32 46.42
C LYS B 296 -30.99 -39.91 46.54
N LEU B 297 -29.78 -39.76 46.04
CA LEU B 297 -29.08 -38.49 46.07
C LEU B 297 -29.85 -37.41 45.31
N TYR B 298 -30.23 -37.72 44.07
CA TYR B 298 -30.98 -36.79 43.24
C TYR B 298 -32.30 -36.46 43.94
N GLN B 299 -33.09 -37.50 44.20
CA GLN B 299 -34.38 -37.34 44.86
C GLN B 299 -34.21 -36.54 46.16
N GLY B 300 -33.13 -36.84 46.88
CA GLY B 300 -32.86 -36.13 48.13
C GLY B 300 -32.60 -34.65 47.88
N VAL B 301 -31.90 -34.36 46.80
CA VAL B 301 -31.60 -32.97 46.47
C VAL B 301 -32.86 -32.24 46.05
N ALA B 302 -33.59 -32.85 45.13
CA ALA B 302 -34.82 -32.28 44.62
C ALA B 302 -35.77 -31.83 45.73
N LYS B 303 -35.79 -32.56 46.84
CA LYS B 303 -36.67 -32.22 47.95
C LYS B 303 -36.16 -30.97 48.67
N ALA B 304 -34.87 -30.69 48.53
CA ALA B 304 -34.24 -29.54 49.21
C ALA B 304 -34.20 -28.27 48.36
N THR B 305 -33.96 -28.42 47.06
CA THR B 305 -33.92 -27.28 46.17
C THR B 305 -35.18 -27.25 45.33
N THR B 306 -35.34 -26.18 44.55
CA THR B 306 -36.52 -26.03 43.71
C THR B 306 -36.18 -25.60 42.28
N GLN B 307 -34.96 -25.14 42.08
CA GLN B 307 -34.51 -24.70 40.77
C GLN B 307 -33.72 -25.80 40.09
N PRO B 308 -33.35 -25.61 38.82
CA PRO B 308 -32.59 -26.59 38.05
C PRO B 308 -31.30 -27.02 38.74
N PHE B 309 -30.85 -28.25 38.46
CA PHE B 309 -29.64 -28.77 39.07
C PHE B 309 -29.32 -30.18 38.57
N ASP B 310 -28.26 -30.74 39.14
CA ASP B 310 -27.83 -32.09 38.85
C ASP B 310 -26.92 -32.51 40.00
N ALA B 311 -26.90 -33.81 40.31
CA ALA B 311 -26.07 -34.35 41.40
C ALA B 311 -25.83 -35.84 41.16
N SER B 312 -24.59 -36.29 41.36
CA SER B 312 -24.28 -37.70 41.13
C SER B 312 -23.21 -38.28 42.05
N ALA B 313 -23.10 -39.60 42.01
CA ALA B 313 -22.10 -40.29 42.79
C ALA B 313 -20.83 -40.27 41.94
N PHE B 314 -19.74 -39.83 42.56
CA PHE B 314 -18.46 -39.74 41.90
C PHE B 314 -17.55 -40.87 42.39
N ASN B 315 -16.97 -41.64 41.45
CA ASN B 315 -16.08 -42.74 41.83
C ASN B 315 -14.92 -42.97 40.86
N VAL B 316 -13.71 -42.97 41.41
CA VAL B 316 -12.50 -43.17 40.63
C VAL B 316 -11.61 -44.22 41.28
N ASN B 317 -11.11 -45.15 40.47
CA ASN B 317 -10.22 -46.18 40.99
C ASN B 317 -8.85 -46.08 40.34
N TYR B 318 -7.85 -45.74 41.15
CA TYR B 318 -6.47 -45.62 40.71
C TYR B 318 -5.61 -46.77 41.27
N SER B 319 -4.49 -47.03 40.60
CA SER B 319 -3.56 -48.09 40.99
C SER B 319 -3.35 -48.24 42.50
N ASP B 320 -2.92 -47.17 43.16
CA ASP B 320 -2.65 -47.21 44.58
C ASP B 320 -3.55 -46.33 45.43
N SER B 321 -4.70 -45.95 44.89
CA SER B 321 -5.60 -45.11 45.65
C SER B 321 -6.92 -44.97 44.92
N GLY B 322 -7.81 -44.15 45.47
CA GLY B 322 -9.09 -43.96 44.82
C GLY B 322 -9.78 -42.72 45.37
N LEU B 323 -10.83 -42.29 44.69
CA LEU B 323 -11.59 -41.13 45.13
C LEU B 323 -13.07 -41.47 45.09
N PHE B 324 -13.82 -40.93 46.04
CA PHE B 324 -15.25 -41.20 46.10
C PHE B 324 -16.00 -40.08 46.78
N GLY B 325 -17.20 -39.82 46.27
CA GLY B 325 -18.01 -38.76 46.84
C GLY B 325 -19.10 -38.37 45.85
N PHE B 326 -19.46 -37.10 45.85
CA PHE B 326 -20.49 -36.64 44.93
C PHE B 326 -20.05 -35.38 44.18
N TYR B 327 -20.77 -35.08 43.10
CA TYR B 327 -20.50 -33.91 42.27
C TYR B 327 -21.82 -33.18 42.00
N THR B 328 -21.86 -31.87 42.25
CA THR B 328 -23.08 -31.13 41.99
C THR B 328 -22.94 -29.93 41.04
N ILE B 329 -24.08 -29.45 40.57
CA ILE B 329 -24.18 -28.30 39.67
C ILE B 329 -25.46 -27.58 40.07
N SER B 330 -25.40 -26.28 40.30
CA SER B 330 -26.60 -25.56 40.69
C SER B 330 -26.50 -24.05 40.55
N GLN B 331 -27.64 -23.39 40.63
CA GLN B 331 -27.63 -21.94 40.57
C GLN B 331 -26.84 -21.49 41.79
N ALA B 332 -26.05 -20.45 41.64
CA ALA B 332 -25.22 -19.97 42.73
C ALA B 332 -25.89 -19.83 44.09
N ALA B 333 -27.10 -19.28 44.14
CA ALA B 333 -27.78 -19.10 45.43
C ALA B 333 -28.23 -20.38 46.10
N HIS B 334 -28.70 -21.34 45.32
CA HIS B 334 -29.16 -22.60 45.88
C HIS B 334 -28.02 -23.59 45.88
N ALA B 335 -26.82 -23.09 46.14
CA ALA B 335 -25.65 -23.94 46.18
C ALA B 335 -25.58 -24.58 47.56
N GLY B 336 -25.86 -23.76 48.58
CA GLY B 336 -25.81 -24.25 49.94
C GLY B 336 -26.74 -25.43 50.14
N GLU B 337 -28.02 -25.19 49.94
CA GLU B 337 -29.00 -26.24 50.11
C GLU B 337 -28.67 -27.50 49.29
N VAL B 338 -28.15 -27.33 48.08
CA VAL B 338 -27.87 -28.49 47.25
C VAL B 338 -26.75 -29.37 47.75
N ILE B 339 -25.69 -28.78 48.28
CA ILE B 339 -24.57 -29.59 48.74
C ILE B 339 -24.82 -30.19 50.12
N ARG B 340 -25.49 -29.43 50.99
CA ARG B 340 -25.81 -29.94 52.32
C ARG B 340 -26.75 -31.12 52.12
N ALA B 341 -27.74 -30.93 51.25
CA ALA B 341 -28.70 -31.98 50.96
C ALA B 341 -27.99 -33.20 50.39
N ALA B 342 -27.01 -32.98 49.52
CA ALA B 342 -26.26 -34.09 48.94
C ALA B 342 -25.48 -34.85 50.01
N MET B 343 -25.17 -34.15 51.10
CA MET B 343 -24.43 -34.73 52.22
C MET B 343 -25.30 -35.63 53.09
N ASN B 344 -26.41 -35.08 53.58
CA ASN B 344 -27.33 -35.84 54.41
C ASN B 344 -27.63 -37.17 53.76
N GLN B 345 -27.75 -37.17 52.43
CA GLN B 345 -28.03 -38.38 51.70
C GLN B 345 -26.89 -39.38 51.74
N LEU B 346 -25.72 -38.91 52.17
CA LEU B 346 -24.59 -39.82 52.27
C LEU B 346 -24.52 -40.32 53.69
N LYS B 347 -24.91 -39.47 54.62
CA LYS B 347 -24.93 -39.83 56.04
C LYS B 347 -26.09 -40.79 56.28
N ALA B 348 -27.27 -40.40 55.80
CA ALA B 348 -28.46 -41.21 55.95
C ALA B 348 -28.28 -42.62 55.41
N ALA B 349 -27.28 -42.80 54.55
CA ALA B 349 -26.99 -44.11 53.98
C ALA B 349 -25.98 -44.82 54.84
N ALA B 350 -25.14 -44.04 55.51
CA ALA B 350 -24.13 -44.58 56.39
C ALA B 350 -24.80 -45.01 57.68
N GLN B 351 -26.12 -44.90 57.71
CA GLN B 351 -26.88 -45.26 58.89
C GLN B 351 -27.98 -46.26 58.53
N GLY B 352 -27.56 -47.39 57.95
CA GLY B 352 -28.50 -48.43 57.57
C GLY B 352 -29.55 -48.05 56.54
N GLY B 353 -29.55 -46.78 56.12
CA GLY B 353 -30.53 -46.29 55.15
C GLY B 353 -30.47 -46.93 53.76
N VAL B 354 -29.99 -48.16 53.69
CA VAL B 354 -29.89 -48.87 52.41
C VAL B 354 -30.72 -50.16 52.44
N THR B 355 -31.86 -50.15 51.75
CA THR B 355 -32.73 -51.30 51.67
C THR B 355 -32.02 -52.47 50.97
N GLU B 356 -32.44 -53.69 51.27
CA GLU B 356 -31.81 -54.85 50.65
C GLU B 356 -32.12 -54.83 49.16
N GLU B 357 -33.17 -54.10 48.80
CA GLU B 357 -33.57 -54.01 47.41
C GLU B 357 -32.73 -52.99 46.64
N ASP B 358 -32.50 -51.83 47.25
CA ASP B 358 -31.70 -50.79 46.61
C ASP B 358 -30.40 -51.43 46.16
N VAL B 359 -29.92 -52.37 46.97
CA VAL B 359 -28.68 -53.07 46.67
C VAL B 359 -28.88 -53.98 45.46
N THR B 360 -30.08 -54.53 45.33
CA THR B 360 -30.39 -55.42 44.22
C THR B 360 -30.56 -54.63 42.91
N LYS B 361 -31.27 -53.50 42.98
CA LYS B 361 -31.45 -52.65 41.80
C LYS B 361 -30.07 -52.30 41.28
N ALA B 362 -29.34 -51.57 42.11
CA ALA B 362 -27.98 -51.13 41.79
C ALA B 362 -27.15 -52.25 41.19
N LYS B 363 -27.16 -53.41 41.83
CA LYS B 363 -26.38 -54.56 41.35
C LYS B 363 -26.57 -54.85 39.86
N ASN B 364 -27.82 -54.85 39.40
CA ASN B 364 -28.11 -55.14 38.00
C ASN B 364 -27.85 -53.88 37.18
N GLN B 365 -28.21 -52.74 37.75
CA GLN B 365 -28.03 -51.43 37.14
C GLN B 365 -26.58 -51.30 36.71
N LEU B 366 -25.70 -51.90 37.50
CA LEU B 366 -24.26 -51.88 37.27
C LEU B 366 -23.82 -52.92 36.24
N LYS B 367 -24.34 -54.14 36.36
CA LYS B 367 -23.98 -55.22 35.42
C LYS B 367 -24.44 -54.82 34.02
N ALA B 368 -25.56 -54.09 33.97
CA ALA B 368 -26.12 -53.64 32.71
C ALA B 368 -25.19 -52.59 32.14
N THR B 369 -24.91 -51.55 32.93
CA THR B 369 -24.02 -50.49 32.50
C THR B 369 -22.73 -51.09 31.99
N TYR B 370 -22.05 -51.87 32.82
CA TYR B 370 -20.80 -52.51 32.41
C TYR B 370 -20.96 -53.25 31.08
N LEU B 371 -21.99 -54.09 30.99
CA LEU B 371 -22.27 -54.87 29.79
C LEU B 371 -22.47 -54.08 28.51
N MET B 372 -23.30 -53.05 28.58
CA MET B 372 -23.59 -52.23 27.42
C MET B 372 -22.31 -51.54 26.99
N SER B 373 -21.57 -51.04 27.97
CA SER B 373 -20.32 -50.33 27.72
C SER B 373 -19.26 -51.15 27.02
N VAL B 374 -19.63 -52.30 26.47
CA VAL B 374 -18.65 -53.12 25.79
C VAL B 374 -19.13 -53.56 24.40
N GLU B 375 -20.13 -52.86 23.89
CA GLU B 375 -20.68 -53.11 22.56
C GLU B 375 -19.78 -52.37 21.57
N THR B 376 -19.24 -51.26 22.05
CA THR B 376 -18.34 -50.39 21.28
C THR B 376 -16.97 -51.03 21.14
N ALA B 377 -16.50 -51.22 19.91
CA ALA B 377 -15.18 -51.79 19.67
C ALA B 377 -14.15 -51.09 20.57
N GLN B 378 -14.36 -49.80 20.79
CA GLN B 378 -13.48 -49.01 21.64
C GLN B 378 -13.65 -49.46 23.08
N GLY B 379 -14.90 -49.63 23.49
CA GLY B 379 -15.18 -50.07 24.85
C GLY B 379 -14.63 -51.46 25.12
N LEU B 380 -14.81 -52.37 24.17
CA LEU B 380 -14.30 -53.74 24.29
C LEU B 380 -12.78 -53.73 24.39
N LEU B 381 -12.11 -53.20 23.37
CA LEU B 381 -10.65 -53.14 23.38
C LEU B 381 -10.13 -52.47 24.65
N ASN B 382 -10.87 -51.48 25.14
CA ASN B 382 -10.48 -50.75 26.34
C ASN B 382 -10.62 -51.65 27.56
N GLU B 383 -11.50 -52.64 27.48
CA GLU B 383 -11.71 -53.58 28.58
C GLU B 383 -10.62 -54.63 28.52
N ILE B 384 -10.55 -55.34 27.39
CA ILE B 384 -9.54 -56.38 27.17
C ILE B 384 -8.13 -55.85 27.42
N GLY B 385 -7.92 -54.57 27.17
CA GLY B 385 -6.62 -53.97 27.38
C GLY B 385 -6.32 -53.62 28.83
N SER B 386 -7.22 -52.88 29.47
CA SER B 386 -7.03 -52.48 30.85
C SER B 386 -6.69 -53.64 31.77
N GLU B 387 -7.24 -54.83 31.48
CA GLU B 387 -6.94 -56.01 32.30
C GLU B 387 -5.60 -56.59 31.89
N ALA B 388 -5.46 -56.91 30.61
CA ALA B 388 -4.23 -57.48 30.09
C ALA B 388 -2.98 -56.70 30.50
N LEU B 389 -3.15 -55.49 31.04
CA LEU B 389 -2.01 -54.68 31.45
C LEU B 389 -1.85 -54.64 32.97
N LEU B 390 -2.93 -54.30 33.68
CA LEU B 390 -2.90 -54.22 35.15
C LEU B 390 -2.95 -55.59 35.80
N SER B 391 -3.42 -56.58 35.06
CA SER B 391 -3.50 -57.95 35.56
C SER B 391 -2.49 -58.80 34.78
N GLY B 392 -3.00 -59.60 33.86
CA GLY B 392 -2.15 -60.45 33.06
C GLY B 392 -3.06 -61.36 32.28
N THR B 393 -4.34 -61.34 32.64
CA THR B 393 -5.33 -62.17 31.97
C THR B 393 -6.73 -61.56 31.97
N HIS B 394 -7.63 -62.19 31.23
CA HIS B 394 -9.00 -61.74 31.09
C HIS B 394 -10.00 -62.44 32.02
N THR B 395 -10.62 -61.65 32.89
CA THR B 395 -11.62 -62.16 33.83
C THR B 395 -12.83 -62.60 33.02
N ALA B 396 -13.61 -63.54 33.55
CA ALA B 396 -14.80 -64.00 32.86
C ALA B 396 -15.94 -63.03 33.17
N PRO B 397 -16.73 -62.66 32.14
CA PRO B 397 -17.84 -61.73 32.37
C PRO B 397 -18.84 -62.24 33.43
N SER B 398 -18.69 -63.49 33.82
CA SER B 398 -19.56 -64.10 34.83
C SER B 398 -18.92 -63.92 36.20
N VAL B 399 -17.59 -63.82 36.20
CA VAL B 399 -16.85 -63.65 37.44
C VAL B 399 -17.13 -62.23 37.91
N VAL B 400 -17.04 -61.28 36.99
CA VAL B 400 -17.29 -59.88 37.31
C VAL B 400 -18.68 -59.74 37.92
N ALA B 401 -19.65 -60.35 37.25
CA ALA B 401 -21.03 -60.31 37.71
C ALA B 401 -21.16 -61.03 39.05
N GLN B 402 -20.43 -62.14 39.19
CA GLN B 402 -20.46 -62.90 40.43
C GLN B 402 -19.83 -62.10 41.57
N LYS B 403 -18.76 -61.39 41.26
CA LYS B 403 -18.05 -60.59 42.26
C LYS B 403 -18.86 -59.37 42.64
N ILE B 404 -19.69 -58.89 41.72
CA ILE B 404 -20.49 -57.70 41.99
C ILE B 404 -21.69 -57.96 42.92
N ASP B 405 -22.45 -59.02 42.66
CA ASP B 405 -23.60 -59.30 43.53
C ASP B 405 -23.22 -59.87 44.89
N SER B 406 -21.98 -60.36 45.00
CA SER B 406 -21.50 -60.91 46.27
C SER B 406 -21.23 -59.77 47.25
N VAL B 407 -21.77 -58.60 46.96
CA VAL B 407 -21.61 -57.42 47.79
C VAL B 407 -22.80 -57.35 48.76
N THR B 408 -22.50 -57.32 50.05
CA THR B 408 -23.54 -57.29 51.07
C THR B 408 -24.11 -55.91 51.36
N SER B 409 -25.31 -55.90 51.92
CA SER B 409 -26.00 -54.68 52.28
C SER B 409 -25.10 -53.92 53.27
N ALA B 410 -24.23 -54.65 53.94
CA ALA B 410 -23.32 -54.06 54.91
C ALA B 410 -22.14 -53.42 54.19
N ASP B 411 -21.55 -54.16 53.25
CA ASP B 411 -20.42 -53.66 52.47
C ASP B 411 -20.74 -52.24 52.01
N VAL B 412 -21.95 -52.08 51.49
CA VAL B 412 -22.44 -50.81 51.01
C VAL B 412 -22.53 -49.77 52.12
N VAL B 413 -23.24 -50.09 53.20
CA VAL B 413 -23.39 -49.15 54.31
C VAL B 413 -22.05 -48.72 54.93
N ASN B 414 -21.10 -49.65 54.98
CA ASN B 414 -19.79 -49.35 55.55
C ASN B 414 -19.01 -48.41 54.63
N ALA B 415 -19.14 -48.63 53.32
CA ALA B 415 -18.47 -47.77 52.35
C ALA B 415 -18.98 -46.36 52.63
N ALA B 416 -20.29 -46.23 52.84
CA ALA B 416 -20.89 -44.94 53.14
C ALA B 416 -20.28 -44.34 54.39
N LYS B 417 -20.00 -45.18 55.39
CA LYS B 417 -19.41 -44.68 56.62
C LYS B 417 -17.98 -44.20 56.36
N LYS B 418 -17.22 -44.98 55.60
CA LYS B 418 -15.84 -44.61 55.30
C LYS B 418 -15.80 -43.20 54.74
N PHE B 419 -16.86 -42.82 54.04
CA PHE B 419 -16.93 -41.48 53.48
C PHE B 419 -17.22 -40.45 54.56
N VAL B 420 -18.21 -40.73 55.39
CA VAL B 420 -18.60 -39.80 56.46
C VAL B 420 -17.51 -39.60 57.52
N SER B 421 -16.70 -40.63 57.70
CA SER B 421 -15.62 -40.60 58.68
C SER B 421 -14.32 -40.03 58.12
N GLY B 422 -13.92 -40.52 56.95
CA GLY B 422 -12.69 -40.07 56.31
C GLY B 422 -12.54 -38.56 56.14
N LYS B 423 -11.31 -38.13 55.91
CA LYS B 423 -11.02 -36.71 55.72
C LYS B 423 -11.41 -36.36 54.30
N LYS B 424 -12.20 -35.31 54.14
CA LYS B 424 -12.66 -34.88 52.82
C LYS B 424 -11.79 -33.80 52.17
N SER B 425 -11.87 -33.74 50.85
CA SER B 425 -11.17 -32.73 50.06
C SER B 425 -12.25 -32.25 49.10
N MET B 426 -12.30 -30.94 48.87
CA MET B 426 -13.32 -30.35 48.01
C MET B 426 -12.77 -29.43 46.92
N ALA B 427 -13.57 -29.22 45.87
CA ALA B 427 -13.20 -28.35 44.76
C ALA B 427 -14.45 -27.70 44.17
N ALA B 428 -14.52 -26.37 44.25
CA ALA B 428 -15.67 -25.63 43.71
C ALA B 428 -15.29 -24.76 42.50
N SER B 429 -16.30 -24.11 41.93
CA SER B 429 -16.09 -23.30 40.75
C SER B 429 -17.36 -22.54 40.38
N GLY B 430 -17.23 -21.26 40.09
CA GLY B 430 -18.38 -20.45 39.75
C GLY B 430 -18.52 -19.35 40.78
N ASP B 431 -19.70 -18.74 40.87
CA ASP B 431 -19.91 -17.69 41.87
C ASP B 431 -20.16 -18.43 43.18
N LEU B 432 -19.15 -18.47 44.05
CA LEU B 432 -19.24 -19.21 45.30
C LEU B 432 -19.75 -18.44 46.50
N GLY B 433 -20.29 -17.25 46.27
CA GLY B 433 -20.81 -16.45 47.36
C GLY B 433 -21.78 -17.13 48.32
N SER B 434 -22.32 -18.28 47.94
CA SER B 434 -23.26 -18.99 48.80
C SER B 434 -22.86 -20.43 48.97
N THR B 435 -21.71 -20.77 48.39
CA THR B 435 -21.18 -22.13 48.48
C THR B 435 -20.46 -22.30 49.82
N PRO B 436 -20.70 -23.43 50.51
CA PRO B 436 -20.06 -23.69 51.81
C PRO B 436 -18.64 -24.23 51.75
N PHE B 437 -17.93 -24.06 52.86
CA PHE B 437 -16.55 -24.53 53.01
C PHE B 437 -16.57 -25.94 53.61
N LEU B 438 -15.63 -26.77 53.18
CA LEU B 438 -15.50 -28.15 53.65
C LEU B 438 -15.72 -28.33 55.16
N ASP B 439 -15.43 -27.30 55.94
CA ASP B 439 -15.62 -27.38 57.39
C ASP B 439 -16.99 -26.89 57.86
N GLU B 440 -17.92 -26.69 56.92
CA GLU B 440 -19.26 -26.25 57.28
C GLU B 440 -20.22 -27.37 56.95
N LEU B 441 -19.67 -28.53 56.60
CA LEU B 441 -20.47 -29.70 56.27
C LEU B 441 -20.50 -30.67 57.47
N ALA C 2 -0.55 -15.67 -0.32
CA ALA C 2 -2.01 -15.52 -0.26
C ALA C 2 -2.66 -16.53 -1.18
N PRO C 3 -3.77 -17.14 -0.75
CA PRO C 3 -4.45 -18.13 -1.59
C PRO C 3 -4.73 -17.66 -3.03
N ASN C 4 -5.57 -16.64 -3.21
CA ASN C 4 -5.85 -16.16 -4.57
C ASN C 4 -4.86 -15.11 -5.03
N ILE C 5 -4.29 -15.34 -6.21
CA ILE C 5 -3.28 -14.47 -6.81
C ILE C 5 -3.79 -13.09 -7.20
N ARG C 6 -4.94 -12.70 -6.65
CA ARG C 6 -5.52 -11.39 -6.93
C ARG C 6 -5.22 -10.48 -5.74
N LYS C 7 -4.97 -11.10 -4.59
CA LYS C 7 -4.67 -10.39 -3.35
C LYS C 7 -3.16 -10.18 -3.14
N SER C 8 -2.36 -11.17 -3.52
CA SER C 8 -0.90 -11.12 -3.35
C SER C 8 -0.06 -10.42 -4.43
N HIS C 9 -0.34 -10.69 -5.71
CA HIS C 9 0.39 -10.08 -6.84
C HIS C 9 0.46 -8.55 -6.77
N PRO C 10 1.67 -7.96 -6.75
CA PRO C 10 1.83 -6.50 -6.68
C PRO C 10 1.12 -5.67 -7.75
N LEU C 11 0.61 -6.32 -8.80
CA LEU C 11 -0.11 -5.61 -9.86
C LEU C 11 -1.60 -5.98 -9.92
N LEU C 12 -1.91 -7.28 -9.87
CA LEU C 12 -3.30 -7.75 -9.88
C LEU C 12 -3.98 -7.36 -8.58
N LYS C 13 -3.17 -7.08 -7.57
CA LYS C 13 -3.66 -6.65 -6.27
C LYS C 13 -4.16 -5.22 -6.47
N MET C 14 -3.51 -4.47 -7.36
CA MET C 14 -3.90 -3.10 -7.62
C MET C 14 -5.18 -3.04 -8.43
N ILE C 15 -5.25 -3.82 -9.50
CA ILE C 15 -6.44 -3.86 -10.33
C ILE C 15 -7.61 -4.31 -9.47
N ASN C 16 -7.31 -5.21 -8.53
CA ASN C 16 -8.32 -5.75 -7.64
C ASN C 16 -8.76 -4.76 -6.58
N ASN C 17 -7.81 -4.17 -5.85
CA ASN C 17 -8.14 -3.24 -4.77
C ASN C 17 -8.67 -1.87 -5.22
N SER C 18 -9.07 -1.75 -6.48
CA SER C 18 -9.60 -0.48 -6.99
C SER C 18 -10.67 -0.66 -8.07
N LEU C 19 -10.97 -1.90 -8.41
CA LEU C 19 -11.96 -2.15 -9.44
C LEU C 19 -12.68 -3.48 -9.31
N ILE C 20 -12.43 -4.22 -8.24
CA ILE C 20 -13.09 -5.50 -8.15
C ILE C 20 -13.58 -5.83 -6.76
N ASP C 21 -12.76 -5.55 -5.76
CA ASP C 21 -13.16 -5.85 -4.38
C ASP C 21 -13.35 -4.56 -3.64
N LEU C 22 -13.13 -3.45 -4.34
CA LEU C 22 -13.28 -2.12 -3.77
C LEU C 22 -14.68 -1.92 -3.21
N PRO C 23 -14.78 -1.56 -1.93
CA PRO C 23 -16.06 -1.33 -1.24
C PRO C 23 -16.73 -0.04 -1.69
N ALA C 24 -17.91 -0.16 -2.28
CA ALA C 24 -18.63 1.01 -2.73
C ALA C 24 -19.98 1.10 -2.05
N PRO C 25 -20.47 2.33 -1.80
CA PRO C 25 -21.78 2.51 -1.15
C PRO C 25 -22.86 1.82 -1.99
N SER C 26 -23.75 1.10 -1.34
CA SER C 26 -24.80 0.36 -2.05
C SER C 26 -25.79 1.25 -2.80
N ASN C 27 -25.81 2.54 -2.47
CA ASN C 27 -26.80 3.43 -3.07
C ASN C 27 -26.33 4.61 -3.90
N ILE C 28 -25.15 4.57 -4.48
CA ILE C 28 -24.76 5.71 -5.30
C ILE C 28 -25.58 5.66 -6.59
N SER C 29 -26.10 6.83 -6.98
CA SER C 29 -26.94 6.97 -8.17
C SER C 29 -26.14 7.08 -9.44
N ALA C 30 -26.85 7.35 -10.53
CA ALA C 30 -26.21 7.47 -11.82
C ALA C 30 -25.27 8.68 -11.90
N TRP C 31 -25.40 9.63 -10.97
CA TRP C 31 -24.52 10.80 -10.95
C TRP C 31 -23.13 10.38 -10.51
N TRP C 32 -22.95 9.11 -10.17
CA TRP C 32 -21.65 8.62 -9.74
C TRP C 32 -20.99 7.85 -10.88
N ASN C 33 -21.63 7.90 -12.04
CA ASN C 33 -21.16 7.22 -13.24
C ASN C 33 -20.21 8.06 -14.07
N PHE C 34 -20.13 9.34 -13.75
CA PHE C 34 -19.31 10.21 -14.56
C PHE C 34 -17.82 10.09 -14.41
N GLY C 35 -17.37 9.69 -13.21
CA GLY C 35 -15.95 9.49 -12.99
C GLY C 35 -15.40 8.48 -13.99
N SER C 36 -16.05 7.31 -14.11
CA SER C 36 -15.57 6.30 -15.05
C SER C 36 -15.66 6.81 -16.49
N LEU C 37 -16.76 7.47 -16.83
CA LEU C 37 -16.92 8.03 -18.18
C LEU C 37 -15.78 9.00 -18.46
N LEU C 38 -15.45 9.87 -17.50
CA LEU C 38 -14.37 10.82 -17.68
C LEU C 38 -13.10 10.08 -17.99
N ALA C 39 -12.88 8.99 -17.28
CA ALA C 39 -11.68 8.19 -17.49
C ALA C 39 -11.70 7.60 -18.89
N VAL C 40 -12.75 6.86 -19.21
CA VAL C 40 -12.84 6.25 -20.53
C VAL C 40 -12.70 7.27 -21.63
N CYS C 41 -13.32 8.42 -21.40
CA CYS C 41 -13.28 9.51 -22.35
C CYS C 41 -11.80 9.85 -22.58
N LEU C 42 -11.07 10.09 -21.49
CA LEU C 42 -9.64 10.42 -21.55
C LEU C 42 -8.81 9.42 -22.35
N MET C 43 -9.03 8.14 -22.12
CA MET C 43 -8.29 7.11 -22.83
C MET C 43 -8.64 7.23 -24.30
N THR C 44 -9.91 7.53 -24.57
CA THR C 44 -10.40 7.68 -25.93
C THR C 44 -9.81 8.89 -26.65
N GLN C 45 -9.76 10.04 -25.98
CA GLN C 45 -9.19 11.22 -26.59
C GLN C 45 -7.74 10.95 -26.97
N ILE C 46 -7.00 10.32 -26.08
CA ILE C 46 -5.60 10.01 -26.33
C ILE C 46 -5.44 9.09 -27.52
N LEU C 47 -6.24 8.05 -27.59
CA LEU C 47 -6.12 7.17 -28.72
C LEU C 47 -6.39 7.90 -30.04
N THR C 48 -7.54 8.56 -30.17
CA THR C 48 -7.85 9.27 -31.41
C THR C 48 -6.84 10.41 -31.67
N GLY C 49 -6.33 11.02 -30.62
CA GLY C 49 -5.36 12.08 -30.83
C GLY C 49 -4.08 11.53 -31.47
N LEU C 50 -3.59 10.40 -30.97
CA LEU C 50 -2.38 9.81 -31.53
C LEU C 50 -2.62 9.48 -33.00
N LEU C 51 -3.77 8.89 -33.29
CA LEU C 51 -4.07 8.55 -34.66
C LEU C 51 -4.03 9.79 -35.55
N LEU C 52 -4.51 10.92 -35.06
CA LEU C 52 -4.50 12.15 -35.86
C LEU C 52 -3.11 12.77 -35.94
N ALA C 53 -2.40 12.73 -34.82
CA ALA C 53 -1.05 13.28 -34.75
C ALA C 53 -0.12 12.62 -35.75
N MET C 54 -0.47 11.41 -36.16
CA MET C 54 0.36 10.69 -37.12
C MET C 54 0.20 11.11 -38.56
N HIS C 55 -0.64 12.12 -38.79
CA HIS C 55 -0.88 12.62 -40.13
C HIS C 55 -0.89 14.15 -40.12
N TYR C 56 -0.53 14.73 -38.98
CA TYR C 56 -0.55 16.18 -38.83
C TYR C 56 0.82 16.78 -39.10
N THR C 57 0.83 18.06 -39.42
CA THR C 57 2.09 18.75 -39.66
C THR C 57 2.02 20.12 -38.99
N ALA C 58 2.77 20.28 -37.90
CA ALA C 58 2.77 21.53 -37.17
C ALA C 58 3.53 22.67 -37.85
N ASP C 59 2.92 23.25 -38.87
CA ASP C 59 3.52 24.37 -39.61
C ASP C 59 2.38 25.21 -40.19
N THR C 60 2.51 26.52 -40.07
CA THR C 60 1.48 27.41 -40.56
C THR C 60 1.14 27.24 -42.03
N SER C 61 2.09 26.73 -42.81
CA SER C 61 1.78 26.56 -44.22
C SER C 61 1.16 25.19 -44.52
N LEU C 62 1.15 24.29 -43.54
CA LEU C 62 0.61 22.97 -43.80
C LEU C 62 -0.44 22.49 -42.80
N ALA C 63 -0.57 23.16 -41.66
CA ALA C 63 -1.54 22.72 -40.67
C ALA C 63 -2.95 22.55 -41.24
N PHE C 64 -3.53 23.64 -41.74
CA PHE C 64 -4.89 23.56 -42.26
C PHE C 64 -5.06 22.45 -43.27
N SER C 65 -4.13 22.34 -44.21
CA SER C 65 -4.25 21.32 -45.23
C SER C 65 -3.96 19.88 -44.76
N SER C 66 -3.03 19.72 -43.81
CA SER C 66 -2.70 18.39 -43.29
C SER C 66 -3.95 17.75 -42.64
N VAL C 67 -4.77 18.58 -41.99
CA VAL C 67 -6.00 18.11 -41.38
C VAL C 67 -7.00 17.81 -42.51
N ALA C 68 -7.01 18.65 -43.53
CA ALA C 68 -7.94 18.42 -44.63
C ALA C 68 -7.52 17.13 -45.32
N HIS C 69 -6.21 16.94 -45.45
CA HIS C 69 -5.69 15.73 -46.09
C HIS C 69 -6.10 14.51 -45.25
N THR C 70 -6.04 14.65 -43.92
CA THR C 70 -6.42 13.56 -43.05
C THR C 70 -7.87 13.15 -43.24
N CYS C 71 -8.75 14.13 -43.36
CA CYS C 71 -10.16 13.80 -43.52
C CYS C 71 -10.45 13.25 -44.89
N ARG C 72 -9.85 13.88 -45.90
CA ARG C 72 -10.06 13.49 -47.28
C ARG C 72 -9.30 12.26 -47.77
N ASN C 73 -8.09 12.04 -47.29
CA ASN C 73 -7.32 10.91 -47.79
C ASN C 73 -7.09 9.72 -46.87
N VAL C 74 -6.97 9.96 -45.57
CA VAL C 74 -6.71 8.90 -44.62
C VAL C 74 -7.88 7.96 -44.39
N GLN C 75 -7.64 6.66 -44.49
CA GLN C 75 -8.67 5.66 -44.27
C GLN C 75 -9.37 5.96 -42.94
N TYR C 76 -10.65 6.31 -42.99
CA TYR C 76 -11.43 6.65 -41.81
C TYR C 76 -10.90 7.87 -41.05
N GLY C 77 -10.08 8.65 -41.72
CA GLY C 77 -9.53 9.86 -41.12
C GLY C 77 -10.64 10.82 -40.74
N TRP C 78 -11.70 10.87 -41.55
CA TRP C 78 -12.77 11.77 -41.22
C TRP C 78 -13.43 11.35 -39.92
N LEU C 79 -13.65 10.05 -39.78
CA LEU C 79 -14.29 9.52 -38.57
C LEU C 79 -13.45 9.75 -37.33
N ILE C 80 -12.16 9.54 -37.45
CA ILE C 80 -11.28 9.72 -36.31
C ILE C 80 -11.27 11.20 -35.92
N ARG C 81 -11.24 12.06 -36.92
CA ARG C 81 -11.27 13.51 -36.67
C ARG C 81 -12.59 13.84 -35.95
N ASN C 82 -13.74 13.38 -36.46
CA ASN C 82 -15.03 13.66 -35.82
C ASN C 82 -15.04 13.23 -34.36
N LEU C 83 -14.70 11.98 -34.10
CA LEU C 83 -14.69 11.49 -32.74
C LEU C 83 -13.80 12.33 -31.81
N HIS C 84 -12.64 12.78 -32.29
CA HIS C 84 -11.75 13.57 -31.44
C HIS C 84 -12.36 14.91 -31.07
N ALA C 85 -12.81 15.68 -32.05
CA ALA C 85 -13.38 16.99 -31.77
C ALA C 85 -14.63 16.89 -30.91
N ASN C 86 -15.50 15.93 -31.24
CA ASN C 86 -16.73 15.75 -30.48
C ASN C 86 -16.48 15.08 -29.15
N GLY C 87 -15.40 14.30 -29.09
CA GLY C 87 -15.02 13.65 -27.85
C GLY C 87 -14.68 14.73 -26.82
N ALA C 88 -14.01 15.79 -27.26
CA ALA C 88 -13.65 16.88 -26.37
C ALA C 88 -14.92 17.45 -25.75
N SER C 89 -16.01 17.52 -26.53
CA SER C 89 -17.27 18.03 -26.00
C SER C 89 -17.82 17.10 -24.94
N PHE C 90 -17.93 15.82 -25.31
CA PHE C 90 -18.45 14.80 -24.42
C PHE C 90 -17.67 14.92 -23.13
N PHE C 91 -16.36 15.07 -23.28
CA PHE C 91 -15.47 15.17 -22.14
C PHE C 91 -15.99 16.26 -21.21
N PHE C 92 -16.24 17.45 -21.76
CA PHE C 92 -16.74 18.55 -20.94
C PHE C 92 -18.15 18.37 -20.38
N ILE C 93 -19.04 17.82 -21.17
CA ILE C 93 -20.39 17.56 -20.67
C ILE C 93 -20.24 16.66 -19.45
N CYS C 94 -19.42 15.63 -19.58
CA CYS C 94 -19.22 14.74 -18.46
C CYS C 94 -18.58 15.39 -17.28
N ILE C 95 -17.59 16.22 -17.53
CA ILE C 95 -16.90 16.85 -16.43
C ILE C 95 -17.79 17.83 -15.68
N PHE C 96 -18.67 18.53 -16.40
CA PHE C 96 -19.56 19.50 -15.74
C PHE C 96 -20.58 18.82 -14.86
N LEU C 97 -21.07 17.66 -15.29
CA LEU C 97 -22.02 16.93 -14.44
C LEU C 97 -21.22 16.35 -13.24
N HIS C 98 -20.01 15.87 -13.49
CA HIS C 98 -19.16 15.32 -12.43
C HIS C 98 -19.07 16.39 -11.34
N ILE C 99 -18.71 17.60 -11.73
CA ILE C 99 -18.60 18.69 -10.78
C ILE C 99 -19.93 18.99 -10.08
N GLY C 100 -20.99 19.15 -10.88
CA GLY C 100 -22.30 19.44 -10.34
C GLY C 100 -22.65 18.49 -9.22
N ARG C 101 -22.63 17.20 -9.56
CA ARG C 101 -22.89 16.14 -8.59
C ARG C 101 -22.13 16.46 -7.32
N GLY C 102 -20.83 16.71 -7.46
CA GLY C 102 -20.00 16.97 -6.31
C GLY C 102 -20.41 18.16 -5.46
N LEU C 103 -20.94 19.18 -6.11
CA LEU C 103 -21.37 20.38 -5.41
C LEU C 103 -22.66 20.09 -4.66
N TYR C 104 -23.59 19.43 -5.34
CA TYR C 104 -24.88 19.08 -4.75
C TYR C 104 -24.76 18.13 -3.56
N TYR C 105 -23.97 17.07 -3.71
CA TYR C 105 -23.81 16.07 -2.66
C TYR C 105 -22.64 16.26 -1.72
N GLY C 106 -22.12 17.48 -1.68
CA GLY C 106 -21.02 17.80 -0.80
C GLY C 106 -19.79 16.91 -0.84
N SER C 107 -19.44 16.42 -2.02
CA SER C 107 -18.29 15.57 -2.16
C SER C 107 -16.99 16.35 -1.91
N TYR C 108 -17.05 17.65 -2.13
CA TYR C 108 -15.90 18.52 -1.93
C TYR C 108 -15.36 18.47 -0.51
N LEU C 109 -16.05 17.80 0.39
CA LEU C 109 -15.56 17.72 1.75
C LEU C 109 -14.34 16.83 1.76
N TYR C 110 -14.20 16.04 0.69
CA TYR C 110 -13.04 15.18 0.49
C TYR C 110 -12.08 16.15 -0.20
N LYS C 111 -11.55 17.10 0.56
CA LYS C 111 -10.67 18.15 0.01
C LYS C 111 -9.56 17.80 -0.97
N GLU C 112 -8.75 16.79 -0.70
CA GLU C 112 -7.68 16.51 -1.66
C GLU C 112 -8.22 15.94 -2.95
N THR C 113 -9.24 15.08 -2.82
CA THR C 113 -9.83 14.52 -4.03
C THR C 113 -10.38 15.70 -4.80
N TRP C 114 -11.05 16.61 -4.11
CA TRP C 114 -11.63 17.81 -4.73
C TRP C 114 -10.61 18.76 -5.34
N ASN C 115 -9.56 19.10 -4.60
CA ASN C 115 -8.57 20.01 -5.15
C ASN C 115 -7.85 19.43 -6.36
N THR C 116 -7.65 18.12 -6.40
CA THR C 116 -6.99 17.54 -7.56
C THR C 116 -8.00 17.58 -8.71
N GLY C 117 -9.29 17.50 -8.36
CA GLY C 117 -10.32 17.59 -9.37
C GLY C 117 -10.24 18.91 -10.10
N VAL C 118 -10.06 19.99 -9.34
CA VAL C 118 -9.96 21.31 -9.93
C VAL C 118 -8.76 21.39 -10.87
N ILE C 119 -7.63 20.89 -10.43
CA ILE C 119 -6.44 20.90 -11.26
C ILE C 119 -6.72 20.13 -12.56
N LEU C 120 -7.44 19.01 -12.48
CA LEU C 120 -7.75 18.27 -13.69
C LEU C 120 -8.56 19.15 -14.64
N LEU C 121 -9.54 19.88 -14.10
CA LEU C 121 -10.37 20.77 -14.91
C LEU C 121 -9.51 21.79 -15.65
N LEU C 122 -8.66 22.51 -14.91
CA LEU C 122 -7.80 23.50 -15.52
C LEU C 122 -6.92 22.88 -16.61
N THR C 123 -6.28 21.76 -16.32
CA THR C 123 -5.42 21.11 -17.30
C THR C 123 -6.22 20.75 -18.54
N LEU C 124 -7.41 20.21 -18.33
CA LEU C 124 -8.27 19.88 -19.46
C LEU C 124 -8.59 21.13 -20.30
N MET C 125 -8.87 22.26 -19.63
CA MET C 125 -9.18 23.49 -20.35
C MET C 125 -8.00 24.01 -21.16
N ALA C 126 -6.82 23.94 -20.59
CA ALA C 126 -5.65 24.40 -21.33
C ALA C 126 -5.44 23.44 -22.52
N THR C 127 -5.64 22.15 -22.27
CA THR C 127 -5.45 21.16 -23.32
C THR C 127 -6.36 21.44 -24.53
N ALA C 128 -7.65 21.65 -24.28
CA ALA C 128 -8.58 21.92 -25.37
C ALA C 128 -8.23 23.24 -26.05
N PHE C 129 -7.76 24.19 -25.26
CA PHE C 129 -7.36 25.48 -25.79
C PHE C 129 -6.28 25.36 -26.86
N VAL C 130 -5.17 24.69 -26.53
CA VAL C 130 -4.08 24.51 -27.49
C VAL C 130 -4.50 23.59 -28.61
N GLY C 131 -5.28 22.56 -28.28
CA GLY C 131 -5.71 21.65 -29.31
C GLY C 131 -6.53 22.33 -30.38
N TYR C 132 -7.30 23.34 -29.97
CA TYR C 132 -8.18 24.07 -30.88
C TYR C 132 -7.40 24.87 -31.91
N VAL C 133 -6.18 25.24 -31.58
CA VAL C 133 -5.37 26.02 -32.50
C VAL C 133 -4.81 25.20 -33.65
N LEU C 134 -4.62 23.92 -33.41
CA LEU C 134 -3.99 23.07 -34.41
C LEU C 134 -4.51 23.10 -35.84
N PRO C 135 -5.83 23.04 -36.05
CA PRO C 135 -6.28 23.05 -37.45
C PRO C 135 -5.97 24.37 -38.17
N TRP C 136 -5.62 25.38 -37.39
CA TRP C 136 -5.22 26.66 -37.93
C TRP C 136 -6.23 27.34 -38.84
N GLY C 137 -7.49 27.36 -38.42
CA GLY C 137 -8.52 28.05 -39.17
C GLY C 137 -8.63 29.45 -38.57
N GLN C 138 -9.58 30.25 -39.05
CA GLN C 138 -9.76 31.61 -38.55
C GLN C 138 -10.04 31.72 -37.06
N MET C 139 -10.91 30.86 -36.55
CA MET C 139 -11.24 30.93 -35.13
C MET C 139 -10.08 30.40 -34.31
N SER C 140 -9.30 29.50 -34.89
CA SER C 140 -8.15 28.93 -34.22
C SER C 140 -7.14 30.02 -33.96
N PHE C 141 -6.93 30.84 -34.97
CA PHE C 141 -5.95 31.92 -34.89
C PHE C 141 -6.40 33.09 -34.04
N TRP C 142 -7.64 33.54 -34.24
CA TRP C 142 -8.13 34.67 -33.47
C TRP C 142 -8.45 34.32 -32.03
N GLY C 143 -8.87 33.08 -31.79
CA GLY C 143 -9.12 32.67 -30.43
C GLY C 143 -7.76 32.73 -29.73
N ALA C 144 -6.75 32.14 -30.36
CA ALA C 144 -5.41 32.15 -29.80
C ALA C 144 -4.93 33.58 -29.59
N THR C 145 -5.11 34.42 -30.60
CA THR C 145 -4.67 35.80 -30.50
C THR C 145 -5.36 36.59 -29.39
N VAL C 146 -6.67 36.61 -29.40
CA VAL C 146 -7.43 37.34 -28.40
C VAL C 146 -7.16 36.91 -26.95
N ILE C 147 -7.21 35.62 -26.70
CA ILE C 147 -7.00 35.11 -25.36
C ILE C 147 -5.59 35.26 -24.79
N THR C 148 -4.60 34.83 -25.55
CA THR C 148 -3.23 34.94 -25.07
C THR C 148 -2.84 36.41 -24.97
N ASN C 149 -3.58 37.29 -25.63
CA ASN C 149 -3.25 38.71 -25.56
C ASN C 149 -3.66 39.35 -24.23
N LEU C 150 -4.52 38.67 -23.48
CA LEU C 150 -4.98 39.19 -22.21
C LEU C 150 -3.86 39.28 -21.19
N PHE C 151 -2.88 38.39 -21.31
CA PHE C 151 -1.78 38.40 -20.35
C PHE C 151 -0.98 39.68 -20.35
N SER C 152 -1.02 40.42 -21.46
CA SER C 152 -0.25 41.65 -21.50
C SER C 152 -0.89 42.72 -20.62
N ALA C 153 -2.00 42.37 -19.99
CA ALA C 153 -2.72 43.28 -19.11
C ALA C 153 -2.21 43.10 -17.67
N ILE C 154 -1.37 42.09 -17.49
CA ILE C 154 -0.78 41.82 -16.20
C ILE C 154 0.27 42.92 -16.05
N PRO C 155 0.60 43.30 -14.82
CA PRO C 155 1.60 44.36 -14.62
C PRO C 155 3.07 44.00 -14.86
N TYR C 156 3.70 44.75 -15.77
CA TYR C 156 5.13 44.57 -16.09
C TYR C 156 5.46 43.19 -16.70
N ILE C 157 5.44 42.17 -15.86
CA ILE C 157 5.70 40.79 -16.26
C ILE C 157 4.75 40.39 -17.41
N GLY C 158 3.80 41.27 -17.71
CA GLY C 158 2.83 40.98 -18.74
C GLY C 158 3.34 40.99 -20.16
N HIS C 159 3.54 42.20 -20.69
CA HIS C 159 4.01 42.39 -22.06
C HIS C 159 5.15 41.46 -22.44
N THR C 160 5.76 40.87 -21.43
CA THR C 160 6.86 39.95 -21.63
C THR C 160 6.32 38.53 -21.78
N LEU C 161 5.75 37.99 -20.71
CA LEU C 161 5.18 36.64 -20.72
C LEU C 161 4.49 36.34 -22.04
N VAL C 162 3.80 37.32 -22.60
CA VAL C 162 3.10 37.15 -23.87
C VAL C 162 4.04 36.85 -25.03
N GLU C 163 4.99 37.74 -25.27
CA GLU C 163 5.91 37.57 -26.39
C GLU C 163 6.84 36.41 -26.15
N TRP C 164 6.84 35.93 -24.91
CA TRP C 164 7.66 34.79 -24.57
C TRP C 164 6.84 33.58 -24.98
N ALA C 165 5.58 33.55 -24.55
CA ALA C 165 4.67 32.47 -24.87
C ALA C 165 4.49 32.32 -26.38
N TRP C 166 4.36 33.44 -27.10
CA TRP C 166 4.19 33.39 -28.56
C TRP C 166 5.48 33.02 -29.29
N GLY C 167 6.61 33.34 -28.69
CA GLY C 167 7.88 33.05 -29.33
C GLY C 167 8.15 34.10 -30.40
N GLY C 168 7.43 35.21 -30.33
CA GLY C 168 7.60 36.27 -31.30
C GLY C 168 6.77 37.50 -30.99
N PHE C 169 6.32 38.19 -32.03
CA PHE C 169 5.55 39.40 -31.85
C PHE C 169 4.06 39.22 -32.04
N SER C 170 3.67 38.07 -32.58
CA SER C 170 2.28 37.78 -32.78
C SER C 170 2.15 36.28 -32.89
N VAL C 171 0.92 35.79 -32.81
CA VAL C 171 0.71 34.37 -32.91
C VAL C 171 1.20 33.95 -34.28
N ASP C 172 2.25 33.15 -34.32
CA ASP C 172 2.79 32.71 -35.61
C ASP C 172 3.31 31.29 -35.49
N ASN C 173 4.00 30.80 -36.51
CA ASN C 173 4.49 29.43 -36.54
C ASN C 173 5.14 28.95 -35.26
N PRO C 174 6.03 29.75 -34.67
CA PRO C 174 6.68 29.31 -33.43
C PRO C 174 5.67 29.00 -32.33
N THR C 175 4.55 29.70 -32.35
CA THR C 175 3.47 29.49 -31.38
C THR C 175 2.78 28.16 -31.71
N LEU C 176 2.57 27.93 -32.99
CA LEU C 176 1.90 26.72 -33.42
C LEU C 176 2.66 25.49 -33.02
N THR C 177 3.94 25.41 -33.37
CA THR C 177 4.72 24.23 -33.03
C THR C 177 4.82 23.97 -31.54
N ARG C 178 4.83 25.02 -30.72
CA ARG C 178 4.91 24.78 -29.29
C ARG C 178 3.56 24.38 -28.74
N PHE C 179 2.49 24.71 -29.46
CA PHE C 179 1.16 24.34 -29.02
C PHE C 179 0.93 22.86 -29.31
N PHE C 180 1.44 22.37 -30.44
CA PHE C 180 1.28 20.96 -30.77
C PHE C 180 1.95 20.17 -29.65
N ALA C 181 3.18 20.53 -29.32
CA ALA C 181 3.91 19.84 -28.25
C ALA C 181 3.12 19.85 -26.93
N LEU C 182 2.65 21.01 -26.49
CA LEU C 182 1.86 21.05 -25.26
C LEU C 182 0.59 20.18 -25.37
N HIS C 183 -0.11 20.26 -26.50
CA HIS C 183 -1.34 19.48 -26.65
C HIS C 183 -1.05 17.99 -26.58
N PHE C 184 0.09 17.59 -27.11
CA PHE C 184 0.49 16.19 -27.11
C PHE C 184 0.86 15.80 -25.66
N LEU C 185 1.39 16.75 -24.90
CA LEU C 185 1.84 16.50 -23.54
C LEU C 185 0.80 16.50 -22.43
N LEU C 186 0.10 17.62 -22.26
CA LEU C 186 -0.90 17.78 -21.20
C LEU C 186 -1.81 16.59 -20.93
N PRO C 187 -2.32 15.93 -21.98
CA PRO C 187 -3.20 14.78 -21.74
C PRO C 187 -2.53 13.73 -20.83
N PHE C 188 -1.23 13.50 -21.00
CA PHE C 188 -0.57 12.53 -20.15
C PHE C 188 -0.52 13.03 -18.70
N ALA C 189 -0.34 14.33 -18.52
CA ALA C 189 -0.33 14.86 -17.17
C ALA C 189 -1.72 14.63 -16.58
N ILE C 190 -2.76 14.79 -17.40
CA ILE C 190 -4.13 14.58 -16.94
C ILE C 190 -4.26 13.15 -16.43
N ALA C 191 -3.77 12.19 -17.23
CA ALA C 191 -3.81 10.80 -16.84
C ALA C 191 -3.04 10.66 -15.54
N GLY C 192 -1.85 11.24 -15.51
CA GLY C 192 -1.06 11.18 -14.28
C GLY C 192 -1.88 11.59 -13.08
N ILE C 193 -2.23 12.88 -13.02
CA ILE C 193 -3.02 13.43 -11.92
C ILE C 193 -4.31 12.66 -11.65
N THR C 194 -4.93 12.11 -12.69
CA THR C 194 -6.13 11.32 -12.47
C THR C 194 -5.80 10.19 -11.50
N ILE C 195 -4.61 9.61 -11.63
CA ILE C 195 -4.21 8.53 -10.73
C ILE C 195 -4.18 9.08 -9.31
N ILE C 196 -3.59 10.25 -9.11
CA ILE C 196 -3.53 10.89 -7.78
C ILE C 196 -4.97 11.13 -7.24
N HIS C 197 -5.86 11.61 -8.13
CA HIS C 197 -7.26 11.89 -7.82
C HIS C 197 -7.86 10.63 -7.18
N LEU C 198 -7.82 9.52 -7.91
CA LEU C 198 -8.35 8.26 -7.41
C LEU C 198 -7.64 7.72 -6.17
N THR C 199 -6.40 8.09 -5.97
CA THR C 199 -5.69 7.63 -4.78
C THR C 199 -6.26 8.30 -3.54
N PHE C 200 -6.35 9.63 -3.56
CA PHE C 200 -6.91 10.35 -2.44
C PHE C 200 -8.33 9.83 -2.19
N LEU C 201 -9.12 9.74 -3.25
CA LEU C 201 -10.49 9.28 -3.11
C LEU C 201 -10.54 7.98 -2.33
N HIS C 202 -9.80 6.97 -2.79
CA HIS C 202 -9.80 5.68 -2.12
C HIS C 202 -9.48 5.71 -0.61
N GLU C 203 -8.88 6.79 -0.13
CA GLU C 203 -8.60 6.87 1.29
C GLU C 203 -9.94 6.75 2.02
N SER C 204 -10.85 7.65 1.68
CA SER C 204 -12.20 7.73 2.27
C SER C 204 -13.25 6.81 1.70
N GLY C 205 -13.22 6.63 0.39
CA GLY C 205 -14.20 5.81 -0.27
C GLY C 205 -15.22 6.79 -0.79
N SER C 206 -16.16 6.33 -1.63
CA SER C 206 -17.18 7.21 -2.18
C SER C 206 -18.19 7.72 -1.16
N ASN C 207 -18.71 8.89 -1.48
CA ASN C 207 -19.73 9.57 -0.70
C ASN C 207 -21.00 8.93 -1.31
N ASN C 208 -22.18 9.31 -0.82
CA ASN C 208 -23.42 8.75 -1.39
C ASN C 208 -24.55 9.76 -1.25
N PRO C 209 -25.58 9.68 -2.10
CA PRO C 209 -26.71 10.61 -2.05
C PRO C 209 -27.33 11.07 -0.71
N LEU C 210 -27.33 10.25 0.34
CA LEU C 210 -27.91 10.69 1.60
C LEU C 210 -26.87 11.38 2.49
N GLY C 211 -25.61 11.21 2.15
CA GLY C 211 -24.55 11.84 2.91
C GLY C 211 -24.30 11.26 4.30
N ILE C 212 -24.70 10.02 4.51
CA ILE C 212 -24.49 9.38 5.80
C ILE C 212 -23.62 8.13 5.60
N SER C 213 -22.90 7.74 6.64
CA SER C 213 -22.01 6.60 6.56
C SER C 213 -22.62 5.40 5.87
N SER C 214 -21.97 4.92 4.83
CA SER C 214 -22.44 3.75 4.08
C SER C 214 -21.73 2.47 4.53
N ASP C 215 -21.00 2.56 5.64
CA ASP C 215 -20.25 1.45 6.20
C ASP C 215 -21.13 0.25 6.53
N SER C 216 -22.36 0.51 6.92
CA SER C 216 -23.29 -0.56 7.26
C SER C 216 -23.77 -1.28 6.01
N ASP C 217 -23.52 -0.71 4.82
CA ASP C 217 -24.00 -1.33 3.59
C ASP C 217 -23.10 -1.14 2.35
N LYS C 218 -21.90 -1.71 2.39
CA LYS C 218 -20.98 -1.57 1.26
C LYS C 218 -21.11 -2.78 0.35
N ILE C 219 -20.82 -2.59 -0.94
CA ILE C 219 -20.90 -3.68 -1.90
C ILE C 219 -19.68 -3.70 -2.83
N PRO C 220 -19.29 -4.89 -3.29
CA PRO C 220 -18.14 -4.98 -4.17
C PRO C 220 -18.35 -4.23 -5.50
N PHE C 221 -17.40 -3.35 -5.85
CA PHE C 221 -17.48 -2.59 -7.10
C PHE C 221 -17.90 -3.47 -8.28
N HIS C 222 -17.45 -4.71 -8.29
CA HIS C 222 -17.83 -5.66 -9.34
C HIS C 222 -18.70 -6.76 -8.73
N PRO C 223 -19.80 -7.15 -9.41
CA PRO C 223 -20.34 -6.69 -10.69
C PRO C 223 -21.28 -5.50 -10.61
N TYR C 224 -21.61 -5.08 -9.40
CA TYR C 224 -22.55 -3.97 -9.27
C TYR C 224 -22.24 -2.75 -10.10
N TYR C 225 -21.11 -2.11 -9.81
CA TYR C 225 -20.78 -0.89 -10.52
C TYR C 225 -20.04 -1.06 -11.83
N SER C 226 -19.52 -2.24 -12.08
CA SER C 226 -18.86 -2.41 -13.36
C SER C 226 -20.01 -2.48 -14.36
N PHE C 227 -21.06 -3.21 -14.03
CA PHE C 227 -22.18 -3.29 -14.95
C PHE C 227 -22.91 -1.96 -15.04
N LYS C 228 -23.10 -1.29 -13.90
CA LYS C 228 -23.79 0.01 -13.88
C LYS C 228 -23.02 1.04 -14.70
N ASP C 229 -21.70 1.08 -14.55
CA ASP C 229 -20.87 2.02 -15.30
C ASP C 229 -20.86 1.71 -16.80
N ILE C 230 -20.80 0.43 -17.16
CA ILE C 230 -20.79 0.07 -18.57
C ILE C 230 -22.09 0.49 -19.22
N LEU C 231 -23.18 0.34 -18.48
CA LEU C 231 -24.50 0.73 -18.99
C LEU C 231 -24.54 2.26 -19.15
N GLY C 232 -24.03 2.95 -18.14
CA GLY C 232 -23.99 4.39 -18.18
C GLY C 232 -23.21 4.87 -19.38
N LEU C 233 -22.20 4.11 -19.76
CA LEU C 233 -21.37 4.45 -20.92
C LEU C 233 -22.22 4.43 -22.19
N THR C 234 -22.80 3.27 -22.51
CA THR C 234 -23.64 3.09 -23.70
C THR C 234 -24.77 4.10 -23.74
N LEU C 235 -25.34 4.41 -22.58
CA LEU C 235 -26.41 5.40 -22.57
C LEU C 235 -25.90 6.73 -23.10
N MET C 236 -24.80 7.24 -22.56
CA MET C 236 -24.26 8.52 -23.04
C MET C 236 -23.76 8.42 -24.48
N LEU C 237 -22.96 7.39 -24.74
CA LEU C 237 -22.39 7.18 -26.05
C LEU C 237 -23.39 7.25 -27.22
N THR C 238 -24.63 6.82 -27.02
CA THR C 238 -25.61 6.88 -28.12
C THR C 238 -25.85 8.31 -28.63
N PRO C 239 -26.11 9.27 -27.73
CA PRO C 239 -26.32 10.64 -28.23
C PRO C 239 -25.01 11.21 -28.80
N PHE C 240 -23.90 10.99 -28.10
CA PHE C 240 -22.58 11.45 -28.57
C PHE C 240 -22.43 11.02 -30.04
N LEU C 241 -22.55 9.73 -30.30
CA LEU C 241 -22.39 9.22 -31.65
C LEU C 241 -23.46 9.73 -32.61
N THR C 242 -24.71 9.76 -32.13
CA THR C 242 -25.83 10.24 -32.94
C THR C 242 -25.55 11.65 -33.44
N LEU C 243 -25.25 12.56 -32.52
CA LEU C 243 -24.93 13.92 -32.89
C LEU C 243 -23.68 13.94 -33.77
N ALA C 244 -22.68 13.12 -33.44
CA ALA C 244 -21.45 13.08 -34.21
C ALA C 244 -21.65 12.64 -35.64
N LEU C 245 -22.27 11.48 -35.84
CA LEU C 245 -22.49 10.95 -37.17
C LEU C 245 -23.62 11.59 -37.98
N PHE C 246 -24.63 12.16 -37.32
CA PHE C 246 -25.71 12.73 -38.10
C PHE C 246 -25.70 14.26 -38.22
N SER C 247 -24.98 14.96 -37.32
CA SER C 247 -24.89 16.42 -37.36
C SER C 247 -23.48 16.85 -36.95
N PRO C 248 -22.47 16.36 -37.67
CA PRO C 248 -21.04 16.60 -37.46
C PRO C 248 -20.66 18.03 -37.11
N ASN C 249 -21.20 18.97 -37.87
CA ASN C 249 -20.87 20.39 -37.70
C ASN C 249 -21.87 21.14 -36.83
N LEU C 250 -22.61 20.44 -36.00
CA LEU C 250 -23.58 21.13 -35.18
C LEU C 250 -22.91 22.10 -34.21
N LEU C 251 -21.91 21.59 -33.50
CA LEU C 251 -21.20 22.40 -32.50
C LEU C 251 -20.11 23.34 -33.03
N GLY C 252 -19.53 23.00 -34.17
CA GLY C 252 -18.46 23.82 -34.71
C GLY C 252 -18.76 25.14 -35.39
N ASP C 253 -17.78 26.04 -35.33
CA ASP C 253 -17.92 27.35 -35.94
C ASP C 253 -17.45 27.24 -37.38
N PRO C 254 -18.29 27.71 -38.33
CA PRO C 254 -17.96 27.66 -39.75
C PRO C 254 -16.80 28.54 -40.13
N GLU C 255 -16.47 29.47 -39.26
CA GLU C 255 -15.37 30.39 -39.52
C GLU C 255 -14.06 29.60 -39.49
N ASN C 256 -14.13 28.35 -39.03
CA ASN C 256 -12.92 27.56 -38.94
C ASN C 256 -12.66 26.70 -40.16
N PHE C 257 -13.52 26.83 -41.15
CA PHE C 257 -13.32 26.11 -42.40
C PHE C 257 -12.61 27.06 -43.37
N THR C 258 -12.10 28.16 -42.83
CA THR C 258 -11.42 29.16 -43.60
C THR C 258 -10.05 29.35 -42.97
N PRO C 259 -8.99 29.10 -43.74
CA PRO C 259 -7.61 29.25 -43.27
C PRO C 259 -7.34 30.57 -42.54
N ALA C 260 -6.70 30.47 -41.39
CA ALA C 260 -6.35 31.65 -40.60
C ALA C 260 -5.83 32.76 -41.49
N ASN C 261 -6.20 33.99 -41.18
CA ASN C 261 -5.78 35.18 -41.93
C ASN C 261 -5.56 36.30 -40.91
N PRO C 262 -4.32 36.77 -40.76
CA PRO C 262 -4.04 37.83 -39.79
C PRO C 262 -4.59 39.19 -40.19
N LEU C 263 -4.98 39.33 -41.45
CA LEU C 263 -5.49 40.59 -41.93
C LEU C 263 -7.01 40.64 -42.05
N VAL C 264 -7.69 39.75 -41.36
CA VAL C 264 -9.13 39.75 -41.42
C VAL C 264 -9.66 39.22 -40.11
N THR C 265 -10.12 40.14 -39.26
CA THR C 265 -10.68 39.79 -37.98
C THR C 265 -12.12 39.32 -38.15
N PRO C 266 -12.45 38.14 -37.59
CA PRO C 266 -13.83 37.70 -37.76
C PRO C 266 -14.77 38.59 -36.99
N PRO C 267 -15.99 38.76 -37.51
CA PRO C 267 -17.05 39.58 -36.93
C PRO C 267 -17.36 39.18 -35.49
N HIS C 268 -17.53 37.89 -35.27
CA HIS C 268 -17.83 37.41 -33.94
C HIS C 268 -16.92 36.29 -33.45
N ILE C 269 -15.93 36.68 -32.66
CA ILE C 269 -14.96 35.76 -32.10
C ILE C 269 -15.54 35.13 -30.84
N LYS C 270 -15.88 33.85 -30.90
CA LYS C 270 -16.42 33.19 -29.71
C LYS C 270 -15.91 31.76 -29.63
N PRO C 271 -15.65 31.26 -28.41
CA PRO C 271 -15.15 29.91 -28.15
C PRO C 271 -16.18 28.81 -28.38
N GLU C 272 -15.78 27.58 -28.08
CA GLU C 272 -16.67 26.42 -28.19
C GLU C 272 -17.62 26.51 -27.00
N TRP C 273 -18.77 25.87 -27.10
CA TRP C 273 -19.76 25.95 -26.04
C TRP C 273 -19.24 25.85 -24.62
N TYR C 274 -18.34 24.91 -24.36
CA TYR C 274 -17.83 24.73 -23.00
C TYR C 274 -17.04 25.88 -22.39
N PHE C 275 -16.68 26.87 -23.18
CA PHE C 275 -15.95 28.03 -22.65
C PHE C 275 -16.83 29.29 -22.63
N LEU C 276 -17.99 29.25 -23.28
CA LEU C 276 -18.90 30.39 -23.34
C LEU C 276 -19.18 31.07 -22.00
N PHE C 277 -19.64 30.31 -21.02
CA PHE C 277 -19.92 30.91 -19.71
C PHE C 277 -18.77 31.75 -19.18
N ALA C 278 -17.55 31.28 -19.39
CA ALA C 278 -16.36 32.00 -18.92
C ALA C 278 -16.07 33.23 -19.77
N TYR C 279 -16.39 33.13 -21.05
CA TYR C 279 -16.22 34.22 -21.99
C TYR C 279 -17.13 35.36 -21.57
N ALA C 280 -18.35 35.00 -21.21
CA ALA C 280 -19.35 35.96 -20.78
C ALA C 280 -18.86 36.69 -19.54
N ILE C 281 -18.33 35.96 -18.58
CA ILE C 281 -17.83 36.60 -17.38
C ILE C 281 -16.62 37.45 -17.71
N LEU C 282 -15.87 37.05 -18.72
CA LEU C 282 -14.67 37.80 -19.10
C LEU C 282 -15.06 39.18 -19.61
N ARG C 283 -16.01 39.18 -20.53
CA ARG C 283 -16.50 40.40 -21.15
C ARG C 283 -17.40 41.26 -20.25
N SER C 284 -17.86 40.68 -19.14
CA SER C 284 -18.73 41.41 -18.22
C SER C 284 -18.05 42.60 -17.57
N ILE C 285 -16.76 42.47 -17.31
CA ILE C 285 -16.01 43.54 -16.69
C ILE C 285 -15.14 44.25 -17.72
N PRO C 286 -15.58 45.42 -18.20
CA PRO C 286 -14.81 46.18 -19.19
C PRO C 286 -13.62 46.85 -18.49
N ASN C 287 -12.43 46.37 -18.83
CA ASN C 287 -11.15 46.82 -18.26
C ASN C 287 -10.31 45.58 -18.40
N LYS C 288 -9.45 45.55 -19.40
CA LYS C 288 -8.64 44.37 -19.66
C LYS C 288 -8.19 43.57 -18.43
N LEU C 289 -7.59 44.21 -17.43
CA LEU C 289 -7.13 43.45 -16.26
C LEU C 289 -8.24 42.89 -15.38
N GLY C 290 -9.22 43.72 -15.04
CA GLY C 290 -10.33 43.27 -14.21
C GLY C 290 -11.15 42.15 -14.85
N GLY C 291 -11.15 42.11 -16.17
CA GLY C 291 -11.90 41.06 -16.84
C GLY C 291 -11.11 39.78 -16.75
N VAL C 292 -9.79 39.91 -16.81
CA VAL C 292 -8.93 38.74 -16.71
C VAL C 292 -9.11 38.14 -15.33
N LEU C 293 -8.97 38.97 -14.30
CA LEU C 293 -9.15 38.51 -12.94
C LEU C 293 -10.51 37.84 -12.74
N ALA C 294 -11.56 38.42 -13.30
CA ALA C 294 -12.91 37.86 -13.16
C ALA C 294 -13.02 36.49 -13.82
N LEU C 295 -12.28 36.32 -14.91
CA LEU C 295 -12.29 35.04 -15.61
C LEU C 295 -11.55 34.04 -14.74
N ALA C 296 -10.37 34.43 -14.28
CA ALA C 296 -9.54 33.58 -13.43
C ALA C 296 -10.35 33.05 -12.27
N ALA C 297 -10.96 33.96 -11.53
CA ALA C 297 -11.76 33.59 -10.37
C ALA C 297 -12.98 32.74 -10.70
N SER C 298 -13.54 32.91 -11.89
CA SER C 298 -14.73 32.13 -12.25
C SER C 298 -14.44 30.65 -12.14
N VAL C 299 -13.18 30.27 -12.28
CA VAL C 299 -12.81 28.86 -12.17
C VAL C 299 -12.09 28.58 -10.86
N LEU C 300 -11.15 29.44 -10.49
CA LEU C 300 -10.42 29.27 -9.23
C LEU C 300 -11.33 29.32 -8.00
N ILE C 301 -12.57 29.80 -8.18
CA ILE C 301 -13.53 29.91 -7.08
C ILE C 301 -13.80 28.51 -6.53
N LEU C 302 -13.70 27.49 -7.40
CA LEU C 302 -13.90 26.10 -7.03
C LEU C 302 -13.00 25.67 -5.86
N PHE C 303 -11.81 26.24 -5.76
CA PHE C 303 -10.94 25.89 -4.64
C PHE C 303 -11.52 26.37 -3.30
N LEU C 304 -12.53 27.24 -3.33
CA LEU C 304 -13.12 27.78 -2.11
C LEU C 304 -14.35 27.09 -1.57
N ILE C 305 -15.09 26.42 -2.44
CA ILE C 305 -16.31 25.75 -2.02
C ILE C 305 -16.17 24.97 -0.71
N PRO C 306 -15.10 24.14 -0.56
CA PRO C 306 -14.90 23.37 0.67
C PRO C 306 -14.97 24.20 1.94
N PHE C 307 -14.62 25.47 1.83
CA PHE C 307 -14.60 26.37 2.97
C PHE C 307 -15.85 27.18 3.21
N LEU C 308 -16.81 27.09 2.30
CA LEU C 308 -18.05 27.85 2.46
C LEU C 308 -19.18 26.89 2.73
N HIS C 309 -18.89 25.79 3.41
CA HIS C 309 -19.91 24.79 3.74
C HIS C 309 -20.29 25.09 5.16
N LYS C 310 -21.55 25.41 5.42
CA LYS C 310 -21.95 25.74 6.78
C LYS C 310 -22.96 24.76 7.28
N SER C 311 -23.58 24.03 6.38
CA SER C 311 -24.61 23.06 6.77
C SER C 311 -24.09 21.97 7.68
N LYS C 312 -24.99 21.43 8.48
CA LYS C 312 -24.60 20.36 9.40
C LYS C 312 -24.81 19.02 8.72
N GLN C 313 -25.42 19.08 7.55
CA GLN C 313 -25.68 17.91 6.74
C GLN C 313 -24.74 17.99 5.54
N ARG C 314 -24.30 16.84 5.03
CA ARG C 314 -23.37 16.85 3.90
C ARG C 314 -23.95 17.18 2.53
N THR C 315 -25.06 16.56 2.19
CA THR C 315 -25.68 16.80 0.89
C THR C 315 -26.83 17.81 0.95
N MET C 316 -27.47 18.01 -0.19
CA MET C 316 -28.58 18.94 -0.28
C MET C 316 -29.86 18.14 -0.38
N THR C 317 -29.74 16.82 -0.31
CA THR C 317 -30.89 15.94 -0.41
C THR C 317 -32.00 16.33 0.53
N PHE C 318 -31.64 16.73 1.74
CA PHE C 318 -32.63 17.12 2.74
C PHE C 318 -32.68 18.62 3.03
N ARG C 319 -32.17 19.43 2.10
CA ARG C 319 -32.15 20.88 2.27
C ARG C 319 -32.86 21.60 1.13
N PRO C 320 -34.19 21.64 1.16
CA PRO C 320 -34.97 22.29 0.10
C PRO C 320 -34.54 23.71 -0.29
N LEU C 321 -34.12 24.53 0.68
CA LEU C 321 -33.69 25.87 0.33
C LEU C 321 -32.43 25.83 -0.55
N SER C 322 -31.44 25.06 -0.13
CA SER C 322 -30.19 24.94 -0.89
C SER C 322 -30.46 24.34 -2.27
N GLN C 323 -31.38 23.41 -2.35
CA GLN C 323 -31.70 22.81 -3.64
C GLN C 323 -32.11 23.85 -4.69
N THR C 324 -33.08 24.70 -4.38
CA THR C 324 -33.50 25.69 -5.36
C THR C 324 -32.35 26.65 -5.67
N LEU C 325 -31.66 27.08 -4.62
CA LEU C 325 -30.52 27.97 -4.83
C LEU C 325 -29.55 27.30 -5.81
N PHE C 326 -29.37 26.00 -5.65
CA PHE C 326 -28.50 25.21 -6.51
C PHE C 326 -28.98 25.23 -7.95
N TRP C 327 -30.27 25.02 -8.16
CA TRP C 327 -30.82 25.02 -9.51
C TRP C 327 -30.87 26.42 -10.10
N LEU C 328 -30.84 27.42 -9.24
CA LEU C 328 -30.83 28.79 -9.69
C LEU C 328 -29.45 28.95 -10.30
N LEU C 329 -28.45 28.49 -9.57
CA LEU C 329 -27.06 28.55 -10.02
C LEU C 329 -26.88 27.85 -11.36
N VAL C 330 -27.45 26.65 -11.50
CA VAL C 330 -27.33 25.93 -12.76
C VAL C 330 -27.90 26.79 -13.88
N ALA C 331 -29.14 27.22 -13.69
CA ALA C 331 -29.80 28.06 -14.68
C ALA C 331 -28.99 29.35 -14.89
N ASN C 332 -28.32 29.81 -13.83
CA ASN C 332 -27.52 31.02 -13.95
C ASN C 332 -26.45 30.76 -15.00
N LEU C 333 -25.94 29.52 -15.01
CA LEU C 333 -24.90 29.14 -15.97
C LEU C 333 -25.39 29.01 -17.42
N LEU C 334 -26.61 28.56 -17.64
CA LEU C 334 -27.10 28.49 -19.02
C LEU C 334 -27.16 29.93 -19.52
N ILE C 335 -27.61 30.84 -18.67
CA ILE C 335 -27.69 32.22 -19.08
C ILE C 335 -26.32 32.75 -19.48
N LEU C 336 -25.29 32.53 -18.66
CA LEU C 336 -23.97 33.03 -19.00
C LEU C 336 -23.50 32.39 -20.31
N THR C 337 -23.84 31.13 -20.46
CA THR C 337 -23.47 30.42 -21.67
C THR C 337 -24.08 31.17 -22.86
N TRP C 338 -25.40 31.34 -22.83
CA TRP C 338 -26.13 32.05 -23.88
C TRP C 338 -25.50 33.43 -24.12
N ILE C 339 -25.31 34.19 -23.05
CA ILE C 339 -24.73 35.51 -23.21
C ILE C 339 -23.39 35.44 -23.91
N GLY C 340 -22.60 34.43 -23.58
CA GLY C 340 -21.29 34.28 -24.19
C GLY C 340 -21.32 34.13 -25.70
N SER C 341 -22.43 33.66 -26.24
CA SER C 341 -22.56 33.49 -27.67
C SER C 341 -23.20 34.68 -28.37
N GLN C 342 -23.61 35.68 -27.59
CA GLN C 342 -24.24 36.88 -28.15
C GLN C 342 -23.26 38.02 -28.24
N PRO C 343 -23.44 38.89 -29.23
CA PRO C 343 -22.56 40.05 -29.41
C PRO C 343 -22.64 40.99 -28.24
N VAL C 344 -21.64 41.86 -28.13
CA VAL C 344 -21.58 42.83 -27.04
C VAL C 344 -22.44 44.05 -27.32
N GLU C 345 -23.73 43.91 -27.05
CA GLU C 345 -24.71 44.97 -27.28
C GLU C 345 -25.87 44.83 -26.33
N HIS C 346 -26.57 45.93 -26.08
CA HIS C 346 -27.73 45.90 -25.20
C HIS C 346 -28.68 44.91 -25.91
N PRO C 347 -29.46 44.14 -25.13
CA PRO C 347 -29.58 44.05 -23.68
C PRO C 347 -28.57 43.09 -23.08
N PHE C 348 -27.93 42.32 -23.96
CA PHE C 348 -26.93 41.33 -23.60
C PHE C 348 -25.87 41.81 -22.61
N ILE C 349 -25.31 43.00 -22.84
CA ILE C 349 -24.27 43.51 -21.96
C ILE C 349 -24.72 43.59 -20.50
N ILE C 350 -25.93 44.08 -20.27
CA ILE C 350 -26.40 44.23 -18.90
C ILE C 350 -26.84 42.88 -18.31
N ILE C 351 -27.51 42.07 -19.13
CA ILE C 351 -27.94 40.76 -18.68
C ILE C 351 -26.70 40.02 -18.27
N GLY C 352 -25.63 40.23 -19.04
CA GLY C 352 -24.37 39.57 -18.78
C GLY C 352 -23.75 39.96 -17.46
N GLN C 353 -23.66 41.26 -17.20
CA GLN C 353 -23.09 41.73 -15.95
C GLN C 353 -23.91 41.24 -14.76
N MET C 354 -25.21 41.14 -14.94
CA MET C 354 -26.03 40.65 -13.85
C MET C 354 -25.68 39.20 -13.57
N ALA C 355 -25.82 38.35 -14.59
CA ALA C 355 -25.54 36.92 -14.45
C ALA C 355 -24.19 36.65 -13.79
N SER C 356 -23.18 37.44 -14.14
CA SER C 356 -21.87 37.27 -13.54
C SER C 356 -22.00 37.60 -12.08
N LEU C 357 -22.51 38.79 -11.81
CA LEU C 357 -22.69 39.25 -10.44
C LEU C 357 -23.43 38.23 -9.60
N SER C 358 -24.50 37.67 -10.16
CA SER C 358 -25.28 36.69 -9.41
C SER C 358 -24.49 35.40 -9.18
N TYR C 359 -23.67 35.03 -10.15
CA TYR C 359 -22.87 33.82 -10.09
C TYR C 359 -21.96 33.81 -8.84
N PHE C 360 -21.15 34.86 -8.67
CA PHE C 360 -20.26 34.91 -7.51
C PHE C 360 -21.02 35.13 -6.21
N THR C 361 -22.16 35.82 -6.30
CA THR C 361 -22.98 36.10 -5.13
C THR C 361 -23.53 34.83 -4.54
N ILE C 362 -24.08 34.00 -5.42
CA ILE C 362 -24.65 32.73 -5.03
C ILE C 362 -23.63 31.83 -4.34
N LEU C 363 -22.41 31.80 -4.87
CA LEU C 363 -21.39 30.94 -4.28
C LEU C 363 -20.72 31.50 -3.04
N LEU C 364 -20.48 32.79 -3.01
CA LEU C 364 -19.79 33.39 -1.88
C LEU C 364 -20.70 33.90 -0.76
N ILE C 365 -21.92 34.29 -1.09
CA ILE C 365 -22.81 34.82 -0.08
C ILE C 365 -24.00 33.95 0.24
N LEU C 366 -24.89 33.79 -0.72
CA LEU C 366 -26.09 33.03 -0.46
C LEU C 366 -25.88 31.62 0.06
N PHE C 367 -25.11 30.79 -0.64
CA PHE C 367 -24.91 29.43 -0.17
C PHE C 367 -24.49 29.32 1.29
N PRO C 368 -23.38 29.96 1.66
CA PRO C 368 -23.01 29.84 3.07
C PRO C 368 -24.10 30.37 4.01
N THR C 369 -24.79 31.41 3.58
CA THR C 369 -25.84 32.00 4.41
C THR C 369 -27.03 31.07 4.60
N ILE C 370 -27.60 30.60 3.50
CA ILE C 370 -28.75 29.71 3.56
C ILE C 370 -28.46 28.45 4.38
N GLY C 371 -27.20 28.01 4.37
CA GLY C 371 -26.82 26.83 5.13
C GLY C 371 -26.97 27.08 6.61
N THR C 372 -26.48 28.24 7.04
CA THR C 372 -26.56 28.66 8.43
C THR C 372 -28.05 28.76 8.81
N LEU C 373 -28.81 29.45 7.97
CA LEU C 373 -30.25 29.63 8.17
C LEU C 373 -30.94 28.28 8.32
N GLU C 374 -30.57 27.34 7.47
CA GLU C 374 -31.16 26.02 7.53
C GLU C 374 -30.82 25.27 8.83
N ASN C 375 -29.63 25.49 9.39
CA ASN C 375 -29.30 24.79 10.61
C ASN C 375 -30.22 25.24 11.73
N LYS C 376 -30.59 26.52 11.71
CA LYS C 376 -31.48 27.05 12.74
C LYS C 376 -32.90 26.55 12.57
N MET C 377 -33.30 26.27 11.35
CA MET C 377 -34.63 25.76 11.10
C MET C 377 -34.77 24.29 11.51
N LEU C 378 -33.64 23.66 11.84
CA LEU C 378 -33.67 22.28 12.31
C LEU C 378 -33.47 22.32 13.81
N ASN C 379 -33.27 23.52 14.32
CA ASN C 379 -33.05 23.76 15.73
C ASN C 379 -31.69 23.15 16.08
N TYR C 380 -30.66 23.72 15.47
CA TYR C 380 -29.25 23.33 15.62
C TYR C 380 -28.39 24.59 15.70
N GLY D 1 -27.82 49.75 -40.08
CA GLY D 1 -27.02 48.99 -41.09
C GLY D 1 -26.65 47.59 -40.61
N GLU D 2 -27.35 47.11 -39.59
CA GLU D 2 -27.12 45.78 -39.02
C GLU D 2 -28.23 44.81 -39.41
N LEU D 3 -28.76 44.97 -40.62
CA LEU D 3 -29.84 44.13 -41.08
C LEU D 3 -29.35 43.03 -42.01
N GLU D 4 -29.84 41.81 -41.79
CA GLU D 4 -29.44 40.69 -42.63
C GLU D 4 -30.65 39.80 -42.95
N LEU D 5 -30.68 39.27 -44.17
CA LEU D 5 -31.80 38.40 -44.56
C LEU D 5 -31.34 36.94 -44.54
N HIS D 6 -32.08 36.10 -43.83
CA HIS D 6 -31.74 34.69 -43.72
C HIS D 6 -32.43 33.81 -44.75
N PRO D 7 -31.66 32.89 -45.38
CA PRO D 7 -32.21 32.00 -46.40
C PRO D 7 -33.19 30.99 -45.84
N PRO D 8 -34.15 30.58 -46.65
CA PRO D 8 -35.15 29.61 -46.22
C PRO D 8 -34.49 28.23 -46.16
N ALA D 9 -35.31 27.21 -45.89
CA ALA D 9 -34.82 25.86 -45.79
C ALA D 9 -35.33 24.99 -46.92
N PHE D 10 -34.54 24.84 -47.97
CA PHE D 10 -34.98 24.00 -49.08
C PHE D 10 -34.89 22.53 -48.70
N PRO D 11 -35.78 21.70 -49.23
CA PRO D 11 -35.80 20.27 -48.94
C PRO D 11 -34.85 19.46 -49.79
N TRP D 12 -33.56 19.58 -49.57
CA TRP D 12 -32.60 18.82 -50.36
C TRP D 12 -32.82 17.31 -50.25
N SER D 13 -32.58 16.60 -51.35
CA SER D 13 -32.73 15.15 -51.35
C SER D 13 -31.77 14.48 -50.35
N HIS D 14 -30.75 15.21 -49.89
CA HIS D 14 -29.79 14.65 -48.95
C HIS D 14 -29.91 15.26 -47.57
N GLY D 15 -31.11 15.76 -47.25
CA GLY D 15 -31.34 16.37 -45.96
C GLY D 15 -31.69 15.39 -44.85
N GLY D 16 -32.27 14.26 -45.22
CA GLY D 16 -32.65 13.27 -44.22
C GLY D 16 -31.42 12.65 -43.58
N PRO D 17 -31.48 12.31 -42.28
CA PRO D 17 -30.35 11.70 -41.59
C PRO D 17 -29.90 10.43 -42.28
N LEU D 18 -30.81 9.75 -42.96
CA LEU D 18 -30.42 8.54 -43.65
C LEU D 18 -30.42 8.70 -45.17
N SER D 19 -30.68 9.92 -45.65
CA SER D 19 -30.74 10.14 -47.09
C SER D 19 -29.44 10.60 -47.74
N ALA D 20 -28.98 9.77 -48.66
CA ALA D 20 -27.75 9.98 -49.40
C ALA D 20 -27.82 11.15 -50.39
N LEU D 21 -26.70 11.41 -51.06
CA LEU D 21 -26.64 12.47 -52.06
C LEU D 21 -27.15 11.90 -53.38
N ASP D 22 -27.88 12.71 -54.15
CA ASP D 22 -28.37 12.29 -55.46
C ASP D 22 -27.18 12.46 -56.40
N HIS D 23 -26.53 11.35 -56.72
CA HIS D 23 -25.34 11.40 -57.57
C HIS D 23 -25.54 11.92 -58.99
N SER D 24 -26.77 11.90 -59.48
CA SER D 24 -27.02 12.44 -60.81
C SER D 24 -26.94 13.97 -60.70
N SER D 25 -27.48 14.50 -59.60
CA SER D 25 -27.45 15.94 -59.38
C SER D 25 -26.03 16.39 -59.09
N VAL D 26 -25.24 15.52 -58.47
CA VAL D 26 -23.85 15.88 -58.16
C VAL D 26 -23.04 15.90 -59.44
N ARG D 27 -23.34 14.95 -60.35
CA ARG D 27 -22.63 14.88 -61.63
C ARG D 27 -22.87 16.18 -62.43
N ARG D 28 -24.13 16.61 -62.50
CA ARG D 28 -24.45 17.83 -63.20
C ARG D 28 -23.73 19.01 -62.54
N GLY D 29 -23.85 19.12 -61.22
CA GLY D 29 -23.20 20.21 -60.50
C GLY D 29 -21.74 20.36 -60.89
N PHE D 30 -21.09 19.22 -61.15
CA PHE D 30 -19.70 19.23 -61.54
C PHE D 30 -19.56 20.02 -62.82
N GLN D 31 -20.43 19.74 -63.79
CA GLN D 31 -20.38 20.44 -65.07
C GLN D 31 -20.51 21.94 -64.86
N VAL D 32 -21.49 22.33 -64.05
CA VAL D 32 -21.68 23.73 -63.77
C VAL D 32 -20.36 24.29 -63.28
N TYR D 33 -19.75 23.61 -62.30
CA TYR D 33 -18.48 24.08 -61.78
C TYR D 33 -17.40 24.10 -62.85
N LYS D 34 -17.26 22.99 -63.55
CA LYS D 34 -16.24 22.88 -64.56
C LYS D 34 -16.38 23.95 -65.61
N GLN D 35 -17.62 24.11 -66.10
CA GLN D 35 -17.89 25.07 -67.15
C GLN D 35 -18.25 26.51 -66.79
N VAL D 36 -18.45 26.81 -65.52
CA VAL D 36 -18.79 28.19 -65.13
C VAL D 36 -18.01 28.75 -63.95
N CYS D 37 -18.13 28.13 -62.79
CA CYS D 37 -17.45 28.64 -61.61
C CYS D 37 -15.94 28.57 -61.68
N SER D 38 -15.43 27.44 -62.16
CA SER D 38 -13.99 27.24 -62.22
C SER D 38 -13.23 28.30 -62.97
N ALA D 39 -13.93 29.23 -63.58
CA ALA D 39 -13.22 30.27 -64.32
C ALA D 39 -12.70 31.29 -63.33
N CYS D 40 -13.25 31.28 -62.12
CA CYS D 40 -12.86 32.26 -61.10
C CYS D 40 -12.63 31.62 -59.75
N HIS D 41 -13.29 30.48 -59.53
CA HIS D 41 -13.19 29.77 -58.26
C HIS D 41 -12.34 28.50 -58.33
N SER D 42 -11.35 28.43 -57.45
CA SER D 42 -10.50 27.27 -57.34
C SER D 42 -11.19 26.29 -56.40
N MET D 43 -10.79 25.03 -56.48
CA MET D 43 -11.32 23.99 -55.61
C MET D 43 -10.12 23.10 -55.37
N ASP D 44 -9.18 23.65 -54.61
CA ASP D 44 -7.91 23.00 -54.32
C ASP D 44 -7.90 21.62 -53.70
N TYR D 45 -8.95 21.22 -53.00
CA TYR D 45 -8.92 19.93 -52.37
C TYR D 45 -9.56 18.76 -53.07
N VAL D 46 -10.07 18.97 -54.28
CA VAL D 46 -10.67 17.86 -55.00
C VAL D 46 -9.83 17.50 -56.22
N ALA D 47 -9.72 16.20 -56.49
CA ALA D 47 -8.93 15.72 -57.62
C ALA D 47 -9.81 14.90 -58.56
N PHE D 48 -9.37 14.79 -59.81
CA PHE D 48 -10.16 14.06 -60.77
C PHE D 48 -10.47 12.63 -60.35
N ARG D 49 -9.54 11.99 -59.65
CA ARG D 49 -9.75 10.62 -59.20
C ARG D 49 -10.94 10.53 -58.25
N ASN D 50 -11.23 11.63 -57.56
CA ASN D 50 -12.34 11.70 -56.61
C ASN D 50 -13.70 11.55 -57.27
N LEU D 51 -13.76 11.79 -58.58
CA LEU D 51 -15.02 11.69 -59.30
C LEU D 51 -15.33 10.23 -59.60
N ILE D 52 -14.28 9.43 -59.79
CA ILE D 52 -14.41 8.00 -60.09
C ILE D 52 -15.26 7.24 -59.09
N GLY D 53 -16.26 6.52 -59.59
CA GLY D 53 -17.11 5.74 -58.70
C GLY D 53 -18.10 6.58 -57.91
N VAL D 54 -18.09 7.89 -58.12
CA VAL D 54 -19.01 8.75 -57.41
C VAL D 54 -19.98 9.36 -58.39
N THR D 55 -19.44 9.99 -59.42
CA THR D 55 -20.25 10.63 -60.44
C THR D 55 -19.76 10.30 -61.84
N HIS D 56 -18.52 9.86 -61.95
CA HIS D 56 -17.97 9.52 -63.24
C HIS D 56 -17.35 8.14 -63.35
N THR D 57 -17.05 7.78 -64.59
CA THR D 57 -16.44 6.51 -64.95
C THR D 57 -14.96 6.73 -64.83
N GLU D 58 -14.19 5.65 -64.77
CA GLU D 58 -12.75 5.82 -64.69
C GLU D 58 -12.28 6.39 -66.03
N ALA D 59 -12.89 5.91 -67.11
CA ALA D 59 -12.54 6.40 -68.45
C ALA D 59 -12.87 7.87 -68.53
N GLU D 60 -14.10 8.22 -68.12
CA GLU D 60 -14.56 9.59 -68.13
C GLU D 60 -13.63 10.51 -67.37
N ALA D 61 -13.29 10.09 -66.15
CA ALA D 61 -12.42 10.89 -65.30
C ALA D 61 -11.05 11.12 -65.90
N LYS D 62 -10.48 10.10 -66.54
CA LYS D 62 -9.16 10.26 -67.12
C LYS D 62 -9.19 11.28 -68.25
N ALA D 63 -10.30 11.30 -68.99
CA ALA D 63 -10.49 12.24 -70.08
C ALA D 63 -10.56 13.67 -69.53
N LEU D 64 -11.47 13.89 -68.58
CA LEU D 64 -11.60 15.19 -67.95
C LEU D 64 -10.26 15.76 -67.54
N ALA D 65 -9.39 14.89 -67.03
CA ALA D 65 -8.07 15.31 -66.55
C ALA D 65 -7.07 15.59 -67.66
N GLU D 66 -7.31 15.03 -68.84
CA GLU D 66 -6.41 15.25 -69.95
C GLU D 66 -6.76 16.54 -70.70
N GLU D 67 -7.95 17.07 -70.41
CA GLU D 67 -8.44 18.32 -71.01
C GLU D 67 -7.71 19.49 -70.37
N VAL D 68 -6.85 19.19 -69.42
CA VAL D 68 -6.11 20.25 -68.72
C VAL D 68 -4.60 20.10 -68.85
N GLU D 69 -3.91 21.24 -68.87
CA GLU D 69 -2.46 21.25 -68.95
C GLU D 69 -1.95 21.53 -67.56
N VAL D 70 -1.00 20.72 -67.10
CA VAL D 70 -0.44 20.94 -65.79
C VAL D 70 1.06 21.18 -65.87
N GLN D 71 1.53 22.10 -65.05
CA GLN D 71 2.94 22.41 -65.04
C GLN D 71 3.71 21.46 -64.16
N ASP D 72 4.66 20.76 -64.75
CA ASP D 72 5.47 19.83 -63.99
C ASP D 72 6.90 20.39 -64.06
N GLY D 73 7.86 19.64 -63.54
CA GLY D 73 9.23 20.11 -63.57
C GLY D 73 9.86 20.04 -62.20
N PRO D 74 11.19 20.24 -62.12
CA PRO D 74 12.05 20.51 -63.28
C PRO D 74 12.41 19.28 -64.10
N ASP D 75 13.09 19.53 -65.21
CA ASP D 75 13.55 18.48 -66.11
C ASP D 75 15.07 18.49 -66.04
N GLU D 76 15.72 17.91 -67.04
CA GLU D 76 17.18 17.84 -67.07
C GLU D 76 17.88 19.18 -66.91
N ASN D 77 17.44 20.20 -67.65
CA ASN D 77 18.07 21.52 -67.57
C ASN D 77 17.53 22.35 -66.41
N GLY D 78 16.67 21.74 -65.59
CA GLY D 78 16.09 22.46 -64.47
C GLY D 78 15.01 23.40 -64.96
N GLU D 79 14.29 22.97 -65.99
CA GLU D 79 13.23 23.77 -66.57
C GLU D 79 11.85 23.23 -66.24
N LEU D 80 10.89 24.12 -66.01
CA LEU D 80 9.53 23.71 -65.75
C LEU D 80 8.98 23.36 -67.11
N PHE D 81 7.81 22.74 -67.19
CA PHE D 81 7.26 22.37 -68.48
C PHE D 81 5.85 21.86 -68.37
N MET D 82 5.09 21.97 -69.45
CA MET D 82 3.70 21.52 -69.44
C MET D 82 3.59 20.03 -69.75
N ARG D 83 2.44 19.47 -69.39
CA ARG D 83 2.15 18.06 -69.66
C ARG D 83 0.64 17.89 -69.51
N PRO D 84 0.09 16.88 -70.17
CA PRO D 84 -1.36 16.67 -70.05
C PRO D 84 -1.68 16.18 -68.64
N GLY D 85 -2.91 16.39 -68.18
CA GLY D 85 -3.30 15.99 -66.85
C GLY D 85 -3.54 14.51 -66.61
N LYS D 86 -3.45 14.10 -65.35
CA LYS D 86 -3.67 12.71 -64.93
C LYS D 86 -4.75 12.77 -63.86
N ILE D 87 -5.40 11.64 -63.58
CA ILE D 87 -6.43 11.62 -62.55
C ILE D 87 -5.90 11.91 -61.15
N SER D 88 -4.58 11.89 -60.99
CA SER D 88 -3.99 12.17 -59.70
C SER D 88 -3.80 13.67 -59.49
N ASP D 89 -4.12 14.47 -60.49
CA ASP D 89 -3.99 15.92 -60.39
C ASP D 89 -5.26 16.53 -59.77
N TYR D 90 -5.10 17.69 -59.13
CA TYR D 90 -6.25 18.39 -58.54
C TYR D 90 -6.86 19.39 -59.53
N PHE D 91 -8.11 19.76 -59.31
CA PHE D 91 -8.74 20.73 -60.20
C PHE D 91 -7.82 21.93 -60.32
N PRO D 92 -7.70 22.47 -61.54
CA PRO D 92 -6.83 23.62 -61.83
C PRO D 92 -7.22 24.94 -61.18
N LYS D 93 -6.21 25.70 -60.80
CA LYS D 93 -6.43 27.01 -60.18
C LYS D 93 -6.61 28.04 -61.30
N PRO D 94 -7.55 28.97 -61.12
CA PRO D 94 -7.81 30.00 -62.13
C PRO D 94 -6.71 31.07 -62.15
N TYR D 95 -6.17 31.41 -60.98
CA TYR D 95 -5.12 32.40 -60.87
C TYR D 95 -3.93 31.85 -60.04
N PRO D 96 -2.73 32.41 -60.24
CA PRO D 96 -1.50 32.01 -59.55
C PRO D 96 -1.53 32.27 -58.05
N ASN D 97 -2.19 33.35 -57.66
CA ASN D 97 -2.26 33.76 -56.26
C ASN D 97 -3.35 34.81 -56.09
N PRO D 98 -3.84 35.00 -54.85
CA PRO D 98 -4.91 35.97 -54.57
C PRO D 98 -4.74 37.35 -55.20
N GLU D 99 -3.52 37.88 -55.15
CA GLU D 99 -3.24 39.19 -55.74
C GLU D 99 -3.70 39.23 -57.19
N ALA D 100 -3.40 38.18 -57.95
CA ALA D 100 -3.78 38.12 -59.36
C ALA D 100 -5.28 37.91 -59.49
N ALA D 101 -5.84 37.21 -58.51
CA ALA D 101 -7.26 36.92 -58.50
C ALA D 101 -8.03 38.22 -58.38
N ARG D 102 -7.69 39.01 -57.36
CA ARG D 102 -8.35 40.29 -57.14
C ARG D 102 -8.21 41.16 -58.37
N ALA D 103 -7.00 41.26 -58.89
CA ALA D 103 -6.74 42.07 -60.07
C ALA D 103 -7.74 41.79 -61.19
N ALA D 104 -8.15 40.54 -61.32
CA ALA D 104 -9.10 40.15 -62.35
C ALA D 104 -10.57 40.17 -61.92
N ASN D 105 -10.85 40.74 -60.74
CA ASN D 105 -12.23 40.79 -60.26
C ASN D 105 -12.55 42.07 -59.53
N ASN D 106 -11.79 43.12 -59.85
CA ASN D 106 -11.99 44.44 -59.27
C ASN D 106 -11.62 44.51 -57.82
N GLY D 107 -10.51 43.90 -57.45
CA GLY D 107 -10.10 43.95 -56.06
C GLY D 107 -10.82 42.92 -55.23
N ALA D 108 -11.78 42.22 -55.84
CA ALA D 108 -12.53 41.19 -55.13
C ALA D 108 -11.77 39.87 -55.23
N LEU D 109 -11.99 39.01 -54.26
CA LEU D 109 -11.30 37.71 -54.23
C LEU D 109 -12.28 36.57 -54.21
N PRO D 110 -12.43 35.87 -55.34
CA PRO D 110 -13.39 34.75 -55.28
C PRO D 110 -12.73 33.63 -54.47
N PRO D 111 -13.35 33.24 -53.35
CA PRO D 111 -12.84 32.19 -52.46
C PRO D 111 -12.81 30.77 -53.04
N ASP D 112 -11.95 29.93 -52.48
CA ASP D 112 -11.86 28.54 -52.90
C ASP D 112 -13.19 27.95 -52.50
N LEU D 113 -13.74 27.08 -53.34
CA LEU D 113 -15.03 26.49 -53.05
C LEU D 113 -15.04 25.11 -52.39
N SER D 114 -13.86 24.58 -52.10
CA SER D 114 -13.76 23.25 -51.50
C SER D 114 -14.61 23.05 -50.24
N TYR D 115 -14.55 24.00 -49.32
CA TYR D 115 -15.32 23.89 -48.10
C TYR D 115 -16.36 25.01 -47.97
N ILE D 116 -16.79 25.57 -49.10
CA ILE D 116 -17.74 26.67 -49.01
C ILE D 116 -19.04 26.43 -48.23
N VAL D 117 -19.75 25.34 -48.48
CA VAL D 117 -21.01 25.11 -47.77
C VAL D 117 -20.84 24.97 -46.26
N ASN D 118 -19.64 24.62 -45.79
CA ASN D 118 -19.45 24.49 -44.35
C ASN D 118 -18.80 25.74 -43.82
N ALA D 119 -18.33 26.61 -44.71
CA ALA D 119 -17.67 27.84 -44.31
C ALA D 119 -18.63 29.03 -44.22
N ARG D 120 -19.90 28.80 -44.52
CA ARG D 120 -20.89 29.84 -44.50
C ARG D 120 -22.15 29.42 -43.75
N HIS D 121 -22.61 30.25 -42.83
CA HIS D 121 -23.84 29.90 -42.14
C HIS D 121 -24.91 29.77 -43.20
N GLY D 122 -25.61 28.64 -43.24
CA GLY D 122 -26.65 28.45 -44.22
C GLY D 122 -26.32 27.30 -45.16
N GLY D 123 -25.03 27.06 -45.39
CA GLY D 123 -24.68 25.97 -46.26
C GLY D 123 -25.28 26.13 -47.63
N GLU D 124 -25.74 25.02 -48.23
CA GLU D 124 -26.30 25.07 -49.56
C GLU D 124 -27.56 25.92 -49.66
N ASP D 125 -28.21 26.18 -48.54
CA ASP D 125 -29.39 27.03 -48.59
C ASP D 125 -28.90 28.44 -48.85
N TYR D 126 -27.82 28.82 -48.19
CA TYR D 126 -27.27 30.15 -48.39
C TYR D 126 -26.74 30.29 -49.80
N VAL D 127 -25.96 29.32 -50.27
CA VAL D 127 -25.40 29.45 -51.60
C VAL D 127 -26.49 29.50 -52.64
N PHE D 128 -27.50 28.66 -52.47
CA PHE D 128 -28.59 28.64 -53.44
C PHE D 128 -29.36 29.97 -53.42
N SER D 129 -29.75 30.41 -52.23
CA SER D 129 -30.46 31.67 -52.09
C SER D 129 -29.71 32.85 -52.69
N LEU D 130 -28.38 32.81 -52.60
CA LEU D 130 -27.55 33.88 -53.13
C LEU D 130 -27.46 33.84 -54.65
N LEU D 131 -27.22 32.66 -55.21
CA LEU D 131 -27.10 32.54 -56.66
C LEU D 131 -28.36 32.98 -57.38
N THR D 132 -29.50 32.58 -56.83
CA THR D 132 -30.77 32.92 -57.42
C THR D 132 -31.45 34.13 -56.77
N GLY D 133 -30.72 34.91 -56.00
CA GLY D 133 -31.34 36.05 -55.35
C GLY D 133 -30.92 37.47 -55.77
N TYR D 134 -30.29 37.60 -56.93
CA TYR D 134 -29.87 38.92 -57.35
C TYR D 134 -31.08 39.77 -57.72
N CYS D 135 -31.06 41.04 -57.35
CA CYS D 135 -32.16 41.93 -57.66
C CYS D 135 -31.72 43.38 -57.46
N ASP D 136 -32.63 44.32 -57.72
CA ASP D 136 -32.34 45.74 -57.60
C ASP D 136 -32.44 46.27 -56.16
N PRO D 137 -31.52 47.16 -55.78
CA PRO D 137 -31.51 47.74 -54.45
C PRO D 137 -32.75 48.52 -54.11
N PRO D 138 -33.23 48.39 -52.88
CA PRO D 138 -34.42 49.11 -52.43
C PRO D 138 -34.12 50.61 -52.39
N ALA D 139 -35.17 51.42 -52.26
CA ALA D 139 -34.99 52.87 -52.21
C ALA D 139 -34.06 53.27 -51.09
N GLY D 140 -33.21 54.26 -51.35
CA GLY D 140 -32.29 54.74 -50.33
C GLY D 140 -30.92 54.07 -50.30
N VAL D 141 -30.82 52.97 -51.03
CA VAL D 141 -29.58 52.20 -51.09
C VAL D 141 -28.86 52.32 -52.43
N VAL D 142 -27.61 52.74 -52.39
CA VAL D 142 -26.80 52.87 -53.60
C VAL D 142 -25.61 51.92 -53.51
N VAL D 143 -25.44 51.10 -54.53
CA VAL D 143 -24.35 50.14 -54.58
C VAL D 143 -23.16 50.74 -55.33
N ARG D 144 -21.96 50.74 -54.73
CA ARG D 144 -20.81 51.33 -55.42
C ARG D 144 -20.51 50.61 -56.72
N GLU D 145 -20.07 51.35 -57.72
CA GLU D 145 -19.76 50.79 -59.02
C GLU D 145 -18.89 49.55 -58.88
N GLY D 146 -19.15 48.55 -59.71
CA GLY D 146 -18.36 47.33 -59.65
C GLY D 146 -18.98 46.29 -58.75
N LEU D 147 -19.83 46.72 -57.83
CA LEU D 147 -20.50 45.81 -56.91
C LEU D 147 -21.91 45.58 -57.38
N HIS D 148 -22.52 44.49 -56.92
CA HIS D 148 -23.88 44.15 -57.32
C HIS D 148 -24.77 43.95 -56.10
N TYR D 149 -26.06 44.25 -56.26
CA TYR D 149 -26.95 44.10 -55.13
C TYR D 149 -27.45 42.69 -54.95
N ASN D 150 -27.32 42.21 -53.73
CA ASN D 150 -27.84 40.91 -53.40
C ASN D 150 -28.22 41.00 -51.93
N PRO D 151 -29.51 40.77 -51.62
CA PRO D 151 -29.95 40.86 -50.24
C PRO D 151 -29.39 39.77 -49.31
N TYR D 152 -29.13 38.59 -49.88
CA TYR D 152 -28.62 37.47 -49.08
C TYR D 152 -27.15 37.56 -48.65
N PHE D 153 -26.39 38.43 -49.30
CA PHE D 153 -24.99 38.62 -49.00
C PHE D 153 -24.86 39.68 -47.94
N PRO D 154 -24.07 39.44 -46.90
CA PRO D 154 -23.97 40.49 -45.89
C PRO D 154 -23.54 41.81 -46.52
N GLY D 155 -24.19 42.90 -46.13
CA GLY D 155 -23.86 44.21 -46.67
C GLY D 155 -24.62 44.44 -47.96
N GLN D 156 -25.15 43.37 -48.52
CA GLN D 156 -25.92 43.39 -49.75
C GLN D 156 -25.22 43.80 -51.06
N ALA D 157 -23.98 44.28 -50.98
CA ALA D 157 -23.23 44.66 -52.18
C ALA D 157 -22.11 43.64 -52.40
N ILE D 158 -22.34 42.67 -53.27
CA ILE D 158 -21.38 41.61 -53.56
C ILE D 158 -20.57 41.82 -54.82
N GLY D 159 -19.29 41.46 -54.77
CA GLY D 159 -18.41 41.62 -55.91
C GLY D 159 -18.57 40.59 -57.02
N MET D 160 -19.55 39.69 -56.89
CA MET D 160 -19.76 38.68 -57.92
C MET D 160 -21.01 38.98 -58.76
N ALA D 161 -20.81 39.15 -60.05
CA ALA D 161 -21.94 39.40 -60.93
C ALA D 161 -22.67 38.08 -61.08
N PRO D 162 -24.00 38.12 -61.17
CA PRO D 162 -24.83 36.92 -61.32
C PRO D 162 -24.19 35.94 -62.29
N PRO D 163 -23.59 34.88 -61.77
CA PRO D 163 -22.91 33.84 -62.54
C PRO D 163 -23.78 32.96 -63.41
N ILE D 164 -25.05 32.80 -63.05
CA ILE D 164 -25.90 31.92 -63.83
C ILE D 164 -27.22 32.48 -64.30
N TYR D 165 -27.57 32.12 -65.53
CA TYR D 165 -28.81 32.50 -66.17
C TYR D 165 -29.27 31.32 -67.00
N ASN D 166 -30.57 31.23 -67.27
CA ASN D 166 -31.11 30.12 -68.04
C ASN D 166 -30.28 29.74 -69.25
N GLU D 167 -30.19 28.43 -69.50
CA GLU D 167 -29.43 27.89 -70.63
C GLU D 167 -28.03 28.43 -70.81
N ILE D 168 -27.38 28.88 -69.74
CA ILE D 168 -26.01 29.40 -69.87
C ILE D 168 -25.10 28.25 -70.27
N LEU D 169 -25.64 27.03 -70.19
CA LEU D 169 -24.91 25.83 -70.56
C LEU D 169 -25.94 24.74 -70.82
N GLU D 170 -25.49 23.59 -71.28
CA GLU D 170 -26.39 22.49 -71.57
C GLU D 170 -25.92 21.17 -70.95
N TYR D 171 -26.83 20.49 -70.25
CA TYR D 171 -26.52 19.23 -69.59
C TYR D 171 -26.57 18.11 -70.62
N ASP D 172 -25.51 17.32 -70.69
CA ASP D 172 -25.48 16.24 -71.65
C ASP D 172 -26.39 15.08 -71.29
N ASP D 173 -27.16 15.22 -70.22
CA ASP D 173 -28.07 14.16 -69.84
C ASP D 173 -29.47 14.66 -70.23
N GLY D 174 -29.50 15.87 -70.80
CA GLY D 174 -30.73 16.48 -71.25
C GLY D 174 -31.70 16.93 -70.17
N THR D 175 -31.22 17.73 -69.23
CA THR D 175 -32.07 18.23 -68.16
C THR D 175 -32.30 19.70 -68.44
N PRO D 176 -33.54 20.15 -68.33
CA PRO D 176 -33.81 21.56 -68.60
C PRO D 176 -32.89 22.49 -67.77
N ALA D 177 -31.91 23.08 -68.44
CA ALA D 177 -30.96 23.98 -67.83
C ALA D 177 -31.53 25.38 -67.44
N THR D 178 -32.56 25.39 -66.59
CA THR D 178 -33.14 26.64 -66.14
C THR D 178 -32.21 27.14 -65.05
N MET D 179 -32.27 28.43 -64.74
CA MET D 179 -31.36 28.97 -63.74
C MET D 179 -31.48 28.26 -62.39
N SER D 180 -32.69 28.16 -61.85
CA SER D 180 -32.82 27.52 -60.55
C SER D 180 -32.34 26.06 -60.56
N GLN D 181 -32.60 25.35 -61.65
CA GLN D 181 -32.15 23.96 -61.75
C GLN D 181 -30.63 23.92 -61.61
N ILE D 182 -29.94 24.76 -62.38
CA ILE D 182 -28.48 24.83 -62.34
C ILE D 182 -27.96 25.08 -60.92
N ALA D 183 -28.48 26.12 -60.26
CA ALA D 183 -28.02 26.43 -58.91
C ALA D 183 -28.22 25.24 -57.99
N LYS D 184 -29.37 24.61 -58.10
CA LYS D 184 -29.68 23.45 -57.29
C LYS D 184 -28.60 22.38 -57.47
N ASP D 185 -28.25 22.09 -58.72
CA ASP D 185 -27.22 21.08 -58.99
C ASP D 185 -25.83 21.43 -58.48
N VAL D 186 -25.36 22.66 -58.71
CA VAL D 186 -24.02 23.04 -58.28
C VAL D 186 -23.93 23.05 -56.77
N CYS D 187 -25.05 23.32 -56.11
CA CYS D 187 -25.08 23.34 -54.66
C CYS D 187 -24.96 21.91 -54.15
N THR D 188 -25.65 20.98 -54.79
CA THR D 188 -25.56 19.58 -54.38
C THR D 188 -24.09 19.18 -54.53
N PHE D 189 -23.52 19.51 -55.69
CA PHE D 189 -22.12 19.21 -55.95
C PHE D 189 -21.21 19.82 -54.87
N LEU D 190 -21.48 21.07 -54.46
CA LEU D 190 -20.67 21.74 -53.44
C LEU D 190 -20.72 21.04 -52.08
N ARG D 191 -21.85 20.41 -51.78
CA ARG D 191 -21.98 19.70 -50.52
C ARG D 191 -21.03 18.52 -50.57
N TRP D 192 -21.06 17.79 -51.68
CA TRP D 192 -20.18 16.65 -51.85
C TRP D 192 -18.71 17.05 -51.72
N ALA D 193 -18.29 18.09 -52.43
CA ALA D 193 -16.90 18.52 -52.36
C ALA D 193 -16.42 18.88 -50.96
N ALA D 194 -17.34 19.33 -50.12
CA ALA D 194 -16.96 19.71 -48.77
C ALA D 194 -16.91 18.48 -47.88
N GLU D 195 -17.67 17.44 -48.25
CA GLU D 195 -17.66 16.26 -47.45
C GLU D 195 -18.02 14.99 -48.18
N PRO D 196 -17.04 14.43 -48.92
CA PRO D 196 -17.14 13.21 -49.71
C PRO D 196 -17.64 12.02 -48.91
N GLU D 197 -17.43 12.05 -47.60
CA GLU D 197 -17.86 10.95 -46.76
C GLU D 197 -19.35 10.97 -46.49
N HIS D 198 -20.03 12.06 -46.84
CA HIS D 198 -21.46 12.21 -46.60
C HIS D 198 -22.26 10.91 -46.54
N ASP D 199 -22.33 10.21 -47.65
CA ASP D 199 -23.06 8.95 -47.72
C ASP D 199 -22.55 7.88 -46.76
N GLN D 200 -21.25 7.57 -46.81
CA GLN D 200 -20.74 6.55 -45.90
C GLN D 200 -21.05 6.91 -44.45
N ARG D 201 -20.89 8.19 -44.13
CA ARG D 201 -21.15 8.68 -42.79
C ARG D 201 -22.57 8.37 -42.33
N LYS D 202 -23.53 8.46 -43.24
CA LYS D 202 -24.89 8.18 -42.85
C LYS D 202 -25.16 6.68 -42.84
N ARG D 203 -24.50 5.94 -43.71
CA ARG D 203 -24.71 4.50 -43.73
C ARG D 203 -24.20 3.97 -42.39
N MET D 204 -23.12 4.54 -41.89
CA MET D 204 -22.57 4.13 -40.61
C MET D 204 -23.51 4.54 -39.48
N GLY D 205 -23.93 5.80 -39.49
CA GLY D 205 -24.84 6.29 -38.47
C GLY D 205 -26.00 5.33 -38.28
N LEU D 206 -26.48 4.75 -39.37
CA LEU D 206 -27.61 3.82 -39.33
C LEU D 206 -27.20 2.57 -38.58
N LYS D 207 -26.08 1.97 -38.96
CA LYS D 207 -25.63 0.78 -38.27
C LYS D 207 -25.36 1.10 -36.80
N MET D 208 -24.77 2.26 -36.55
CA MET D 208 -24.46 2.66 -35.17
C MET D 208 -25.70 2.71 -34.33
N LEU D 209 -26.81 3.16 -34.92
CA LEU D 209 -28.04 3.26 -34.18
C LEU D 209 -28.62 1.91 -33.80
N LEU D 210 -28.74 1.02 -34.79
CA LEU D 210 -29.28 -0.31 -34.53
C LEU D 210 -28.48 -1.02 -33.43
N ILE D 211 -27.16 -1.10 -33.62
CA ILE D 211 -26.32 -1.76 -32.64
C ILE D 211 -26.43 -1.05 -31.30
N SER D 212 -26.53 0.27 -31.35
CA SER D 212 -26.64 1.04 -30.12
C SER D 212 -27.91 0.67 -29.38
N ALA D 213 -29.01 0.56 -30.10
CA ALA D 213 -30.28 0.20 -29.49
C ALA D 213 -30.18 -1.20 -28.90
N LEU D 214 -29.74 -2.14 -29.72
CA LEU D 214 -29.61 -3.53 -29.32
C LEU D 214 -28.75 -3.70 -28.06
N LEU D 215 -27.57 -3.09 -28.06
CA LEU D 215 -26.65 -3.20 -26.93
C LEU D 215 -27.16 -2.51 -25.67
N THR D 216 -27.60 -1.27 -25.79
CA THR D 216 -28.12 -0.57 -24.63
C THR D 216 -29.22 -1.42 -23.96
N SER D 217 -30.03 -2.07 -24.78
CA SER D 217 -31.10 -2.92 -24.26
C SER D 217 -30.51 -4.05 -23.46
N LEU D 218 -29.80 -4.95 -24.14
CA LEU D 218 -29.17 -6.08 -23.47
C LEU D 218 -28.45 -5.68 -22.17
N LEU D 219 -27.62 -4.64 -22.20
CA LEU D 219 -26.91 -4.24 -20.99
C LEU D 219 -27.85 -3.76 -19.90
N TYR D 220 -29.02 -3.25 -20.28
CA TYR D 220 -29.95 -2.79 -19.28
C TYR D 220 -30.50 -3.99 -18.50
N TYR D 221 -30.82 -5.06 -19.22
CA TYR D 221 -31.32 -6.28 -18.62
C TYR D 221 -30.25 -6.81 -17.66
N MET D 222 -29.05 -7.00 -18.19
CA MET D 222 -27.94 -7.50 -17.41
C MET D 222 -27.76 -6.74 -16.13
N LYS D 223 -27.75 -5.42 -16.23
CA LYS D 223 -27.58 -4.59 -15.03
C LYS D 223 -28.69 -4.87 -14.02
N ARG D 224 -29.92 -4.91 -14.52
CA ARG D 224 -31.09 -5.13 -13.68
C ARG D 224 -31.06 -6.50 -13.04
N HIS D 225 -30.64 -7.48 -13.84
CA HIS D 225 -30.53 -8.87 -13.41
C HIS D 225 -29.59 -9.01 -12.23
N LYS D 226 -28.42 -8.38 -12.32
CA LYS D 226 -27.45 -8.44 -11.24
C LYS D 226 -27.98 -7.69 -10.02
N TRP D 227 -28.46 -6.47 -10.23
CA TRP D 227 -28.97 -5.68 -9.12
C TRP D 227 -30.23 -6.26 -8.45
N SER D 228 -30.96 -7.12 -9.15
CA SER D 228 -32.18 -7.72 -8.58
C SER D 228 -31.94 -8.23 -7.15
N VAL D 229 -30.75 -8.77 -6.89
CA VAL D 229 -30.41 -9.27 -5.56
C VAL D 229 -30.58 -8.21 -4.51
N LEU D 230 -30.21 -6.97 -4.83
CA LEU D 230 -30.34 -5.87 -3.88
C LEU D 230 -31.70 -5.16 -3.98
N LYS D 231 -32.23 -5.03 -5.18
CA LYS D 231 -33.50 -4.35 -5.34
C LYS D 231 -34.63 -5.00 -4.56
N SER D 232 -34.68 -6.32 -4.55
CA SER D 232 -35.74 -7.04 -3.84
C SER D 232 -35.42 -7.39 -2.38
N ARG D 233 -34.15 -7.28 -2.02
CA ARG D 233 -33.69 -7.59 -0.67
C ARG D 233 -34.57 -7.02 0.42
N LYS D 234 -34.76 -7.78 1.50
CA LYS D 234 -35.56 -7.35 2.64
C LYS D 234 -34.71 -7.50 3.90
N MET D 235 -34.97 -6.68 4.91
CA MET D 235 -34.21 -6.76 6.14
C MET D 235 -35.04 -6.43 7.37
N ALA D 236 -34.60 -6.89 8.55
CA ALA D 236 -35.31 -6.64 9.79
C ALA D 236 -34.34 -6.42 10.94
N TYR D 237 -34.81 -5.70 11.95
CA TYR D 237 -34.01 -5.44 13.14
C TYR D 237 -34.56 -6.33 14.26
N ARG D 238 -33.75 -7.28 14.72
CA ARG D 238 -34.18 -8.21 15.77
C ARG D 238 -33.39 -8.15 17.07
N PRO D 239 -33.49 -7.03 17.80
CA PRO D 239 -32.74 -6.94 19.07
C PRO D 239 -33.19 -8.01 20.04
N PRO D 240 -32.32 -8.39 21.01
CA PRO D 240 -32.65 -9.41 22.02
C PRO D 240 -33.71 -8.85 22.96
N LYS D 241 -34.16 -7.64 22.64
CA LYS D 241 -35.19 -6.87 23.36
C LYS D 241 -36.17 -7.71 24.24
N VAL E 1 -36.08 -15.98 19.82
CA VAL E 1 -35.18 -17.10 19.41
C VAL E 1 -35.24 -17.29 17.90
N HIS E 2 -34.16 -17.80 17.32
CA HIS E 2 -34.09 -17.99 15.88
C HIS E 2 -35.25 -18.80 15.30
N ASN E 3 -35.96 -19.53 16.16
CA ASN E 3 -37.08 -20.35 15.70
C ASN E 3 -38.25 -19.46 15.26
N ASP E 4 -38.32 -18.27 15.83
CA ASP E 4 -39.37 -17.31 15.52
C ASP E 4 -39.05 -16.49 14.25
N VAL E 5 -38.01 -16.90 13.53
CA VAL E 5 -37.61 -16.18 12.33
C VAL E 5 -37.91 -16.97 11.07
N THR E 6 -38.53 -16.31 10.11
CA THR E 6 -38.86 -16.93 8.83
C THR E 6 -38.62 -15.97 7.65
N VAL E 7 -38.25 -16.54 6.51
CA VAL E 7 -37.98 -15.76 5.33
C VAL E 7 -39.27 -15.14 4.79
N PRO E 8 -39.27 -13.82 4.54
CA PRO E 8 -40.45 -13.12 4.00
C PRO E 8 -40.93 -13.69 2.68
N ASP E 9 -42.09 -13.23 2.23
CA ASP E 9 -42.64 -13.74 0.98
C ASP E 9 -42.10 -12.97 -0.23
N PHE E 10 -41.48 -13.69 -1.17
CA PHE E 10 -40.94 -13.05 -2.38
C PHE E 10 -41.80 -13.28 -3.62
N SER E 11 -43.10 -13.42 -3.41
CA SER E 11 -44.03 -13.66 -4.51
C SER E 11 -44.02 -12.51 -5.50
N ALA E 12 -43.99 -11.30 -4.95
CA ALA E 12 -44.00 -10.12 -5.79
C ALA E 12 -42.80 -10.04 -6.76
N TYR E 13 -41.76 -10.84 -6.51
CA TYR E 13 -40.57 -10.81 -7.35
C TYR E 13 -40.20 -12.10 -8.05
N ARG E 14 -40.76 -13.22 -7.62
CA ARG E 14 -40.40 -14.50 -8.24
C ARG E 14 -40.79 -14.63 -9.69
N ARG E 15 -39.95 -15.35 -10.44
CA ARG E 15 -40.26 -15.63 -11.84
C ARG E 15 -41.46 -16.58 -11.71
N GLU E 16 -42.21 -16.79 -12.79
CA GLU E 16 -43.38 -17.68 -12.74
C GLU E 16 -43.09 -19.11 -12.34
N ASP E 17 -42.24 -19.77 -13.11
CA ASP E 17 -41.87 -21.16 -12.90
C ASP E 17 -41.50 -21.58 -11.47
N VAL E 18 -41.04 -20.64 -10.65
CA VAL E 18 -40.68 -20.96 -9.29
C VAL E 18 -41.60 -20.24 -8.31
N MET E 19 -42.80 -19.93 -8.77
CA MET E 19 -43.76 -19.22 -7.96
C MET E 19 -44.56 -20.15 -7.03
N ASP E 20 -44.68 -21.40 -7.43
CA ASP E 20 -45.43 -22.42 -6.67
C ASP E 20 -44.56 -23.14 -5.66
N ALA E 21 -44.85 -22.92 -4.37
CA ALA E 21 -44.07 -23.52 -3.30
C ALA E 21 -44.04 -25.05 -3.27
N THR E 22 -44.81 -25.69 -4.14
CA THR E 22 -44.85 -27.15 -4.13
C THR E 22 -44.29 -27.83 -5.38
N THR E 23 -43.67 -27.05 -6.27
CA THR E 23 -43.09 -27.60 -7.50
C THR E 23 -41.57 -27.45 -7.53
N SER E 24 -40.87 -28.55 -7.83
CA SER E 24 -39.42 -28.53 -7.92
C SER E 24 -38.98 -27.36 -8.76
N SER E 25 -38.13 -26.50 -8.20
CA SER E 25 -37.65 -25.35 -8.94
C SER E 25 -36.55 -25.78 -9.90
N GLN E 26 -36.11 -27.02 -9.80
CA GLN E 26 -35.05 -27.53 -10.68
C GLN E 26 -35.48 -27.79 -12.11
N THR E 27 -36.78 -27.99 -12.33
CA THR E 27 -37.24 -28.27 -13.69
C THR E 27 -37.19 -27.07 -14.61
N SER E 28 -37.30 -25.87 -14.04
CA SER E 28 -37.25 -24.66 -14.84
C SER E 28 -35.90 -23.96 -14.72
N SER E 29 -34.97 -24.58 -13.98
CA SER E 29 -33.65 -23.99 -13.78
C SER E 29 -32.94 -23.71 -15.10
N GLU E 30 -32.68 -24.76 -15.87
CA GLU E 30 -31.99 -24.59 -17.15
C GLU E 30 -32.69 -23.58 -18.05
N ASP E 31 -33.97 -23.38 -17.83
CA ASP E 31 -34.75 -22.42 -18.61
C ASP E 31 -34.41 -21.00 -18.13
N ARG E 32 -34.58 -20.77 -16.84
CA ARG E 32 -34.32 -19.45 -16.29
C ARG E 32 -32.90 -18.97 -16.51
N LYS E 33 -31.95 -19.88 -16.54
CA LYS E 33 -30.55 -19.50 -16.76
C LYS E 33 -30.24 -19.38 -18.23
N GLY E 34 -30.89 -20.21 -19.03
CA GLY E 34 -30.63 -20.19 -20.46
C GLY E 34 -31.02 -18.87 -21.03
N PHE E 35 -32.11 -18.32 -20.52
CA PHE E 35 -32.58 -17.03 -20.99
C PHE E 35 -31.61 -15.91 -20.62
N SER E 36 -31.29 -15.81 -19.34
CA SER E 36 -30.40 -14.78 -18.86
C SER E 36 -29.02 -14.88 -19.48
N TYR E 37 -28.56 -16.11 -19.71
CA TYR E 37 -27.25 -16.30 -20.33
C TYR E 37 -27.33 -16.01 -21.82
N LEU E 38 -28.52 -16.11 -22.38
CA LEU E 38 -28.70 -15.84 -23.80
C LEU E 38 -28.57 -14.35 -24.02
N VAL E 39 -29.15 -13.57 -23.13
CA VAL E 39 -29.06 -12.13 -23.22
C VAL E 39 -27.59 -11.70 -23.14
N THR E 40 -26.86 -12.26 -22.16
CA THR E 40 -25.45 -11.94 -21.98
C THR E 40 -24.63 -12.33 -23.22
N ALA E 41 -24.84 -13.54 -23.70
CA ALA E 41 -24.14 -14.03 -24.87
C ALA E 41 -24.36 -13.08 -26.04
N THR E 42 -25.59 -12.59 -26.18
CA THR E 42 -25.91 -11.69 -27.26
C THR E 42 -25.17 -10.37 -27.10
N ALA E 43 -25.17 -9.82 -25.87
CA ALA E 43 -24.47 -8.57 -25.63
C ALA E 43 -23.01 -8.71 -26.06
N CYS E 44 -22.44 -9.89 -25.80
CA CYS E 44 -21.06 -10.17 -26.18
C CYS E 44 -20.93 -10.13 -27.70
N VAL E 45 -21.84 -10.80 -28.39
CA VAL E 45 -21.80 -10.81 -29.85
C VAL E 45 -21.88 -9.39 -30.42
N ALA E 46 -22.82 -8.58 -29.93
CA ALA E 46 -22.95 -7.20 -30.41
C ALA E 46 -21.66 -6.43 -30.14
N THR E 47 -21.11 -6.59 -28.94
CA THR E 47 -19.89 -5.91 -28.57
C THR E 47 -18.72 -6.36 -29.44
N ALA E 48 -18.67 -7.65 -29.75
CA ALA E 48 -17.60 -8.17 -30.58
C ALA E 48 -17.69 -7.51 -31.95
N TYR E 49 -18.91 -7.41 -32.47
CA TYR E 49 -19.12 -6.78 -33.78
C TYR E 49 -18.57 -5.36 -33.72
N ALA E 50 -19.07 -4.58 -32.76
CA ALA E 50 -18.64 -3.21 -32.57
C ALA E 50 -17.12 -3.11 -32.51
N ALA E 51 -16.53 -3.86 -31.60
CA ALA E 51 -15.07 -3.83 -31.42
C ALA E 51 -14.30 -4.14 -32.70
N LYS E 52 -14.66 -5.26 -33.34
CA LYS E 52 -13.99 -5.68 -34.57
C LYS E 52 -13.96 -4.56 -35.61
N ASN E 53 -15.08 -3.87 -35.82
CA ASN E 53 -15.13 -2.80 -36.80
C ASN E 53 -14.29 -1.58 -36.39
N VAL E 54 -14.53 -1.05 -35.19
CA VAL E 54 -13.77 0.09 -34.73
C VAL E 54 -12.27 -0.17 -34.79
N VAL E 55 -11.84 -1.34 -34.35
CA VAL E 55 -10.41 -1.66 -34.40
C VAL E 55 -9.93 -1.72 -35.84
N THR E 56 -10.74 -2.31 -36.70
CA THR E 56 -10.41 -2.40 -38.11
C THR E 56 -10.22 -0.98 -38.65
N GLN E 57 -11.23 -0.14 -38.45
CA GLN E 57 -11.21 1.24 -38.91
C GLN E 57 -9.93 1.96 -38.50
N PHE E 58 -9.59 1.89 -37.22
CA PHE E 58 -8.39 2.57 -36.74
C PHE E 58 -7.11 1.97 -37.33
N ILE E 59 -7.00 0.65 -37.35
CA ILE E 59 -5.82 0.02 -37.95
C ILE E 59 -5.66 0.49 -39.41
N SER E 60 -6.77 0.55 -40.14
CA SER E 60 -6.73 0.98 -41.53
C SER E 60 -6.17 2.39 -41.65
N SER E 61 -6.43 3.23 -40.66
CA SER E 61 -5.97 4.59 -40.69
C SER E 61 -4.47 4.66 -40.95
N LEU E 62 -3.76 3.62 -40.55
CA LEU E 62 -2.30 3.61 -40.69
C LEU E 62 -1.74 3.15 -42.02
N SER E 63 -2.56 2.50 -42.83
CA SER E 63 -2.12 2.04 -44.12
C SER E 63 -2.26 3.16 -45.15
N ALA E 64 -1.62 2.99 -46.28
CA ALA E 64 -1.63 3.99 -47.36
C ALA E 64 -2.91 4.78 -47.55
N SER E 65 -2.78 6.09 -47.58
CA SER E 65 -3.92 6.97 -47.80
C SER E 65 -4.25 7.02 -49.30
N ALA E 66 -5.45 7.50 -49.63
CA ALA E 66 -5.91 7.57 -51.02
C ALA E 66 -4.96 8.28 -51.98
N ASP E 67 -4.29 9.33 -51.52
CA ASP E 67 -3.35 10.06 -52.38
C ASP E 67 -2.14 9.17 -52.71
N VAL E 68 -1.60 8.50 -51.69
CA VAL E 68 -0.45 7.62 -51.86
C VAL E 68 -0.83 6.47 -52.80
N LEU E 69 -2.01 5.89 -52.59
CA LEU E 69 -2.43 4.80 -53.46
C LEU E 69 -2.55 5.26 -54.92
N ALA E 70 -2.90 6.52 -55.11
CA ALA E 70 -3.08 7.07 -56.45
C ALA E 70 -1.82 6.96 -57.31
N LEU E 71 -0.66 6.91 -56.67
CA LEU E 71 0.60 6.80 -57.41
C LEU E 71 1.16 5.37 -57.36
N SER E 72 0.34 4.47 -56.86
CA SER E 72 0.70 3.06 -56.73
C SER E 72 1.06 2.41 -58.06
N LYS E 73 0.13 2.46 -58.99
CA LYS E 73 0.35 1.86 -60.30
C LYS E 73 0.41 2.86 -61.44
N ILE E 74 1.16 2.46 -62.46
CA ILE E 74 1.37 3.27 -63.65
C ILE E 74 1.03 2.42 -64.86
N GLU E 75 0.25 2.98 -65.78
CA GLU E 75 -0.10 2.24 -67.00
C GLU E 75 0.56 2.92 -68.19
N ILE E 76 1.48 2.21 -68.82
CA ILE E 76 2.24 2.71 -69.96
C ILE E 76 1.72 2.22 -71.31
N LYS E 77 1.74 3.13 -72.29
CA LYS E 77 1.28 2.82 -73.64
C LYS E 77 2.41 2.28 -74.52
N LEU E 78 2.38 0.96 -74.75
CA LEU E 78 3.38 0.25 -75.56
C LEU E 78 3.33 0.67 -77.02
N SER E 79 2.16 1.16 -77.42
CA SER E 79 1.89 1.63 -78.79
C SER E 79 2.36 3.08 -78.98
N ASP E 80 3.54 3.37 -78.47
CA ASP E 80 4.12 4.70 -78.57
C ASP E 80 5.62 4.61 -78.30
N ILE E 81 6.13 3.39 -78.20
CA ILE E 81 7.55 3.14 -77.95
C ILE E 81 8.15 2.41 -79.14
N PRO E 82 8.97 3.11 -79.95
CA PRO E 82 9.61 2.50 -81.12
C PRO E 82 10.69 1.47 -80.76
N GLU E 83 11.07 0.66 -81.75
CA GLU E 83 12.09 -0.37 -81.54
C GLU E 83 13.39 0.18 -80.97
N GLY E 84 14.11 -0.66 -80.24
CA GLY E 84 15.38 -0.29 -79.66
C GLY E 84 15.34 0.87 -78.69
N LYS E 85 14.82 2.01 -79.13
CA LYS E 85 14.74 3.20 -78.29
C LYS E 85 14.08 2.86 -76.96
N ASN E 86 14.74 3.28 -75.89
CA ASN E 86 14.26 3.03 -74.52
C ASN E 86 13.62 4.28 -73.93
N VAL E 87 12.61 4.09 -73.09
CA VAL E 87 11.93 5.21 -72.45
C VAL E 87 11.82 5.01 -70.95
N ALA E 88 12.08 6.08 -70.21
CA ALA E 88 12.04 6.03 -68.75
C ALA E 88 10.88 6.86 -68.20
N PHE E 89 10.09 6.23 -67.33
CA PHE E 89 8.95 6.88 -66.71
C PHE E 89 9.14 6.86 -65.20
N LYS E 90 8.74 7.94 -64.53
CA LYS E 90 8.88 7.98 -63.09
C LYS E 90 7.77 7.12 -62.47
N TRP E 91 8.18 6.17 -61.64
CA TRP E 91 7.24 5.28 -60.97
C TRP E 91 7.67 5.10 -59.52
N ARG E 92 6.88 5.64 -58.62
CA ARG E 92 7.18 5.56 -57.19
C ARG E 92 8.52 6.22 -56.88
N GLY E 93 8.69 7.44 -57.40
CA GLY E 93 9.89 8.23 -57.17
C GLY E 93 11.13 7.82 -57.92
N LYS E 94 11.27 6.53 -58.16
CA LYS E 94 12.43 6.03 -58.88
C LYS E 94 12.07 5.85 -60.35
N PRO E 95 13.09 5.74 -61.22
CA PRO E 95 12.88 5.55 -62.67
C PRO E 95 12.36 4.17 -63.04
N LEU E 96 11.58 4.11 -64.12
CA LEU E 96 11.03 2.85 -64.61
C LEU E 96 11.38 2.71 -66.09
N PHE E 97 12.16 1.68 -66.41
CA PHE E 97 12.57 1.46 -67.79
C PHE E 97 11.72 0.45 -68.55
N VAL E 98 11.15 0.91 -69.66
CA VAL E 98 10.32 0.07 -70.53
C VAL E 98 10.89 0.19 -71.94
N ARG E 99 11.77 -0.74 -72.31
CA ARG E 99 12.40 -0.72 -73.63
C ARG E 99 11.73 -1.66 -74.63
N HIS E 100 11.69 -1.22 -75.89
CA HIS E 100 11.11 -2.00 -76.99
C HIS E 100 12.25 -2.69 -77.75
N ARG E 101 12.65 -3.87 -77.27
CA ARG E 101 13.72 -4.64 -77.88
C ARG E 101 13.54 -4.90 -79.37
N THR E 102 14.49 -4.40 -80.16
CA THR E 102 14.46 -4.56 -81.61
C THR E 102 14.58 -6.03 -82.01
N GLN E 103 15.23 -6.27 -83.14
CA GLN E 103 15.42 -7.63 -83.65
C GLN E 103 16.77 -8.18 -83.20
N ALA E 104 17.75 -7.30 -83.03
CA ALA E 104 19.09 -7.69 -82.61
C ALA E 104 19.32 -7.51 -81.11
N GLU E 105 18.28 -7.75 -80.32
CA GLU E 105 18.36 -7.64 -78.85
C GLU E 105 17.91 -8.95 -78.21
N ILE E 106 16.97 -9.62 -78.87
CA ILE E 106 16.48 -10.92 -78.40
C ILE E 106 17.43 -11.93 -79.02
N ASN E 107 18.37 -11.41 -79.80
CA ASN E 107 19.37 -12.21 -80.50
C ASN E 107 20.78 -11.89 -79.99
N GLN E 108 21.21 -10.65 -80.24
CA GLN E 108 22.54 -10.17 -79.85
C GLN E 108 22.68 -9.89 -78.34
N GLU E 109 21.59 -10.07 -77.61
CA GLU E 109 21.60 -9.85 -76.15
C GLU E 109 20.82 -10.92 -75.39
N ALA E 110 20.39 -11.96 -76.11
CA ALA E 110 19.64 -13.05 -75.51
C ALA E 110 20.43 -14.35 -75.65
N GLU E 111 21.62 -14.23 -76.23
CA GLU E 111 22.50 -15.37 -76.43
C GLU E 111 23.66 -15.36 -75.44
N VAL E 112 23.66 -14.37 -74.53
CA VAL E 112 24.71 -14.23 -73.53
C VAL E 112 25.16 -15.58 -72.96
N ASP E 113 26.37 -15.99 -73.33
CA ASP E 113 26.94 -17.25 -72.90
C ASP E 113 27.63 -17.14 -71.53
N VAL E 114 26.93 -16.56 -70.56
CA VAL E 114 27.51 -16.42 -69.22
C VAL E 114 27.11 -17.62 -68.38
N SER E 115 28.13 -18.35 -67.92
CA SER E 115 27.93 -19.54 -67.10
C SER E 115 27.36 -19.16 -65.74
N LYS E 116 28.24 -18.80 -64.81
CA LYS E 116 27.84 -18.43 -63.46
C LYS E 116 27.49 -16.94 -63.42
N LEU E 117 26.48 -16.55 -64.19
CA LEU E 117 26.03 -15.16 -64.27
C LEU E 117 25.81 -14.58 -62.87
N ARG E 118 26.47 -13.45 -62.59
CA ARG E 118 26.39 -12.75 -61.31
C ARG E 118 25.02 -12.95 -60.64
N ASP E 119 24.06 -12.14 -61.06
CA ASP E 119 22.70 -12.24 -60.53
C ASP E 119 22.05 -13.32 -61.40
N PRO E 120 21.77 -14.50 -60.81
CA PRO E 120 21.14 -15.65 -61.50
C PRO E 120 19.84 -15.39 -62.29
N GLN E 121 19.90 -14.51 -63.27
CA GLN E 121 18.74 -14.18 -64.09
C GLN E 121 18.60 -15.03 -65.35
N HIS E 122 17.70 -16.01 -65.25
CA HIS E 122 17.37 -16.92 -66.35
C HIS E 122 16.01 -16.41 -66.82
N ASP E 123 15.98 -15.80 -68.01
CA ASP E 123 14.76 -15.22 -68.57
C ASP E 123 13.43 -15.95 -68.35
N LEU E 124 13.38 -17.26 -68.58
CA LEU E 124 12.16 -18.05 -68.40
C LEU E 124 11.60 -17.97 -66.98
N ASP E 125 12.47 -17.64 -66.03
CA ASP E 125 12.07 -17.54 -64.63
C ASP E 125 10.99 -16.48 -64.38
N ARG E 126 11.32 -15.22 -64.64
CA ARG E 126 10.37 -14.11 -64.44
C ARG E 126 10.51 -12.93 -65.41
N VAL E 127 9.95 -13.09 -66.60
CA VAL E 127 9.93 -12.06 -67.65
C VAL E 127 8.86 -12.51 -68.66
N LYS E 128 8.36 -11.59 -69.47
CA LYS E 128 7.33 -11.95 -70.44
C LYS E 128 7.64 -11.47 -71.84
N LYS E 129 6.77 -10.63 -72.38
CA LYS E 129 6.93 -10.07 -73.72
C LYS E 129 8.39 -9.96 -74.15
N PRO E 130 8.70 -10.45 -75.38
CA PRO E 130 10.04 -10.43 -75.96
C PRO E 130 10.57 -9.04 -76.30
N GLU E 131 9.91 -8.35 -77.23
CA GLU E 131 10.36 -7.00 -77.60
C GLU E 131 10.05 -6.03 -76.47
N TRP E 132 9.64 -6.54 -75.32
CA TRP E 132 9.33 -5.71 -74.15
C TRP E 132 10.12 -6.12 -72.90
N VAL E 133 10.93 -5.19 -72.40
CA VAL E 133 11.74 -5.41 -71.21
C VAL E 133 11.41 -4.31 -70.19
N ILE E 134 10.82 -4.70 -69.06
CA ILE E 134 10.45 -3.74 -68.02
C ILE E 134 11.38 -3.82 -66.81
N LEU E 135 12.01 -2.70 -66.48
CA LEU E 135 12.96 -2.64 -65.37
C LEU E 135 12.75 -1.46 -64.42
N VAL E 136 13.44 -1.53 -63.29
CA VAL E 136 13.41 -0.46 -62.30
C VAL E 136 14.77 0.20 -62.45
N GLY E 137 14.77 1.39 -63.05
CA GLY E 137 16.00 2.12 -63.30
C GLY E 137 16.84 2.52 -62.10
N VAL E 138 17.20 1.54 -61.28
CA VAL E 138 18.01 1.81 -60.09
C VAL E 138 19.12 0.77 -59.97
N CYS E 139 20.35 1.24 -60.05
CA CYS E 139 21.52 0.39 -59.94
C CYS E 139 21.44 -0.26 -58.55
N THR E 140 21.62 -1.57 -58.49
CA THR E 140 21.58 -2.30 -57.23
C THR E 140 22.87 -2.16 -56.44
N HIS E 141 23.78 -1.30 -56.91
CA HIS E 141 25.04 -1.07 -56.21
C HIS E 141 24.78 -0.05 -55.11
N LEU E 142 24.63 1.21 -55.51
CA LEU E 142 24.36 2.31 -54.59
C LEU E 142 23.22 3.18 -55.09
N GLY E 143 22.15 2.52 -55.52
CA GLY E 143 20.97 3.21 -56.01
C GLY E 143 21.13 4.38 -56.98
N CYS E 144 21.97 4.22 -58.00
CA CYS E 144 22.13 5.27 -59.00
C CYS E 144 21.25 4.84 -60.17
N VAL E 145 20.78 5.78 -60.97
CA VAL E 145 19.91 5.47 -62.12
C VAL E 145 20.70 5.21 -63.41
N PRO E 146 20.91 3.93 -63.78
CA PRO E 146 21.65 3.60 -65.00
C PRO E 146 21.14 4.33 -66.25
N ILE E 147 22.05 4.65 -67.17
CA ILE E 147 21.70 5.34 -68.40
C ILE E 147 21.55 4.32 -69.54
N ALA E 148 20.36 4.29 -70.14
CA ALA E 148 20.06 3.36 -71.24
C ALA E 148 20.73 3.80 -72.54
N ASN E 149 21.29 5.01 -72.52
CA ASN E 149 21.98 5.56 -73.69
C ASN E 149 23.07 4.60 -74.14
N SER E 150 24.26 4.74 -73.56
CA SER E 150 25.39 3.90 -73.90
C SER E 150 25.23 2.47 -73.37
N GLY E 151 26.10 2.13 -72.42
CA GLY E 151 26.07 0.79 -71.86
C GLY E 151 27.09 0.00 -72.66
N ASP E 152 28.20 -0.36 -72.01
CA ASP E 152 29.27 -1.12 -72.67
C ASP E 152 28.76 -2.37 -73.37
N PHE E 153 27.58 -2.84 -72.94
CA PHE E 153 26.93 -4.03 -73.49
C PHE E 153 25.60 -3.66 -74.16
N GLY E 154 25.54 -2.45 -74.72
CA GLY E 154 24.34 -1.99 -75.39
C GLY E 154 23.16 -1.75 -74.46
N GLY E 155 23.19 -2.38 -73.29
CA GLY E 155 22.12 -2.22 -72.33
C GLY E 155 22.12 -0.89 -71.60
N TYR E 156 22.58 -0.89 -70.36
CA TYR E 156 22.61 0.32 -69.55
C TYR E 156 23.96 0.53 -68.87
N TYR E 157 24.23 1.78 -68.48
CA TYR E 157 25.49 2.12 -67.83
C TYR E 157 25.28 3.07 -66.66
N CYS E 158 25.71 2.65 -65.47
CA CYS E 158 25.58 3.49 -64.28
C CYS E 158 26.85 4.33 -64.13
N PRO E 159 26.80 5.61 -64.54
CA PRO E 159 27.94 6.52 -64.46
C PRO E 159 28.43 6.84 -63.05
N CYS E 160 28.14 5.96 -62.09
CA CYS E 160 28.58 6.18 -60.72
C CYS E 160 29.84 5.37 -60.40
N HIS E 161 29.85 4.10 -60.78
CA HIS E 161 31.01 3.23 -60.54
C HIS E 161 31.16 2.18 -61.62
N GLY E 162 30.70 2.50 -62.83
CA GLY E 162 30.79 1.55 -63.93
C GLY E 162 29.51 0.76 -64.12
N SER E 163 29.44 -0.42 -63.51
CA SER E 163 28.29 -1.31 -63.59
C SER E 163 27.55 -1.22 -64.92
N HIS E 164 27.95 -2.07 -65.85
CA HIS E 164 27.35 -2.12 -67.17
C HIS E 164 26.27 -3.20 -67.14
N TYR E 165 25.05 -2.84 -67.51
CA TYR E 165 23.95 -3.80 -67.52
C TYR E 165 23.58 -4.05 -68.97
N ASP E 166 23.58 -5.31 -69.39
CA ASP E 166 23.23 -5.63 -70.76
C ASP E 166 21.81 -5.15 -71.04
N ALA E 167 21.38 -5.25 -72.30
CA ALA E 167 20.05 -4.82 -72.69
C ALA E 167 18.93 -5.70 -72.15
N SER E 168 19.27 -6.54 -71.16
CA SER E 168 18.30 -7.44 -70.54
C SER E 168 18.14 -7.12 -69.06
N GLY E 169 18.70 -5.99 -68.63
CA GLY E 169 18.60 -5.61 -67.24
C GLY E 169 19.39 -6.53 -66.35
N ARG E 170 20.62 -6.85 -66.77
CA ARG E 170 21.50 -7.72 -66.01
C ARG E 170 22.88 -7.11 -65.87
N ILE E 171 23.43 -7.22 -64.68
CA ILE E 171 24.76 -6.68 -64.39
C ILE E 171 25.81 -7.50 -65.12
N ARG E 172 26.73 -6.79 -65.77
CA ARG E 172 27.82 -7.42 -66.50
C ARG E 172 29.13 -6.95 -65.88
N LYS E 173 29.77 -6.00 -66.55
CA LYS E 173 31.04 -5.44 -66.10
C LYS E 173 30.79 -4.30 -65.11
N GLY E 174 31.24 -4.45 -63.86
CA GLY E 174 31.04 -3.40 -62.88
C GLY E 174 30.92 -3.87 -61.43
N PRO E 175 30.65 -2.95 -60.49
CA PRO E 175 30.51 -3.25 -59.06
C PRO E 175 29.14 -3.76 -58.56
N ALA E 176 28.05 -3.18 -59.05
CA ALA E 176 26.70 -3.58 -58.64
C ALA E 176 26.54 -5.10 -58.57
N PRO E 177 26.07 -5.63 -57.41
CA PRO E 177 25.86 -7.06 -57.18
C PRO E 177 24.70 -7.70 -57.95
N TYR E 178 23.49 -7.16 -57.80
CA TYR E 178 22.33 -7.73 -58.49
C TYR E 178 22.07 -7.08 -59.85
N ASN E 179 20.99 -7.51 -60.50
CA ASN E 179 20.58 -6.96 -61.79
C ASN E 179 19.44 -5.96 -61.53
N LEU E 180 19.36 -4.92 -62.35
CA LEU E 180 18.31 -3.92 -62.19
C LEU E 180 16.94 -4.61 -62.04
N GLU E 181 16.41 -4.57 -60.82
CA GLU E 181 15.13 -5.18 -60.48
C GLU E 181 13.99 -5.04 -61.49
N VAL E 182 13.23 -6.12 -61.65
CA VAL E 182 12.08 -6.16 -62.55
C VAL E 182 10.83 -6.22 -61.69
N PRO E 183 9.96 -5.20 -61.81
CA PRO E 183 8.69 -5.06 -61.08
C PRO E 183 7.52 -5.91 -61.55
N THR E 184 6.37 -5.70 -60.90
CA THR E 184 5.13 -6.41 -61.20
C THR E 184 4.32 -5.63 -62.23
N TYR E 185 3.59 -6.34 -63.10
CA TYR E 185 2.77 -5.69 -64.12
C TYR E 185 1.89 -6.64 -64.91
N GLN E 186 1.56 -6.26 -66.15
CA GLN E 186 0.74 -7.07 -67.05
C GLN E 186 0.30 -6.31 -68.29
N PHE E 187 -0.29 -7.03 -69.23
CA PHE E 187 -0.78 -6.47 -70.49
C PHE E 187 -2.27 -6.77 -70.65
N VAL E 188 -3.05 -6.59 -69.59
CA VAL E 188 -4.49 -6.85 -69.66
C VAL E 188 -5.03 -6.28 -70.96
N GLY E 189 -4.49 -5.13 -71.35
CA GLY E 189 -4.87 -4.49 -72.60
C GLY E 189 -3.57 -4.26 -73.33
N ASP E 190 -3.15 -5.26 -74.11
CA ASP E 190 -1.90 -5.23 -74.86
C ASP E 190 -1.22 -3.89 -75.13
N ASP E 191 -1.92 -2.96 -75.76
CA ASP E 191 -1.38 -1.63 -76.06
C ASP E 191 -1.18 -0.87 -74.75
N LEU E 192 -1.24 -1.62 -73.66
CA LEU E 192 -1.12 -1.07 -72.31
C LEU E 192 -0.50 -2.06 -71.33
N VAL E 193 0.42 -1.56 -70.52
CA VAL E 193 1.08 -2.36 -69.50
C VAL E 193 0.85 -1.63 -68.18
N VAL E 194 0.37 -2.37 -67.17
CA VAL E 194 0.09 -1.77 -65.88
C VAL E 194 1.06 -2.19 -64.78
N VAL E 195 2.06 -1.36 -64.54
CA VAL E 195 3.06 -1.62 -63.53
C VAL E 195 2.53 -1.19 -62.17
N GLY E 196 2.89 -1.94 -61.12
CA GLY E 196 2.44 -1.59 -59.79
C GLY E 196 1.18 -2.34 -59.42
N GLY F 10 -46.08 34.48 19.95
CA GLY F 10 -46.93 33.39 19.35
C GLY F 10 -46.18 32.12 18.97
N ARG F 11 -46.71 31.37 18.01
CA ARG F 11 -46.09 30.12 17.56
C ARG F 11 -45.43 30.21 16.18
N LEU F 12 -44.82 31.34 15.86
CA LEU F 12 -44.22 31.47 14.55
C LEU F 12 -43.05 30.53 14.34
N MET F 13 -42.05 30.60 15.22
CA MET F 13 -40.88 29.73 15.10
C MET F 13 -41.28 28.27 15.03
N ASP F 14 -42.27 27.90 15.84
CA ASP F 14 -42.73 26.53 15.84
C ASP F 14 -43.34 26.10 14.52
N ARG F 15 -44.11 27.01 13.89
CA ARG F 15 -44.73 26.68 12.60
C ARG F 15 -43.66 26.52 11.53
N ILE F 16 -42.69 27.44 11.52
CA ILE F 16 -41.61 27.40 10.56
C ILE F 16 -40.83 26.11 10.69
N ARG F 17 -40.38 25.84 11.92
CA ARG F 17 -39.64 24.63 12.21
C ARG F 17 -40.35 23.37 11.74
N LYS F 18 -41.58 23.19 12.16
CA LYS F 18 -42.30 22.01 11.75
C LYS F 18 -42.47 22.01 10.23
N TRP F 19 -42.49 23.19 9.63
CA TRP F 19 -42.64 23.28 8.17
C TRP F 19 -41.40 22.72 7.51
N TYR F 20 -40.26 23.31 7.86
CA TYR F 20 -38.98 22.90 7.33
C TYR F 20 -38.80 21.41 7.55
N TYR F 21 -39.00 20.97 8.78
CA TYR F 21 -38.85 19.57 9.12
C TYR F 21 -39.53 18.69 8.07
N ASN F 22 -40.74 19.06 7.70
CA ASN F 22 -41.47 18.28 6.73
C ASN F 22 -40.95 18.48 5.32
N ALA F 23 -40.49 19.69 5.03
CA ALA F 23 -39.95 19.98 3.71
C ALA F 23 -38.67 19.17 3.49
N ALA F 24 -37.83 19.09 4.53
CA ALA F 24 -36.58 18.35 4.47
C ALA F 24 -36.80 16.93 3.98
N GLY F 25 -37.77 16.24 4.56
CA GLY F 25 -38.08 14.90 4.11
C GLY F 25 -37.29 13.68 4.55
N PHE F 26 -36.37 13.80 5.50
CA PHE F 26 -35.62 12.63 5.91
C PHE F 26 -36.48 11.69 6.69
N ASN F 27 -37.53 12.24 7.27
CA ASN F 27 -38.46 11.44 8.04
C ASN F 27 -39.14 10.42 7.12
N LYS F 28 -39.11 10.66 5.80
CA LYS F 28 -39.73 9.74 4.84
C LYS F 28 -38.91 8.47 4.70
N TYR F 29 -37.66 8.53 5.14
CA TYR F 29 -36.78 7.38 5.09
C TYR F 29 -36.78 6.72 6.47
N GLY F 30 -37.45 7.38 7.43
CA GLY F 30 -37.51 6.86 8.79
C GLY F 30 -36.32 7.34 9.61
N LEU F 31 -35.59 8.31 9.09
CA LEU F 31 -34.43 8.84 9.77
C LEU F 31 -34.81 9.88 10.82
N MET F 32 -34.01 9.98 11.88
CA MET F 32 -34.25 10.97 12.90
C MET F 32 -33.35 12.14 12.51
N ARG F 33 -33.72 13.35 12.91
CA ARG F 33 -32.92 14.50 12.57
C ARG F 33 -31.44 14.20 12.84
N ASP F 34 -31.11 13.70 14.03
CA ASP F 34 -29.71 13.40 14.37
C ASP F 34 -29.07 12.33 13.48
N ASP F 35 -29.85 11.42 12.91
CA ASP F 35 -29.27 10.41 12.05
C ASP F 35 -28.69 11.08 10.80
N THR F 36 -29.10 12.31 10.51
CA THR F 36 -28.62 12.98 9.30
C THR F 36 -27.39 13.86 9.45
N LEU F 37 -26.83 13.95 10.66
CA LEU F 37 -25.64 14.79 10.86
C LEU F 37 -24.41 14.27 10.15
N TYR F 38 -23.67 15.17 9.51
CA TYR F 38 -22.45 14.82 8.84
C TYR F 38 -21.52 14.45 9.96
N GLU F 39 -20.78 13.35 9.80
CA GLU F 39 -19.88 12.90 10.85
C GLU F 39 -18.52 13.57 10.88
N ASP F 40 -18.48 14.77 11.45
CA ASP F 40 -17.25 15.53 11.59
C ASP F 40 -16.57 14.92 12.83
N ASP F 41 -15.61 15.60 13.44
CA ASP F 41 -14.93 15.01 14.60
C ASP F 41 -15.74 14.97 15.89
N ASP F 42 -16.51 16.02 16.15
CA ASP F 42 -17.34 16.08 17.34
C ASP F 42 -18.40 14.98 17.31
N VAL F 43 -19.02 14.82 16.15
CA VAL F 43 -20.06 13.82 16.00
C VAL F 43 -19.46 12.43 16.11
N LYS F 44 -18.24 12.25 15.61
CA LYS F 44 -17.56 10.96 15.67
C LYS F 44 -17.41 10.57 17.14
N GLU F 45 -16.97 11.53 17.95
CA GLU F 45 -16.78 11.30 19.37
C GLU F 45 -18.11 11.08 20.06
N ALA F 46 -19.07 11.95 19.77
CA ALA F 46 -20.41 11.84 20.37
C ALA F 46 -20.95 10.42 20.21
N LEU F 47 -20.91 9.90 18.98
CA LEU F 47 -21.40 8.55 18.70
C LEU F 47 -20.73 7.49 19.56
N LYS F 48 -19.43 7.62 19.79
CA LYS F 48 -18.70 6.65 20.62
C LYS F 48 -19.24 6.62 22.04
N ARG F 49 -19.89 7.69 22.45
CA ARG F 49 -20.45 7.78 23.79
C ARG F 49 -21.89 7.28 23.90
N LEU F 50 -22.51 6.93 22.78
CA LEU F 50 -23.88 6.45 22.78
C LEU F 50 -24.05 5.08 23.45
N PRO F 51 -25.15 4.90 24.17
CA PRO F 51 -25.40 3.60 24.82
C PRO F 51 -25.62 2.59 23.70
N GLU F 52 -25.22 1.33 23.92
CA GLU F 52 -25.35 0.27 22.92
C GLU F 52 -26.70 0.28 22.17
N ASP F 53 -27.80 0.28 22.91
CA ASP F 53 -29.13 0.27 22.28
C ASP F 53 -29.41 1.44 21.36
N LEU F 54 -29.10 2.67 21.78
CA LEU F 54 -29.37 3.82 20.92
C LEU F 54 -28.52 3.74 19.66
N TYR F 55 -27.28 3.26 19.83
CA TYR F 55 -26.34 3.09 18.73
C TYR F 55 -26.83 2.08 17.70
N ASN F 56 -27.33 0.94 18.17
CA ASN F 56 -27.81 -0.07 17.25
C ASN F 56 -29.10 0.30 16.55
N GLU F 57 -29.94 1.05 17.26
CA GLU F 57 -31.20 1.52 16.68
C GLU F 57 -30.86 2.49 15.54
N ARG F 58 -29.93 3.41 15.81
CA ARG F 58 -29.49 4.36 14.81
C ARG F 58 -28.90 3.63 13.61
N MET F 59 -28.08 2.63 13.89
CA MET F 59 -27.44 1.85 12.83
C MET F 59 -28.46 1.24 11.90
N PHE F 60 -29.49 0.62 12.46
CA PHE F 60 -30.50 0.01 11.62
C PHE F 60 -31.27 1.06 10.82
N ARG F 61 -31.57 2.19 11.44
CA ARG F 61 -32.30 3.25 10.75
C ARG F 61 -31.53 3.69 9.52
N ILE F 62 -30.23 3.86 9.69
CA ILE F 62 -29.39 4.28 8.59
C ILE F 62 -29.31 3.20 7.51
N LYS F 63 -28.97 1.98 7.89
CA LYS F 63 -28.88 0.93 6.89
C LYS F 63 -30.22 0.82 6.15
N ARG F 64 -31.30 1.13 6.85
CA ARG F 64 -32.65 1.05 6.28
C ARG F 64 -32.87 2.12 5.22
N ALA F 65 -32.38 3.33 5.50
CA ALA F 65 -32.51 4.44 4.59
C ALA F 65 -31.67 4.16 3.33
N LEU F 66 -30.43 3.70 3.52
CA LEU F 66 -29.56 3.38 2.38
C LEU F 66 -30.17 2.33 1.45
N ASP F 67 -30.89 1.37 2.03
CA ASP F 67 -31.52 0.36 1.22
C ASP F 67 -32.69 0.96 0.43
N LEU F 68 -33.43 1.88 1.06
CA LEU F 68 -34.55 2.55 0.40
C LEU F 68 -33.94 3.39 -0.72
N SER F 69 -32.94 4.18 -0.35
CA SER F 69 -32.25 5.02 -1.32
C SER F 69 -31.79 4.23 -2.54
N LEU F 70 -31.20 3.06 -2.33
CA LEU F 70 -30.74 2.26 -3.47
C LEU F 70 -31.93 1.81 -4.30
N LYS F 71 -33.03 1.48 -3.63
CA LYS F 71 -34.27 1.03 -4.28
C LYS F 71 -35.10 2.15 -4.93
N HIS F 72 -34.75 3.40 -4.60
CA HIS F 72 -35.49 4.55 -5.12
C HIS F 72 -36.94 4.54 -4.61
N ARG F 73 -37.10 4.08 -3.38
CA ARG F 73 -38.40 4.00 -2.72
C ARG F 73 -38.29 4.78 -1.41
N ILE F 74 -39.39 4.81 -0.65
CA ILE F 74 -39.43 5.48 0.64
C ILE F 74 -40.38 4.72 1.55
N LEU F 75 -40.54 5.21 2.76
CA LEU F 75 -41.45 4.52 3.66
C LEU F 75 -42.90 4.89 3.41
N PRO F 76 -43.82 4.01 3.81
CA PRO F 76 -45.25 4.26 3.64
C PRO F 76 -45.57 5.42 4.58
N LYS F 77 -46.33 6.38 4.09
CA LYS F 77 -46.70 7.56 4.87
C LYS F 77 -46.89 7.30 6.36
N GLU F 78 -47.53 6.19 6.72
CA GLU F 78 -47.77 5.87 8.14
C GLU F 78 -46.49 5.82 8.96
N GLN F 79 -45.46 5.20 8.40
CA GLN F 79 -44.20 5.04 9.08
C GLN F 79 -43.28 6.24 9.14
N TRP F 80 -43.67 7.38 8.55
CA TRP F 80 -42.76 8.52 8.61
C TRP F 80 -42.60 9.09 10.02
N VAL F 81 -41.38 9.46 10.37
CA VAL F 81 -41.13 10.03 11.68
C VAL F 81 -41.91 11.34 11.74
N LYS F 82 -42.61 11.56 12.84
CA LYS F 82 -43.40 12.78 13.00
C LYS F 82 -42.61 13.86 13.74
N TYR F 83 -42.75 15.09 13.31
CA TYR F 83 -42.01 16.19 13.91
C TYR F 83 -41.88 16.17 15.41
N GLU F 84 -43.00 15.95 16.09
CA GLU F 84 -42.98 15.94 17.56
C GLU F 84 -42.56 14.62 18.19
N GLU F 85 -42.22 13.64 17.37
CA GLU F 85 -41.81 12.36 17.92
C GLU F 85 -40.36 12.06 17.56
N ASP F 86 -39.67 13.05 16.98
CA ASP F 86 -38.28 12.86 16.59
C ASP F 86 -37.39 12.97 17.82
N LYS F 87 -36.81 11.86 18.25
CA LYS F 87 -35.97 11.87 19.43
C LYS F 87 -34.55 12.38 19.10
N PRO F 88 -34.14 13.53 19.69
CA PRO F 88 -32.82 14.16 19.51
C PRO F 88 -31.80 13.48 20.44
N TYR F 89 -31.64 12.18 20.23
CA TYR F 89 -30.78 11.36 21.04
C TYR F 89 -29.32 11.75 21.13
N LEU F 90 -28.75 12.27 20.05
CA LEU F 90 -27.33 12.60 20.06
C LEU F 90 -26.96 14.00 20.53
N GLU F 91 -27.86 14.96 20.35
CA GLU F 91 -27.58 16.35 20.71
C GLU F 91 -27.03 16.59 22.12
N PRO F 92 -27.49 15.83 23.12
CA PRO F 92 -26.99 16.02 24.49
C PRO F 92 -25.49 15.70 24.56
N TYR F 93 -25.11 14.57 23.95
CA TYR F 93 -23.71 14.15 23.93
C TYR F 93 -22.87 15.11 23.10
N LEU F 94 -23.28 15.34 21.86
CA LEU F 94 -22.56 16.25 20.99
C LEU F 94 -22.29 17.61 21.65
N LYS F 95 -23.29 18.18 22.31
CA LYS F 95 -23.08 19.48 22.96
C LYS F 95 -21.99 19.43 24.03
N GLU F 96 -21.86 18.28 24.70
CA GLU F 96 -20.85 18.09 25.74
C GLU F 96 -19.47 17.94 25.11
N VAL F 97 -19.37 17.10 24.08
CA VAL F 97 -18.11 16.90 23.39
C VAL F 97 -17.58 18.27 22.95
N ILE F 98 -18.47 19.12 22.46
CA ILE F 98 -18.05 20.45 22.04
C ILE F 98 -17.69 21.31 23.25
N ARG F 99 -18.38 21.09 24.36
CA ARG F 99 -18.14 21.86 25.57
C ARG F 99 -16.72 21.61 26.07
N GLU F 100 -16.33 20.33 26.08
CA GLU F 100 -15.00 19.90 26.52
C GLU F 100 -13.90 20.45 25.58
N ARG F 101 -14.11 20.27 24.29
CA ARG F 101 -13.15 20.74 23.29
C ARG F 101 -12.85 22.22 23.43
N LEU F 102 -13.89 23.04 23.59
CA LEU F 102 -13.68 24.47 23.75
C LEU F 102 -12.86 24.75 25.01
N GLU F 103 -13.19 24.06 26.11
CA GLU F 103 -12.44 24.23 27.36
C GLU F 103 -10.95 23.98 27.11
N ARG F 104 -10.63 22.82 26.53
CA ARG F 104 -9.25 22.49 26.23
C ARG F 104 -8.62 23.55 25.35
N GLU F 105 -9.34 23.95 24.31
CA GLU F 105 -8.85 24.96 23.37
C GLU F 105 -8.50 26.26 24.07
N ALA F 106 -9.40 26.75 24.89
CA ALA F 106 -9.21 28.00 25.61
C ALA F 106 -8.07 27.90 26.60
N TRP F 107 -7.98 26.75 27.25
CA TRP F 107 -6.96 26.47 28.25
C TRP F 107 -5.57 26.36 27.62
N ASN F 108 -5.46 25.86 26.40
CA ASN F 108 -4.16 25.73 25.76
C ASN F 108 -3.62 27.04 25.16
N LYS F 109 -4.47 28.05 25.09
CA LYS F 109 -4.10 29.38 24.55
C LYS F 109 -3.37 30.14 25.66
N LYS F 110 -4.17 30.75 26.54
CA LYS F 110 -3.61 31.50 27.66
C LYS F 110 -2.89 30.48 28.54
N ILE G 2 -7.46 -3.65 1.87
CA ILE G 2 -8.39 -4.35 2.82
C ILE G 2 -9.33 -3.35 3.48
N HIS G 3 -10.57 -3.28 2.98
CA HIS G 3 -11.55 -2.37 3.56
C HIS G 3 -12.80 -3.13 4.02
N PHE G 4 -12.90 -4.41 3.65
CA PHE G 4 -14.05 -5.24 4.03
C PHE G 4 -13.82 -6.07 5.31
N GLY G 5 -14.37 -5.58 6.42
CA GLY G 5 -14.22 -6.27 7.69
C GLY G 5 -13.92 -5.30 8.82
N ASN G 6 -13.38 -4.13 8.47
CA ASN G 6 -13.03 -3.10 9.46
C ASN G 6 -14.03 -1.93 9.45
N LEU G 7 -14.92 -1.95 8.46
CA LEU G 7 -15.93 -0.89 8.27
C LEU G 7 -16.78 -0.42 9.45
N ALA G 8 -17.74 -1.22 9.90
CA ALA G 8 -18.60 -0.79 11.01
C ALA G 8 -19.02 -1.83 12.03
N ARG G 9 -19.42 -1.34 13.20
CA ARG G 9 -19.88 -2.18 14.30
C ARG G 9 -21.38 -2.35 14.11
N VAL G 10 -21.80 -3.53 13.69
CA VAL G 10 -23.22 -3.77 13.44
C VAL G 10 -23.78 -4.97 14.20
N ARG G 11 -24.99 -4.81 14.75
CA ARG G 11 -25.63 -5.90 15.49
C ARG G 11 -27.13 -6.08 15.29
N HIS G 12 -27.54 -7.34 15.28
CA HIS G 12 -28.95 -7.72 15.18
C HIS G 12 -29.71 -7.32 13.94
N ILE G 13 -29.09 -7.46 12.78
CA ILE G 13 -29.79 -7.11 11.55
C ILE G 13 -29.80 -8.33 10.66
N ILE G 14 -30.97 -8.73 10.19
CA ILE G 14 -31.08 -9.89 9.32
C ILE G 14 -31.48 -9.39 7.95
N THR G 15 -30.96 -10.00 6.89
CA THR G 15 -31.33 -9.60 5.54
C THR G 15 -31.60 -10.88 4.78
N TYR G 16 -32.51 -10.80 3.81
CA TYR G 16 -32.88 -11.94 2.99
C TYR G 16 -32.83 -11.53 1.54
N SER G 17 -32.27 -12.39 0.69
CA SER G 17 -32.17 -12.09 -0.74
C SER G 17 -32.30 -13.36 -1.55
N LEU G 18 -32.72 -13.23 -2.82
CA LEU G 18 -32.88 -14.38 -3.67
C LEU G 18 -31.91 -14.35 -4.83
N SER G 19 -31.48 -15.51 -5.29
CA SER G 19 -30.58 -15.56 -6.45
C SER G 19 -31.29 -14.75 -7.56
N PRO G 20 -30.52 -14.17 -8.48
CA PRO G 20 -31.15 -13.39 -9.56
C PRO G 20 -31.90 -14.30 -10.52
N PHE G 21 -31.59 -15.60 -10.49
CA PHE G 21 -32.23 -16.53 -11.39
C PHE G 21 -33.58 -17.02 -10.89
N GLU G 22 -33.99 -16.56 -9.71
CA GLU G 22 -35.27 -16.96 -9.15
C GLU G 22 -36.22 -15.78 -9.27
N GLN G 23 -35.68 -14.57 -9.48
CA GLN G 23 -36.55 -13.40 -9.57
C GLN G 23 -36.58 -12.73 -10.92
N ARG G 24 -37.48 -11.74 -11.04
CA ARG G 24 -37.68 -11.01 -12.28
C ARG G 24 -36.78 -9.78 -12.30
N ALA G 25 -36.07 -9.61 -13.41
CA ALA G 25 -35.17 -8.49 -13.60
C ALA G 25 -35.84 -7.13 -13.44
N ILE G 26 -36.98 -6.97 -14.12
CA ILE G 26 -37.74 -5.72 -14.07
C ILE G 26 -39.16 -6.12 -13.69
N PRO G 27 -39.44 -6.19 -12.38
CA PRO G 27 -40.77 -6.58 -11.93
C PRO G 27 -41.66 -5.42 -11.55
N ASN G 28 -42.96 -5.69 -11.60
CA ASN G 28 -43.99 -4.71 -11.23
C ASN G 28 -43.85 -3.35 -11.90
N ILE G 29 -43.67 -3.34 -13.23
CA ILE G 29 -43.52 -2.09 -13.95
C ILE G 29 -44.68 -1.13 -13.70
N PHE G 30 -45.89 -1.64 -13.84
CA PHE G 30 -47.06 -0.80 -13.66
C PHE G 30 -47.54 -0.59 -12.23
N SER G 31 -47.52 -1.64 -11.43
CA SER G 31 -47.99 -1.50 -10.06
C SER G 31 -47.04 -0.76 -9.12
N ASP G 32 -45.76 -0.75 -9.46
CA ASP G 32 -44.74 -0.14 -8.60
C ASP G 32 -43.78 0.83 -9.28
N ALA G 33 -43.12 0.33 -10.33
CA ALA G 33 -42.14 1.13 -11.04
C ALA G 33 -42.65 2.52 -11.37
N LEU G 34 -43.54 2.59 -12.38
CA LEU G 34 -44.11 3.86 -12.85
C LEU G 34 -44.66 4.77 -11.77
N PRO G 35 -45.50 4.24 -10.86
CA PRO G 35 -46.07 5.05 -9.78
C PRO G 35 -44.97 5.85 -9.06
N ASN G 36 -43.86 5.19 -8.76
CA ASN G 36 -42.72 5.84 -8.09
C ASN G 36 -42.03 6.83 -9.01
N VAL G 37 -41.94 6.48 -10.29
CA VAL G 37 -41.31 7.36 -11.24
C VAL G 37 -42.06 8.69 -11.15
N TRP G 38 -43.39 8.59 -11.09
CA TRP G 38 -44.20 9.79 -11.00
C TRP G 38 -43.97 10.47 -9.65
N ARG G 39 -44.05 9.68 -8.58
CA ARG G 39 -43.82 10.21 -7.25
C ARG G 39 -42.59 11.12 -7.26
N ARG G 40 -41.48 10.53 -7.71
CA ARG G 40 -40.19 11.24 -7.79
C ARG G 40 -40.22 12.51 -8.64
N PHE G 41 -40.80 12.39 -9.83
CA PHE G 41 -40.92 13.53 -10.73
C PHE G 41 -41.67 14.65 -10.04
N SER G 42 -42.83 14.32 -9.49
CA SER G 42 -43.68 15.28 -8.78
C SER G 42 -42.95 16.10 -7.71
N SER G 43 -42.27 15.40 -6.81
CA SER G 43 -41.56 16.03 -5.72
C SER G 43 -40.43 16.97 -6.11
N GLN G 44 -39.94 16.88 -7.34
CA GLN G 44 -38.84 17.75 -7.74
C GLN G 44 -39.20 18.90 -8.67
N VAL G 45 -40.14 18.66 -9.58
CA VAL G 45 -40.59 19.65 -10.55
C VAL G 45 -40.62 21.10 -10.04
N PHE G 46 -41.18 21.32 -8.87
CA PHE G 46 -41.27 22.67 -8.34
C PHE G 46 -39.99 23.26 -7.81
N LYS G 47 -38.96 22.45 -7.68
CA LYS G 47 -37.68 22.98 -7.20
C LYS G 47 -36.81 23.25 -8.42
N VAL G 48 -36.84 22.33 -9.37
CA VAL G 48 -36.03 22.46 -10.60
C VAL G 48 -36.65 23.41 -11.64
N ALA G 49 -37.79 23.01 -12.19
CA ALA G 49 -38.48 23.78 -13.22
C ALA G 49 -38.50 25.29 -13.05
N PRO G 50 -38.94 25.79 -11.88
CA PRO G 50 -39.00 27.23 -11.67
C PRO G 50 -37.86 28.05 -12.27
N PRO G 51 -36.63 27.87 -11.77
CA PRO G 51 -35.53 28.66 -12.35
C PRO G 51 -35.22 28.45 -13.83
N PHE G 52 -35.46 27.26 -14.33
CA PHE G 52 -35.21 27.02 -15.74
C PHE G 52 -36.23 27.82 -16.55
N LEU G 53 -37.46 27.85 -16.06
CA LEU G 53 -38.52 28.60 -16.72
C LEU G 53 -38.20 30.08 -16.63
N GLY G 54 -37.76 30.53 -15.47
CA GLY G 54 -37.41 31.93 -15.32
C GLY G 54 -36.28 32.32 -16.27
N ALA G 55 -35.52 31.34 -16.73
CA ALA G 55 -34.42 31.61 -17.64
C ALA G 55 -34.97 31.65 -19.05
N TYR G 56 -35.86 30.72 -19.35
CA TYR G 56 -36.45 30.70 -20.69
C TYR G 56 -37.03 32.07 -21.01
N LEU G 57 -37.75 32.62 -20.03
CA LEU G 57 -38.34 33.94 -20.18
C LEU G 57 -37.23 34.91 -20.51
N LEU G 58 -36.36 35.19 -19.54
CA LEU G 58 -35.25 36.12 -19.77
C LEU G 58 -34.64 35.95 -21.16
N TYR G 59 -34.38 34.71 -21.53
CA TYR G 59 -33.82 34.41 -22.84
C TYR G 59 -34.72 34.94 -23.94
N SER G 60 -35.99 34.53 -23.88
CA SER G 60 -36.99 34.92 -24.85
C SER G 60 -37.16 36.43 -24.96
N TRP G 61 -37.20 37.11 -23.81
CA TRP G 61 -37.33 38.55 -23.83
C TRP G 61 -36.12 39.16 -24.54
N GLY G 62 -34.96 39.05 -23.91
CA GLY G 62 -33.73 39.59 -24.46
C GLY G 62 -33.48 39.28 -25.93
N THR G 63 -33.90 38.12 -26.39
CA THR G 63 -33.71 37.76 -27.79
C THR G 63 -34.60 38.66 -28.64
N GLN G 64 -35.85 38.85 -28.22
CA GLN G 64 -36.78 39.69 -28.95
C GLN G 64 -36.45 41.16 -28.81
N GLU G 65 -36.29 41.62 -27.58
CA GLU G 65 -35.95 43.02 -27.32
C GLU G 65 -34.77 43.46 -28.15
N PHE G 66 -33.93 42.50 -28.52
CA PHE G 66 -32.72 42.77 -29.30
C PHE G 66 -33.05 42.91 -30.77
N GLU G 67 -34.03 42.13 -31.21
CA GLU G 67 -34.46 42.17 -32.59
C GLU G 67 -35.28 43.42 -32.86
N ARG G 68 -36.04 43.83 -31.84
CA ARG G 68 -36.88 45.00 -31.91
C ARG G 68 -36.04 46.24 -32.17
N LEU G 69 -34.84 46.27 -31.58
CA LEU G 69 -33.96 47.42 -31.74
C LEU G 69 -33.31 47.46 -33.12
N LYS G 70 -33.64 46.49 -33.97
CA LYS G 70 -33.10 46.47 -35.32
C LYS G 70 -34.12 47.11 -36.27
N ARG G 71 -35.41 46.86 -35.99
CA ARG G 71 -36.51 47.43 -36.76
C ARG G 71 -36.40 48.94 -36.61
N LYS G 72 -36.93 49.69 -37.58
CA LYS G 72 -36.86 51.15 -37.47
C LYS G 72 -38.09 51.76 -36.84
N ASN G 73 -37.92 53.00 -36.39
CA ASN G 73 -39.00 53.76 -35.77
C ASN G 73 -39.46 54.82 -36.76
N PRO G 74 -40.60 54.58 -37.41
CA PRO G 74 -41.16 55.52 -38.41
C PRO G 74 -41.21 56.98 -37.98
N ALA G 75 -41.02 57.23 -36.69
CA ALA G 75 -41.06 58.58 -36.14
C ALA G 75 -39.72 59.31 -36.24
N ASP G 76 -38.93 58.99 -37.25
CA ASP G 76 -37.65 59.64 -37.44
C ASP G 76 -37.63 60.15 -38.87
N TYR G 77 -38.64 59.72 -39.63
CA TYR G 77 -38.75 60.11 -41.02
C TYR G 77 -40.09 60.76 -41.34
N GLU G 78 -40.68 61.44 -40.36
CA GLU G 78 -41.96 62.13 -40.57
C GLU G 78 -41.67 63.56 -40.98
N ASN G 79 -40.59 64.11 -40.45
CA ASN G 79 -40.22 65.48 -40.76
C ASN G 79 -39.21 65.45 -41.91
N ASP G 80 -39.47 64.63 -42.91
CA ASP G 80 -38.53 64.49 -44.04
C ASP G 80 -39.00 65.02 -45.39
N GLN G 81 -40.22 65.54 -45.46
CA GLN G 81 -40.72 66.06 -46.73
C GLN G 81 -39.86 67.21 -47.27
CA GLU H 8 -45.86 30.36 -78.85
C GLU H 8 -46.40 28.96 -78.56
N GLU H 9 -45.62 27.93 -78.92
CA GLU H 9 -46.00 26.52 -78.72
C GLU H 9 -45.11 25.70 -77.76
N GLU H 10 -43.80 26.00 -77.72
CA GLU H 10 -42.85 25.34 -76.83
C GLU H 10 -41.65 26.22 -76.51
N GLU H 11 -41.62 26.69 -75.26
CA GLU H 11 -40.58 27.58 -74.77
C GLU H 11 -40.05 27.10 -73.40
N LEU H 12 -38.85 27.55 -73.02
CA LEU H 12 -38.20 27.18 -71.76
C LEU H 12 -38.43 28.16 -70.60
N VAL H 13 -39.17 27.72 -69.59
CA VAL H 13 -39.46 28.60 -68.46
C VAL H 13 -38.86 28.16 -67.13
N ASP H 14 -38.38 29.14 -66.37
CA ASP H 14 -37.78 28.87 -65.07
C ASP H 14 -38.90 28.63 -64.05
N PRO H 15 -39.10 27.37 -63.64
CA PRO H 15 -40.16 27.09 -62.66
C PRO H 15 -40.08 28.01 -61.44
N LEU H 16 -38.92 28.62 -61.24
CA LEU H 16 -38.73 29.52 -60.11
C LEU H 16 -39.56 30.75 -60.28
N THR H 17 -39.47 31.37 -61.45
CA THR H 17 -40.24 32.59 -61.73
C THR H 17 -41.75 32.33 -61.67
N THR H 18 -42.19 31.17 -62.16
CA THR H 18 -43.60 30.79 -62.12
C THR H 18 -44.01 30.76 -60.64
N ILE H 19 -43.41 29.85 -59.89
CA ILE H 19 -43.68 29.69 -58.46
C ILE H 19 -43.49 30.99 -57.66
N ARG H 20 -42.57 31.82 -58.12
CA ARG H 20 -42.31 33.11 -57.50
C ARG H 20 -43.59 33.97 -57.64
N GLU H 21 -44.17 33.95 -58.83
CA GLU H 21 -45.38 34.71 -59.12
C GLU H 21 -46.54 34.17 -58.29
N HIS H 22 -46.82 32.89 -58.43
CA HIS H 22 -47.90 32.27 -57.68
C HIS H 22 -47.80 32.54 -56.16
N CYS H 23 -46.57 32.64 -55.64
CA CYS H 23 -46.37 32.88 -54.22
C CYS H 23 -46.66 34.32 -53.82
N GLU H 24 -46.30 35.26 -54.68
CA GLU H 24 -46.52 36.67 -54.37
C GLU H 24 -47.99 36.98 -54.15
N GLN H 25 -48.85 35.98 -54.38
CA GLN H 25 -50.30 36.11 -54.20
C GLN H 25 -50.77 35.71 -52.80
N THR H 26 -49.82 35.32 -51.95
CA THR H 26 -50.11 34.94 -50.56
C THR H 26 -50.52 36.17 -49.80
N GLU H 27 -51.39 35.99 -48.81
CA GLU H 27 -51.82 37.13 -48.02
C GLU H 27 -50.56 37.71 -47.35
N LYS H 28 -49.67 36.81 -46.93
CA LYS H 28 -48.43 37.18 -46.28
C LYS H 28 -47.59 38.11 -47.16
N CYS H 29 -47.42 37.73 -48.43
CA CYS H 29 -46.64 38.50 -49.40
C CYS H 29 -47.35 39.80 -49.75
N VAL H 30 -48.60 39.68 -50.19
CA VAL H 30 -49.38 40.84 -50.57
C VAL H 30 -49.27 41.92 -49.50
N LYS H 31 -49.48 41.54 -48.25
CA LYS H 31 -49.40 42.49 -47.16
C LYS H 31 -48.00 43.09 -47.04
N ALA H 32 -46.99 42.24 -47.21
CA ALA H 32 -45.60 42.67 -47.12
C ALA H 32 -45.23 43.54 -48.31
N ARG H 33 -45.64 43.08 -49.48
CA ARG H 33 -45.39 43.77 -50.74
C ARG H 33 -45.91 45.20 -50.69
N GLU H 34 -47.13 45.33 -50.16
CA GLU H 34 -47.79 46.63 -50.04
C GLU H 34 -47.01 47.63 -49.20
N ARG H 35 -46.52 47.19 -48.04
CA ARG H 35 -45.77 48.09 -47.16
C ARG H 35 -44.46 48.53 -47.80
N LEU H 36 -43.94 47.73 -48.74
CA LEU H 36 -42.70 48.07 -49.42
C LEU H 36 -43.02 49.20 -50.40
N GLU H 37 -43.97 48.95 -51.30
CA GLU H 37 -44.35 49.94 -52.28
C GLU H 37 -44.62 51.27 -51.60
N LEU H 38 -45.14 51.23 -50.38
CA LEU H 38 -45.41 52.46 -49.67
C LEU H 38 -44.11 53.16 -49.25
N CYS H 39 -43.19 52.39 -48.67
CA CYS H 39 -41.90 52.95 -48.24
C CYS H 39 -41.17 53.54 -49.44
N ASP H 40 -41.02 52.70 -50.46
CA ASP H 40 -40.33 53.06 -51.69
C ASP H 40 -40.83 54.40 -52.18
N ALA H 41 -42.14 54.52 -52.26
CA ALA H 41 -42.80 55.73 -52.71
C ALA H 41 -42.41 56.96 -51.90
N ARG H 42 -42.56 56.92 -50.58
CA ARG H 42 -42.21 58.09 -49.78
C ARG H 42 -40.72 58.34 -49.76
N VAL H 43 -39.93 57.29 -49.89
CA VAL H 43 -38.48 57.49 -49.88
C VAL H 43 -38.00 58.08 -51.18
N SER H 44 -38.54 57.58 -52.29
CA SER H 44 -38.18 58.04 -53.64
C SER H 44 -38.57 59.50 -53.85
N SER H 45 -39.63 59.92 -53.17
CA SER H 45 -40.14 61.26 -53.28
C SER H 45 -39.67 62.21 -52.18
N ARG H 46 -38.37 62.19 -51.88
CA ARG H 46 -37.82 63.07 -50.85
C ARG H 46 -36.35 63.33 -51.14
N SER H 47 -35.97 64.59 -51.13
CA SER H 47 -34.60 64.98 -51.42
C SER H 47 -33.69 64.83 -50.20
N HIS H 48 -34.28 64.80 -49.02
CA HIS H 48 -33.54 64.68 -47.77
C HIS H 48 -34.19 63.56 -46.94
N THR H 49 -33.49 62.45 -46.71
CA THR H 49 -34.04 61.35 -45.93
C THR H 49 -33.08 60.15 -45.84
N GLU H 50 -32.77 59.76 -44.61
CA GLU H 50 -31.87 58.65 -44.35
C GLU H 50 -32.63 57.34 -44.45
N GLU H 51 -33.95 57.41 -44.48
CA GLU H 51 -34.75 56.21 -44.55
C GLU H 51 -34.39 55.38 -45.79
N GLN H 52 -34.52 54.06 -45.67
CA GLN H 52 -34.24 53.11 -46.75
C GLN H 52 -35.27 52.00 -46.58
N CYS H 53 -35.61 51.29 -47.65
CA CYS H 53 -36.62 50.24 -47.54
C CYS H 53 -36.10 48.81 -47.42
N THR H 54 -34.90 48.68 -46.85
CA THR H 54 -34.28 47.38 -46.67
C THR H 54 -35.17 46.46 -45.83
N GLU H 55 -35.47 46.91 -44.61
CA GLU H 55 -36.31 46.16 -43.68
C GLU H 55 -37.61 45.68 -44.35
N GLU H 56 -38.24 46.55 -45.12
CA GLU H 56 -39.47 46.18 -45.79
C GLU H 56 -39.20 45.20 -46.90
N LEU H 57 -38.12 45.43 -47.64
CA LEU H 57 -37.77 44.52 -48.74
C LEU H 57 -37.57 43.14 -48.17
N PHE H 58 -36.82 43.10 -47.06
CA PHE H 58 -36.52 41.85 -46.37
C PHE H 58 -37.74 41.08 -45.91
N ASP H 59 -38.73 41.76 -45.33
CA ASP H 59 -39.94 41.05 -44.89
C ASP H 59 -40.65 40.41 -46.09
N PHE H 60 -40.67 41.12 -47.22
CA PHE H 60 -41.32 40.58 -48.41
C PHE H 60 -40.58 39.38 -48.93
N LEU H 61 -39.29 39.57 -49.17
CA LEU H 61 -38.40 38.54 -49.67
C LEU H 61 -38.42 37.35 -48.72
N HIS H 62 -38.53 37.64 -47.43
CA HIS H 62 -38.57 36.58 -46.46
C HIS H 62 -39.83 35.73 -46.60
N ALA H 63 -40.95 36.39 -46.83
CA ALA H 63 -42.20 35.65 -46.99
C ALA H 63 -42.30 34.97 -48.36
N ARG H 64 -41.93 35.70 -49.42
CA ARG H 64 -42.01 35.11 -50.75
C ARG H 64 -41.14 33.88 -50.83
N ASP H 65 -39.85 34.07 -50.54
CA ASP H 65 -38.87 32.99 -50.59
C ASP H 65 -39.21 31.82 -49.66
N HIS H 66 -39.83 32.12 -48.52
CA HIS H 66 -40.22 31.05 -47.62
C HIS H 66 -41.19 30.13 -48.38
N CYS H 67 -42.18 30.75 -49.01
CA CYS H 67 -43.19 30.04 -49.78
C CYS H 67 -42.57 29.26 -50.94
N VAL H 68 -41.64 29.91 -51.66
CA VAL H 68 -40.99 29.28 -52.80
C VAL H 68 -40.31 27.96 -52.46
N ALA H 69 -39.66 27.94 -51.30
CA ALA H 69 -38.94 26.76 -50.82
C ALA H 69 -39.76 25.48 -50.79
N HIS H 70 -40.98 25.60 -50.27
CA HIS H 70 -41.88 24.46 -50.14
C HIS H 70 -42.40 23.92 -51.46
N LYS H 71 -42.22 24.68 -52.54
CA LYS H 71 -42.73 24.26 -53.85
C LYS H 71 -41.70 24.04 -54.95
N LEU H 72 -40.74 24.93 -55.03
CA LEU H 72 -39.72 24.90 -56.06
C LEU H 72 -39.05 23.59 -56.41
N PHE H 73 -38.52 22.88 -55.41
CA PHE H 73 -37.82 21.63 -55.73
C PHE H 73 -38.68 20.53 -56.31
N ASN H 74 -39.99 20.62 -56.11
CA ASN H 74 -40.90 19.62 -56.65
C ASN H 74 -40.79 19.61 -58.16
N LYS H 75 -40.52 20.79 -58.72
CA LYS H 75 -40.41 20.94 -60.16
C LYS H 75 -39.00 21.10 -60.70
N LEU H 76 -38.06 20.34 -60.11
CA LEU H 76 -36.66 20.35 -60.51
C LEU H 76 -36.13 18.93 -60.48
N LYS H 77 -35.15 18.62 -61.31
CA LYS H 77 -34.56 17.27 -61.35
C LYS H 77 -33.43 17.08 -60.32
N LEU I 2 -11.51 -53.64 35.35
CA LEU I 2 -10.33 -52.84 35.65
C LEU I 2 -10.24 -51.66 34.69
N SER I 3 -11.30 -51.49 33.90
CA SER I 3 -11.38 -50.41 32.91
C SER I 3 -11.41 -49.05 33.62
N VAL I 4 -10.55 -48.13 33.20
CA VAL I 4 -10.49 -46.80 33.79
C VAL I 4 -11.76 -46.04 33.40
N ALA I 5 -12.48 -46.58 32.42
CA ALA I 5 -13.71 -45.97 31.93
C ALA I 5 -14.94 -46.64 32.55
N ALA I 6 -14.91 -47.97 32.66
CA ALA I 6 -16.03 -48.73 33.23
C ALA I 6 -16.14 -48.61 34.76
N ARG I 7 -15.85 -47.43 35.29
CA ARG I 7 -15.91 -47.17 36.74
C ARG I 7 -15.76 -45.67 36.99
N SER I 8 -15.16 -44.98 36.03
CA SER I 8 -14.94 -43.55 36.12
N UNK I 28 -13.24 -41.29 11.73
CA UNK I 28 -14.36 -41.24 10.80
C UNK I 28 -15.47 -40.31 11.29
N UNK I 29 -15.73 -40.34 12.60
CA UNK I 29 -16.75 -39.49 13.22
C UNK I 29 -16.15 -38.67 14.39
N UNK I 30 -16.97 -37.79 14.96
CA UNK I 30 -16.51 -36.95 16.06
C UNK I 30 -16.64 -35.47 15.67
N UNK I 31 -17.11 -34.63 16.60
CA UNK I 31 -17.28 -33.21 16.30
C UNK I 31 -16.31 -32.28 17.02
N UNK I 32 -15.69 -31.35 16.28
CA UNK I 32 -14.74 -30.44 16.88
C UNK I 32 -15.31 -29.14 17.42
N UNK I 33 -14.45 -28.20 17.79
CA UNK I 33 -14.88 -26.90 18.32
C UNK I 33 -13.78 -25.84 18.21
N UNK I 34 -13.99 -24.67 18.82
CA UNK I 34 -12.99 -23.62 18.76
C UNK I 34 -13.18 -22.49 19.76
N UNK I 35 -12.07 -21.99 20.31
CA UNK I 35 -12.14 -20.91 21.27
C UNK I 35 -11.14 -19.80 21.02
N UNK I 36 -11.01 -18.89 21.98
CA UNK I 36 -10.07 -17.77 21.88
C UNK I 36 -8.98 -17.88 22.94
N UNK I 37 -7.76 -17.45 22.60
CA UNK I 37 -6.66 -17.53 23.53
C UNK I 37 -6.31 -16.18 24.14
N UNK I 38 -5.09 -16.08 24.67
CA UNK I 38 -4.65 -14.85 25.30
C UNK I 38 -5.14 -14.80 26.73
N UNK I 39 -6.45 -14.98 26.89
CA UNK I 39 -7.07 -14.96 28.21
C UNK I 39 -8.16 -16.00 28.36
N UNK I 40 -8.66 -16.52 27.22
CA UNK I 40 -9.72 -17.52 27.25
C UNK I 40 -10.80 -17.36 26.19
N UNK I 41 -11.31 -18.49 25.70
CA UNK I 41 -12.36 -18.46 24.69
N PRO I 46 -25.28 -23.09 26.80
CA PRO I 46 -25.89 -22.65 28.06
C PRO I 46 -26.81 -23.69 28.69
N LEU I 47 -26.80 -23.78 30.02
CA LEU I 47 -27.64 -24.71 30.77
C LEU I 47 -28.62 -23.91 31.63
N LEU I 48 -29.92 -24.14 31.44
CA LEU I 48 -30.93 -23.39 32.18
C LEU I 48 -32.08 -24.23 32.77
N CYS I 49 -31.96 -25.55 32.71
CA CYS I 49 -32.98 -26.45 33.25
C CYS I 49 -32.34 -27.79 33.68
N ARG I 50 -32.96 -28.49 34.62
CA ARG I 50 -32.42 -29.76 35.10
C ARG I 50 -32.21 -30.78 33.98
N GLU I 51 -32.81 -30.52 32.81
CA GLU I 51 -32.70 -31.41 31.65
C GLU I 51 -31.36 -31.28 30.89
N SER I 52 -30.99 -30.04 30.56
CA SER I 52 -29.76 -29.76 29.82
C SER I 52 -28.56 -29.65 30.77
N MET I 53 -28.59 -30.43 31.85
CA MET I 53 -27.52 -30.43 32.85
C MET I 53 -27.30 -31.83 33.42
N SER I 54 -28.38 -32.60 33.52
CA SER I 54 -28.31 -33.96 34.07
C SER I 54 -27.40 -34.87 33.26
N GLY I 55 -26.46 -35.52 33.95
CA GLY I 55 -25.50 -36.40 33.31
C GLY I 55 -24.19 -35.66 33.11
N ARG I 56 -24.10 -34.48 33.74
CA ARG I 56 -22.91 -33.65 33.65
C ARG I 56 -22.28 -33.45 35.02
N SER I 57 -22.12 -34.52 35.79
CA SER I 57 -21.53 -34.41 37.13
C SER I 57 -20.33 -35.33 37.40
N ALA I 58 -19.40 -35.38 36.45
CA ALA I 58 -18.22 -36.21 36.57
C ALA I 58 -18.60 -37.65 36.93
N ARG I 59 -18.68 -38.51 35.92
CA ARG I 59 -19.03 -39.90 36.16
C ARG I 59 -17.92 -40.54 37.01
N ARG I 60 -16.68 -40.30 36.60
CA ARG I 60 -15.51 -40.81 37.32
C ARG I 60 -14.26 -39.99 36.99
N ASP I 61 -13.15 -40.67 36.73
CA ASP I 61 -11.92 -39.95 36.41
C ASP I 61 -12.13 -39.10 35.17
N LEU I 62 -11.02 -38.60 34.63
CA LEU I 62 -11.09 -37.77 33.45
C LEU I 62 -10.13 -38.34 32.43
N VAL I 63 -10.64 -38.61 31.23
CA VAL I 63 -9.78 -39.14 30.18
C VAL I 63 -9.51 -37.99 29.22
N ALA I 64 -8.53 -38.17 28.34
CA ALA I 64 -8.21 -37.14 27.37
C ALA I 64 -7.73 -37.81 26.11
N GLY I 65 -8.28 -37.39 24.98
CA GLY I 65 -7.89 -37.97 23.72
C GLY I 65 -7.46 -36.94 22.71
N ILE I 66 -6.76 -37.41 21.71
CA ILE I 66 -6.27 -36.59 20.62
C ILE I 66 -6.16 -37.53 19.46
N SER I 67 -6.61 -37.10 18.30
CA SER I 67 -6.54 -37.94 17.14
C SER I 67 -5.83 -37.12 16.08
N LEU I 68 -5.16 -37.80 15.15
CA LEU I 68 -4.45 -37.09 14.08
C LEU I 68 -5.48 -36.79 12.99
N ASN I 69 -6.62 -37.50 13.06
CA ASN I 69 -7.68 -37.38 12.07
C ASN I 69 -9.05 -36.94 12.62
N ALA I 70 -9.15 -36.62 13.90
CA ALA I 70 -10.45 -36.24 14.46
C ALA I 70 -10.37 -35.35 15.72
N PRO I 71 -11.52 -34.81 16.16
CA PRO I 71 -11.70 -33.93 17.34
C PRO I 71 -11.07 -34.37 18.65
N ALA I 72 -10.93 -33.42 19.56
CA ALA I 72 -10.35 -33.69 20.88
C ALA I 72 -11.45 -34.21 21.83
N SER I 73 -11.16 -35.30 22.54
CA SER I 73 -12.12 -35.89 23.47
C SER I 73 -11.73 -35.67 24.95
N VAL I 74 -12.73 -35.70 25.82
CA VAL I 74 -12.54 -35.49 27.25
C VAL I 74 -13.75 -36.05 28.02
N ARG I 75 -13.52 -36.75 29.14
CA ARG I 75 -14.60 -37.32 29.96
C ARG I 75 -14.51 -36.88 31.41
N ALA J 1 -37.88 -27.09 -26.39
CA ALA J 1 -37.36 -26.21 -25.32
C ALA J 1 -35.94 -25.76 -25.67
N LEU J 2 -35.82 -24.73 -26.50
CA LEU J 2 -34.50 -24.25 -26.90
C LEU J 2 -33.69 -23.67 -25.76
N LEU J 3 -34.36 -22.92 -24.89
CA LEU J 3 -33.66 -22.29 -23.77
C LEU J 3 -32.88 -23.34 -23.02
N ARG J 4 -33.56 -24.44 -22.74
CA ARG J 4 -32.97 -25.57 -22.03
C ARG J 4 -31.82 -26.16 -22.84
N GLN J 5 -32.08 -26.44 -24.11
CA GLN J 5 -31.07 -27.03 -24.98
C GLN J 5 -29.87 -26.12 -25.13
N ALA J 6 -30.17 -24.85 -25.37
CA ALA J 6 -29.14 -23.82 -25.54
C ALA J 6 -28.26 -23.69 -24.31
N TYR J 7 -28.90 -23.74 -23.15
CA TYR J 7 -28.19 -23.63 -21.90
C TYR J 7 -27.26 -24.81 -21.68
N SER J 8 -27.71 -26.01 -22.04
CA SER J 8 -26.89 -27.20 -21.84
C SER J 8 -25.76 -27.36 -22.86
N ALA J 9 -26.02 -26.91 -24.07
CA ALA J 9 -25.03 -27.02 -25.14
C ALA J 9 -24.14 -25.81 -25.30
N LEU J 10 -24.72 -24.61 -25.16
CA LEU J 10 -23.98 -23.40 -25.38
C LEU J 10 -23.53 -22.60 -24.18
N PHE J 11 -24.43 -22.35 -23.24
CA PHE J 11 -24.12 -21.54 -22.09
C PHE J 11 -23.57 -22.21 -20.82
N ARG J 12 -23.54 -23.53 -20.81
CA ARG J 12 -23.05 -24.28 -19.65
C ARG J 12 -21.55 -24.09 -19.44
N ARG J 13 -20.77 -24.73 -20.31
CA ARG J 13 -19.31 -24.65 -20.23
C ARG J 13 -18.85 -23.29 -20.76
N THR J 14 -18.01 -22.62 -19.99
CA THR J 14 -17.49 -21.33 -20.42
C THR J 14 -16.79 -21.48 -21.77
N SER J 15 -16.23 -22.66 -22.02
CA SER J 15 -15.53 -22.95 -23.28
C SER J 15 -16.48 -22.92 -24.48
N THR J 16 -17.65 -23.53 -24.34
CA THR J 16 -18.60 -23.52 -25.44
C THR J 16 -19.29 -22.16 -25.51
N PHE J 17 -19.41 -21.48 -24.38
CA PHE J 17 -20.03 -20.17 -24.37
C PHE J 17 -19.22 -19.20 -25.24
N ALA J 18 -17.91 -19.18 -25.06
CA ALA J 18 -17.05 -18.30 -25.86
C ALA J 18 -17.08 -18.71 -27.32
N LEU J 19 -17.02 -20.01 -27.57
CA LEU J 19 -17.04 -20.50 -28.93
C LEU J 19 -18.36 -20.06 -29.57
N THR J 20 -19.43 -20.04 -28.78
CA THR J 20 -20.72 -19.63 -29.30
C THR J 20 -20.69 -18.15 -29.67
N VAL J 21 -20.11 -17.32 -28.79
CA VAL J 21 -20.02 -15.89 -29.03
C VAL J 21 -19.30 -15.59 -30.36
N VAL J 22 -18.25 -16.35 -30.66
CA VAL J 22 -17.51 -16.15 -31.89
C VAL J 22 -18.36 -16.44 -33.11
N LEU J 23 -18.84 -17.67 -33.24
CA LEU J 23 -19.67 -18.00 -34.38
C LEU J 23 -20.89 -17.11 -34.40
N GLY J 24 -21.31 -16.68 -33.22
CA GLY J 24 -22.46 -15.80 -33.13
C GLY J 24 -22.11 -14.49 -33.82
N ALA J 25 -20.93 -13.96 -33.49
CA ALA J 25 -20.48 -12.73 -34.10
C ALA J 25 -20.29 -12.89 -35.60
N VAL J 26 -19.60 -13.96 -36.01
CA VAL J 26 -19.37 -14.20 -37.44
C VAL J 26 -20.67 -14.15 -38.23
N LEU J 27 -21.65 -14.92 -37.79
CA LEU J 27 -22.95 -14.97 -38.44
C LEU J 27 -23.69 -13.65 -38.36
N PHE J 28 -23.69 -13.06 -37.17
CA PHE J 28 -24.37 -11.77 -36.97
C PHE J 28 -23.81 -10.66 -37.85
N GLU J 29 -22.50 -10.64 -38.05
CA GLU J 29 -21.89 -9.61 -38.88
C GLU J 29 -22.44 -9.71 -40.30
N ARG J 30 -22.14 -10.84 -40.92
CA ARG J 30 -22.59 -11.13 -42.28
C ARG J 30 -24.05 -10.69 -42.48
N ALA J 31 -24.91 -11.09 -41.55
CA ALA J 31 -26.32 -10.76 -41.64
C ALA J 31 -26.65 -9.29 -41.37
N PHE J 32 -26.14 -8.74 -40.27
CA PHE J 32 -26.41 -7.35 -39.96
C PHE J 32 -25.92 -6.41 -41.08
N ASP J 33 -24.77 -6.71 -41.68
CA ASP J 33 -24.27 -5.84 -42.74
C ASP J 33 -25.17 -5.85 -43.97
N GLN J 34 -25.48 -7.02 -44.48
CA GLN J 34 -26.33 -7.10 -45.66
C GLN J 34 -27.63 -6.37 -45.41
N GLY J 35 -28.31 -6.70 -44.32
CA GLY J 35 -29.56 -6.05 -44.00
C GLY J 35 -29.43 -4.54 -43.92
N ALA J 36 -28.35 -4.07 -43.30
CA ALA J 36 -28.14 -2.64 -43.14
C ALA J 36 -27.95 -1.94 -44.49
N ASP J 37 -27.08 -2.48 -45.34
CA ASP J 37 -26.85 -1.87 -46.65
C ASP J 37 -28.13 -1.95 -47.45
N ALA J 38 -28.79 -3.09 -47.36
CA ALA J 38 -30.04 -3.28 -48.08
C ALA J 38 -31.04 -2.19 -47.67
N ILE J 39 -31.14 -1.90 -46.38
CA ILE J 39 -32.07 -0.87 -45.93
C ILE J 39 -31.62 0.49 -46.45
N PHE J 40 -30.33 0.78 -46.28
CA PHE J 40 -29.80 2.06 -46.71
C PHE J 40 -30.01 2.33 -48.18
N GLU J 41 -29.64 1.37 -49.02
CA GLU J 41 -29.79 1.54 -50.46
C GLU J 41 -31.24 1.67 -50.88
N HIS J 42 -32.10 0.84 -50.32
CA HIS J 42 -33.50 0.89 -50.68
C HIS J 42 -34.04 2.28 -50.36
N LEU J 43 -33.60 2.84 -49.24
CA LEU J 43 -34.06 4.16 -48.86
C LEU J 43 -33.56 5.22 -49.84
N ASN J 44 -32.55 4.87 -50.63
CA ASN J 44 -31.98 5.82 -51.58
C ASN J 44 -32.01 5.34 -53.02
N GLU J 45 -33.14 4.79 -53.44
CA GLU J 45 -33.27 4.28 -54.80
C GLU J 45 -32.92 5.28 -55.88
N GLY J 46 -32.04 4.86 -56.79
CA GLY J 46 -31.63 5.70 -57.91
C GLY J 46 -30.69 6.88 -57.68
N LYS J 47 -30.24 7.09 -56.45
CA LYS J 47 -29.35 8.22 -56.17
C LYS J 47 -27.89 7.86 -56.12
N LEU J 48 -27.60 6.60 -55.81
CA LEU J 48 -26.22 6.16 -55.69
C LEU J 48 -25.58 5.86 -57.03
N TRP J 49 -24.26 5.87 -57.07
CA TRP J 49 -23.55 5.58 -58.31
C TRP J 49 -23.96 4.19 -58.78
N LYS J 50 -23.97 3.26 -57.84
CA LYS J 50 -24.38 1.88 -58.09
C LYS J 50 -25.58 1.84 -59.05
N HIS J 51 -26.55 2.71 -58.79
CA HIS J 51 -27.77 2.81 -59.58
C HIS J 51 -27.59 3.44 -60.96
N ILE J 52 -27.16 4.69 -61.02
CA ILE J 52 -26.97 5.39 -62.29
C ILE J 52 -25.77 4.92 -63.09
N LYS J 53 -25.01 3.98 -62.53
CA LYS J 53 -23.82 3.45 -63.18
C LYS J 53 -24.00 2.89 -64.59
N HIS J 54 -25.09 2.19 -64.86
CA HIS J 54 -25.32 1.59 -66.18
C HIS J 54 -25.27 2.58 -67.34
N LYS J 55 -25.74 3.81 -67.10
CA LYS J 55 -25.76 4.85 -68.12
C LYS J 55 -24.40 5.17 -68.76
N TYR J 56 -23.30 4.89 -68.07
CA TYR J 56 -21.99 5.21 -68.62
C TYR J 56 -21.04 4.04 -68.61
N GLU J 57 -21.49 2.92 -68.05
CA GLU J 57 -20.70 1.71 -67.92
C GLU J 57 -20.81 0.81 -69.16
N ALA J 58 -20.08 1.17 -70.22
CA ALA J 58 -20.06 0.43 -71.48
C ALA J 58 -21.27 0.75 -72.38
N SER J 59 -22.09 1.71 -71.95
CA SER J 59 -23.27 2.14 -72.70
C SER J 59 -23.16 3.59 -73.19
N GLU J 60 -21.96 3.99 -73.61
CA GLU J 60 -21.75 5.34 -74.11
C GLU J 60 -20.55 5.47 -75.05
N GLU J 61 -20.64 6.47 -75.92
CA GLU J 61 -19.62 6.77 -76.93
C GLU J 61 -19.61 5.73 -78.05
N THR K 3 2.58 31.58 54.97
CA THR K 3 2.83 31.88 53.52
C THR K 3 4.18 31.36 52.99
N TYR K 4 4.20 30.96 51.72
CA TYR K 4 5.39 30.41 51.08
C TYR K 4 6.66 31.20 51.32
N ALA K 5 6.62 32.47 50.92
CA ALA K 5 7.76 33.39 51.04
C ALA K 5 8.44 33.31 52.41
N GLN K 6 7.64 33.44 53.46
CA GLN K 6 8.15 33.42 54.81
C GLN K 6 8.66 32.06 55.30
N THR K 7 7.86 31.01 55.14
CA THR K 7 8.26 29.68 55.57
C THR K 7 9.67 29.33 55.10
N LEU K 8 10.05 29.85 53.94
CA LEU K 8 11.38 29.59 53.40
C LEU K 8 12.45 30.23 54.26
N GLN K 9 12.11 31.37 54.86
CA GLN K 9 13.03 32.10 55.72
C GLN K 9 13.20 31.45 57.08
N ASN K 10 12.08 31.08 57.70
CA ASN K 10 12.12 30.45 59.01
C ASN K 10 12.97 29.19 59.07
N ILE K 11 13.30 28.63 57.91
CA ILE K 11 14.11 27.42 57.90
C ILE K 11 15.44 27.63 58.58
N PRO K 12 15.72 26.83 59.64
CA PRO K 12 16.98 26.95 60.38
C PRO K 12 18.22 26.83 59.49
N GLU K 13 19.10 27.81 59.61
CA GLU K 13 20.32 27.88 58.84
C GLU K 13 21.20 26.65 59.05
N THR K 14 22.13 26.45 58.12
CA THR K 14 23.05 25.31 58.20
C THR K 14 24.38 25.78 58.77
N ASN K 15 24.71 25.30 59.96
CA ASN K 15 25.96 25.68 60.61
C ASN K 15 27.10 24.83 60.07
N VAL K 16 28.18 25.50 59.66
CA VAL K 16 29.35 24.80 59.14
C VAL K 16 30.62 25.30 59.82
N THR K 17 31.46 24.35 60.23
CA THR K 17 32.73 24.65 60.87
C THR K 17 33.71 23.56 60.42
N THR K 18 34.94 23.96 60.13
CA THR K 18 35.94 23.01 59.68
C THR K 18 36.96 22.72 60.78
N LEU K 19 37.35 21.45 60.86
CA LEU K 19 38.35 21.03 61.83
C LEU K 19 39.69 21.31 61.18
N ASP K 20 40.65 21.75 61.99
CA ASP K 20 41.96 22.08 61.48
C ASP K 20 42.66 20.95 60.73
N ASN K 21 42.10 19.74 60.78
CA ASN K 21 42.71 18.62 60.07
C ASN K 21 42.19 18.51 58.63
N GLY K 22 41.26 19.40 58.27
CA GLY K 22 40.70 19.40 56.93
C GLY K 22 39.23 18.99 56.78
N LEU K 23 38.72 18.25 57.76
CA LEU K 23 37.33 17.78 57.72
C LEU K 23 36.35 18.90 58.05
N ARG K 24 35.20 18.89 57.38
CA ARG K 24 34.19 19.91 57.61
C ARG K 24 32.99 19.31 58.34
N VAL K 25 32.38 20.11 59.21
CA VAL K 25 31.23 19.63 59.96
C VAL K 25 30.07 20.58 59.76
N ALA K 26 28.95 20.03 59.30
CA ALA K 26 27.76 20.83 59.04
C ALA K 26 26.50 20.15 59.53
N SER K 27 25.48 20.95 59.82
CA SER K 27 24.23 20.43 60.33
C SER K 27 23.06 21.40 60.26
N GLU K 28 21.85 20.83 60.26
CA GLU K 28 20.62 21.60 60.25
C GLU K 28 19.81 21.01 61.40
N GLU K 29 19.64 21.82 62.43
CA GLU K 29 18.92 21.40 63.63
C GLU K 29 17.42 21.62 63.53
N SER K 30 16.66 20.58 63.87
CA SER K 30 15.21 20.62 63.86
C SER K 30 14.70 20.23 65.24
N SER K 31 13.39 20.24 65.39
CA SER K 31 12.78 19.90 66.65
C SER K 31 12.66 18.38 66.77
N GLN K 32 12.93 17.67 65.69
CA GLN K 32 12.83 16.22 65.65
C GLN K 32 13.60 15.44 66.71
N PRO K 33 13.00 14.34 67.22
CA PRO K 33 13.56 13.45 68.23
C PRO K 33 14.49 12.42 67.59
N THR K 34 14.26 12.18 66.31
CA THR K 34 15.06 11.23 65.55
C THR K 34 15.99 12.04 64.64
N CYS K 35 16.96 11.37 64.01
CA CYS K 35 17.87 12.09 63.12
C CYS K 35 18.76 11.19 62.27
N THR K 36 19.63 11.83 61.50
CA THR K 36 20.57 11.15 60.61
C THR K 36 21.89 11.90 60.58
N VAL K 37 22.99 11.15 60.63
CA VAL K 37 24.33 11.73 60.54
C VAL K 37 25.15 10.74 59.72
N GLY K 38 26.12 11.26 58.97
CA GLY K 38 26.96 10.41 58.16
C GLY K 38 28.06 11.24 57.51
N VAL K 39 29.01 10.54 56.89
CA VAL K 39 30.13 11.18 56.22
C VAL K 39 30.03 11.03 54.70
N TRP K 40 30.09 12.18 53.99
CA TRP K 40 30.02 12.21 52.53
C TRP K 40 31.40 12.46 51.95
N ILE K 41 31.95 11.44 51.31
CA ILE K 41 33.28 11.51 50.75
C ILE K 41 33.36 11.82 49.26
N GLY K 42 34.32 12.66 48.91
CA GLY K 42 34.51 13.00 47.51
C GLY K 42 35.39 11.91 46.90
N ALA K 43 34.83 10.72 46.68
CA ALA K 43 35.59 9.62 46.08
C ALA K 43 34.67 8.58 45.43
N GLY K 44 35.08 8.10 44.26
CA GLY K 44 34.29 7.11 43.56
C GLY K 44 35.05 6.42 42.44
N SER K 45 34.33 5.92 41.45
CA SER K 45 34.94 5.23 40.32
C SER K 45 35.77 6.16 39.43
N ARG K 46 35.42 7.44 39.38
CA ARG K 46 36.17 8.37 38.55
C ARG K 46 37.59 8.49 39.12
N TYR K 47 37.72 8.25 40.43
CA TYR K 47 39.01 8.33 41.08
C TYR K 47 39.83 7.05 40.90
N GLU K 48 39.19 5.99 40.44
CA GLU K 48 39.90 4.72 40.24
C GLU K 48 40.61 4.67 38.90
N ASN K 49 41.45 3.65 38.73
CA ASN K 49 42.22 3.46 37.50
C ASN K 49 41.84 2.12 36.89
N GLU K 50 42.51 1.78 35.79
CA GLU K 50 42.26 0.55 35.09
C GLU K 50 42.33 -0.71 35.96
N LYS K 51 43.39 -0.83 36.77
CA LYS K 51 43.54 -2.04 37.59
C LYS K 51 42.83 -2.08 38.93
N ASN K 52 42.43 -0.92 39.45
CA ASN K 52 41.76 -0.89 40.76
C ASN K 52 40.28 -0.50 40.67
N ASN K 53 39.73 -0.52 39.46
CA ASN K 53 38.33 -0.19 39.22
C ASN K 53 37.48 -1.12 40.07
N GLY K 54 36.66 -0.53 40.93
CA GLY K 54 35.78 -1.34 41.77
C GLY K 54 36.14 -1.36 43.24
N ALA K 55 37.35 -0.91 43.56
CA ALA K 55 37.81 -0.88 44.95
C ALA K 55 36.81 -0.14 45.83
N GLY K 56 36.44 1.08 45.44
CA GLY K 56 35.49 1.86 46.22
C GLY K 56 34.21 1.11 46.54
N TYR K 57 33.86 0.16 45.66
CA TYR K 57 32.66 -0.67 45.80
C TYR K 57 32.94 -1.86 46.69
N PHE K 58 34.07 -2.53 46.43
CA PHE K 58 34.49 -3.70 47.21
C PHE K 58 34.61 -3.22 48.66
N VAL K 59 35.07 -1.98 48.81
CA VAL K 59 35.21 -1.36 50.13
C VAL K 59 33.83 -1.17 50.76
N GLU K 60 32.95 -0.48 50.03
CA GLU K 60 31.60 -0.23 50.51
C GLU K 60 30.97 -1.50 51.11
N HIS K 61 31.36 -2.67 50.58
CA HIS K 61 30.84 -3.95 51.07
C HIS K 61 31.41 -4.37 52.42
N LEU K 62 32.66 -4.01 52.67
CA LEU K 62 33.32 -4.37 53.90
C LEU K 62 33.14 -3.31 54.98
N ALA K 63 32.84 -2.08 54.57
CA ALA K 63 32.67 -0.99 55.52
C ALA K 63 31.70 -1.30 56.66
N PHE K 64 30.96 -2.39 56.52
CA PHE K 64 29.99 -2.77 57.55
C PHE K 64 30.33 -4.09 58.25
N LYS K 65 31.31 -4.83 57.73
CA LYS K 65 31.68 -6.10 58.34
C LYS K 65 32.59 -5.88 59.55
N GLY K 66 32.46 -4.71 60.17
CA GLY K 66 33.25 -4.39 61.35
C GLY K 66 34.63 -3.78 61.21
N THR K 67 35.06 -3.11 62.28
CA THR K 67 36.37 -2.46 62.35
C THR K 67 37.31 -3.32 63.18
N LYS K 68 38.47 -2.76 63.52
CA LYS K 68 39.45 -3.47 64.34
C LYS K 68 39.07 -3.27 65.80
N LYS K 69 38.61 -2.06 66.12
CA LYS K 69 38.21 -1.75 67.48
C LYS K 69 37.12 -2.72 67.93
N ARG K 70 36.39 -3.28 66.97
CA ARG K 70 35.30 -4.22 67.26
C ARG K 70 34.90 -5.06 66.04
N PRO K 71 35.17 -6.37 66.09
CA PRO K 71 34.85 -7.30 64.99
C PRO K 71 33.39 -7.27 64.52
N CYS K 72 33.08 -8.09 63.53
CA CYS K 72 31.75 -8.15 62.92
C CYS K 72 30.53 -8.23 63.85
N ALA K 73 30.33 -9.39 64.46
CA ALA K 73 29.18 -9.61 65.35
C ALA K 73 28.99 -8.47 66.35
N ALA K 74 30.08 -7.97 66.91
CA ALA K 74 30.01 -6.89 67.88
C ALA K 74 29.45 -5.64 67.25
N PHE K 75 30.11 -5.19 66.19
CA PHE K 75 29.69 -3.98 65.47
C PHE K 75 28.21 -4.01 65.12
N GLU K 76 27.78 -5.07 64.44
CA GLU K 76 26.39 -5.19 64.05
C GLU K 76 25.47 -5.14 65.25
N LYS K 77 25.74 -6.03 66.20
CA LYS K 77 24.96 -6.12 67.43
C LYS K 77 24.83 -4.73 68.04
N GLU K 78 25.94 -4.02 68.15
CA GLU K 78 25.94 -2.69 68.73
C GLU K 78 25.06 -1.67 67.98
N VAL K 79 24.95 -1.83 66.66
CA VAL K 79 24.15 -0.91 65.86
C VAL K 79 22.68 -1.28 65.95
N GLU K 80 22.40 -2.55 65.70
CA GLU K 80 21.04 -3.04 65.76
C GLU K 80 20.39 -2.78 67.11
N SER K 81 21.00 -3.33 68.17
CA SER K 81 20.48 -3.19 69.53
C SER K 81 20.21 -1.75 70.02
N MET K 82 20.52 -0.74 69.19
CA MET K 82 20.24 0.63 69.59
C MET K 82 19.24 1.23 68.59
N GLY K 83 18.63 0.35 67.80
CA GLY K 83 17.64 0.73 66.81
C GLY K 83 18.06 1.69 65.72
N ALA K 84 19.36 1.77 65.43
CA ALA K 84 19.85 2.68 64.41
C ALA K 84 20.00 1.94 63.08
N HIS K 85 19.77 2.67 61.99
CA HIS K 85 19.87 2.09 60.65
C HIS K 85 21.18 2.52 60.01
N PHE K 86 21.95 1.54 59.54
CA PHE K 86 23.21 1.87 58.89
C PHE K 86 23.19 1.47 57.43
N ASN K 87 23.32 2.49 56.57
CA ASN K 87 23.32 2.30 55.14
C ASN K 87 24.30 3.25 54.45
N GLY K 88 24.45 3.09 53.15
CA GLY K 88 25.34 3.94 52.38
C GLY K 88 25.40 3.61 50.90
N TYR K 89 26.32 4.25 50.18
CA TYR K 89 26.45 4.03 48.75
C TYR K 89 27.76 4.56 48.19
N THR K 90 27.97 4.28 46.91
CA THR K 90 29.18 4.73 46.24
C THR K 90 28.87 4.95 44.76
N SER K 91 29.00 6.19 44.30
CA SER K 91 28.73 6.52 42.90
C SER K 91 30.03 6.66 42.09
N ARG K 92 30.11 7.64 41.19
CA ARG K 92 31.31 7.82 40.36
C ARG K 92 32.20 8.92 40.95
N GLU K 93 31.56 9.91 41.56
CA GLU K 93 32.29 11.02 42.16
C GLU K 93 31.84 11.24 43.58
N GLN K 94 31.21 10.24 44.18
CA GLN K 94 30.73 10.42 45.54
C GLN K 94 30.37 9.13 46.26
N THR K 95 30.82 9.04 47.52
CA THR K 95 30.54 7.88 48.38
C THR K 95 29.98 8.47 49.68
N ALA K 96 29.23 7.67 50.42
CA ALA K 96 28.69 8.15 51.68
C ALA K 96 28.21 7.01 52.56
N PHE K 97 28.39 7.17 53.86
CA PHE K 97 27.95 6.18 54.85
C PHE K 97 27.23 7.03 55.87
N TYR K 98 25.98 6.73 56.12
CA TYR K 98 25.22 7.51 57.07
C TYR K 98 24.43 6.60 57.98
N ILE K 99 24.00 7.15 59.11
CA ILE K 99 23.25 6.38 60.08
C ILE K 99 21.99 7.13 60.51
N LYS K 100 20.94 6.34 60.74
CA LYS K 100 19.66 6.86 61.18
C LYS K 100 19.44 6.36 62.59
N ALA K 101 19.24 7.29 63.53
CA ALA K 101 19.02 6.90 64.91
C ALA K 101 18.33 8.03 65.65
N LEU K 102 18.12 7.81 66.94
CA LEU K 102 17.47 8.78 67.81
C LEU K 102 18.49 9.86 68.14
N SER K 103 18.06 11.11 68.18
CA SER K 103 18.95 12.24 68.46
C SER K 103 19.89 11.99 69.64
N LYS K 104 19.42 11.24 70.63
CA LYS K 104 20.23 10.92 71.80
C LYS K 104 21.57 10.31 71.39
N ASP K 105 21.53 9.17 70.72
CA ASP K 105 22.74 8.46 70.32
C ASP K 105 23.72 9.20 69.41
N MET K 106 23.35 10.41 69.02
CA MET K 106 24.18 11.23 68.13
C MET K 106 25.70 11.04 68.29
N PRO K 107 26.22 11.19 69.52
CA PRO K 107 27.65 11.02 69.78
C PRO K 107 28.20 9.62 69.54
N LYS K 108 27.53 8.60 70.05
CA LYS K 108 28.01 7.24 69.84
C LYS K 108 28.02 6.94 68.34
N VAL K 109 27.07 7.53 67.64
CA VAL K 109 26.97 7.34 66.20
C VAL K 109 28.27 7.82 65.54
N VAL K 110 28.59 9.09 65.76
CA VAL K 110 29.80 9.69 65.22
C VAL K 110 31.00 8.76 65.42
N GLU K 111 31.17 8.27 66.64
CA GLU K 111 32.28 7.38 66.97
C GLU K 111 32.28 6.18 66.00
N LEU K 112 31.10 5.64 65.74
CA LEU K 112 30.96 4.51 64.84
C LEU K 112 31.28 4.92 63.42
N LEU K 113 30.74 6.05 62.98
CA LEU K 113 31.01 6.52 61.63
C LEU K 113 32.52 6.58 61.45
N ALA K 114 33.18 7.30 62.36
CA ALA K 114 34.63 7.47 62.34
C ALA K 114 35.38 6.14 62.37
N ASP K 115 34.90 5.20 63.19
CA ASP K 115 35.57 3.92 63.29
C ASP K 115 35.52 3.17 61.95
N VAL K 116 34.46 3.38 61.17
CA VAL K 116 34.30 2.70 59.88
C VAL K 116 35.17 3.29 58.78
N VAL K 117 35.11 4.62 58.65
CA VAL K 117 35.87 5.35 57.64
C VAL K 117 37.37 5.33 57.92
N GLN K 118 37.76 4.95 59.13
CA GLN K 118 39.17 4.94 59.52
C GLN K 118 39.75 3.57 59.86
N ASN K 119 38.99 2.74 60.57
CA ASN K 119 39.50 1.45 60.99
C ASN K 119 38.86 0.20 60.41
N CYS K 120 38.26 0.30 59.24
CA CYS K 120 37.66 -0.87 58.62
C CYS K 120 38.64 -2.06 58.76
N ALA K 121 38.19 -3.14 59.40
CA ALA K 121 39.02 -4.32 59.62
C ALA K 121 39.58 -4.98 58.35
N LEU K 122 38.80 -4.99 57.28
CA LEU K 122 39.23 -5.60 56.03
C LEU K 122 39.72 -7.03 56.26
N GLU K 123 39.05 -7.74 57.15
CA GLU K 123 39.43 -9.12 57.44
C GLU K 123 39.52 -9.85 56.10
N GLU K 124 40.57 -10.64 55.92
CA GLU K 124 40.75 -11.34 54.67
C GLU K 124 39.80 -12.51 54.39
N SER K 125 39.22 -13.10 55.42
CA SER K 125 38.30 -14.21 55.19
C SER K 125 36.99 -13.63 54.64
N GLN K 126 36.72 -12.38 55.03
CA GLN K 126 35.53 -11.66 54.60
C GLN K 126 35.66 -11.28 53.12
N ILE K 127 36.84 -10.84 52.73
CA ILE K 127 37.12 -10.46 51.34
C ILE K 127 36.88 -11.59 50.35
N GLU K 128 37.19 -12.82 50.73
CA GLU K 128 36.96 -13.94 49.83
C GLU K 128 35.48 -14.28 49.73
N LYS K 129 34.68 -13.72 50.63
CA LYS K 129 33.25 -13.96 50.64
C LYS K 129 32.55 -12.88 49.80
N GLU K 130 32.93 -11.63 50.00
CA GLU K 130 32.36 -10.50 49.26
C GLU K 130 32.66 -10.66 47.77
N ARG K 131 33.71 -11.41 47.48
CA ARG K 131 34.12 -11.67 46.12
C ARG K 131 32.98 -12.36 45.37
N GLY K 132 32.38 -13.36 46.01
CA GLY K 132 31.27 -14.06 45.39
C GLY K 132 30.01 -13.21 45.41
N VAL K 133 29.78 -12.53 46.53
CA VAL K 133 28.62 -11.65 46.69
C VAL K 133 28.59 -10.59 45.59
N ILE K 134 29.70 -9.89 45.41
CA ILE K 134 29.77 -8.86 44.38
C ILE K 134 29.51 -9.49 43.02
N LEU K 135 30.26 -10.53 42.68
CA LEU K 135 30.06 -11.18 41.39
C LEU K 135 28.58 -11.48 41.12
N GLN K 136 27.84 -11.83 42.17
CA GLN K 136 26.41 -12.12 42.01
C GLN K 136 25.64 -10.85 41.70
N GLU K 137 25.91 -9.81 42.47
CA GLU K 137 25.23 -8.55 42.27
C GLU K 137 25.45 -8.02 40.86
N LEU K 138 26.53 -8.45 40.21
CA LEU K 138 26.80 -7.99 38.86
C LEU K 138 25.86 -8.69 37.90
N LYS K 139 25.64 -9.98 38.14
CA LYS K 139 24.76 -10.77 37.29
C LYS K 139 23.30 -10.36 37.49
N GLU K 140 22.98 -9.91 38.69
CA GLU K 140 21.63 -9.47 38.97
C GLU K 140 21.42 -8.09 38.32
N MET K 141 22.35 -7.17 38.54
CA MET K 141 22.25 -5.83 37.97
C MET K 141 22.36 -5.85 36.46
N ASP K 142 22.90 -6.93 35.91
CA ASP K 142 23.07 -7.05 34.48
C ASP K 142 21.71 -7.23 33.84
N ASN K 143 20.73 -7.59 34.64
CA ASN K 143 19.40 -7.79 34.11
C ASN K 143 18.50 -6.59 34.33
N ASP K 144 19.09 -5.45 34.69
CA ASP K 144 18.34 -4.21 34.87
C ASP K 144 18.69 -3.29 33.71
N MET K 145 17.96 -3.42 32.61
CA MET K 145 18.19 -2.63 31.41
C MET K 145 18.40 -1.14 31.64
N THR K 146 17.67 -0.54 32.56
CA THR K 146 17.83 0.89 32.77
C THR K 146 19.26 1.21 33.18
N ASN K 147 19.82 0.40 34.06
CA ASN K 147 21.19 0.63 34.50
C ASN K 147 22.19 0.17 33.43
N VAL K 148 21.95 -0.97 32.80
CA VAL K 148 22.85 -1.41 31.75
C VAL K 148 22.98 -0.30 30.72
N THR K 149 21.87 0.42 30.52
CA THR K 149 21.81 1.49 29.55
C THR K 149 22.52 2.77 29.96
N PHE K 150 22.39 3.19 31.20
CA PHE K 150 23.12 4.40 31.60
C PHE K 150 24.64 4.15 31.68
N ASP K 151 25.03 2.90 31.94
CA ASP K 151 26.44 2.59 32.00
C ASP K 151 26.98 2.68 30.58
N TYR K 152 26.23 2.12 29.63
CA TYR K 152 26.63 2.19 28.24
C TYR K 152 26.66 3.64 27.77
N LEU K 153 25.74 4.45 28.28
CA LEU K 153 25.71 5.86 27.89
C LEU K 153 27.02 6.49 28.32
N HIS K 154 27.40 6.26 29.57
CA HIS K 154 28.64 6.79 30.11
C HIS K 154 29.83 6.21 29.37
N ALA K 155 29.81 4.88 29.21
CA ALA K 155 30.88 4.17 28.54
C ALA K 155 31.25 4.75 27.18
N THR K 156 30.26 5.32 26.49
CA THR K 156 30.52 5.88 25.16
C THR K 156 30.62 7.39 25.22
N ALA K 157 29.74 8.03 25.98
CA ALA K 157 29.76 9.49 26.06
C ALA K 157 31.15 9.99 26.47
N PHE K 158 31.77 9.28 27.40
CA PHE K 158 33.09 9.64 27.92
C PHE K 158 34.12 8.57 27.61
N GLN K 159 33.95 7.87 26.50
CA GLN K 159 34.87 6.81 26.12
C GLN K 159 36.31 7.27 26.28
N GLY K 160 37.17 6.32 26.68
CA GLY K 160 38.58 6.60 26.86
C GLY K 160 38.95 7.42 28.09
N THR K 161 38.03 7.56 29.05
CA THR K 161 38.32 8.32 30.26
C THR K 161 37.79 7.63 31.52
N ALA K 162 37.94 8.31 32.66
CA ALA K 162 37.52 7.76 33.95
C ALA K 162 36.00 7.58 34.04
N LEU K 163 35.26 8.61 33.67
CA LEU K 163 33.81 8.56 33.73
C LEU K 163 33.20 7.42 32.91
N ALA K 164 33.98 6.84 32.01
CA ALA K 164 33.48 5.74 31.17
C ALA K 164 33.39 4.40 31.91
N ARG K 165 33.82 4.38 33.17
CA ARG K 165 33.79 3.16 33.98
C ARG K 165 32.54 2.99 34.84
N THR K 166 32.16 1.73 35.07
CA THR K 166 31.02 1.40 35.92
C THR K 166 31.47 1.57 37.37
N VAL K 167 30.53 1.77 38.28
CA VAL K 167 30.89 1.93 39.68
C VAL K 167 31.25 0.59 40.30
N GLU K 168 30.58 -0.46 39.86
CA GLU K 168 30.85 -1.79 40.40
C GLU K 168 32.17 -2.39 39.90
N GLY K 169 32.80 -1.75 38.92
CA GLY K 169 34.05 -2.27 38.39
C GLY K 169 33.91 -3.44 37.43
N THR K 170 35.04 -4.03 37.05
CA THR K 170 35.09 -5.14 36.12
C THR K 170 35.07 -6.50 36.80
N THR K 171 34.79 -7.54 36.02
CA THR K 171 34.79 -8.89 36.53
C THR K 171 36.20 -9.30 36.96
N GLU K 172 37.19 -8.98 36.14
CA GLU K 172 38.58 -9.30 36.46
C GLU K 172 39.05 -8.66 37.76
N ASN K 173 38.76 -7.37 37.93
CA ASN K 173 39.16 -6.66 39.14
C ASN K 173 38.56 -7.26 40.40
N ILE K 174 37.29 -7.61 40.36
CA ILE K 174 36.65 -8.18 41.52
C ILE K 174 37.27 -9.52 41.88
N LYS K 175 37.63 -10.28 40.86
CA LYS K 175 38.26 -11.59 41.05
C LYS K 175 39.70 -11.52 41.57
N HIS K 176 40.39 -10.41 41.32
CA HIS K 176 41.79 -10.26 41.74
C HIS K 176 42.16 -9.11 42.66
N LEU K 177 41.20 -8.28 43.06
CA LEU K 177 41.56 -7.17 43.95
C LEU K 177 42.16 -7.72 45.23
N THR K 178 43.14 -7.00 45.78
CA THR K 178 43.84 -7.44 46.98
C THR K 178 43.53 -6.67 48.26
N ARG K 179 43.76 -7.37 49.37
CA ARG K 179 43.57 -6.83 50.70
C ARG K 179 44.35 -5.51 50.67
N ALA K 180 45.46 -5.54 49.95
CA ALA K 180 46.31 -4.37 49.80
C ALA K 180 45.57 -3.23 49.12
N ASP K 181 45.16 -3.47 47.87
CA ASP K 181 44.45 -2.48 47.07
C ASP K 181 43.35 -1.78 47.84
N LEU K 182 42.52 -2.58 48.51
CA LEU K 182 41.41 -2.04 49.28
C LEU K 182 41.93 -1.10 50.36
N ALA K 183 42.97 -1.56 51.06
CA ALA K 183 43.60 -0.78 52.11
C ALA K 183 44.09 0.50 51.45
N SER K 184 44.89 0.32 50.40
CA SER K 184 45.43 1.43 49.65
C SER K 184 44.36 2.43 49.24
N TYR K 185 43.21 1.93 48.76
CA TYR K 185 42.12 2.80 48.35
C TYR K 185 41.67 3.65 49.51
N ILE K 186 41.36 3.00 50.62
CA ILE K 186 40.90 3.69 51.81
C ILE K 186 41.88 4.76 52.28
N ASP K 187 43.16 4.39 52.34
CA ASP K 187 44.23 5.30 52.78
C ASP K 187 44.38 6.48 51.84
N THR K 188 44.45 6.18 50.55
CA THR K 188 44.59 7.20 49.53
C THR K 188 43.40 8.15 49.42
N HIS K 189 42.19 7.60 49.48
CA HIS K 189 40.99 8.39 49.29
C HIS K 189 40.16 8.89 50.48
N PHE K 190 39.94 8.06 51.50
CA PHE K 190 39.15 8.48 52.66
C PHE K 190 39.92 9.42 53.57
N LYS K 191 40.06 10.68 53.17
CA LYS K 191 40.80 11.65 53.97
C LYS K 191 40.05 12.90 54.35
N ALA K 192 40.29 13.35 55.58
CA ALA K 192 39.67 14.52 56.19
C ALA K 192 39.24 15.71 55.32
N PRO K 193 40.14 16.25 54.49
CA PRO K 193 39.76 17.39 53.65
C PRO K 193 38.79 17.04 52.52
N ARG K 194 38.75 15.75 52.19
CA ARG K 194 37.86 15.24 51.15
C ARG K 194 36.56 14.65 51.73
N MET K 195 36.33 14.88 53.03
CA MET K 195 35.14 14.36 53.70
C MET K 195 34.32 15.46 54.37
N VAL K 196 33.05 15.13 54.60
CA VAL K 196 32.11 16.03 55.25
C VAL K 196 31.23 15.26 56.22
N LEU K 197 31.13 15.76 57.45
CA LEU K 197 30.30 15.13 58.47
C LEU K 197 29.03 15.94 58.44
N ALA K 198 27.94 15.29 58.03
CA ALA K 198 26.65 15.96 57.94
C ALA K 198 25.65 15.36 58.90
N ALA K 199 24.82 16.22 59.48
CA ALA K 199 23.82 15.77 60.41
C ALA K 199 22.57 16.59 60.27
N ALA K 200 21.44 15.91 60.33
CA ALA K 200 20.14 16.55 60.23
C ALA K 200 19.22 15.93 61.29
N GLY K 201 18.42 16.77 61.94
CA GLY K 201 17.52 16.31 62.97
C GLY K 201 17.63 17.17 64.22
N GLY K 202 17.27 16.63 65.37
CA GLY K 202 17.34 17.39 66.61
C GLY K 202 18.69 17.28 67.32
N ILE K 203 19.74 17.82 66.71
CA ILE K 203 21.08 17.77 67.28
C ILE K 203 21.70 19.15 67.36
N SER K 204 22.54 19.33 68.37
CA SER K 204 23.24 20.59 68.60
C SER K 204 24.55 20.62 67.80
N HIS K 205 24.69 21.63 66.95
CA HIS K 205 25.90 21.74 66.14
C HIS K 205 27.11 21.63 67.07
N LYS K 206 27.08 22.41 68.14
CA LYS K 206 28.14 22.43 69.14
C LYS K 206 28.47 21.00 69.56
N GLU K 207 27.50 20.34 70.18
CA GLU K 207 27.70 18.97 70.62
C GLU K 207 28.19 18.09 69.48
N LEU K 208 27.77 18.38 68.25
CA LEU K 208 28.19 17.60 67.10
C LEU K 208 29.66 17.81 66.78
N VAL K 209 30.04 19.06 66.58
CA VAL K 209 31.42 19.38 66.26
C VAL K 209 32.37 18.87 67.36
N ASP K 210 31.91 18.91 68.62
CA ASP K 210 32.71 18.44 69.75
C ASP K 210 33.07 16.97 69.53
N ALA K 211 32.06 16.15 69.33
CA ALA K 211 32.25 14.72 69.10
C ALA K 211 33.21 14.47 67.95
N ALA K 212 33.12 15.32 66.92
CA ALA K 212 33.98 15.18 65.74
C ALA K 212 35.45 15.23 66.13
N ARG K 213 35.83 16.36 66.75
CA ARG K 213 37.19 16.59 67.21
C ARG K 213 37.69 15.39 67.97
N GLN K 214 36.79 14.77 68.73
CA GLN K 214 37.11 13.62 69.55
C GLN K 214 37.47 12.33 68.79
N HIS K 215 36.68 11.93 67.80
CA HIS K 215 36.99 10.69 67.08
C HIS K 215 37.55 10.90 65.70
N PHE K 216 37.47 12.14 65.22
CA PHE K 216 38.02 12.50 63.93
C PHE K 216 39.24 13.34 64.27
N SER K 217 40.25 12.65 64.79
CA SER K 217 41.50 13.26 65.24
C SER K 217 42.62 13.45 64.22
N GLY K 218 43.40 12.39 64.00
CA GLY K 218 44.54 12.43 63.07
C GLY K 218 44.73 13.67 62.21
N VAL K 219 45.66 14.54 62.62
CA VAL K 219 45.94 15.77 61.87
C VAL K 219 47.15 15.64 60.94
N SER K 220 47.20 16.52 59.94
CA SER K 220 48.25 16.52 58.93
C SER K 220 49.46 17.41 59.22
N PHE K 221 50.61 16.98 58.73
CA PHE K 221 51.87 17.70 58.91
C PHE K 221 52.26 18.49 57.68
N THR K 222 52.41 17.79 56.57
CA THR K 222 52.79 18.42 55.31
C THR K 222 51.67 19.30 54.75
N TYR K 223 51.92 19.91 53.59
CA TYR K 223 50.94 20.78 52.96
C TYR K 223 50.15 19.95 51.94
N LYS K 224 50.76 18.85 51.49
CA LYS K 224 50.11 17.98 50.52
C LYS K 224 48.93 17.23 51.13
N GLU K 225 48.99 17.00 52.44
CA GLU K 225 47.92 16.28 53.13
C GLU K 225 46.67 17.13 53.23
N ASP K 226 46.81 18.42 52.94
CA ASP K 226 45.67 19.33 52.99
C ASP K 226 45.30 19.74 51.58
N ALA K 227 45.86 19.03 50.60
CA ALA K 227 45.59 19.33 49.20
C ALA K 227 44.53 18.40 48.63
N VAL K 228 43.47 19.00 48.10
CA VAL K 228 42.37 18.27 47.49
C VAL K 228 42.66 18.24 45.98
N PRO K 229 43.18 17.11 45.48
CA PRO K 229 43.51 16.93 44.05
C PRO K 229 42.38 17.22 43.07
N ILE K 230 42.70 17.97 42.01
CA ILE K 230 41.75 18.29 40.95
C ILE K 230 41.94 17.24 39.88
N LEU K 231 40.87 16.52 39.55
CA LEU K 231 40.94 15.45 38.56
C LEU K 231 41.11 15.84 37.11
N PRO K 232 41.76 14.96 36.31
CA PRO K 232 41.99 15.21 34.88
C PRO K 232 40.64 15.17 34.13
N ARG K 233 40.32 16.27 33.47
CA ARG K 233 39.06 16.39 32.73
C ARG K 233 38.73 15.25 31.77
N CYS K 234 37.44 14.89 31.73
CA CYS K 234 36.97 13.81 30.86
C CYS K 234 36.40 14.38 29.56
N ARG K 235 36.86 13.82 28.45
CA ARG K 235 36.46 14.25 27.12
C ARG K 235 35.18 13.62 26.65
N PHE K 236 34.22 14.47 26.27
CA PHE K 236 32.93 14.00 25.77
C PHE K 236 33.03 13.63 24.28
N THR K 237 32.32 12.59 23.86
CA THR K 237 32.36 12.15 22.48
C THR K 237 30.98 11.83 21.89
N GLY K 238 30.63 12.51 20.81
CA GLY K 238 29.37 12.26 20.14
C GLY K 238 29.52 10.91 19.49
N SER K 239 28.83 9.91 20.01
CA SER K 239 28.95 8.58 19.46
C SER K 239 27.77 7.73 19.88
N GLU K 240 27.85 6.44 19.61
CA GLU K 240 26.79 5.53 19.97
C GLU K 240 27.28 4.09 20.15
N ILE K 241 26.57 3.39 21.04
CA ILE K 241 26.83 2.00 21.29
C ILE K 241 25.44 1.35 21.20
N ARG K 242 25.35 0.30 20.39
CA ARG K 242 24.08 -0.38 20.22
C ARG K 242 24.23 -1.84 20.59
N ALA K 243 23.64 -2.22 21.71
CA ALA K 243 23.69 -3.60 22.17
C ALA K 243 22.41 -4.26 21.73
N ARG K 244 22.45 -5.03 20.66
CA ARG K 244 21.22 -5.64 20.19
C ARG K 244 20.91 -7.07 20.60
N ASP K 245 19.70 -7.29 21.07
CA ASP K 245 19.23 -8.61 21.45
C ASP K 245 17.72 -8.63 21.22
N ASP K 246 17.32 -9.24 20.12
CA ASP K 246 15.91 -9.31 19.78
C ASP K 246 15.13 -10.21 20.71
N ALA K 247 15.82 -10.93 21.58
CA ALA K 247 15.12 -11.80 22.49
C ALA K 247 14.63 -11.04 23.71
N LEU K 248 14.97 -9.76 23.82
CA LEU K 248 14.50 -8.97 24.95
C LEU K 248 13.14 -8.37 24.64
N PRO K 249 12.25 -8.35 25.63
CA PRO K 249 10.89 -7.83 25.55
C PRO K 249 10.70 -6.40 25.04
N VAL K 250 11.46 -5.46 25.56
CA VAL K 250 11.34 -4.08 25.13
C VAL K 250 12.69 -3.40 24.98
N ALA K 251 12.73 -2.35 24.18
CA ALA K 251 13.97 -1.64 23.94
C ALA K 251 14.17 -0.48 24.88
N HIS K 252 15.44 -0.20 25.16
CA HIS K 252 15.85 0.92 26.02
C HIS K 252 16.72 1.81 25.16
N VAL K 253 16.46 3.11 25.27
CA VAL K 253 17.19 4.10 24.51
C VAL K 253 17.49 5.27 25.43
N ALA K 254 18.72 5.74 25.37
CA ALA K 254 19.16 6.86 26.19
C ALA K 254 20.01 7.71 25.26
N LEU K 255 19.70 9.00 25.24
CA LEU K 255 20.40 9.95 24.37
C LEU K 255 20.75 11.18 25.18
N ALA K 256 21.96 11.70 25.02
CA ALA K 256 22.33 12.86 25.78
C ALA K 256 23.48 13.69 25.21
N VAL K 257 23.56 14.93 25.69
CA VAL K 257 24.59 15.89 25.31
C VAL K 257 25.37 16.26 26.59
N GLU K 258 26.55 16.85 26.43
CA GLU K 258 27.34 17.20 27.60
C GLU K 258 26.79 18.36 28.45
N GLY K 259 26.68 18.11 29.75
CA GLY K 259 26.19 19.12 30.69
C GLY K 259 27.31 19.97 31.26
N PRO K 260 26.97 21.10 31.92
CA PRO K 260 27.99 21.98 32.50
C PRO K 260 28.79 21.55 33.76
N GLY K 261 28.14 20.93 34.73
CA GLY K 261 28.85 20.54 35.94
C GLY K 261 28.38 21.41 37.09
N TRP K 262 28.18 20.76 38.23
CA TRP K 262 27.67 21.43 39.44
C TRP K 262 27.69 22.97 39.53
N ALA K 263 28.87 23.54 39.55
CA ALA K 263 29.06 24.99 39.67
C ALA K 263 28.17 25.90 38.81
N ASP K 264 28.09 25.60 37.51
CA ASP K 264 27.33 26.42 36.57
C ASP K 264 25.86 26.69 36.88
N PRO K 265 25.46 27.97 36.93
CA PRO K 265 24.11 28.46 37.21
C PRO K 265 23.10 28.02 36.13
N ASP K 266 23.62 27.67 34.96
CA ASP K 266 22.77 27.22 33.87
C ASP K 266 22.03 25.96 34.28
N ASN K 267 22.63 25.19 35.18
CA ASN K 267 22.01 23.96 35.63
C ASN K 267 20.59 24.22 36.15
N VAL K 268 20.35 25.41 36.69
CA VAL K 268 19.02 25.74 37.20
C VAL K 268 18.08 25.69 36.01
N VAL K 269 18.38 26.49 34.98
CA VAL K 269 17.57 26.55 33.78
C VAL K 269 17.36 25.16 33.21
N LEU K 270 18.45 24.43 32.97
CA LEU K 270 18.33 23.08 32.43
C LEU K 270 17.30 22.25 33.18
N HIS K 271 17.30 22.32 34.50
CA HIS K 271 16.33 21.56 35.29
C HIS K 271 14.92 22.06 35.06
N VAL K 272 14.78 23.36 34.84
CA VAL K 272 13.47 23.92 34.54
C VAL K 272 13.05 23.34 33.20
N ALA K 273 14.00 23.28 32.26
CA ALA K 273 13.74 22.73 30.94
C ALA K 273 13.19 21.32 31.10
N ASN K 274 13.97 20.46 31.75
CA ASN K 274 13.55 19.09 31.96
C ASN K 274 12.16 19.03 32.58
N ALA K 275 11.81 20.05 33.35
CA ALA K 275 10.50 20.08 34.00
C ALA K 275 9.40 20.25 32.96
N ILE K 276 9.73 20.92 31.86
CA ILE K 276 8.76 21.15 30.79
C ILE K 276 8.48 19.85 30.05
N ILE K 277 9.54 19.11 29.73
CA ILE K 277 9.40 17.85 29.05
C ILE K 277 8.92 16.80 30.04
N GLY K 278 9.34 16.94 31.29
CA GLY K 278 8.93 16.02 32.34
C GLY K 278 9.25 14.54 32.15
N ARG K 279 8.37 13.69 32.67
CA ARG K 279 8.55 12.24 32.57
C ARG K 279 7.18 11.58 32.48
N TYR K 280 7.18 10.27 32.27
CA TYR K 280 5.93 9.55 32.12
C TYR K 280 6.10 8.02 32.18
N ASP K 281 5.05 7.34 32.64
CA ASP K 281 5.04 5.89 32.69
C ASP K 281 3.56 5.44 32.62
N ARG K 282 3.34 4.27 32.03
CA ARG K 282 1.98 3.76 31.84
C ARG K 282 1.00 3.71 33.02
N THR K 283 1.40 4.18 34.20
CA THR K 283 0.47 4.13 35.31
C THR K 283 0.12 5.52 35.77
N PHE K 284 0.45 6.51 34.94
CA PHE K 284 0.13 7.88 35.27
C PHE K 284 -1.34 8.05 34.96
N GLY K 285 -2.14 8.30 35.99
CA GLY K 285 -3.57 8.47 35.79
C GLY K 285 -3.98 9.65 34.93
N GLY K 286 -3.15 10.68 34.86
CA GLY K 286 -3.46 11.85 34.05
C GLY K 286 -3.73 11.49 32.60
N GLY K 287 -3.05 10.44 32.13
CA GLY K 287 -3.21 9.98 30.76
C GLY K 287 -3.07 11.01 29.66
N LYS K 288 -4.02 11.00 28.72
CA LYS K 288 -4.01 11.91 27.58
C LYS K 288 -4.09 13.38 27.94
N HIS K 289 -4.30 13.69 29.21
CA HIS K 289 -4.39 15.10 29.59
C HIS K 289 -3.15 15.71 30.23
N LEU K 290 -2.13 14.90 30.47
CA LEU K 290 -0.90 15.37 31.07
C LEU K 290 -0.45 16.63 30.36
N SER K 291 0.18 17.54 31.10
CA SER K 291 0.61 18.80 30.52
C SER K 291 1.84 18.63 29.64
N SER K 292 2.60 17.56 29.88
CA SER K 292 3.79 17.30 29.07
C SER K 292 3.39 16.86 27.67
N ARG K 293 3.75 17.66 26.67
CA ARG K 293 3.42 17.32 25.30
C ARG K 293 3.93 15.93 24.93
N LEU K 294 5.14 15.58 25.34
CA LEU K 294 5.68 14.26 25.00
C LEU K 294 4.91 13.15 25.68
N ALA K 295 4.46 13.39 26.92
CA ALA K 295 3.70 12.39 27.65
C ALA K 295 2.39 12.16 26.91
N ALA K 296 1.74 13.27 26.53
CA ALA K 296 0.48 13.24 25.79
C ALA K 296 0.59 12.38 24.52
N LEU K 297 1.51 12.75 23.62
CA LEU K 297 1.70 11.99 22.38
C LEU K 297 1.96 10.53 22.74
N ALA K 298 2.83 10.32 23.72
CA ALA K 298 3.15 8.98 24.16
C ALA K 298 1.87 8.19 24.43
N VAL K 299 0.90 8.86 25.05
CA VAL K 299 -0.37 8.22 25.38
C VAL K 299 -1.24 8.07 24.14
N GLU K 300 -1.37 9.15 23.38
CA GLU K 300 -2.16 9.15 22.17
C GLU K 300 -1.70 8.05 21.21
N HIS K 301 -0.40 8.01 20.91
CA HIS K 301 0.13 7.03 19.96
C HIS K 301 0.77 5.81 20.54
N LYS K 302 0.66 5.62 21.85
CA LYS K 302 1.24 4.46 22.52
C LYS K 302 2.74 4.33 22.17
N LEU K 303 3.47 5.43 22.30
CA LEU K 303 4.89 5.45 21.97
C LEU K 303 5.85 4.73 22.90
N CYS K 304 5.53 4.63 24.18
CA CYS K 304 6.45 3.97 25.09
C CYS K 304 5.82 3.50 26.41
N HIS K 305 6.56 2.66 27.14
CA HIS K 305 6.12 2.17 28.43
C HIS K 305 6.47 3.23 29.46
N SER K 306 7.50 4.03 29.15
CA SER K 306 7.96 5.13 30.02
C SER K 306 9.13 5.90 29.44
N PHE K 307 9.30 7.12 29.94
CA PHE K 307 10.41 7.97 29.53
C PHE K 307 10.70 8.96 30.66
N GLN K 308 11.95 9.42 30.71
CA GLN K 308 12.38 10.36 31.74
C GLN K 308 13.52 11.22 31.22
N THR K 309 13.58 12.44 31.73
CA THR K 309 14.62 13.35 31.35
C THR K 309 15.56 13.38 32.55
N PHE K 310 16.82 13.70 32.31
CA PHE K 310 17.79 13.75 33.40
C PHE K 310 18.87 14.78 33.17
N ASN K 311 19.32 15.40 34.24
CA ASN K 311 20.41 16.37 34.17
C ASN K 311 21.49 15.93 35.17
N THR K 312 22.16 14.83 34.85
CA THR K 312 23.20 14.26 35.69
C THR K 312 24.45 15.13 35.73
N SER K 313 24.65 15.84 36.84
CA SER K 313 25.80 16.72 37.00
C SER K 313 27.03 16.08 37.66
N TYR K 314 28.19 16.61 37.30
CA TYR K 314 29.46 16.19 37.86
C TYR K 314 30.25 17.47 38.16
N SER K 315 31.43 17.30 38.75
CA SER K 315 32.26 18.43 39.12
C SER K 315 32.53 19.37 37.96
N ASP K 316 33.10 18.81 36.88
CA ASP K 316 33.51 19.56 35.68
C ASP K 316 32.75 19.25 34.37
N THR K 317 31.86 18.27 34.40
CA THR K 317 31.11 17.90 33.21
C THR K 317 29.65 17.51 33.56
N GLY K 318 29.05 16.66 32.73
CA GLY K 318 27.68 16.21 32.96
C GLY K 318 26.99 15.59 31.76
N LEU K 319 25.78 15.08 31.98
CA LEU K 319 24.98 14.49 30.91
C LEU K 319 23.55 15.03 30.99
N PHE K 320 23.09 15.63 29.90
CA PHE K 320 21.75 16.18 29.82
C PHE K 320 21.03 15.45 28.69
N GLY K 321 20.07 14.59 29.04
CA GLY K 321 19.39 13.85 28.01
C GLY K 321 18.04 13.29 28.42
N PHE K 322 17.74 12.10 27.90
CA PHE K 322 16.49 11.45 28.23
C PHE K 322 16.60 9.95 27.94
N HIS K 323 15.73 9.19 28.59
CA HIS K 323 15.71 7.75 28.46
C HIS K 323 14.27 7.24 28.36
N PHE K 324 14.05 6.30 27.43
CA PHE K 324 12.72 5.73 27.27
C PHE K 324 12.71 4.23 27.00
N VAL K 325 11.62 3.59 27.40
CA VAL K 325 11.46 2.16 27.21
C VAL K 325 10.25 2.03 26.29
N ALA K 326 10.37 1.26 25.22
CA ALA K 326 9.26 1.11 24.29
C ALA K 326 9.29 -0.16 23.49
N ASP K 327 8.14 -0.57 22.98
CA ASP K 327 8.09 -1.79 22.21
C ASP K 327 8.94 -1.62 20.98
N PRO K 328 9.51 -2.73 20.47
CA PRO K 328 10.36 -2.75 19.28
C PRO K 328 9.85 -1.96 18.11
N LEU K 329 8.53 -1.97 17.91
CA LEU K 329 7.94 -1.27 16.77
C LEU K 329 7.49 0.17 16.96
N SER K 330 7.87 0.81 18.06
CA SER K 330 7.48 2.19 18.27
C SER K 330 8.68 3.05 18.64
N ILE K 331 9.86 2.46 18.59
CA ILE K 331 11.08 3.18 18.95
C ILE K 331 11.29 4.41 18.11
N ASP K 332 11.17 4.24 16.79
CA ASP K 332 11.36 5.34 15.87
C ASP K 332 10.48 6.56 16.15
N ASP K 333 9.18 6.35 16.23
CA ASP K 333 8.26 7.45 16.48
C ASP K 333 8.56 8.13 17.79
N MET K 334 8.85 7.34 18.83
CA MET K 334 9.15 7.91 20.14
C MET K 334 10.37 8.84 20.05
N MET K 335 11.45 8.31 19.50
CA MET K 335 12.66 9.07 19.35
C MET K 335 12.35 10.36 18.59
N PHE K 336 11.59 10.20 17.50
CA PHE K 336 11.19 11.30 16.65
C PHE K 336 10.47 12.40 17.46
N CYS K 337 9.45 12.02 18.22
CA CYS K 337 8.70 12.98 19.02
C CYS K 337 9.54 13.57 20.15
N ALA K 338 10.46 12.76 20.67
CA ALA K 338 11.32 13.21 21.76
C ALA K 338 12.27 14.28 21.27
N GLN K 339 13.02 13.97 20.21
CA GLN K 339 13.96 14.96 19.68
C GLN K 339 13.17 16.20 19.30
N GLY K 340 11.93 15.97 18.89
CA GLY K 340 11.08 17.08 18.51
C GLY K 340 10.93 18.02 19.68
N GLU K 341 10.50 17.47 20.83
CA GLU K 341 10.32 18.29 22.02
C GLU K 341 11.59 19.02 22.43
N TRP K 342 12.75 18.44 22.14
CA TRP K 342 14.01 19.11 22.47
C TRP K 342 14.16 20.36 21.62
N MET K 343 13.92 20.21 20.32
CA MET K 343 14.01 21.33 19.39
C MET K 343 12.99 22.39 19.77
N ARG K 344 11.85 21.95 20.29
CA ARG K 344 10.83 22.89 20.67
C ARG K 344 11.40 23.77 21.81
N LEU K 345 12.19 23.15 22.67
CA LEU K 345 12.82 23.84 23.80
C LEU K 345 13.75 24.98 23.35
N CYS K 346 14.59 24.69 22.37
CA CYS K 346 15.53 25.66 21.86
C CYS K 346 14.87 26.77 21.06
N THR K 347 13.71 26.47 20.47
CA THR K 347 13.05 27.44 19.61
C THR K 347 11.70 28.04 19.95
N SER K 348 10.87 27.38 20.73
CA SER K 348 9.56 27.99 20.97
C SER K 348 8.91 27.92 22.35
N THR K 349 9.69 27.60 23.36
CA THR K 349 9.20 27.53 24.74
C THR K 349 8.34 28.78 25.10
N THR K 350 7.18 28.56 25.71
CA THR K 350 6.26 29.65 26.08
C THR K 350 6.38 30.04 27.54
N GLU K 351 5.87 31.22 27.88
CA GLU K 351 5.93 31.66 29.27
C GLU K 351 4.98 30.80 30.11
N SER K 352 4.00 30.18 29.46
CA SER K 352 3.04 29.34 30.17
C SER K 352 3.74 28.05 30.58
N GLU K 353 4.52 27.49 29.67
CA GLU K 353 5.21 26.25 29.96
C GLU K 353 6.21 26.42 31.10
N VAL K 354 6.93 27.55 31.11
CA VAL K 354 7.92 27.80 32.14
C VAL K 354 7.29 28.05 33.50
N LYS K 355 6.23 28.85 33.52
CA LYS K 355 5.54 29.16 34.77
C LYS K 355 5.25 27.84 35.50
N ARG K 356 4.74 26.86 34.76
CA ARG K 356 4.43 25.56 35.33
C ARG K 356 5.68 24.76 35.67
N ALA K 357 6.67 24.80 34.79
CA ALA K 357 7.91 24.08 35.01
C ALA K 357 8.55 24.51 36.32
N LYS K 358 8.50 25.80 36.60
CA LYS K 358 9.07 26.35 37.83
C LYS K 358 8.32 25.78 39.03
N ASN K 359 6.99 25.84 39.00
CA ASN K 359 6.20 25.29 40.10
C ASN K 359 6.48 23.82 40.31
N HIS K 360 6.69 23.08 39.23
CA HIS K 360 7.00 21.66 39.36
C HIS K 360 8.38 21.49 39.98
N LEU K 361 9.32 22.34 39.58
CA LEU K 361 10.69 22.28 40.09
C LEU K 361 10.77 22.67 41.55
N ARG K 362 10.01 23.70 41.96
CA ARG K 362 9.99 24.12 43.35
C ARG K 362 9.51 22.95 44.21
N SER K 363 8.37 22.37 43.85
CA SER K 363 7.82 21.24 44.58
C SER K 363 8.83 20.11 44.65
N ALA K 364 9.60 19.96 43.57
CA ALA K 364 10.60 18.91 43.48
C ALA K 364 11.76 19.09 44.45
N MET K 365 12.25 20.32 44.58
CA MET K 365 13.37 20.60 45.47
C MET K 365 12.94 20.46 46.93
N VAL K 366 11.71 20.87 47.24
CA VAL K 366 11.19 20.78 48.59
C VAL K 366 11.03 19.30 48.95
N ALA K 367 10.66 18.50 47.97
CA ALA K 367 10.47 17.07 48.20
C ALA K 367 11.80 16.38 48.51
N GLN K 368 12.90 16.98 48.09
CA GLN K 368 14.20 16.38 48.35
C GLN K 368 14.66 16.63 49.79
N LEU K 369 13.79 17.27 50.55
CA LEU K 369 14.08 17.60 51.94
C LEU K 369 12.95 17.10 52.82
N ASP K 370 12.53 15.86 52.56
CA ASP K 370 11.45 15.26 53.31
C ASP K 370 11.99 14.12 54.17
N GLY K 371 12.47 14.48 55.35
CA GLY K 371 13.04 13.51 56.26
C GLY K 371 14.45 13.94 56.58
N THR K 372 15.07 13.28 57.55
CA THR K 372 16.42 13.66 57.92
C THR K 372 17.45 13.09 56.96
N THR K 373 17.26 11.84 56.53
CA THR K 373 18.21 11.24 55.61
C THR K 373 18.33 12.07 54.33
N PRO K 374 17.21 12.47 53.72
CA PRO K 374 17.38 13.26 52.50
C PRO K 374 17.97 14.67 52.73
N VAL K 375 17.70 15.27 53.89
CA VAL K 375 18.26 16.61 54.18
C VAL K 375 19.75 16.49 54.44
N CYS K 376 20.14 15.35 54.98
CA CYS K 376 21.54 15.06 55.29
C CYS K 376 22.29 14.83 53.98
N GLU K 377 21.64 14.14 53.06
CA GLU K 377 22.21 13.85 51.74
C GLU K 377 22.43 15.15 50.99
N THR K 378 21.52 16.09 51.14
CA THR K 378 21.62 17.37 50.48
C THR K 378 22.82 18.14 51.02
N ILE K 379 22.92 18.22 52.35
CA ILE K 379 24.05 18.91 52.99
C ILE K 379 25.39 18.27 52.61
N GLY K 380 25.47 16.95 52.70
CA GLY K 380 26.69 16.24 52.35
C GLY K 380 27.14 16.58 50.95
N SER K 381 26.20 16.53 50.01
CA SER K 381 26.50 16.82 48.61
C SER K 381 26.70 18.30 48.33
N HIS K 382 25.89 19.19 48.92
CA HIS K 382 26.08 20.61 48.67
C HIS K 382 27.49 21.07 49.00
N LEU K 383 27.95 20.80 50.22
CA LEU K 383 29.31 21.19 50.62
C LEU K 383 30.36 20.58 49.67
N LEU K 384 30.26 19.27 49.48
CA LEU K 384 31.15 18.53 48.62
C LEU K 384 31.17 19.04 47.15
N ASN K 385 30.03 19.50 46.63
CA ASN K 385 29.93 19.97 45.24
C ASN K 385 29.91 21.49 45.04
N TYR K 386 29.22 22.21 45.92
CA TYR K 386 29.14 23.68 45.80
C TYR K 386 29.99 24.39 46.86
N GLY K 387 30.69 23.60 47.68
CA GLY K 387 31.53 24.16 48.73
C GLY K 387 30.76 24.95 49.78
N ARG K 388 29.48 24.61 49.96
CA ARG K 388 28.63 25.28 50.93
C ARG K 388 27.22 24.78 50.74
N ARG K 389 26.29 25.30 51.52
CA ARG K 389 24.92 24.88 51.39
C ARG K 389 24.12 25.96 50.70
N ILE K 390 23.23 25.54 49.82
CA ILE K 390 22.35 26.45 49.10
C ILE K 390 20.94 26.15 49.61
N SER K 391 20.37 27.11 50.31
CA SER K 391 19.04 27.00 50.90
C SER K 391 17.91 26.97 49.88
N LEU K 392 16.71 26.63 50.36
CA LEU K 392 15.55 26.61 49.50
C LEU K 392 15.23 28.06 49.14
N GLU K 393 15.52 28.96 50.08
CA GLU K 393 15.25 30.37 49.82
C GLU K 393 16.08 30.89 48.66
N GLU K 394 17.32 30.41 48.55
CA GLU K 394 18.19 30.86 47.46
C GLU K 394 17.80 30.15 46.15
N TRP K 395 17.68 28.83 46.20
CA TRP K 395 17.29 28.06 45.02
C TRP K 395 16.08 28.75 44.41
N ASP K 396 15.02 28.87 45.20
CA ASP K 396 13.79 29.49 44.72
C ASP K 396 14.02 30.80 44.00
N SER K 397 14.93 31.62 44.52
CA SER K 397 15.23 32.90 43.88
C SER K 397 15.73 32.66 42.46
N ARG K 398 16.67 31.74 42.34
CA ARG K 398 17.28 31.37 41.06
C ARG K 398 16.21 30.89 40.09
N ILE K 399 15.35 30.02 40.59
CA ILE K 399 14.26 29.45 39.82
C ILE K 399 13.29 30.53 39.36
N SER K 400 12.95 31.47 40.24
CA SER K 400 12.01 32.52 39.86
C SER K 400 12.55 33.41 38.74
N ALA K 401 13.88 33.48 38.63
CA ALA K 401 14.52 34.30 37.62
C ALA K 401 14.40 33.74 36.21
N VAL K 402 14.18 32.43 36.09
CA VAL K 402 14.07 31.79 34.78
C VAL K 402 12.78 32.17 34.03
N ASP K 403 12.93 32.47 32.74
CA ASP K 403 11.81 32.85 31.86
C ASP K 403 11.98 32.13 30.51
N ALA K 404 10.92 32.14 29.71
CA ALA K 404 10.95 31.48 28.40
C ALA K 404 12.23 31.80 27.68
N ARG K 405 12.41 33.10 27.42
CA ARG K 405 13.57 33.62 26.73
C ARG K 405 14.85 32.92 27.19
N MET K 406 15.01 32.83 28.51
CA MET K 406 16.18 32.20 29.12
C MET K 406 16.32 30.72 28.76
N VAL K 407 15.25 29.97 28.95
CA VAL K 407 15.26 28.54 28.65
C VAL K 407 15.67 28.26 27.21
N ARG K 408 15.14 29.06 26.29
CA ARG K 408 15.48 28.89 24.90
C ARG K 408 16.98 29.08 24.69
N ASP K 409 17.51 30.19 25.19
CA ASP K 409 18.93 30.46 25.03
C ASP K 409 19.82 29.41 25.67
N VAL K 410 19.46 28.94 26.87
CA VAL K 410 20.29 27.94 27.53
C VAL K 410 20.25 26.59 26.80
N CYS K 411 19.04 26.17 26.40
CA CYS K 411 18.90 24.90 25.71
C CYS K 411 19.57 24.92 24.34
N SER K 412 19.45 26.04 23.64
CA SER K 412 20.08 26.18 22.34
C SER K 412 21.57 26.04 22.53
N LYS K 413 22.06 26.60 23.63
CA LYS K 413 23.48 26.55 23.95
C LYS K 413 24.03 25.13 24.13
N TYR K 414 23.28 24.26 24.80
CA TYR K 414 23.74 22.90 25.04
C TYR K 414 23.21 21.81 24.13
N ILE K 415 22.07 22.07 23.48
CA ILE K 415 21.45 21.06 22.62
C ILE K 415 21.58 21.27 21.12
N TYR K 416 21.18 22.45 20.66
CA TYR K 416 21.17 22.74 19.23
C TYR K 416 22.42 22.42 18.42
N ASP K 417 22.23 21.57 17.42
CA ASP K 417 23.28 21.12 16.50
C ASP K 417 24.48 20.47 17.16
N LYS K 418 24.25 19.76 18.26
CA LYS K 418 25.32 19.08 18.96
C LYS K 418 25.36 17.62 18.58
N CYS K 419 26.51 16.97 18.75
CA CYS K 419 26.59 15.54 18.44
C CYS K 419 26.35 14.82 19.76
N PRO K 420 25.19 14.17 19.90
CA PRO K 420 24.83 13.47 21.12
C PRO K 420 25.51 12.12 21.29
N ALA K 421 25.30 11.56 22.48
CA ALA K 421 25.83 10.26 22.79
C ALA K 421 24.59 9.37 22.84
N LEU K 422 24.68 8.19 22.25
CA LEU K 422 23.53 7.33 22.21
C LEU K 422 23.83 5.90 22.67
N ALA K 423 22.95 5.40 23.52
CA ALA K 423 23.06 4.04 24.04
C ALA K 423 21.72 3.40 23.76
N ALA K 424 21.74 2.23 23.12
CA ALA K 424 20.53 1.52 22.78
C ALA K 424 20.72 0.04 23.10
N VAL K 425 19.79 -0.52 23.87
CA VAL K 425 19.84 -1.91 24.29
C VAL K 425 18.52 -2.65 24.01
N GLY K 426 18.62 -3.87 23.48
CA GLY K 426 17.43 -4.66 23.20
C GLY K 426 17.11 -4.84 21.73
N PRO K 427 15.83 -5.03 21.38
CA PRO K 427 15.36 -5.23 19.99
C PRO K 427 15.27 -3.87 19.31
N ILE K 428 16.42 -3.28 19.04
CA ILE K 428 16.50 -1.94 18.47
C ILE K 428 16.54 -1.71 16.97
N GLU K 429 16.22 -2.72 16.16
CA GLU K 429 16.27 -2.54 14.71
C GLU K 429 15.53 -1.33 14.14
N GLN K 430 14.36 -1.00 14.68
CA GLN K 430 13.60 0.13 14.13
C GLN K 430 14.20 1.51 14.38
N LEU K 431 15.12 1.60 15.34
CA LEU K 431 15.76 2.89 15.60
C LEU K 431 17.01 2.80 14.77
N LEU K 432 17.35 3.82 13.99
CA LEU K 432 18.57 3.64 13.23
C LEU K 432 19.33 4.86 12.76
N ASP K 433 20.56 4.58 12.34
CA ASP K 433 21.52 5.53 11.84
C ASP K 433 21.79 6.73 12.74
N TYR K 434 23.05 6.88 13.12
CA TYR K 434 23.44 8.00 13.96
C TYR K 434 23.12 9.25 13.15
N ASN K 435 23.50 9.23 11.89
CA ASN K 435 23.25 10.36 11.01
C ASN K 435 21.83 10.89 11.12
N ARG K 436 20.85 10.01 11.04
CA ARG K 436 19.48 10.44 11.15
C ARG K 436 19.22 11.06 12.52
N ILE K 437 19.72 10.42 13.58
CA ILE K 437 19.54 10.97 14.94
C ILE K 437 20.16 12.35 15.01
N ARG K 438 21.33 12.48 14.39
CA ARG K 438 22.08 13.73 14.39
C ARG K 438 21.26 14.85 13.76
N SER K 439 20.65 14.57 12.60
CA SER K 439 19.84 15.58 11.92
C SER K 439 18.68 16.03 12.82
N GLY K 440 18.25 15.16 13.71
CA GLY K 440 17.17 15.51 14.61
C GLY K 440 17.59 16.60 15.58
N MET K 441 18.87 16.92 15.57
CA MET K 441 19.38 17.93 16.48
C MET K 441 19.23 19.37 15.98
N TYR K 442 18.53 19.57 14.88
CA TYR K 442 18.33 20.95 14.39
C TYR K 442 17.06 21.16 13.56
N TRP K 443 16.58 22.41 13.61
CA TRP K 443 15.36 22.86 12.92
C TRP K 443 14.09 22.36 13.64
N ILE K 444 13.45 23.23 14.42
CA ILE K 444 12.25 22.84 15.17
C ILE K 444 11.27 21.98 14.39
N CYS L 20 9.31 35.66 64.08
CA CYS L 20 8.63 34.78 63.09
C CYS L 20 8.16 33.45 63.71
N PRO L 21 7.31 32.69 62.97
CA PRO L 21 6.72 31.39 63.34
C PRO L 21 7.43 30.50 64.38
N GLY L 22 6.66 29.63 65.01
CA GLY L 22 7.22 28.73 66.01
C GLY L 22 6.51 27.39 66.16
N ALA L 23 6.07 27.11 67.38
CA ALA L 23 5.39 25.87 67.71
C ALA L 23 3.87 26.01 67.75
N GLU L 24 3.20 25.18 66.94
CA GLU L 24 1.74 25.18 66.83
C GLU L 24 1.17 24.01 67.65
N ASP L 25 -0.13 23.78 67.52
CA ASP L 25 -0.80 22.69 68.23
C ASP L 25 -1.79 21.94 67.34
N LEU L 26 -1.74 20.60 67.40
CA LEU L 26 -2.59 19.73 66.60
C LEU L 26 -4.06 19.72 66.97
N GLU L 27 -4.81 20.69 66.42
CA GLU L 27 -6.25 20.77 66.67
C GLU L 27 -6.96 19.60 66.00
N ILE L 28 -8.21 19.35 66.36
CA ILE L 28 -8.92 18.22 65.79
C ILE L 28 -10.42 18.23 66.09
N THR L 29 -11.15 19.12 65.42
CA THR L 29 -12.61 19.27 65.57
C THR L 29 -13.38 18.06 64.99
N LYS L 30 -14.70 18.14 65.07
CA LYS L 30 -15.60 17.14 64.53
C LYS L 30 -16.93 17.83 64.39
N LEU L 31 -17.57 17.68 63.23
CA LEU L 31 -18.85 18.33 62.96
C LEU L 31 -20.03 17.45 63.40
N PRO L 32 -21.26 18.00 63.30
CA PRO L 32 -22.47 17.26 63.67
C PRO L 32 -22.66 15.96 62.89
N ASN L 33 -22.42 16.02 61.58
CA ASN L 33 -22.60 14.85 60.72
C ASN L 33 -21.57 13.77 60.99
N GLY L 34 -20.65 14.05 61.93
CA GLY L 34 -19.64 13.07 62.30
C GLY L 34 -18.36 13.14 61.50
N LEU L 35 -18.22 14.17 60.67
CA LEU L 35 -17.01 14.35 59.87
C LEU L 35 -15.90 14.89 60.75
N ILE L 36 -14.79 14.17 60.81
CA ILE L 36 -13.64 14.59 61.63
C ILE L 36 -12.68 15.47 60.84
N ILE L 37 -12.05 16.42 61.54
CA ILE L 37 -11.10 17.33 60.90
C ILE L 37 -9.82 17.52 61.72
N ALA L 38 -8.78 16.76 61.40
CA ALA L 38 -7.51 16.89 62.11
C ALA L 38 -6.60 17.83 61.33
N SER L 39 -5.88 18.70 62.05
CA SER L 39 -4.99 19.67 61.40
C SER L 39 -3.72 19.95 62.20
N LEU L 40 -2.69 20.42 61.50
CA LEU L 40 -1.42 20.75 62.13
C LEU L 40 -0.87 22.02 61.49
N GLU L 41 0.44 22.24 61.61
CA GLU L 41 1.06 23.41 61.03
C GLU L 41 2.52 23.50 61.46
N ASN L 42 3.41 22.93 60.65
CA ASN L 42 4.84 22.97 60.95
C ASN L 42 5.52 23.99 60.06
N PHE L 43 4.73 24.93 59.57
CA PHE L 43 5.20 25.99 58.70
C PHE L 43 6.12 25.48 57.59
N SER L 44 5.84 24.27 57.11
CA SER L 44 6.62 23.68 56.03
C SER L 44 6.27 24.49 54.79
N PRO L 45 7.23 24.64 53.86
CA PRO L 45 6.97 25.41 52.65
C PRO L 45 5.87 24.78 51.77
N ALA L 46 5.61 23.50 51.98
CA ALA L 46 4.59 22.79 51.22
C ALA L 46 3.53 22.17 52.12
N SER L 47 2.28 22.17 51.64
CA SER L 47 1.17 21.61 52.41
C SER L 47 0.80 20.26 51.81
N ARG L 48 0.17 19.42 52.62
CA ARG L 48 -0.27 18.11 52.18
C ARG L 48 -1.62 17.78 52.80
N ILE L 49 -2.66 17.72 51.98
CA ILE L 49 -4.00 17.43 52.48
C ILE L 49 -4.54 16.09 52.05
N GLY L 50 -5.26 15.44 52.96
CA GLY L 50 -5.81 14.13 52.66
C GLY L 50 -7.25 13.93 53.06
N VAL L 51 -7.84 12.85 52.53
CA VAL L 51 -9.21 12.47 52.82
C VAL L 51 -9.18 10.98 53.07
N PHE L 52 -9.10 10.61 54.35
CA PHE L 52 -9.06 9.22 54.78
C PHE L 52 -10.49 8.71 54.86
N ILE L 53 -10.72 7.49 54.41
CA ILE L 53 -12.06 6.94 54.40
C ILE L 53 -12.09 5.47 54.78
N LYS L 54 -13.09 5.10 55.59
CA LYS L 54 -13.26 3.71 55.98
C LYS L 54 -13.99 3.09 54.79
N ALA L 55 -13.23 2.50 53.87
CA ALA L 55 -13.80 1.90 52.67
C ALA L 55 -12.69 1.16 51.94
N GLY L 56 -12.98 -0.04 51.45
CA GLY L 56 -11.96 -0.79 50.74
C GLY L 56 -12.56 -2.01 50.07
N SER L 57 -11.72 -2.98 49.71
CA SER L 57 -12.19 -4.20 49.06
C SER L 57 -12.91 -5.11 50.06
N ARG L 58 -12.85 -4.72 51.32
CA ARG L 58 -13.47 -5.47 52.41
C ARG L 58 -15.00 -5.36 52.35
N TYR L 59 -15.50 -4.29 51.72
CA TYR L 59 -16.93 -4.06 51.61
C TYR L 59 -17.51 -4.51 50.27
N GLU L 60 -16.77 -5.36 49.57
CA GLU L 60 -17.24 -5.86 48.29
C GLU L 60 -17.91 -7.20 48.53
N THR L 61 -18.65 -7.67 47.54
CA THR L 61 -19.35 -8.96 47.60
C THR L 61 -19.04 -9.63 46.29
N THR L 62 -19.27 -10.93 46.23
CA THR L 62 -19.01 -11.69 45.02
C THR L 62 -19.57 -10.94 43.80
N ALA L 63 -20.60 -10.12 44.05
CA ALA L 63 -21.28 -9.35 43.02
C ALA L 63 -20.54 -8.13 42.43
N ASN L 64 -19.79 -7.41 43.27
CA ASN L 64 -19.11 -6.21 42.81
C ASN L 64 -17.60 -6.19 43.05
N LEU L 65 -16.98 -7.38 43.11
CA LEU L 65 -15.55 -7.48 43.33
C LEU L 65 -14.81 -6.52 42.41
N GLY L 66 -13.61 -6.10 42.83
CA GLY L 66 -12.82 -5.20 42.01
C GLY L 66 -13.29 -3.77 41.93
N THR L 67 -14.57 -3.54 42.22
CA THR L 67 -15.08 -2.18 42.14
C THR L 67 -14.24 -1.17 42.93
N ALA L 68 -13.74 -1.59 44.09
CA ALA L 68 -12.92 -0.69 44.91
C ALA L 68 -11.63 -0.34 44.18
N HIS L 69 -11.06 -1.34 43.52
CA HIS L 69 -9.81 -1.14 42.76
C HIS L 69 -10.03 -0.09 41.66
N LEU L 70 -11.06 -0.31 40.83
CA LEU L 70 -11.39 0.60 39.75
C LEU L 70 -11.67 2.02 40.28
N LEU L 71 -12.31 2.09 41.45
CA LEU L 71 -12.60 3.37 42.05
C LEU L 71 -11.30 4.12 42.34
N ARG L 72 -10.25 3.35 42.61
CA ARG L 72 -8.94 3.90 42.90
C ARG L 72 -8.35 4.53 41.63
N LEU L 73 -8.45 3.80 40.53
CA LEU L 73 -7.93 4.25 39.25
C LEU L 73 -8.81 5.34 38.62
N ALA L 74 -10.05 5.44 39.08
CA ALA L 74 -10.98 6.41 38.51
C ALA L 74 -10.89 7.82 39.09
N SER L 75 -9.93 8.05 39.97
CA SER L 75 -9.80 9.36 40.58
C SER L 75 -9.68 10.53 39.61
N PRO L 76 -9.09 10.31 38.43
CA PRO L 76 -8.94 11.41 37.47
C PRO L 76 -10.16 11.67 36.55
N LEU L 77 -11.20 10.84 36.66
CA LEU L 77 -12.41 10.98 35.84
C LEU L 77 -13.18 12.28 36.14
N THR L 78 -14.01 12.72 35.20
CA THR L 78 -14.76 13.96 35.39
C THR L 78 -15.69 13.96 36.59
N THR L 79 -15.74 15.10 37.26
CA THR L 79 -16.56 15.28 38.45
C THR L 79 -17.59 16.34 38.09
N LYS L 80 -18.54 16.58 38.97
CA LYS L 80 -19.59 17.56 38.69
C LYS L 80 -19.07 18.98 38.66
N GLY L 81 -17.92 19.22 39.29
CA GLY L 81 -17.38 20.56 39.32
C GLY L 81 -16.21 20.77 38.39
N ALA L 82 -15.44 19.72 38.14
CA ALA L 82 -14.27 19.84 37.27
C ALA L 82 -14.17 18.69 36.30
N SER L 83 -13.70 18.98 35.10
CA SER L 83 -13.58 17.95 34.07
C SER L 83 -12.30 17.12 34.19
N SER L 84 -12.36 15.91 33.64
CA SER L 84 -11.21 15.02 33.63
C SER L 84 -10.00 15.82 33.16
N PHE L 85 -10.26 16.76 32.26
CA PHE L 85 -9.21 17.61 31.70
C PHE L 85 -8.68 18.62 32.71
N ARG L 86 -9.57 19.43 33.29
CA ARG L 86 -9.15 20.45 34.24
C ARG L 86 -8.52 19.90 35.52
N ILE L 87 -8.93 18.71 35.93
CA ILE L 87 -8.37 18.14 37.14
C ILE L 87 -6.87 17.92 36.97
N THR L 88 -6.46 17.38 35.82
CA THR L 88 -5.03 17.14 35.61
C THR L 88 -4.27 18.41 35.26
N ARG L 89 -4.72 19.12 34.23
CA ARG L 89 -4.05 20.36 33.85
C ARG L 89 -4.10 21.36 34.98
N GLY L 90 -5.14 21.28 35.80
CA GLY L 90 -5.29 22.22 36.89
C GLY L 90 -4.33 21.98 38.04
N ILE L 91 -4.11 20.70 38.37
CA ILE L 91 -3.21 20.34 39.46
C ILE L 91 -1.77 20.48 39.02
N GLU L 92 -1.47 20.08 37.79
CA GLU L 92 -0.11 20.18 37.29
C GLU L 92 0.32 21.64 37.15
N ALA L 93 -0.65 22.50 36.85
CA ALA L 93 -0.40 23.92 36.66
C ALA L 93 0.27 24.57 37.86
N VAL L 94 -0.04 24.06 39.04
CA VAL L 94 0.54 24.59 40.28
C VAL L 94 1.55 23.64 40.90
N GLY L 95 2.21 22.86 40.05
CA GLY L 95 3.21 21.92 40.52
C GLY L 95 2.70 20.98 41.59
N GLY L 96 1.39 20.80 41.67
CA GLY L 96 0.83 19.91 42.67
C GLY L 96 0.80 18.45 42.25
N SER L 97 0.25 17.61 43.11
CA SER L 97 0.13 16.20 42.82
C SER L 97 -1.18 15.67 43.40
N LEU L 98 -1.57 14.47 42.98
CA LEU L 98 -2.82 13.87 43.45
C LEU L 98 -2.68 12.37 43.37
N SER L 99 -2.90 11.70 44.50
CA SER L 99 -2.79 10.25 44.51
C SER L 99 -3.81 9.57 45.42
N VAL L 100 -3.94 8.27 45.27
CA VAL L 100 -4.89 7.50 46.05
C VAL L 100 -4.24 6.22 46.56
N TYR L 101 -4.02 6.15 47.87
CA TYR L 101 -3.42 4.96 48.44
C TYR L 101 -4.57 4.28 49.17
N SER L 102 -4.61 2.95 49.13
CA SER L 102 -5.67 2.25 49.82
C SER L 102 -5.28 0.85 50.24
N THR L 103 -5.76 0.43 51.41
CA THR L 103 -5.48 -0.91 51.92
C THR L 103 -6.71 -1.73 51.67
N ARG L 104 -6.87 -2.80 52.43
CA ARG L 104 -8.03 -3.66 52.26
C ARG L 104 -9.24 -3.04 52.96
N GLU L 105 -9.03 -1.98 53.74
CA GLU L 105 -10.17 -1.38 54.43
C GLU L 105 -10.10 0.12 54.66
N LYS L 106 -9.21 0.80 53.95
CA LYS L 106 -9.13 2.24 54.07
C LYS L 106 -8.65 2.83 52.76
N MET L 107 -9.20 3.98 52.38
CA MET L 107 -8.79 4.65 51.15
C MET L 107 -8.37 6.07 51.49
N THR L 108 -7.26 6.52 50.91
CA THR L 108 -6.78 7.85 51.18
C THR L 108 -6.51 8.65 49.92
N TYR L 109 -7.23 9.75 49.78
CA TYR L 109 -7.06 10.61 48.63
C TYR L 109 -6.29 11.79 49.16
N CYS L 110 -5.05 11.95 48.71
CA CYS L 110 -4.26 13.09 49.16
C CYS L 110 -3.59 13.83 48.01
N VAL L 111 -3.46 15.13 48.20
CA VAL L 111 -2.86 16.03 47.23
C VAL L 111 -1.69 16.72 47.94
N GLU L 112 -0.79 17.33 47.17
CA GLU L 112 0.36 18.03 47.73
C GLU L 112 0.67 19.23 46.86
N CYS L 113 1.18 20.28 47.47
CA CYS L 113 1.53 21.48 46.73
C CYS L 113 2.19 22.52 47.62
N LEU L 114 2.55 23.65 47.02
CA LEU L 114 3.16 24.73 47.77
C LEU L 114 2.05 25.42 48.54
N ARG L 115 2.38 26.00 49.69
CA ARG L 115 1.42 26.67 50.54
C ARG L 115 0.47 27.63 49.81
N ASP L 116 0.99 28.35 48.83
CA ASP L 116 0.19 29.31 48.10
C ASP L 116 -0.95 28.71 47.29
N HIS L 117 -0.81 27.45 46.88
CA HIS L 117 -1.82 26.83 46.04
C HIS L 117 -2.74 25.81 46.68
N VAL L 118 -2.66 25.64 47.99
CA VAL L 118 -3.51 24.68 48.68
C VAL L 118 -4.97 24.84 48.25
N ASP L 119 -5.46 26.07 48.31
CA ASP L 119 -6.83 26.40 47.94
C ASP L 119 -7.18 25.85 46.56
N THR L 120 -6.33 26.12 45.58
CA THR L 120 -6.51 25.66 44.21
C THR L 120 -6.62 24.15 44.15
N VAL L 121 -5.60 23.47 44.66
CA VAL L 121 -5.55 22.02 44.68
C VAL L 121 -6.69 21.40 45.48
N MET L 122 -7.22 22.16 46.42
CA MET L 122 -8.30 21.65 47.26
C MET L 122 -9.58 21.39 46.48
N GLU L 123 -9.94 22.33 45.61
CA GLU L 123 -11.14 22.19 44.78
C GLU L 123 -11.26 20.81 44.15
N TYR L 124 -10.16 20.33 43.57
CA TYR L 124 -10.19 19.04 42.93
C TYR L 124 -10.32 17.87 43.92
N LEU L 125 -9.66 17.97 45.07
CA LEU L 125 -9.74 16.90 46.07
C LEU L 125 -11.19 16.74 46.50
N LEU L 126 -11.83 17.88 46.72
CA LEU L 126 -13.23 17.93 47.12
C LEU L 126 -14.07 17.23 46.06
N ASN L 127 -13.97 17.71 44.82
CA ASN L 127 -14.70 17.16 43.69
C ASN L 127 -14.51 15.65 43.46
N VAL L 128 -13.25 15.20 43.49
CA VAL L 128 -12.92 13.80 43.27
C VAL L 128 -13.52 12.82 44.27
N THR L 129 -13.52 13.19 45.55
CA THR L 129 -14.03 12.32 46.61
C THR L 129 -15.53 12.45 46.94
N THR L 130 -16.15 13.54 46.53
CA THR L 130 -17.56 13.71 46.84
C THR L 130 -18.49 13.82 45.62
N ALA L 131 -17.98 14.32 44.49
CA ALA L 131 -18.83 14.49 43.31
C ALA L 131 -18.46 13.76 42.03
N PRO L 132 -18.04 12.50 42.12
CA PRO L 132 -17.69 11.82 40.86
C PRO L 132 -18.93 11.68 39.98
N GLU L 133 -18.72 11.48 38.68
CA GLU L 133 -19.83 11.30 37.74
C GLU L 133 -19.83 9.91 37.12
N PHE L 134 -18.66 9.28 37.08
CA PHE L 134 -18.49 7.94 36.53
C PHE L 134 -19.24 7.76 35.23
N ARG L 135 -19.00 8.67 34.30
CA ARG L 135 -19.63 8.62 32.98
C ARG L 135 -19.29 7.26 32.36
N PRO L 136 -20.31 6.55 31.88
CA PRO L 136 -20.16 5.22 31.26
C PRO L 136 -19.00 5.08 30.32
N TRP L 137 -18.86 6.00 29.37
CA TRP L 137 -17.77 5.90 28.42
C TRP L 137 -16.41 6.10 29.08
N GLU L 138 -16.30 7.08 29.97
CA GLU L 138 -15.01 7.29 30.63
C GLU L 138 -14.68 5.99 31.36
N VAL L 139 -15.64 5.51 32.14
CA VAL L 139 -15.46 4.27 32.89
C VAL L 139 -15.03 3.12 31.99
N THR L 140 -15.70 3.00 30.84
CA THR L 140 -15.42 1.94 29.88
C THR L 140 -13.99 1.99 29.31
N ASP L 141 -13.54 3.19 28.94
CA ASP L 141 -12.20 3.37 28.38
C ASP L 141 -11.17 3.08 29.44
N LEU L 142 -11.54 3.33 30.69
CA LEU L 142 -10.64 3.13 31.82
C LEU L 142 -10.38 1.67 32.23
N GLN L 143 -11.42 0.87 32.29
CA GLN L 143 -11.29 -0.52 32.73
C GLN L 143 -10.10 -1.33 32.27
N PRO L 144 -9.76 -1.30 30.98
CA PRO L 144 -8.59 -2.09 30.56
C PRO L 144 -7.30 -1.76 31.30
N GLN L 145 -7.30 -0.65 32.02
CA GLN L 145 -6.17 -0.17 32.82
C GLN L 145 -5.94 -1.06 34.06
N LEU L 146 -7.03 -1.63 34.58
CA LEU L 146 -6.94 -2.51 35.73
C LEU L 146 -6.01 -3.64 35.33
N LYS L 147 -6.10 -4.04 34.07
CA LYS L 147 -5.27 -5.12 33.56
C LYS L 147 -3.80 -4.79 33.66
N VAL L 148 -3.44 -3.56 33.28
CA VAL L 148 -2.05 -3.11 33.31
C VAL L 148 -1.57 -2.87 34.74
N ASP L 149 -2.29 -2.03 35.46
CA ASP L 149 -1.95 -1.70 36.83
C ASP L 149 -1.70 -2.96 37.68
N LYS L 150 -2.48 -4.00 37.41
CA LYS L 150 -2.33 -5.24 38.15
C LYS L 150 -1.05 -5.94 37.72
N ALA L 151 -0.81 -5.99 36.41
CA ALA L 151 0.39 -6.64 35.87
C ALA L 151 1.73 -6.10 36.40
N VAL L 152 1.80 -4.80 36.71
CA VAL L 152 3.04 -4.27 37.23
C VAL L 152 3.16 -4.64 38.70
N ALA L 153 2.08 -4.45 39.45
CA ALA L 153 2.11 -4.77 40.89
C ALA L 153 2.54 -6.23 41.11
N PHE L 154 1.97 -7.15 40.34
CA PHE L 154 2.28 -8.57 40.46
C PHE L 154 3.67 -8.97 39.99
N GLN L 155 4.52 -7.99 39.72
CA GLN L 155 5.88 -8.31 39.30
C GLN L 155 6.67 -8.78 40.53
N SER L 156 6.30 -8.23 41.69
CA SER L 156 6.92 -8.59 42.96
C SER L 156 6.13 -9.81 43.44
N PRO L 157 6.80 -10.95 43.64
CA PRO L 157 6.07 -12.15 44.09
C PRO L 157 5.45 -11.86 45.44
N GLN L 158 6.08 -10.93 46.15
CA GLN L 158 5.63 -10.50 47.45
C GLN L 158 4.08 -10.29 47.41
N VAL L 159 3.60 -9.54 46.41
CA VAL L 159 2.16 -9.24 46.26
C VAL L 159 1.25 -10.43 45.89
N GLY L 160 1.78 -11.35 45.11
CA GLY L 160 0.98 -12.50 44.74
C GLY L 160 0.63 -13.39 45.92
N VAL L 161 1.60 -13.65 46.81
CA VAL L 161 1.34 -14.52 47.94
C VAL L 161 0.46 -13.88 49.02
N LEU L 162 0.57 -12.58 49.20
CA LEU L 162 -0.27 -11.92 50.20
C LEU L 162 -1.75 -11.91 49.76
N GLU L 163 -1.98 -12.01 48.45
CA GLU L 163 -3.35 -12.05 47.95
C GLU L 163 -3.92 -13.41 48.34
N ASN L 164 -3.17 -14.46 48.04
CA ASN L 164 -3.59 -15.83 48.37
C ASN L 164 -3.57 -16.12 49.86
N LEU L 165 -2.70 -15.42 50.59
CA LEU L 165 -2.63 -15.60 52.03
C LEU L 165 -4.00 -15.18 52.58
N HIS L 166 -4.32 -13.89 52.47
CA HIS L 166 -5.61 -13.40 52.95
C HIS L 166 -6.76 -14.30 52.49
N ALA L 167 -6.64 -14.83 51.29
CA ALA L 167 -7.66 -15.71 50.72
C ALA L 167 -7.77 -16.96 51.56
N ALA L 168 -6.65 -17.63 51.79
CA ALA L 168 -6.64 -18.85 52.57
C ALA L 168 -6.94 -18.58 54.05
N ALA L 169 -6.57 -17.41 54.54
CA ALA L 169 -6.79 -17.10 55.94
C ALA L 169 -8.22 -16.76 56.30
N TYR L 170 -8.98 -16.26 55.33
CA TYR L 170 -10.36 -15.88 55.62
C TYR L 170 -11.42 -16.49 54.72
N LYS L 171 -12.68 -16.21 55.07
CA LYS L 171 -13.82 -16.68 54.31
C LYS L 171 -14.57 -15.48 53.74
N THR L 172 -14.24 -14.28 54.23
CA THR L 172 -14.92 -13.07 53.79
C THR L 172 -14.22 -11.75 54.13
N ALA L 173 -14.77 -10.66 53.61
CA ALA L 173 -14.28 -9.29 53.83
C ALA L 173 -12.80 -9.09 53.54
N LEU L 174 -11.96 -9.52 54.48
CA LEU L 174 -10.52 -9.41 54.34
C LEU L 174 -10.03 -10.44 53.34
N ALA L 175 -10.85 -11.46 53.07
CA ALA L 175 -10.47 -12.51 52.12
C ALA L 175 -10.46 -11.97 50.72
N ASN L 176 -11.12 -10.82 50.53
CA ASN L 176 -11.20 -10.18 49.22
C ASN L 176 -9.86 -9.65 48.74
N PRO L 177 -9.51 -9.89 47.46
CA PRO L 177 -8.27 -9.45 46.84
C PRO L 177 -8.21 -7.92 46.82
N LEU L 178 -7.00 -7.37 46.76
CA LEU L 178 -6.82 -5.93 46.73
C LEU L 178 -6.82 -5.41 45.29
N TYR L 179 -6.55 -6.30 44.36
CA TYR L 179 -6.55 -5.98 42.94
C TYR L 179 -7.67 -6.75 42.24
N CYS L 180 -8.55 -6.02 41.56
CA CYS L 180 -9.67 -6.60 40.84
C CYS L 180 -9.36 -7.90 40.13
N PRO L 181 -10.15 -8.95 40.39
CA PRO L 181 -9.92 -10.24 39.74
C PRO L 181 -10.07 -10.10 38.25
N ASP L 182 -9.36 -10.96 37.51
CA ASP L 182 -9.38 -10.95 36.06
C ASP L 182 -10.76 -11.08 35.41
N TYR L 183 -11.54 -12.06 35.83
CA TYR L 183 -12.86 -12.26 35.25
C TYR L 183 -13.74 -11.02 35.36
N ARG L 184 -13.44 -10.15 36.31
CA ARG L 184 -14.28 -8.95 36.44
C ARG L 184 -13.77 -7.71 35.72
N ILE L 185 -12.62 -7.82 35.07
CA ILE L 185 -12.07 -6.69 34.34
C ILE L 185 -12.99 -6.41 33.17
N GLY L 186 -13.50 -5.18 33.10
CA GLY L 186 -14.39 -4.78 32.04
C GLY L 186 -15.85 -5.08 32.31
N LYS L 187 -16.16 -5.64 33.48
CA LYS L 187 -17.55 -5.98 33.82
C LYS L 187 -18.10 -5.10 34.94
N ILE L 188 -17.30 -4.19 35.44
CA ILE L 188 -17.74 -3.31 36.51
C ILE L 188 -18.58 -2.21 35.87
N THR L 189 -19.59 -1.73 36.58
CA THR L 189 -20.46 -0.71 36.02
C THR L 189 -20.36 0.64 36.71
N SER L 190 -20.91 1.68 36.07
CA SER L 190 -20.91 3.00 36.66
C SER L 190 -21.84 2.94 37.85
N GLU L 191 -22.81 2.03 37.78
CA GLU L 191 -23.76 1.87 38.87
C GLU L 191 -23.04 1.35 40.10
N GLN L 192 -22.27 0.27 39.93
CA GLN L 192 -21.52 -0.31 41.03
C GLN L 192 -20.60 0.75 41.65
N LEU L 193 -19.98 1.58 40.82
CA LEU L 193 -19.12 2.61 41.34
C LEU L 193 -19.95 3.58 42.16
N HIS L 194 -21.02 4.10 41.58
CA HIS L 194 -21.87 5.04 42.29
C HIS L 194 -22.38 4.50 43.61
N HIS L 195 -22.97 3.31 43.59
CA HIS L 195 -23.49 2.73 44.82
C HIS L 195 -22.37 2.52 45.85
N PHE L 196 -21.21 2.09 45.38
CA PHE L 196 -20.09 1.87 46.28
C PHE L 196 -19.67 3.17 46.98
N VAL L 197 -19.72 4.26 46.23
CA VAL L 197 -19.35 5.56 46.78
C VAL L 197 -20.42 6.17 47.66
N GLN L 198 -21.67 5.80 47.41
CA GLN L 198 -22.78 6.32 48.20
C GLN L 198 -22.87 5.61 49.55
N ASN L 199 -22.63 4.30 49.54
CA ASN L 199 -22.73 3.50 50.75
C ASN L 199 -21.46 3.43 51.62
N ASN L 200 -20.39 4.09 51.19
CA ASN L 200 -19.16 4.02 51.97
C ASN L 200 -18.48 5.36 52.21
N PHE L 201 -18.61 6.29 51.27
CA PHE L 201 -18.01 7.60 51.42
C PHE L 201 -19.02 8.51 52.13
N THR L 202 -19.37 8.14 53.36
CA THR L 202 -20.34 8.86 54.19
C THR L 202 -19.64 9.59 55.35
N SER L 203 -19.89 10.88 55.50
CA SER L 203 -19.26 11.73 56.52
C SER L 203 -18.82 11.11 57.86
N ALA L 204 -19.58 10.18 58.39
CA ALA L 204 -19.21 9.57 59.66
C ALA L 204 -18.08 8.55 59.52
N ARG L 205 -17.71 8.27 58.26
CA ARG L 205 -16.65 7.30 57.95
C ARG L 205 -15.45 8.02 57.31
N MET L 206 -15.55 9.33 57.21
CA MET L 206 -14.49 10.13 56.60
C MET L 206 -13.83 11.12 57.54
N ALA L 207 -12.56 11.43 57.24
CA ALA L 207 -11.76 12.37 58.00
C ALA L 207 -10.93 13.21 57.03
N LEU L 208 -10.89 14.52 57.29
CA LEU L 208 -10.14 15.45 56.44
C LEU L 208 -8.86 15.96 57.11
N VAL L 209 -7.83 15.12 57.16
CA VAL L 209 -6.56 15.50 57.77
C VAL L 209 -5.83 16.52 56.89
N GLY L 210 -4.79 17.18 57.43
CA GLY L 210 -4.06 18.16 56.64
C GLY L 210 -2.88 18.90 57.30
N ILE L 211 -1.67 18.45 56.99
CA ILE L 211 -0.43 19.02 57.51
C ILE L 211 -0.02 20.28 56.75
N GLY L 212 0.29 21.35 57.46
CA GLY L 212 0.74 22.56 56.79
C GLY L 212 -0.29 23.63 56.51
N VAL L 213 -1.36 23.65 57.28
CA VAL L 213 -2.42 24.65 57.08
C VAL L 213 -3.11 25.01 58.39
N LYS L 214 -3.60 26.26 58.49
CA LYS L 214 -4.29 26.69 59.71
C LYS L 214 -5.56 25.87 59.85
N HIS L 215 -5.76 25.33 61.04
CA HIS L 215 -6.92 24.49 61.28
C HIS L 215 -8.27 25.14 60.96
N SER L 216 -8.35 26.46 61.04
CA SER L 216 -9.61 27.15 60.76
C SER L 216 -10.05 27.04 59.30
N ASP L 217 -9.09 27.02 58.38
CA ASP L 217 -9.37 26.92 56.96
C ASP L 217 -9.76 25.52 56.54
N LEU L 218 -8.97 24.53 56.95
CA LEU L 218 -9.26 23.15 56.62
C LEU L 218 -10.64 22.79 57.13
N LYS L 219 -11.08 23.49 58.17
CA LYS L 219 -12.40 23.26 58.78
C LYS L 219 -13.48 23.92 57.92
N GLN L 220 -13.24 25.16 57.52
CA GLN L 220 -14.17 25.89 56.68
C GLN L 220 -14.47 25.13 55.40
N VAL L 221 -13.44 24.50 54.84
CA VAL L 221 -13.59 23.72 53.61
C VAL L 221 -14.55 22.56 53.84
N ALA L 222 -14.21 21.71 54.80
CA ALA L 222 -15.03 20.55 55.12
C ALA L 222 -16.52 20.82 55.21
N GLU L 223 -16.95 21.34 56.36
CA GLU L 223 -18.35 21.64 56.59
C GLU L 223 -18.99 22.37 55.43
N GLN L 224 -18.47 23.56 55.17
CA GLN L 224 -18.97 24.43 54.13
C GLN L 224 -18.93 23.86 52.71
N PHE L 225 -18.55 22.59 52.56
CA PHE L 225 -18.48 22.01 51.21
C PHE L 225 -18.96 20.57 50.96
N LEU L 226 -18.60 19.62 51.84
CA LEU L 226 -18.96 18.21 51.66
C LEU L 226 -20.46 17.81 51.64
N ASN L 227 -20.81 16.87 50.77
CA ASN L 227 -22.20 16.36 50.57
C ASN L 227 -22.53 14.95 51.05
N ILE L 228 -22.41 13.93 50.18
CA ILE L 228 -22.72 12.55 50.55
C ILE L 228 -22.37 12.52 52.02
N ARG L 229 -23.29 12.13 52.88
CA ARG L 229 -22.93 12.18 54.28
C ARG L 229 -23.78 11.40 55.25
N SER L 230 -23.71 11.89 56.49
CA SER L 230 -24.41 11.38 57.65
C SER L 230 -24.72 9.91 57.60
N GLY L 231 -24.06 9.14 58.46
CA GLY L 231 -24.33 7.72 58.49
C GLY L 231 -23.12 6.85 58.29
N ALA L 232 -23.36 5.54 58.36
CA ALA L 232 -22.32 4.55 58.20
C ALA L 232 -22.72 3.53 57.14
N GLY L 233 -23.59 3.93 56.22
CA GLY L 233 -24.07 3.06 55.15
C GLY L 233 -23.75 1.57 55.29
N THR L 234 -23.27 0.97 54.21
CA THR L 234 -22.91 -0.45 54.21
C THR L 234 -21.98 -0.77 55.38
N SER L 235 -22.16 -1.93 55.98
CA SER L 235 -21.30 -2.35 57.07
C SER L 235 -20.59 -3.62 56.64
N SER L 236 -19.31 -3.74 56.98
CA SER L 236 -18.57 -4.93 56.60
C SER L 236 -18.93 -6.13 57.45
N ALA L 237 -19.27 -7.22 56.77
CA ALA L 237 -19.61 -8.45 57.45
C ALA L 237 -18.37 -9.00 58.17
N LYS L 238 -18.35 -8.86 59.50
CA LYS L 238 -17.24 -9.34 60.32
C LYS L 238 -16.42 -10.44 59.65
N ALA L 239 -15.11 -10.28 59.65
CA ALA L 239 -14.21 -11.25 59.05
C ALA L 239 -14.24 -12.58 59.81
N THR L 240 -14.29 -13.68 59.07
CA THR L 240 -14.33 -14.99 59.68
C THR L 240 -13.10 -15.80 59.31
N TYR L 241 -12.34 -16.20 60.32
CA TYR L 241 -11.13 -16.97 60.06
C TYR L 241 -11.42 -18.32 59.40
N TRP L 242 -10.60 -18.71 58.43
CA TRP L 242 -10.78 -19.98 57.73
C TRP L 242 -9.61 -20.91 57.99
N GLY L 243 -8.40 -20.40 57.82
CA GLY L 243 -7.22 -21.22 58.02
C GLY L 243 -7.07 -22.17 56.84
N GLY L 244 -6.85 -21.59 55.66
CA GLY L 244 -6.69 -22.37 54.46
C GLY L 244 -5.24 -22.47 54.06
N GLU L 245 -5.01 -23.13 52.95
CA GLU L 245 -3.66 -23.33 52.44
C GLU L 245 -3.71 -23.32 50.92
N ILE L 246 -3.29 -22.20 50.35
CA ILE L 246 -3.27 -22.02 48.90
C ILE L 246 -1.84 -22.11 48.40
N ARG L 247 -1.60 -22.96 47.41
CA ARG L 247 -0.24 -23.12 46.88
C ARG L 247 -0.17 -22.85 45.37
N GLU L 248 0.76 -22.01 44.94
CA GLU L 248 0.90 -21.69 43.52
C GLU L 248 2.18 -22.17 42.85
N GLN L 249 2.12 -23.35 42.24
CA GLN L 249 3.26 -23.92 41.54
C GLN L 249 3.45 -23.11 40.26
N ASN L 250 4.55 -22.37 40.16
CA ASN L 250 4.75 -21.58 38.95
C ASN L 250 6.16 -21.63 38.34
N GLY L 251 6.97 -22.57 38.81
CA GLY L 251 8.32 -22.71 38.26
C GLY L 251 9.44 -21.83 38.79
N HIS L 252 9.10 -20.73 39.46
CA HIS L 252 10.12 -19.84 40.02
C HIS L 252 11.17 -20.56 40.86
N SER L 253 12.43 -20.16 40.68
CA SER L 253 13.54 -20.76 41.42
C SER L 253 13.50 -20.30 42.88
N LEU L 254 12.78 -19.23 43.14
CA LEU L 254 12.66 -18.70 44.49
C LEU L 254 11.26 -18.85 45.04
N VAL L 255 11.15 -19.66 46.08
CA VAL L 255 9.89 -19.92 46.75
C VAL L 255 9.62 -18.89 47.84
N HIS L 256 8.43 -18.31 47.78
CA HIS L 256 7.99 -17.35 48.80
C HIS L 256 6.95 -18.12 49.59
N ALA L 257 6.92 -17.92 50.89
CA ALA L 257 5.94 -18.63 51.70
C ALA L 257 5.59 -17.82 52.92
N ALA L 258 4.33 -17.93 53.32
CA ALA L 258 3.86 -17.22 54.50
C ALA L 258 2.97 -18.16 55.29
N VAL L 259 3.21 -18.19 56.60
CA VAL L 259 2.45 -19.04 57.50
C VAL L 259 2.03 -18.13 58.64
N VAL L 260 0.72 -17.98 58.83
CA VAL L 260 0.23 -17.12 59.89
C VAL L 260 -0.88 -17.76 60.70
N THR L 261 -1.32 -17.02 61.69
CA THR L 261 -2.37 -17.46 62.60
C THR L 261 -3.14 -16.19 62.90
N GLU L 262 -4.37 -16.33 63.35
CA GLU L 262 -5.09 -15.13 63.67
C GLU L 262 -4.26 -14.40 64.73
N GLY L 263 -3.93 -13.15 64.42
CA GLY L 263 -3.15 -12.33 65.34
C GLY L 263 -4.13 -11.43 66.05
N ALA L 264 -3.75 -10.18 66.29
CA ALA L 264 -4.62 -9.25 67.00
C ALA L 264 -5.16 -8.10 66.17
N ALA L 265 -6.28 -7.55 66.62
CA ALA L 265 -6.93 -6.45 65.94
C ALA L 265 -6.28 -5.15 66.32
N VAL L 266 -6.70 -4.08 65.66
CA VAL L 266 -6.19 -2.74 65.90
C VAL L 266 -6.66 -2.34 67.29
N GLY L 267 -5.84 -1.55 67.98
CA GLY L 267 -6.20 -1.10 69.32
C GLY L 267 -6.30 -2.20 70.38
N SER L 268 -6.23 -3.45 69.93
CA SER L 268 -6.28 -4.60 70.84
C SER L 268 -5.14 -4.45 71.84
N ALA L 269 -5.36 -4.91 73.07
CA ALA L 269 -4.32 -4.81 74.08
C ALA L 269 -3.17 -5.72 73.65
N GLU L 270 -3.54 -6.82 73.01
CA GLU L 270 -2.62 -7.84 72.51
C GLU L 270 -1.79 -7.38 71.30
N ALA L 271 -2.07 -6.16 70.83
CA ALA L 271 -1.38 -5.60 69.67
C ALA L 271 0.10 -5.41 69.93
N ASN L 272 0.40 -4.51 70.87
CA ASN L 272 1.77 -4.20 71.24
C ASN L 272 2.63 -5.44 71.46
N ALA L 273 2.01 -6.49 71.97
CA ALA L 273 2.72 -7.73 72.23
C ALA L 273 3.36 -8.30 70.97
N PHE L 274 2.55 -8.52 69.94
CA PHE L 274 3.06 -9.08 68.69
C PHE L 274 4.05 -8.16 68.02
N SER L 275 3.78 -6.86 68.09
CA SER L 275 4.66 -5.86 67.50
C SER L 275 6.05 -6.11 68.04
N VAL L 276 6.13 -6.34 69.34
CA VAL L 276 7.41 -6.61 70.01
C VAL L 276 7.91 -8.02 69.69
N LEU L 277 7.01 -9.01 69.71
CA LEU L 277 7.43 -10.36 69.38
C LEU L 277 7.99 -10.32 67.96
N GLN L 278 7.49 -9.35 67.20
CA GLN L 278 7.91 -9.17 65.83
C GLN L 278 9.40 -8.83 65.80
N HIS L 279 9.73 -7.68 66.39
CA HIS L 279 11.11 -7.22 66.45
C HIS L 279 12.04 -8.20 67.17
N VAL L 280 11.50 -9.00 68.08
CA VAL L 280 12.29 -9.98 68.80
C VAL L 280 12.70 -11.11 67.84
N LEU L 281 11.84 -11.39 66.87
CA LEU L 281 12.10 -12.44 65.91
C LEU L 281 12.84 -11.94 64.68
N GLY L 282 12.73 -10.63 64.44
CA GLY L 282 13.40 -10.03 63.30
C GLY L 282 12.40 -9.46 62.31
N ALA L 283 12.30 -8.14 62.26
CA ALA L 283 11.36 -7.49 61.36
C ALA L 283 11.99 -6.58 60.30
N GLY L 284 12.89 -7.13 59.47
CA GLY L 284 13.51 -6.32 58.43
C GLY L 284 14.84 -5.66 58.76
N PRO L 285 15.92 -6.03 58.05
CA PRO L 285 17.32 -5.55 58.18
C PRO L 285 17.57 -4.06 58.48
N LEU L 286 18.64 -3.80 59.25
CA LEU L 286 19.03 -2.44 59.65
C LEU L 286 20.44 -2.02 59.19
N ILE L 287 21.22 -3.00 58.71
CA ILE L 287 22.58 -2.75 58.23
C ILE L 287 22.69 -3.24 56.79
N LYS L 288 22.97 -2.34 55.86
CA LYS L 288 23.09 -2.68 54.45
C LYS L 288 23.96 -3.92 54.15
N ARG L 289 23.33 -5.00 53.72
CA ARG L 289 24.01 -6.26 53.41
C ARG L 289 24.50 -7.00 54.63
N GLY L 290 24.00 -6.61 55.80
CA GLY L 290 24.41 -7.27 57.03
C GLY L 290 23.52 -8.43 57.45
N SER L 291 24.06 -9.34 58.25
CA SER L 291 23.31 -10.49 58.75
C SER L 291 22.74 -10.17 60.13
N SER L 292 21.49 -9.72 60.16
CA SER L 292 20.82 -9.38 61.40
C SER L 292 21.14 -10.39 62.52
N VAL L 293 21.64 -9.87 63.64
CA VAL L 293 21.96 -10.71 64.78
C VAL L 293 20.83 -10.64 65.79
N THR L 294 20.27 -9.45 65.95
CA THR L 294 19.14 -9.22 66.85
C THR L 294 17.91 -9.97 66.32
N SER L 295 18.09 -10.65 65.19
CA SER L 295 17.03 -11.41 64.55
C SER L 295 17.19 -12.90 64.83
N LYS L 296 16.43 -13.39 65.80
CA LYS L 296 16.47 -14.80 66.18
C LYS L 296 16.04 -15.67 65.01
N LEU L 297 14.96 -15.25 64.36
CA LEU L 297 14.43 -15.98 63.23
C LEU L 297 15.46 -16.11 62.11
N TYR L 298 16.07 -15.00 61.73
CA TYR L 298 17.08 -14.99 60.67
C TYR L 298 18.24 -15.87 61.09
N GLN L 299 18.83 -15.54 62.25
CA GLN L 299 19.95 -16.30 62.78
C GLN L 299 19.58 -17.77 62.87
N GLY L 300 18.35 -18.04 63.30
CA GLY L 300 17.92 -19.42 63.40
C GLY L 300 17.89 -20.09 62.04
N VAL L 301 17.45 -19.36 61.01
CA VAL L 301 17.38 -19.92 59.67
C VAL L 301 18.77 -20.17 59.12
N ALA L 302 19.62 -19.15 59.20
CA ALA L 302 20.98 -19.24 58.71
C ALA L 302 21.69 -20.49 59.20
N LYS L 303 21.40 -20.90 60.43
CA LYS L 303 22.03 -22.09 61.00
C LYS L 303 21.52 -23.36 60.33
N ALA L 304 20.31 -23.28 59.77
CA ALA L 304 19.69 -24.43 59.11
C ALA L 304 19.96 -24.52 57.61
N THR L 305 20.00 -23.38 56.92
CA THR L 305 20.26 -23.37 55.50
C THR L 305 21.68 -22.86 55.23
N THR L 306 22.11 -22.93 53.98
CA THR L 306 23.45 -22.49 53.63
C THR L 306 23.49 -21.59 52.40
N GLN L 307 22.40 -21.61 51.64
CA GLN L 307 22.29 -20.80 50.43
C GLN L 307 21.57 -19.49 50.76
N PRO L 308 21.48 -18.58 49.77
CA PRO L 308 20.83 -17.28 49.95
C PRO L 308 19.36 -17.41 50.41
N PHE L 309 18.89 -16.42 51.16
CA PHE L 309 17.52 -16.45 51.66
C PHE L 309 17.18 -15.17 52.41
N ASP L 310 15.97 -15.15 52.95
CA ASP L 310 15.46 -14.05 53.77
C ASP L 310 14.29 -14.62 54.56
N ALA L 311 14.04 -14.07 55.76
CA ALA L 311 12.95 -14.52 56.63
C ALA L 311 12.59 -13.40 57.60
N SER L 312 11.30 -13.16 57.81
CA SER L 312 10.90 -12.09 58.72
C SER L 312 9.61 -12.34 59.48
N ALA L 313 9.37 -11.49 60.47
CA ALA L 313 8.16 -11.57 61.27
C ALA L 313 7.11 -10.79 60.50
N PHE L 314 5.96 -11.41 60.28
CA PHE L 314 4.87 -10.80 59.54
C PHE L 314 3.76 -10.38 60.51
N ASN L 315 3.34 -9.12 60.45
CA ASN L 315 2.28 -8.67 61.35
C ASN L 315 1.33 -7.64 60.71
N VAL L 316 0.03 -7.94 60.77
CA VAL L 316 -1.00 -7.08 60.21
C VAL L 316 -2.12 -6.86 61.22
N ASN L 317 -2.52 -5.60 61.40
CA ASN L 317 -3.59 -5.28 62.33
C ASN L 317 -4.80 -4.67 61.62
N TYR L 318 -5.89 -5.44 61.58
CA TYR L 318 -7.13 -4.99 60.94
C TYR L 318 -8.19 -4.67 61.96
N SER L 319 -9.18 -3.90 61.54
CA SER L 319 -10.29 -3.44 62.38
C SER L 319 -10.85 -4.47 63.36
N ASP L 320 -11.25 -5.62 62.84
CA ASP L 320 -11.83 -6.66 63.68
C ASP L 320 -11.04 -7.95 63.65
N SER L 321 -9.78 -7.89 63.27
CA SER L 321 -8.98 -9.10 63.22
C SER L 321 -7.54 -8.75 62.91
N GLY L 322 -6.70 -9.78 62.78
CA GLY L 322 -5.31 -9.52 62.48
C GLY L 322 -4.61 -10.78 62.01
N LEU L 323 -3.40 -10.63 61.51
CA LEU L 323 -2.62 -11.76 61.04
C LEU L 323 -1.20 -11.67 61.59
N PHE L 324 -0.62 -12.82 61.90
CA PHE L 324 0.72 -12.86 62.45
C PHE L 324 1.40 -14.17 62.08
N GLY L 325 2.70 -14.08 61.82
CA GLY L 325 3.45 -15.26 61.47
C GLY L 325 4.76 -14.82 60.84
N PHE L 326 5.25 -15.63 59.91
CA PHE L 326 6.49 -15.29 59.26
C PHE L 326 6.39 -15.41 57.74
N TYR L 327 7.35 -14.83 57.05
CA TYR L 327 7.40 -14.86 55.59
C TYR L 327 8.82 -15.22 55.14
N THR L 328 8.94 -16.19 54.25
CA THR L 328 10.27 -16.60 53.80
C THR L 328 10.45 -16.59 52.28
N ILE L 329 11.72 -16.62 51.87
CA ILE L 329 12.13 -16.63 50.46
C ILE L 329 13.35 -17.54 50.42
N SER L 330 13.39 -18.48 49.49
CA SER L 330 14.55 -19.37 49.44
C SER L 330 14.62 -20.17 48.16
N GLN L 331 15.79 -20.73 47.89
CA GLN L 331 15.93 -21.55 46.70
C GLN L 331 14.95 -22.70 46.88
N ALA L 332 14.36 -23.13 45.79
CA ALA L 332 13.37 -24.20 45.84
C ALA L 332 13.72 -25.41 46.70
N ALA L 333 14.93 -25.94 46.56
CA ALA L 333 15.34 -27.13 47.31
C ALA L 333 15.49 -26.92 48.81
N HIS L 334 16.04 -25.77 49.19
CA HIS L 334 16.22 -25.50 50.61
C HIS L 334 15.00 -24.77 51.17
N ALA L 335 13.83 -25.16 50.69
CA ALA L 335 12.59 -24.55 51.14
C ALA L 335 12.16 -25.24 52.42
N GLY L 336 12.29 -26.56 52.43
CA GLY L 336 11.90 -27.33 53.59
C GLY L 336 12.65 -26.89 54.82
N GLU L 337 13.98 -26.99 54.76
CA GLU L 337 14.78 -26.59 55.90
C GLU L 337 14.51 -25.16 56.37
N VAL L 338 14.29 -24.24 55.45
CA VAL L 338 14.06 -22.84 55.81
C VAL L 338 12.76 -22.58 56.57
N ILE L 339 11.68 -23.22 56.14
CA ILE L 339 10.40 -22.99 56.80
C ILE L 339 10.31 -23.73 58.12
N ARG L 340 10.84 -24.95 58.17
CA ARG L 340 10.82 -25.71 59.42
C ARG L 340 11.65 -24.94 60.43
N ALA L 341 12.83 -24.49 59.99
CA ALA L 341 13.72 -23.71 60.85
C ALA L 341 13.01 -22.45 61.36
N ALA L 342 12.28 -21.79 60.47
CA ALA L 342 11.55 -20.59 60.84
C ALA L 342 10.49 -20.91 61.91
N MET L 343 10.00 -22.15 61.89
CA MET L 343 8.99 -22.61 62.85
C MET L 343 9.58 -22.83 64.23
N ASN L 344 10.61 -23.67 64.31
CA ASN L 344 11.26 -23.97 65.58
C ASN L 344 11.52 -22.67 66.30
N GLN L 345 11.94 -21.67 65.55
CA GLN L 345 12.24 -20.37 66.12
C GLN L 345 11.03 -19.67 66.70
N LEU L 346 9.84 -20.17 66.38
CA LEU L 346 8.63 -19.58 66.92
C LEU L 346 8.19 -20.39 68.12
N LYS L 347 8.46 -21.69 68.07
CA LYS L 347 8.11 -22.57 69.18
C LYS L 347 9.10 -22.31 70.31
N ALA L 348 10.39 -22.25 69.96
CA ALA L 348 11.44 -22.00 70.93
C ALA L 348 11.21 -20.71 71.70
N ALA L 349 10.42 -19.81 71.13
CA ALA L 349 10.12 -18.52 71.77
C ALA L 349 8.87 -18.67 72.61
N ALA L 350 8.01 -19.60 72.21
CA ALA L 350 6.77 -19.85 72.93
C ALA L 350 7.11 -20.68 74.16
N GLN L 351 8.41 -20.92 74.35
CA GLN L 351 8.89 -21.70 75.48
C GLN L 351 9.93 -20.93 76.29
N GLY L 352 9.52 -19.76 76.78
CA GLY L 352 10.38 -18.91 77.59
C GLY L 352 11.66 -18.45 76.90
N GLY L 353 11.87 -18.89 75.66
CA GLY L 353 13.06 -18.53 74.92
C GLY L 353 13.25 -17.06 74.61
N VAL L 354 12.66 -16.19 75.43
CA VAL L 354 12.76 -14.74 75.24
C VAL L 354 13.43 -14.07 76.45
N THR L 355 14.69 -13.66 76.27
CA THR L 355 15.44 -12.99 77.32
C THR L 355 14.78 -11.66 77.68
N GLU L 356 14.98 -11.20 78.92
CA GLU L 356 14.39 -9.94 79.34
C GLU L 356 15.02 -8.80 78.55
N GLU L 357 16.17 -9.08 77.96
CA GLU L 357 16.87 -8.09 77.17
C GLU L 357 16.34 -8.02 75.75
N ASP L 358 16.10 -9.19 75.15
CA ASP L 358 15.58 -9.22 73.79
C ASP L 358 14.36 -8.33 73.74
N VAL L 359 13.59 -8.35 74.83
CA VAL L 359 12.39 -7.54 74.95
C VAL L 359 12.74 -6.06 75.02
N THR L 360 13.87 -5.75 75.63
CA THR L 360 14.31 -4.36 75.75
C THR L 360 14.87 -3.84 74.42
N LYS L 361 15.61 -4.68 73.70
CA LYS L 361 16.16 -4.29 72.41
C LYS L 361 14.96 -3.94 71.52
N ALA L 362 14.13 -4.96 71.29
CA ALA L 362 12.93 -4.82 70.48
C ALA L 362 12.15 -3.57 70.83
N LYS L 363 11.86 -3.38 72.11
CA LYS L 363 11.12 -2.21 72.57
C LYS L 363 11.60 -0.88 71.99
N ASN L 364 12.91 -0.66 71.98
CA ASN L 364 13.45 0.59 71.45
C ASN L 364 13.50 0.49 69.94
N GLN L 365 13.89 -0.68 69.46
CA GLN L 365 14.00 -0.98 68.04
C GLN L 365 12.68 -0.55 67.36
N LEU L 366 11.59 -0.71 68.11
CA LEU L 366 10.25 -0.38 67.64
C LEU L 366 9.93 1.11 67.78
N LYS L 367 10.25 1.70 68.93
CA LYS L 367 9.99 3.13 69.14
C LYS L 367 10.81 3.95 68.14
N ALA L 368 11.96 3.40 67.75
CA ALA L 368 12.84 4.06 66.79
C ALA L 368 12.17 3.99 65.42
N THR L 369 11.84 2.77 65.01
CA THR L 369 11.17 2.54 63.73
C THR L 369 9.95 3.45 63.65
N TYR L 370 9.02 3.32 64.58
CA TYR L 370 7.83 4.17 64.59
C TYR L 370 8.23 5.65 64.43
N LEU L 371 9.14 6.12 65.27
CA LEU L 371 9.60 7.50 65.26
C LEU L 371 10.16 8.02 63.95
N MET L 372 11.05 7.25 63.34
CA MET L 372 11.65 7.66 62.08
C MET L 372 10.56 7.70 61.01
N SER L 373 9.68 6.71 61.04
CA SER L 373 8.59 6.60 60.07
C SER L 373 7.63 7.78 60.09
N VAL L 374 8.00 8.86 60.75
CA VAL L 374 7.11 10.01 60.79
C VAL L 374 7.85 11.30 60.45
N GLU L 375 8.99 11.16 59.78
CA GLU L 375 9.77 12.32 59.34
C GLU L 375 9.16 12.74 58.01
N THR L 376 8.68 11.73 57.28
CA THR L 376 8.05 11.90 55.97
C THR L 376 6.68 12.55 56.11
N ALA L 377 6.47 13.68 55.43
CA ALA L 377 5.18 14.35 55.46
C ALA L 377 4.08 13.32 55.22
N GLN L 378 4.37 12.35 54.37
CA GLN L 378 3.43 11.29 54.04
C GLN L 378 3.22 10.43 55.28
N GLY L 379 4.33 10.03 55.92
CA GLY L 379 4.24 9.22 57.12
C GLY L 379 3.49 9.93 58.23
N LEU L 380 3.80 11.21 58.43
CA LEU L 380 3.15 12.00 59.47
C LEU L 380 1.65 12.08 59.21
N LEU L 381 1.26 12.62 58.05
CA LEU L 381 -0.15 12.75 57.71
C LEU L 381 -0.84 11.41 57.84
N ASN L 382 -0.14 10.34 57.44
CA ASN L 382 -0.68 9.00 57.51
C ASN L 382 -0.90 8.55 58.94
N GLU L 383 -0.13 9.14 59.86
CA GLU L 383 -0.28 8.82 61.27
C GLU L 383 -1.44 9.64 61.82
N ILE L 384 -1.33 10.96 61.72
CA ILE L 384 -2.36 11.86 62.20
C ILE L 384 -3.74 11.49 61.64
N GLY L 385 -3.74 10.92 60.45
CA GLY L 385 -4.99 10.52 59.82
C GLY L 385 -5.54 9.21 60.34
N SER L 386 -4.73 8.16 60.30
CA SER L 386 -5.17 6.86 60.76
C SER L 386 -5.83 6.89 62.13
N GLU L 387 -5.37 7.77 63.00
CA GLU L 387 -5.95 7.89 64.33
C GLU L 387 -7.22 8.71 64.28
N ALA L 388 -7.11 9.91 63.76
CA ALA L 388 -8.28 10.80 63.64
C ALA L 388 -9.50 10.13 63.00
N LEU L 389 -9.31 8.98 62.37
CA LEU L 389 -10.40 8.26 61.73
C LEU L 389 -10.86 7.07 62.55
N LEU L 390 -9.94 6.17 62.89
CA LEU L 390 -10.26 4.99 63.69
C LEU L 390 -10.53 5.29 65.16
N SER L 391 -10.02 6.43 65.61
CA SER L 391 -10.19 6.87 67.00
C SER L 391 -11.08 8.10 66.99
N GLY L 392 -10.49 9.26 67.22
CA GLY L 392 -11.23 10.50 67.25
C GLY L 392 -10.29 11.58 67.72
N THR L 393 -9.11 11.16 68.17
CA THR L 393 -8.09 12.08 68.66
C THR L 393 -6.69 11.54 68.47
N HIS L 394 -5.71 12.41 68.74
CA HIS L 394 -4.29 12.11 68.61
C HIS L 394 -3.60 11.69 69.91
N THR L 395 -3.09 10.45 69.92
CA THR L 395 -2.38 9.91 71.06
C THR L 395 -1.06 10.67 71.19
N ALA L 396 -0.55 10.77 72.40
CA ALA L 396 0.71 11.47 72.61
C ALA L 396 1.87 10.52 72.27
N PRO L 397 2.89 11.02 71.58
CA PRO L 397 4.02 10.16 71.22
C PRO L 397 4.70 9.52 72.44
N SER L 398 4.36 9.99 73.62
CA SER L 398 4.92 9.45 74.86
C SER L 398 4.03 8.34 75.39
N VAL L 399 2.75 8.41 75.02
CA VAL L 399 1.79 7.40 75.43
C VAL L 399 2.10 6.14 74.63
N VAL L 400 2.31 6.31 73.33
CA VAL L 400 2.62 5.17 72.47
C VAL L 400 3.87 4.46 72.98
N ALA L 401 4.89 5.24 73.31
CA ALA L 401 6.12 4.69 73.83
C ALA L 401 5.89 4.09 75.21
N GLN L 402 5.04 4.73 76.01
CA GLN L 402 4.73 4.22 77.34
C GLN L 402 3.97 2.90 77.25
N LYS L 403 3.04 2.84 76.30
CA LYS L 403 2.24 1.64 76.08
C LYS L 403 3.07 0.51 75.51
N ILE L 404 4.11 0.85 74.76
CA ILE L 404 4.95 -0.17 74.15
C ILE L 404 5.89 -0.86 75.13
N ASP L 405 6.55 -0.12 76.01
CA ASP L 405 7.47 -0.75 76.95
C ASP L 405 6.75 -1.44 78.11
N SER L 406 5.48 -1.09 78.30
CA SER L 406 4.70 -1.70 79.37
C SER L 406 4.35 -3.14 78.99
N VAL L 407 5.06 -3.67 78.00
CA VAL L 407 4.85 -5.03 77.54
C VAL L 407 5.78 -5.95 78.31
N THR L 408 5.22 -6.95 78.96
CA THR L 408 6.02 -7.89 79.76
C THR L 408 6.66 -9.01 78.94
N SER L 409 7.70 -9.60 79.51
CA SER L 409 8.41 -10.71 78.89
C SER L 409 7.43 -11.86 78.69
N ALA L 410 6.34 -11.82 79.46
CA ALA L 410 5.32 -12.85 79.38
C ALA L 410 4.40 -12.55 78.21
N ASP L 411 3.95 -11.30 78.12
CA ASP L 411 3.08 -10.87 77.03
C ASP L 411 3.63 -11.42 75.72
N VAL L 412 4.93 -11.21 75.54
CA VAL L 412 5.64 -11.66 74.35
C VAL L 412 5.62 -13.18 74.20
N VAL L 413 6.01 -13.91 75.24
CA VAL L 413 6.04 -15.36 75.16
C VAL L 413 4.66 -15.96 74.89
N ASN L 414 3.62 -15.36 75.48
CA ASN L 414 2.25 -15.85 75.28
C ASN L 414 1.79 -15.62 73.85
N ALA L 415 2.16 -14.47 73.29
CA ALA L 415 1.80 -14.15 71.92
C ALA L 415 2.40 -15.28 71.08
N ALA L 416 3.63 -15.66 71.40
CA ALA L 416 4.31 -16.73 70.66
C ALA L 416 3.53 -18.03 70.79
N LYS L 417 2.90 -18.25 71.94
CA LYS L 417 2.11 -19.46 72.15
C LYS L 417 0.84 -19.41 71.31
N LYS L 418 0.16 -18.26 71.34
CA LYS L 418 -1.06 -18.09 70.57
C LYS L 418 -0.83 -18.50 69.12
N PHE L 419 0.39 -18.30 68.64
CA PHE L 419 0.75 -18.66 67.28
C PHE L 419 0.89 -20.18 67.17
N VAL L 420 1.66 -20.78 68.08
CA VAL L 420 1.89 -22.21 68.04
C VAL L 420 0.63 -23.03 68.27
N SER L 421 -0.30 -22.46 69.01
CA SER L 421 -1.55 -23.15 69.33
C SER L 421 -2.66 -22.92 68.29
N GLY L 422 -2.84 -21.67 67.89
CA GLY L 422 -3.87 -21.31 66.92
C GLY L 422 -3.81 -22.06 65.59
N LYS L 423 -4.91 -22.01 64.85
CA LYS L 423 -4.98 -22.70 63.56
C LYS L 423 -4.26 -21.81 62.55
N LYS L 424 -3.35 -22.42 61.79
CA LYS L 424 -2.57 -21.69 60.79
C LYS L 424 -3.14 -21.76 59.38
N SER L 425 -2.82 -20.74 58.61
CA SER L 425 -3.21 -20.68 57.20
C SER L 425 -1.89 -20.34 56.50
N MET L 426 -1.65 -20.98 55.35
CA MET L 426 -0.40 -20.78 54.63
C MET L 426 -0.60 -20.42 53.15
N ALA L 427 0.41 -19.77 52.57
CA ALA L 427 0.38 -19.39 51.16
C ALA L 427 1.79 -19.48 50.56
N ALA L 428 1.96 -20.35 49.55
CA ALA L 428 3.26 -20.53 48.88
C ALA L 428 3.23 -20.09 47.42
N SER L 429 4.41 -20.05 46.80
CA SER L 429 4.54 -19.61 45.42
C SER L 429 5.95 -19.94 44.89
N GLY L 430 6.01 -20.49 43.70
CA GLY L 430 7.29 -20.84 43.11
C GLY L 430 7.31 -22.33 42.86
N ASP L 431 8.51 -22.89 42.64
CA ASP L 431 8.60 -24.33 42.44
C ASP L 431 8.49 -24.90 43.85
N LEU L 432 7.35 -25.49 44.15
CA LEU L 432 7.09 -26.02 45.49
C LEU L 432 7.43 -27.49 45.73
N GLY L 433 8.09 -28.12 44.76
CA GLY L 433 8.45 -29.52 44.87
C GLY L 433 9.13 -29.96 46.16
N SER L 434 9.59 -29.03 46.97
CA SER L 434 10.25 -29.38 48.24
C SER L 434 9.67 -28.57 49.37
N THR L 435 8.62 -27.80 49.05
CA THR L 435 7.97 -26.98 50.05
C THR L 435 6.95 -27.84 50.79
N PRO L 436 6.93 -27.74 52.13
CA PRO L 436 6.00 -28.52 52.97
C PRO L 436 4.56 -27.99 53.06
N PHE L 437 3.65 -28.90 53.43
CA PHE L 437 2.23 -28.59 53.60
C PHE L 437 1.98 -28.23 55.06
N LEU L 438 1.09 -27.26 55.28
CA LEU L 438 0.73 -26.78 56.62
C LEU L 438 0.60 -27.89 57.67
N ASP L 439 0.24 -29.09 57.24
CA ASP L 439 0.11 -30.21 58.17
C ASP L 439 1.39 -31.01 58.35
N GLU L 440 2.51 -30.49 57.84
CA GLU L 440 3.79 -31.17 57.99
C GLU L 440 4.69 -30.32 58.87
N LEU L 441 4.08 -29.30 59.49
CA LEU L 441 4.80 -28.40 60.39
C LEU L 441 4.47 -28.75 61.85
N ALA M 2 -0.87 9.12 12.88
CA ALA M 2 0.61 9.05 12.68
C ALA M 2 1.27 10.37 13.05
N PRO M 3 2.19 10.33 14.05
CA PRO M 3 2.91 11.51 14.52
C PRO M 3 3.55 12.36 13.40
N ASN M 4 4.52 11.81 12.66
CA ASN M 4 5.14 12.57 11.58
C ASN M 4 4.38 12.43 10.26
N ILE M 5 4.05 13.58 9.67
CA ILE M 5 3.27 13.66 8.44
C ILE M 5 3.99 13.09 7.22
N ARG M 6 5.04 12.31 7.45
CA ARG M 6 5.80 11.69 6.37
C ARG M 6 5.36 10.23 6.25
N LYS M 7 4.80 9.70 7.34
CA LYS M 7 4.31 8.32 7.39
C LYS M 7 2.82 8.21 7.03
N SER M 8 2.01 9.19 7.43
CA SER M 8 0.57 9.19 7.19
C SER M 8 0.06 9.73 5.84
N HIS M 9 0.59 10.88 5.41
CA HIS M 9 0.16 11.51 4.15
C HIS M 9 0.26 10.55 2.95
N PRO M 10 -0.86 10.32 2.23
CA PRO M 10 -0.89 9.42 1.07
C PRO M 10 0.12 9.71 -0.06
N LEU M 11 0.76 10.88 -0.03
CA LEU M 11 1.75 11.22 -1.05
C LEU M 11 3.17 11.32 -0.47
N LEU M 12 3.32 12.00 0.65
CA LEU M 12 4.62 12.15 1.30
C LEU M 12 5.04 10.81 1.87
N LYS M 13 4.06 9.92 2.03
CA LYS M 13 4.30 8.58 2.53
C LYS M 13 5.00 7.82 1.40
N MET M 14 4.64 8.16 0.16
CA MET M 14 5.22 7.50 -1.00
C MET M 14 6.65 7.98 -1.22
N ILE M 15 6.87 9.29 -1.22
CA ILE M 15 8.20 9.84 -1.41
C ILE M 15 9.11 9.28 -0.32
N ASN M 16 8.53 9.13 0.87
CA ASN M 16 9.25 8.60 2.01
C ASN M 16 9.57 7.11 1.89
N ASN M 17 8.54 6.30 1.66
CA ASN M 17 8.71 4.85 1.56
C ASN M 17 9.44 4.34 0.32
N SER M 18 10.17 5.21 -0.37
CA SER M 18 10.91 4.80 -1.55
C SER M 18 12.17 5.64 -1.80
N LEU M 19 12.40 6.63 -0.94
CA LEU M 19 13.57 7.50 -1.11
C LEU M 19 14.09 8.11 0.18
N ILE M 20 13.52 7.73 1.32
CA ILE M 20 13.99 8.35 2.54
C ILE M 20 14.13 7.39 3.67
N ASP M 21 13.17 6.50 3.83
CA ASP M 21 13.24 5.52 4.91
C ASP M 21 13.40 4.13 4.32
N LEU M 22 13.45 4.08 3.00
CA LEU M 22 13.61 2.82 2.29
C LEU M 22 14.88 2.10 2.75
N PRO M 23 14.74 0.87 3.26
CA PRO M 23 15.85 0.05 3.73
C PRO M 23 16.76 -0.43 2.60
N ALA M 24 18.01 0.01 2.62
CA ALA M 24 18.95 -0.40 1.59
C ALA M 24 20.13 -1.14 2.21
N PRO M 25 20.70 -2.12 1.48
CA PRO M 25 21.84 -2.88 1.99
C PRO M 25 22.98 -1.91 2.29
N SER M 26 23.65 -2.10 3.42
CA SER M 26 24.75 -1.22 3.81
C SER M 26 25.97 -1.27 2.90
N ASN M 27 26.09 -2.32 2.09
CA ASN M 27 27.27 -2.47 1.24
C ASN M 27 27.10 -2.46 -0.28
N ILE M 28 26.05 -1.86 -0.81
CA ILE M 28 25.94 -1.87 -2.26
C ILE M 28 27.00 -0.92 -2.84
N SER M 29 27.73 -1.40 -3.85
CA SER M 29 28.79 -0.61 -4.47
C SER M 29 28.29 0.41 -5.46
N ALA M 30 29.21 1.02 -6.18
CA ALA M 30 28.90 2.04 -7.15
C ALA M 30 28.14 1.47 -8.35
N TRP M 31 28.16 0.16 -8.51
CA TRP M 31 27.43 -0.47 -9.61
C TRP M 31 25.95 -0.45 -9.34
N TRP M 32 25.55 0.10 -8.19
CA TRP M 32 24.15 0.20 -7.81
C TRP M 32 23.69 1.64 -8.01
N ASN M 33 24.57 2.46 -8.55
CA ASN M 33 24.29 3.87 -8.78
C ASN M 33 23.62 4.13 -10.13
N PHE M 34 23.63 3.14 -11.01
CA PHE M 34 23.09 3.33 -12.34
C PHE M 34 21.58 3.42 -12.46
N GLY M 35 20.88 2.78 -11.52
CA GLY M 35 19.44 2.86 -11.55
C GLY M 35 18.99 4.32 -11.45
N SER M 36 19.52 5.04 -10.49
CA SER M 36 19.14 6.43 -10.34
C SER M 36 19.61 7.27 -11.52
N LEU M 37 20.79 6.97 -12.04
CA LEU M 37 21.29 7.71 -13.20
C LEU M 37 20.34 7.49 -14.35
N LEU M 38 19.97 6.24 -14.57
CA LEU M 38 19.05 5.90 -15.65
C LEU M 38 17.79 6.73 -15.52
N ALA M 39 17.28 6.85 -14.29
CA ALA M 39 16.09 7.62 -14.01
C ALA M 39 16.33 9.08 -14.40
N VAL M 40 17.31 9.70 -13.75
CA VAL M 40 17.61 11.09 -14.02
C VAL M 40 17.84 11.33 -15.51
N CYS M 41 18.50 10.39 -16.15
CA CYS M 41 18.77 10.49 -17.55
C CYS M 41 17.42 10.65 -18.26
N LEU M 42 16.50 9.74 -17.97
CA LEU M 42 15.17 9.73 -18.55
C LEU M 42 14.41 11.03 -18.40
N MET M 43 14.44 11.62 -17.21
CA MET M 43 13.73 12.87 -17.03
C MET M 43 14.41 13.92 -17.85
N THR M 44 15.73 13.79 -17.99
CA THR M 44 16.52 14.72 -18.78
C THR M 44 16.24 14.65 -20.27
N GLN M 45 16.16 13.43 -20.79
CA GLN M 45 15.89 13.27 -22.21
C GLN M 45 14.54 13.88 -22.53
N ILE M 46 13.55 13.63 -21.68
CA ILE M 46 12.21 14.14 -21.88
C ILE M 46 12.20 15.66 -21.87
N LEU M 47 12.90 16.26 -20.92
CA LEU M 47 12.92 17.70 -20.88
C LEU M 47 13.60 18.32 -22.12
N THR M 48 14.75 17.81 -22.53
CA THR M 48 15.40 18.37 -23.70
C THR M 48 14.60 18.03 -24.96
N GLY M 49 13.92 16.90 -24.94
CA GLY M 49 13.14 16.51 -26.10
C GLY M 49 11.99 17.46 -26.35
N LEU M 50 11.30 17.82 -25.27
CA LEU M 50 10.18 18.75 -25.37
C LEU M 50 10.69 20.06 -25.91
N LEU M 51 11.81 20.51 -25.36
CA LEU M 51 12.38 21.77 -25.82
C LEU M 51 12.67 21.75 -27.31
N LEU M 52 13.08 20.60 -27.84
CA LEU M 52 13.37 20.51 -29.27
C LEU M 52 12.09 20.37 -30.10
N ALA M 53 11.18 19.53 -29.62
CA ALA M 53 9.92 19.29 -30.29
C ALA M 53 9.18 20.61 -30.54
N MET M 54 9.48 21.62 -29.74
CA MET M 54 8.82 22.90 -29.86
C MET M 54 9.32 23.76 -31.01
N HIS M 55 10.31 23.25 -31.76
CA HIS M 55 10.86 23.98 -32.89
C HIS M 55 11.06 23.03 -34.05
N TYR M 56 10.54 21.82 -33.92
CA TYR M 56 10.67 20.83 -34.98
C TYR M 56 9.45 20.82 -35.91
N THR M 57 9.62 20.31 -37.12
CA THR M 57 8.51 20.21 -38.06
C THR M 57 8.60 18.85 -38.73
N ALA M 58 7.67 17.96 -38.42
CA ALA M 58 7.69 16.62 -38.99
C ALA M 58 7.19 16.56 -40.43
N ASP M 59 8.06 16.94 -41.35
CA ASP M 59 7.73 16.91 -42.77
C ASP M 59 9.04 16.76 -43.52
N THR M 60 9.05 15.87 -44.51
CA THR M 60 10.26 15.61 -45.29
C THR M 60 10.85 16.85 -45.92
N SER M 61 10.03 17.86 -46.19
CA SER M 61 10.58 19.07 -46.80
C SER M 61 11.06 20.07 -45.75
N LEU M 62 10.82 19.80 -44.48
CA LEU M 62 11.24 20.75 -43.44
C LEU M 62 12.00 20.16 -42.26
N ALA M 63 11.97 18.83 -42.12
CA ALA M 63 12.67 18.18 -41.01
C ALA M 63 14.14 18.58 -40.90
N PHE M 64 14.92 18.28 -41.93
CA PHE M 64 16.34 18.61 -41.90
C PHE M 64 16.59 20.06 -41.55
N SER M 65 15.92 20.95 -42.24
CA SER M 65 16.12 22.36 -42.00
C SER M 65 15.60 22.87 -40.65
N SER M 66 14.51 22.29 -40.14
CA SER M 66 13.97 22.78 -38.87
C SER M 66 14.97 22.54 -37.73
N VAL M 67 15.69 21.42 -37.81
CA VAL M 67 16.70 21.09 -36.82
C VAL M 67 17.87 22.06 -37.01
N ALA M 68 18.21 22.32 -38.27
CA ALA M 68 19.29 23.26 -38.57
C ALA M 68 18.90 24.62 -38.04
N HIS M 69 17.63 24.98 -38.20
CA HIS M 69 17.12 26.26 -37.73
C HIS M 69 17.22 26.30 -36.23
N THR M 70 16.91 25.17 -35.58
CA THR M 70 16.97 25.09 -34.12
C THR M 70 18.39 25.34 -33.59
N CYS M 71 19.38 24.71 -34.23
CA CYS M 71 20.77 24.90 -33.81
C CYS M 71 21.27 26.30 -34.11
N ARG M 72 21.00 26.80 -35.31
CA ARG M 72 21.44 28.12 -35.71
C ARG M 72 20.67 29.32 -35.16
N ASN M 73 19.35 29.22 -35.04
CA ASN M 73 18.59 30.37 -34.57
C ASN M 73 18.03 30.39 -33.16
N VAL M 74 17.68 29.22 -32.64
CA VAL M 74 17.10 29.15 -31.31
C VAL M 74 18.09 29.43 -30.19
N GLN M 75 17.72 30.30 -29.25
CA GLN M 75 18.57 30.62 -28.11
C GLN M 75 18.99 29.32 -27.44
N TYR M 76 20.29 29.03 -27.46
CA TYR M 76 20.83 27.80 -26.88
C TYR M 76 20.29 26.54 -27.52
N GLY M 77 19.75 26.68 -28.72
CA GLY M 77 19.22 25.54 -29.44
C GLY M 77 20.30 24.51 -29.71
N TRP M 78 21.49 24.98 -30.06
CA TRP M 78 22.57 24.04 -30.34
C TRP M 78 22.92 23.20 -29.11
N LEU M 79 22.93 23.84 -27.94
CA LEU M 79 23.24 23.17 -26.69
C LEU M 79 22.19 22.13 -26.34
N ILE M 80 20.92 22.51 -26.46
CA ILE M 80 19.84 21.59 -26.16
C ILE M 80 19.88 20.42 -27.12
N ARG M 81 20.22 20.70 -28.38
CA ARG M 81 20.30 19.63 -29.36
C ARG M 81 21.46 18.70 -28.96
N ASN M 82 22.62 19.28 -28.62
CA ASN M 82 23.80 18.47 -28.21
C ASN M 82 23.44 17.55 -27.05
N LEU M 83 22.94 18.14 -25.98
CA LEU M 83 22.57 17.38 -24.81
C LEU M 83 21.62 16.22 -25.11
N HIS M 84 20.66 16.43 -26.02
CA HIS M 84 19.69 15.39 -26.35
C HIS M 84 20.32 14.20 -27.06
N ALA M 85 21.08 14.46 -28.13
CA ALA M 85 21.68 13.35 -28.87
C ALA M 85 22.72 12.62 -28.05
N ASN M 86 23.51 13.36 -27.29
CA ASN M 86 24.54 12.74 -26.47
C ASN M 86 23.90 12.09 -25.26
N GLY M 87 22.81 12.69 -24.78
CA GLY M 87 22.11 12.14 -23.64
C GLY M 87 21.63 10.74 -23.97
N ALA M 88 21.29 10.51 -25.23
CA ALA M 88 20.83 9.21 -25.64
C ALA M 88 21.98 8.23 -25.47
N SER M 89 23.21 8.68 -25.72
CA SER M 89 24.36 7.80 -25.55
C SER M 89 24.57 7.49 -24.06
N PHE M 90 24.69 8.53 -23.26
CA PHE M 90 24.86 8.41 -21.82
C PHE M 90 23.84 7.39 -21.31
N PHE M 91 22.60 7.53 -21.79
CA PHE M 91 21.50 6.66 -21.39
C PHE M 91 21.92 5.23 -21.63
N PHE M 92 22.41 4.92 -22.83
CA PHE M 92 22.82 3.56 -23.12
C PHE M 92 24.05 3.08 -22.35
N ILE M 93 25.05 3.95 -22.20
CA ILE M 93 26.23 3.55 -21.46
C ILE M 93 25.72 3.11 -20.08
N CYS M 94 24.87 3.93 -19.49
CA CYS M 94 24.33 3.62 -18.18
C CYS M 94 23.50 2.37 -18.14
N ILE M 95 22.70 2.17 -19.17
CA ILE M 95 21.84 1.02 -19.16
C ILE M 95 22.63 -0.27 -19.33
N PHE M 96 23.74 -0.22 -20.08
CA PHE M 96 24.55 -1.41 -20.29
C PHE M 96 25.26 -1.84 -19.01
N LEU M 97 25.77 -0.86 -18.27
CA LEU M 97 26.40 -1.17 -17.01
C LEU M 97 25.33 -1.68 -16.03
N HIS M 98 24.15 -1.07 -16.04
CA HIS M 98 23.04 -1.48 -15.17
C HIS M 98 22.82 -2.97 -15.42
N ILE M 99 22.76 -3.37 -16.68
CA ILE M 99 22.54 -4.76 -17.02
C ILE M 99 23.69 -5.65 -16.58
N GLY M 100 24.92 -5.27 -16.95
CA GLY M 100 26.08 -6.05 -16.58
C GLY M 100 26.02 -6.34 -15.09
N ARG M 101 26.00 -5.27 -14.30
CA ARG M 101 25.92 -5.37 -12.85
C ARG M 101 24.95 -6.49 -12.48
N GLY M 102 23.74 -6.42 -13.02
CA GLY M 102 22.73 -7.40 -12.70
C GLY M 102 23.09 -8.80 -13.10
N LEU M 103 23.84 -8.95 -14.18
CA LEU M 103 24.25 -10.28 -14.64
C LEU M 103 25.31 -10.83 -13.70
N TYR M 104 26.29 -10.00 -13.38
CA TYR M 104 27.38 -10.37 -12.50
C TYR M 104 26.88 -10.72 -11.10
N TYR M 105 26.06 -9.86 -10.51
CA TYR M 105 25.57 -10.10 -9.16
C TYR M 105 24.27 -10.84 -9.04
N GLY M 106 23.91 -11.58 -10.09
CA GLY M 106 22.68 -12.35 -10.10
C GLY M 106 21.40 -11.68 -9.65
N SER M 107 21.22 -10.41 -10.00
CA SER M 107 20.04 -9.64 -9.63
C SER M 107 18.81 -10.18 -10.36
N TYR M 108 19.03 -10.76 -11.54
CA TYR M 108 17.97 -11.32 -12.34
C TYR M 108 17.16 -12.38 -11.59
N LEU M 109 17.57 -12.71 -10.37
CA LEU M 109 16.80 -13.70 -9.64
C LEU M 109 15.51 -13.04 -9.18
N TYR M 110 15.51 -11.71 -9.21
CA TYR M 110 14.32 -10.92 -8.90
C TYR M 110 13.63 -10.86 -10.27
N LYS M 111 13.08 -11.98 -10.70
CA LYS M 111 12.45 -12.10 -12.01
C LYS M 111 11.57 -10.98 -12.54
N GLU M 112 10.56 -10.53 -11.80
CA GLU M 112 9.69 -9.47 -12.33
C GLU M 112 10.44 -8.16 -12.49
N THR M 113 11.34 -7.88 -11.56
CA THR M 113 12.13 -6.66 -11.66
C THR M 113 12.97 -6.79 -12.93
N TRP M 114 13.51 -7.98 -13.15
CA TRP M 114 14.34 -8.24 -14.31
C TRP M 114 13.57 -8.20 -15.62
N ASN M 115 12.44 -8.90 -15.69
CA ASN M 115 11.67 -8.92 -16.92
C ASN M 115 11.17 -7.55 -17.33
N THR M 116 10.88 -6.70 -16.35
CA THR M 116 10.42 -5.36 -16.68
C THR M 116 11.64 -4.58 -17.16
N GLY M 117 12.80 -4.94 -16.64
CA GLY M 117 14.01 -4.27 -17.07
C GLY M 117 14.23 -4.52 -18.55
N VAL M 118 14.00 -5.74 -18.98
CA VAL M 118 14.18 -6.08 -20.39
C VAL M 118 13.23 -5.27 -21.25
N ILE M 119 11.97 -5.20 -20.83
CA ILE M 119 10.99 -4.44 -21.57
C ILE M 119 11.45 -2.99 -21.68
N LEU M 120 12.01 -2.43 -20.61
CA LEU M 120 12.48 -1.06 -20.66
C LEU M 120 13.57 -0.92 -21.73
N LEU M 121 14.47 -1.89 -21.79
CA LEU M 121 15.55 -1.86 -22.78
C LEU M 121 14.98 -1.82 -24.21
N LEU M 122 14.09 -2.76 -24.51
CA LEU M 122 13.49 -2.79 -25.84
C LEU M 122 12.81 -1.45 -26.17
N THR M 123 12.00 -0.94 -25.25
CA THR M 123 11.32 0.32 -25.46
C THR M 123 12.32 1.43 -25.73
N LEU M 124 13.37 1.48 -24.92
CA LEU M 124 14.41 2.47 -25.11
C LEU M 124 15.05 2.36 -26.49
N MET M 125 15.25 1.12 -26.97
CA MET M 125 15.87 0.94 -28.28
C MET M 125 14.95 1.42 -29.39
N ALA M 126 13.68 1.07 -29.30
CA ALA M 126 12.73 1.51 -30.31
C ALA M 126 12.67 3.03 -30.27
N THR M 127 12.68 3.59 -29.06
CA THR M 127 12.63 5.03 -28.93
C THR M 127 13.77 5.74 -29.66
N ALA M 128 15.00 5.27 -29.45
CA ALA M 128 16.17 5.89 -30.07
C ALA M 128 16.13 5.67 -31.57
N PHE M 129 15.55 4.53 -31.97
CA PHE M 129 15.46 4.20 -33.38
C PHE M 129 14.62 5.21 -34.14
N VAL M 130 13.44 5.52 -33.63
CA VAL M 130 12.56 6.48 -34.31
C VAL M 130 13.11 7.88 -34.17
N GLY M 131 13.62 8.21 -32.98
CA GLY M 131 14.18 9.53 -32.78
C GLY M 131 15.30 9.86 -33.75
N TYR M 132 16.05 8.83 -34.13
CA TYR M 132 17.18 8.99 -35.04
C TYR M 132 16.72 9.43 -36.42
N VAL M 133 15.52 9.02 -36.81
CA VAL M 133 14.99 9.37 -38.12
C VAL M 133 14.59 10.83 -38.27
N LEU M 134 14.22 11.45 -37.16
CA LEU M 134 13.74 12.81 -37.18
C LEU M 134 14.57 13.87 -37.89
N PRO M 135 15.89 13.91 -37.69
CA PRO M 135 16.62 14.96 -38.41
C PRO M 135 16.63 14.75 -39.92
N TRP M 136 16.18 13.59 -40.35
CA TRP M 136 16.06 13.29 -41.77
C TRP M 136 17.32 13.48 -42.61
N GLY M 137 18.43 12.93 -42.12
CA GLY M 137 19.68 13.00 -42.85
C GLY M 137 19.82 11.70 -43.61
N GLN M 138 20.94 11.51 -44.30
CA GLN M 138 21.18 10.28 -45.07
C GLN M 138 21.16 9.00 -44.25
N MET M 139 21.78 9.04 -43.06
CA MET M 139 21.82 7.84 -42.25
C MET M 139 20.46 7.64 -41.60
N SER M 140 19.73 8.73 -41.39
CA SER M 140 18.40 8.65 -40.81
C SER M 140 17.45 7.90 -41.76
N PHE M 141 17.57 8.19 -43.05
CA PHE M 141 16.72 7.60 -44.06
C PHE M 141 17.05 6.17 -44.41
N TRP M 142 18.34 5.91 -44.58
CA TRP M 142 18.77 4.57 -44.94
C TRP M 142 18.76 3.63 -43.74
N GLY M 143 18.95 4.19 -42.55
CA GLY M 143 18.89 3.36 -41.37
C GLY M 143 17.45 2.89 -41.30
N ALA M 144 16.54 3.84 -41.40
CA ALA M 144 15.11 3.55 -41.36
C ALA M 144 14.74 2.55 -42.46
N THR M 145 15.19 2.85 -43.68
CA THR M 145 14.92 1.99 -44.84
C THR M 145 15.40 0.54 -44.69
N VAL M 146 16.69 0.40 -44.38
CA VAL M 146 17.32 -0.93 -44.22
C VAL M 146 16.71 -1.79 -43.12
N ILE M 147 16.61 -1.24 -41.92
CA ILE M 147 16.07 -1.99 -40.79
C ILE M 147 14.60 -2.35 -40.90
N THR M 148 13.76 -1.38 -41.23
CA THR M 148 12.34 -1.68 -41.32
C THR M 148 12.10 -2.60 -42.50
N ASN M 149 13.05 -2.68 -43.41
CA ASN M 149 12.85 -3.54 -44.55
C ASN M 149 13.03 -5.02 -44.20
N LEU M 150 13.64 -5.29 -43.05
CA LEU M 150 13.87 -6.67 -42.64
C LEU M 150 12.59 -7.44 -42.36
N PHE M 151 11.54 -6.74 -41.93
CA PHE M 151 10.26 -7.38 -41.61
C PHE M 151 9.61 -8.07 -42.79
N SER M 152 9.89 -7.61 -44.00
CA SER M 152 9.28 -8.23 -45.18
C SER M 152 9.83 -9.64 -45.37
N ALA M 153 10.77 -10.03 -44.51
CA ALA M 153 11.39 -11.35 -44.57
C ALA M 153 10.59 -12.37 -43.75
N ILE M 154 9.51 -11.91 -43.13
CA ILE M 154 8.65 -12.79 -42.33
C ILE M 154 7.56 -13.32 -43.24
N PRO M 155 7.78 -14.50 -43.84
CA PRO M 155 6.84 -15.16 -44.76
C PRO M 155 5.37 -14.84 -44.52
N TYR M 156 4.61 -14.75 -45.61
CA TYR M 156 3.18 -14.45 -45.54
C TYR M 156 2.84 -12.97 -45.32
N ILE M 157 2.92 -12.53 -44.07
CA ILE M 157 2.61 -11.15 -43.69
C ILE M 157 3.81 -10.21 -43.83
N GLY M 158 4.75 -10.57 -44.69
CA GLY M 158 5.95 -9.78 -44.89
C GLY M 158 5.77 -8.36 -45.38
N HIS M 159 5.66 -8.21 -46.71
CA HIS M 159 5.49 -6.91 -47.33
C HIS M 159 4.36 -6.16 -46.65
N THR M 160 3.41 -6.91 -46.12
CA THR M 160 2.27 -6.32 -45.43
C THR M 160 2.70 -5.43 -44.26
N LEU M 161 3.00 -6.04 -43.12
CA LEU M 161 3.42 -5.28 -41.94
C LEU M 161 4.34 -4.10 -42.32
N VAL M 162 5.20 -4.31 -43.30
CA VAL M 162 6.13 -3.28 -43.73
C VAL M 162 5.48 -2.06 -44.38
N GLU M 163 4.64 -2.30 -45.38
CA GLU M 163 3.98 -1.21 -46.08
C GLU M 163 2.89 -0.60 -45.21
N TRP M 164 2.56 -1.30 -44.14
CA TRP M 164 1.58 -0.80 -43.22
C TRP M 164 2.36 0.15 -42.34
N ALA M 165 3.46 -0.32 -41.79
CA ALA M 165 4.30 0.51 -40.92
C ALA M 165 4.81 1.76 -41.62
N TRP M 166 5.18 1.65 -42.91
CA TRP M 166 5.68 2.81 -43.66
C TRP M 166 4.55 3.75 -44.06
N GLY M 167 3.35 3.18 -44.20
CA GLY M 167 2.22 3.98 -44.60
C GLY M 167 2.29 4.25 -46.09
N GLY M 168 3.12 3.46 -46.78
CA GLY M 168 3.27 3.62 -48.22
C GLY M 168 4.10 2.52 -48.85
N PHE M 169 4.86 2.88 -49.89
CA PHE M 169 5.68 1.91 -50.59
C PHE M 169 7.15 2.01 -50.27
N SER M 170 7.51 3.06 -49.54
CA SER M 170 8.89 3.28 -49.14
C SER M 170 8.89 4.26 -47.99
N VAL M 171 10.01 4.36 -47.29
CA VAL M 171 10.08 5.28 -46.19
C VAL M 171 9.87 6.66 -46.73
N ASP M 172 8.76 7.29 -46.39
CA ASP M 172 8.48 8.63 -46.88
C ASP M 172 7.79 9.44 -45.78
N ASN M 173 7.32 10.62 -46.14
CA ASN M 173 6.67 11.53 -45.20
C ASN M 173 5.70 10.88 -44.22
N PRO M 174 4.79 10.04 -44.70
CA PRO M 174 3.85 9.40 -43.78
C PRO M 174 4.58 8.63 -42.68
N THR M 175 5.75 8.12 -43.02
CA THR M 175 6.55 7.35 -42.08
C THR M 175 7.14 8.34 -41.08
N LEU M 176 7.63 9.46 -41.59
CA LEU M 176 8.23 10.47 -40.73
C LEU M 176 7.27 10.95 -39.66
N THR M 177 6.10 11.44 -40.06
CA THR M 177 5.15 11.95 -39.11
C THR M 177 4.69 10.93 -38.08
N ARG M 178 4.61 9.66 -38.45
CA ARG M 178 4.19 8.68 -37.46
C ARG M 178 5.36 8.35 -36.54
N PHE M 179 6.59 8.58 -37.01
CA PHE M 179 7.74 8.32 -36.17
C PHE M 179 7.86 9.44 -35.11
N PHE M 180 7.56 10.68 -35.51
CA PHE M 180 7.62 11.78 -34.54
C PHE M 180 6.65 11.47 -33.40
N ALA M 181 5.43 11.06 -33.75
CA ALA M 181 4.43 10.72 -32.74
C ALA M 181 4.95 9.61 -31.83
N LEU M 182 5.46 8.52 -32.40
CA LEU M 182 5.99 7.45 -31.57
C LEU M 182 7.14 7.91 -30.68
N HIS M 183 8.05 8.72 -31.23
CA HIS M 183 9.18 9.18 -30.44
C HIS M 183 8.72 10.07 -29.28
N PHE M 184 7.66 10.83 -29.51
CA PHE M 184 7.12 11.71 -28.48
C PHE M 184 6.38 10.87 -27.41
N LEU M 185 5.81 9.75 -27.82
CA LEU M 185 5.06 8.88 -26.94
C LEU M 185 5.87 7.93 -26.07
N LEU M 186 6.57 6.99 -26.72
CA LEU M 186 7.39 5.97 -26.05
C LEU M 186 8.10 6.36 -24.75
N PRO M 187 8.74 7.53 -24.72
CA PRO M 187 9.41 7.92 -23.49
C PRO M 187 8.47 7.92 -22.29
N PHE M 188 7.21 8.29 -22.49
CA PHE M 188 6.31 8.29 -21.36
C PHE M 188 6.00 6.87 -20.95
N ALA M 189 5.93 5.96 -21.90
CA ALA M 189 5.70 4.54 -21.55
C ALA M 189 6.90 4.08 -20.70
N ILE M 190 8.09 4.51 -21.10
CA ILE M 190 9.28 4.15 -20.38
C ILE M 190 9.15 4.59 -18.92
N ALA M 191 8.74 5.84 -18.72
CA ALA M 191 8.57 6.38 -17.38
C ALA M 191 7.52 5.53 -16.67
N GLY M 192 6.46 5.21 -17.40
CA GLY M 192 5.41 4.42 -16.82
C GLY M 192 5.98 3.13 -16.28
N ILE M 193 6.48 2.29 -17.19
CA ILE M 193 7.06 1.00 -16.83
C ILE M 193 8.17 1.10 -15.77
N THR M 194 8.93 2.19 -15.80
CA THR M 194 9.97 2.35 -14.80
C THR M 194 9.34 2.33 -13.41
N ILE M 195 8.14 2.87 -13.30
CA ILE M 195 7.44 2.90 -12.01
C ILE M 195 7.19 1.45 -11.62
N ILE M 196 6.66 0.65 -12.56
CA ILE M 196 6.40 -0.77 -12.29
C ILE M 196 7.69 -1.50 -11.89
N HIS M 197 8.77 -1.20 -12.60
CA HIS M 197 10.10 -1.77 -12.36
C HIS M 197 10.40 -1.59 -10.87
N LEU M 198 10.44 -0.33 -10.42
CA LEU M 198 10.72 -0.03 -9.01
C LEU M 198 9.73 -0.61 -8.02
N THR M 199 8.51 -0.87 -8.46
CA THR M 199 7.53 -1.42 -7.54
C THR M 199 7.89 -2.85 -7.21
N PHE M 200 8.12 -3.65 -8.26
CA PHE M 200 8.50 -5.04 -8.07
C PHE M 200 9.78 -5.09 -7.23
N LEU M 201 10.75 -4.25 -7.59
CA LEU M 201 12.01 -4.21 -6.86
C LEU M 201 11.75 -4.08 -5.37
N HIS M 202 11.04 -3.02 -4.97
CA HIS M 202 10.73 -2.78 -3.56
C HIS M 202 10.10 -3.94 -2.80
N GLU M 203 9.50 -4.89 -3.52
CA GLU M 203 8.93 -6.03 -2.81
C GLU M 203 10.07 -6.67 -1.99
N SER M 204 11.14 -7.04 -2.70
CA SER M 204 12.33 -7.71 -2.14
C SER M 204 13.39 -6.81 -1.52
N GLY M 205 13.61 -5.65 -2.12
CA GLY M 205 14.62 -4.74 -1.65
C GLY M 205 15.82 -5.03 -2.52
N SER M 206 16.86 -4.20 -2.42
CA SER M 206 18.06 -4.39 -3.23
C SER M 206 18.89 -5.64 -2.87
N ASN M 207 19.59 -6.13 -3.88
CA ASN M 207 20.49 -7.27 -3.78
C ASN M 207 21.80 -6.57 -3.37
N ASN M 208 22.85 -7.32 -3.07
CA ASN M 208 24.12 -6.68 -2.72
C ASN M 208 25.29 -7.52 -3.21
N PRO M 209 26.45 -6.90 -3.41
CA PRO M 209 27.64 -7.61 -3.90
C PRO M 209 27.98 -9.02 -3.37
N LEU M 210 27.75 -9.30 -2.08
CA LEU M 210 28.08 -10.64 -1.60
C LEU M 210 26.99 -11.66 -1.91
N GLY M 211 25.78 -11.17 -2.17
CA GLY M 211 24.68 -12.07 -2.48
C GLY M 211 24.09 -12.79 -1.29
N ILE M 212 24.23 -12.21 -0.10
CA ILE M 212 23.70 -12.80 1.12
C ILE M 212 22.79 -11.81 1.85
N SER M 213 21.79 -12.32 2.56
CA SER M 213 20.84 -11.47 3.25
C SER M 213 21.46 -10.26 3.95
N SER M 214 20.99 -9.07 3.59
CA SER M 214 21.49 -7.84 4.17
C SER M 214 20.59 -7.35 5.30
N ASP M 215 19.66 -8.21 5.71
CA ASP M 215 18.69 -7.90 6.78
C ASP M 215 19.34 -7.51 8.09
N SER M 216 20.50 -8.09 8.37
CA SER M 216 21.22 -7.80 9.61
C SER M 216 21.89 -6.42 9.56
N ASP M 217 21.95 -5.82 8.38
CA ASP M 217 22.59 -4.52 8.26
C ASP M 217 21.99 -3.60 7.18
N LYS M 218 20.75 -3.15 7.39
CA LYS M 218 20.11 -2.24 6.44
C LYS M 218 20.32 -0.79 6.88
N ILE M 219 20.29 0.14 5.94
CA ILE M 219 20.47 1.55 6.27
C ILE M 219 19.50 2.41 5.47
N PRO M 220 19.06 3.53 6.06
CA PRO M 220 18.13 4.45 5.40
C PRO M 220 18.68 5.04 4.11
N PHE M 221 17.97 4.85 3.00
CA PHE M 221 18.40 5.35 1.70
C PHE M 221 18.98 6.77 1.81
N HIS M 222 18.40 7.59 2.67
CA HIS M 222 18.90 8.94 2.86
C HIS M 222 19.49 9.00 4.28
N PRO M 223 20.65 9.66 4.44
CA PRO M 223 21.49 10.37 3.46
C PRO M 223 22.52 9.49 2.74
N TYR M 224 22.71 8.26 3.20
CA TYR M 224 23.68 7.39 2.58
C TYR M 224 23.64 7.35 1.06
N TYR M 225 22.59 6.75 0.50
CA TYR M 225 22.51 6.64 -0.94
C TYR M 225 22.06 7.85 -1.72
N SER M 226 21.43 8.82 -1.06
CA SER M 226 21.05 10.02 -1.77
C SER M 226 22.37 10.73 -2.08
N PHE M 227 23.25 10.83 -1.08
CA PHE M 227 24.53 11.47 -1.31
C PHE M 227 25.39 10.64 -2.25
N LYS M 228 25.43 9.33 -2.04
CA LYS M 228 26.22 8.47 -2.91
C LYS M 228 25.75 8.58 -4.37
N ASP M 229 24.43 8.60 -4.57
CA ASP M 229 23.88 8.71 -5.92
C ASP M 229 24.13 10.07 -6.56
N ILE M 230 24.05 11.13 -5.78
CA ILE M 230 24.30 12.47 -6.32
C ILE M 230 25.76 12.56 -6.77
N LEU M 231 26.67 11.96 -6.00
CA LEU M 231 28.08 11.97 -6.33
C LEU M 231 28.30 11.17 -7.60
N GLY M 232 27.68 9.99 -7.66
CA GLY M 232 27.79 9.13 -8.81
C GLY M 232 27.33 9.86 -10.07
N LEU M 233 26.40 10.78 -9.89
CA LEU M 233 25.85 11.60 -10.99
C LEU M 233 26.95 12.51 -11.54
N THR M 234 27.43 13.43 -10.69
CA THR M 234 28.48 14.38 -11.08
C THR M 234 29.70 13.68 -11.66
N LEU M 235 30.06 12.53 -11.12
CA LEU M 235 31.20 11.81 -11.66
C LEU M 235 30.96 11.50 -13.12
N MET M 236 29.85 10.83 -13.43
CA MET M 236 29.53 10.50 -14.83
C MET M 236 29.32 11.74 -15.70
N LEU M 237 28.53 12.67 -15.18
CA LEU M 237 28.22 13.89 -15.90
C LEU M 237 29.43 14.66 -16.45
N THR M 238 30.55 14.64 -15.74
CA THR M 238 31.72 15.37 -16.20
C THR M 238 32.21 14.88 -17.55
N PRO M 239 32.37 13.56 -17.73
CA PRO M 239 32.81 13.08 -19.05
C PRO M 239 31.74 13.31 -20.12
N PHE M 240 30.49 13.01 -19.78
CA PHE M 240 29.36 13.22 -20.70
C PHE M 240 29.48 14.66 -21.26
N LEU M 241 29.51 15.64 -20.37
CA LEU M 241 29.60 17.03 -20.76
C LEU M 241 30.90 17.38 -21.48
N THR M 242 32.01 16.84 -20.97
CA THR M 242 33.31 17.09 -21.58
C THR M 242 33.28 16.66 -23.05
N LEU M 243 32.90 15.41 -23.28
CA LEU M 243 32.83 14.91 -24.65
C LEU M 243 31.79 15.71 -25.46
N ALA M 244 30.69 16.08 -24.82
CA ALA M 244 29.64 16.83 -25.49
C ALA M 244 30.08 18.21 -25.94
N LEU M 245 30.60 18.99 -25.01
CA LEU M 245 31.06 20.35 -25.29
C LEU M 245 32.40 20.49 -26.00
N PHE M 246 33.27 19.48 -25.89
CA PHE M 246 34.56 19.60 -26.54
C PHE M 246 34.74 18.79 -27.82
N SER M 247 33.92 17.76 -28.00
CA SER M 247 33.99 16.91 -29.20
C SER M 247 32.57 16.47 -29.59
N PRO M 248 31.70 17.45 -29.84
CA PRO M 248 30.30 17.29 -30.22
C PRO M 248 30.04 16.17 -31.24
N ASN M 249 30.79 16.20 -32.32
CA ASN M 249 30.62 15.23 -33.40
C ASN M 249 31.48 13.99 -33.27
N LEU M 250 31.94 13.69 -32.07
CA LEU M 250 32.76 12.50 -31.92
C LEU M 250 32.00 11.24 -32.29
N LEU M 251 30.83 11.06 -31.68
CA LEU M 251 30.02 9.88 -31.90
C LEU M 251 29.18 9.83 -33.18
N GLY M 252 28.79 11.01 -33.68
CA GLY M 252 27.95 11.07 -34.86
C GLY M 252 28.53 10.76 -36.23
N ASP M 253 27.68 10.26 -37.12
CA ASP M 253 28.09 9.94 -38.48
C ASP M 253 27.92 11.20 -39.33
N PRO M 254 28.98 11.58 -40.06
CA PRO M 254 28.95 12.78 -40.91
C PRO M 254 27.99 12.67 -42.10
N GLU M 255 27.60 11.44 -42.43
CA GLU M 255 26.69 11.19 -43.51
C GLU M 255 25.30 11.76 -43.17
N ASN M 256 25.11 12.14 -41.91
CA ASN M 256 23.83 12.68 -41.49
C ASN M 256 23.79 14.19 -41.55
N PHE M 257 24.85 14.80 -42.09
CA PHE M 257 24.86 16.24 -42.25
C PHE M 257 24.50 16.50 -43.70
N THR M 258 24.01 15.46 -44.35
CA THR M 258 23.61 15.53 -45.74
C THR M 258 22.15 15.08 -45.83
N PRO M 259 21.25 15.97 -46.28
CA PRO M 259 19.82 15.68 -46.41
C PRO M 259 19.55 14.33 -47.07
N ALA M 260 18.68 13.54 -46.45
CA ALA M 260 18.35 12.23 -47.01
C ALA M 260 18.11 12.34 -48.51
N ASN M 261 18.50 11.28 -49.23
CA ASN M 261 18.35 11.22 -50.68
C ASN M 261 18.04 9.76 -51.01
N PRO M 262 16.87 9.50 -51.59
CA PRO M 262 16.49 8.12 -51.93
C PRO M 262 17.24 7.52 -53.11
N LEU M 263 17.92 8.36 -53.86
CA LEU M 263 18.65 7.90 -55.05
C LEU M 263 20.15 7.80 -54.83
N VAL M 264 20.57 7.76 -53.58
CA VAL M 264 21.98 7.65 -53.30
C VAL M 264 22.16 6.89 -52.02
N THR M 265 22.50 5.62 -52.16
CA THR M 265 22.72 4.75 -51.02
C THR M 265 24.10 5.04 -50.48
N PRO M 266 24.22 5.30 -49.17
CA PRO M 266 25.56 5.57 -48.64
C PRO M 266 26.43 4.31 -48.69
N PRO M 267 27.74 4.50 -48.85
CA PRO M 267 28.72 3.42 -48.93
C PRO M 267 28.65 2.50 -47.71
N HIS M 268 28.67 3.09 -46.52
CA HIS M 268 28.62 2.31 -45.30
C HIS M 268 27.53 2.71 -44.30
N ILE M 269 26.44 1.96 -44.36
CA ILE M 269 25.28 2.16 -43.50
C ILE M 269 25.50 1.46 -42.18
N LYS M 270 25.73 2.24 -41.13
CA LYS M 270 25.92 1.65 -39.82
C LYS M 270 25.27 2.51 -38.74
N PRO M 271 24.71 1.87 -37.71
CA PRO M 271 24.03 2.53 -36.58
C PRO M 271 24.95 3.27 -35.63
N GLU M 272 24.36 3.83 -34.58
CA GLU M 272 25.13 4.52 -33.56
C GLU M 272 25.83 3.42 -32.77
N TRP M 273 26.85 3.80 -32.02
CA TRP M 273 27.60 2.81 -31.28
C TRP M 273 26.78 1.78 -30.52
N TYR M 274 25.77 2.23 -29.78
CA TYR M 274 24.96 1.31 -28.98
C TYR M 274 24.17 0.23 -29.70
N PHE M 275 24.14 0.26 -31.02
CA PHE M 275 23.43 -0.77 -31.78
C PHE M 275 24.40 -1.66 -32.54
N LEU M 276 25.64 -1.19 -32.68
CA LEU M 276 26.66 -1.94 -33.42
C LEU M 276 26.73 -3.45 -33.13
N PHE M 277 26.86 -3.82 -31.86
CA PHE M 277 26.94 -5.24 -31.51
C PHE M 277 25.81 -6.06 -32.10
N ALA M 278 24.62 -5.48 -32.13
CA ALA M 278 23.45 -6.17 -32.67
C ALA M 278 23.50 -6.19 -34.19
N TYR M 279 24.07 -5.15 -34.77
CA TYR M 279 24.20 -5.02 -36.22
C TYR M 279 25.10 -6.13 -36.72
N ALA M 280 26.16 -6.36 -35.94
CA ALA M 280 27.16 -7.39 -36.24
C ALA M 280 26.51 -8.76 -36.23
N ILE M 281 25.74 -9.04 -35.20
CA ILE M 281 25.07 -10.33 -35.10
C ILE M 281 24.04 -10.46 -36.21
N LEU M 282 23.48 -9.34 -36.63
CA LEU M 282 22.47 -9.34 -37.68
C LEU M 282 23.05 -9.89 -38.97
N ARG M 283 24.13 -9.28 -39.43
CA ARG M 283 24.76 -9.69 -40.68
C ARG M 283 25.53 -11.01 -40.58
N SER M 284 25.91 -11.38 -39.36
CA SER M 284 26.64 -12.63 -39.16
C SER M 284 25.95 -13.78 -39.88
N ILE M 285 24.62 -13.76 -39.89
CA ILE M 285 23.86 -14.81 -40.57
C ILE M 285 23.31 -14.34 -41.91
N PRO M 286 23.95 -14.75 -43.01
CA PRO M 286 23.49 -14.34 -44.34
C PRO M 286 22.25 -15.16 -44.71
N ASN M 287 21.11 -14.48 -44.75
CA ASN M 287 19.81 -15.06 -45.06
C ASN M 287 18.88 -14.12 -44.33
N LYS M 288 18.30 -13.19 -45.06
CA LYS M 288 17.43 -12.21 -44.48
C LYS M 288 16.67 -12.68 -43.23
N LEU M 289 15.88 -13.75 -43.33
CA LEU M 289 15.13 -14.17 -42.17
C LEU M 289 15.98 -14.62 -40.98
N GLY M 290 16.95 -15.50 -41.23
CA GLY M 290 17.81 -15.99 -40.15
C GLY M 290 18.58 -14.89 -39.44
N GLY M 291 18.88 -13.83 -40.18
CA GLY M 291 19.62 -12.73 -39.59
C GLY M 291 18.71 -11.95 -38.67
N VAL M 292 17.45 -11.86 -39.05
CA VAL M 292 16.47 -11.14 -38.25
C VAL M 292 16.29 -11.91 -36.95
N LEU M 293 16.03 -13.20 -37.06
CA LEU M 293 15.86 -14.04 -35.88
C LEU M 293 17.09 -13.95 -34.95
N ALA M 294 18.29 -13.96 -35.52
CA ALA M 294 19.49 -13.88 -34.71
C ALA M 294 19.56 -12.54 -33.98
N LEU M 295 19.12 -11.49 -34.66
CA LEU M 295 19.11 -10.17 -34.05
C LEU M 295 18.11 -10.17 -32.91
N ALA M 296 16.90 -10.65 -33.20
CA ALA M 296 15.83 -10.72 -32.23
C ALA M 296 16.31 -11.40 -30.94
N ALA M 297 16.83 -12.61 -31.09
CA ALA M 297 17.30 -13.37 -29.96
C ALA M 297 18.47 -12.71 -29.24
N SER M 298 19.28 -11.95 -29.96
CA SER M 298 20.43 -11.31 -29.31
C SER M 298 20.00 -10.47 -28.12
N VAL M 299 18.76 -10.00 -28.13
CA VAL M 299 18.24 -9.18 -27.04
C VAL M 299 17.24 -9.96 -26.20
N LEU M 300 16.33 -10.66 -26.88
CA LEU M 300 15.33 -11.46 -26.20
C LEU M 300 15.94 -12.56 -25.35
N ILE M 301 17.23 -12.84 -25.56
CA ILE M 301 17.93 -13.88 -24.79
C ILE M 301 17.93 -13.51 -23.31
N LEU M 302 17.93 -12.20 -23.05
CA LEU M 302 17.90 -11.66 -21.69
C LEU M 302 16.76 -12.21 -20.82
N PHE M 303 15.66 -12.60 -21.45
CA PHE M 303 14.52 -13.16 -20.73
C PHE M 303 14.84 -14.57 -20.25
N LEU M 304 15.94 -15.14 -20.73
CA LEU M 304 16.33 -16.51 -20.36
C LEU M 304 17.33 -16.64 -19.23
N ILE M 305 18.14 -15.61 -19.03
CA ILE M 305 19.15 -15.66 -17.99
C ILE M 305 18.65 -16.22 -16.65
N PRO M 306 17.52 -15.72 -16.12
CA PRO M 306 17.00 -16.22 -14.84
C PRO M 306 16.87 -17.74 -14.76
N PHE M 307 16.68 -18.38 -15.91
CA PHE M 307 16.50 -19.82 -15.96
C PHE M 307 17.78 -20.64 -16.21
N LEU M 308 18.90 -19.98 -16.46
CA LEU M 308 20.15 -20.68 -16.70
C LEU M 308 21.12 -20.43 -15.55
N HIS M 309 20.56 -20.26 -14.37
CA HIS M 309 21.37 -20.04 -13.18
C HIS M 309 21.43 -21.40 -12.51
N LYS M 310 22.64 -21.93 -12.34
CA LYS M 310 22.78 -23.24 -11.73
C LYS M 310 23.54 -23.15 -10.43
N SER M 311 24.31 -22.09 -10.27
CA SER M 311 25.11 -21.89 -9.07
C SER M 311 24.27 -21.90 -7.79
N LYS M 312 24.89 -22.27 -6.67
CA LYS M 312 24.17 -22.29 -5.40
C LYS M 312 24.43 -20.99 -4.68
N GLN M 313 25.26 -20.16 -5.29
CA GLN M 313 25.58 -18.85 -4.75
C GLN M 313 24.95 -17.85 -5.71
N ARG M 314 24.53 -16.70 -5.20
CA ARG M 314 23.88 -15.72 -6.04
C ARG M 314 24.76 -14.93 -7.00
N THR M 315 25.82 -14.32 -6.47
CA THR M 315 26.72 -13.52 -7.29
C THR M 315 27.90 -14.32 -7.82
N MET M 316 28.81 -13.60 -8.47
CA MET M 316 30.00 -14.19 -9.03
C MET M 316 31.21 -13.75 -8.20
N THR M 317 30.93 -13.04 -7.12
CA THR M 317 31.98 -12.54 -6.24
C THR M 317 32.89 -13.65 -5.75
N PHE M 318 32.32 -14.83 -5.49
CA PHE M 318 33.10 -15.95 -4.99
C PHE M 318 33.22 -17.10 -5.99
N ARG M 319 33.03 -16.80 -7.28
CA ARG M 319 33.12 -17.81 -8.34
C ARG M 319 34.11 -17.39 -9.41
N PRO M 320 35.43 -17.57 -9.16
CA PRO M 320 36.48 -17.21 -10.11
C PRO M 320 36.31 -17.73 -11.53
N LEU M 321 35.75 -18.93 -11.70
CA LEU M 321 35.56 -19.45 -13.05
C LEU M 321 34.53 -18.61 -13.80
N SER M 322 33.39 -18.37 -13.14
CA SER M 322 32.34 -17.58 -13.76
C SER M 322 32.85 -16.17 -14.04
N GLN M 323 33.65 -15.62 -13.14
CA GLN M 323 34.16 -14.28 -13.35
C GLN M 323 34.87 -14.11 -14.69
N THR M 324 35.86 -14.95 -14.97
CA THR M 324 36.58 -14.82 -16.23
C THR M 324 35.63 -15.05 -17.40
N LEU M 325 34.78 -16.07 -17.29
CA LEU M 325 33.83 -16.33 -18.35
C LEU M 325 32.99 -15.06 -18.61
N PHE M 326 32.64 -14.36 -17.53
CA PHE M 326 31.87 -13.12 -17.62
C PHE M 326 32.64 -12.06 -18.38
N TRP M 327 33.90 -11.86 -18.01
CA TRP M 327 34.74 -10.87 -18.66
C TRP M 327 35.07 -11.25 -20.08
N LEU M 328 34.98 -12.53 -20.38
CA LEU M 328 35.24 -12.99 -21.71
C LEU M 328 34.06 -12.47 -22.51
N LEU M 329 32.87 -12.62 -21.93
CA LEU M 329 31.62 -12.18 -22.55
C LEU M 329 31.63 -10.68 -22.81
N VAL M 330 32.08 -9.90 -21.83
CA VAL M 330 32.14 -8.46 -22.02
C VAL M 330 33.02 -8.17 -23.21
N ALA M 331 34.21 -8.76 -23.21
CA ALA M 331 35.15 -8.55 -24.31
C ALA M 331 34.56 -9.08 -25.63
N ASN M 332 33.75 -10.13 -25.53
CA ASN M 332 33.12 -10.68 -26.70
C ASN M 332 32.26 -9.59 -27.32
N LEU M 333 31.67 -8.76 -26.47
CA LEU M 333 30.81 -7.67 -26.92
C LEU M 333 31.57 -6.49 -27.54
N LEU M 334 32.77 -6.19 -27.06
CA LEU M 334 33.53 -5.10 -27.66
C LEU M 334 33.85 -5.56 -29.08
N ILE M 335 34.16 -6.84 -29.22
CA ILE M 335 34.49 -7.37 -30.52
C ILE M 335 33.32 -7.21 -31.48
N LEU M 336 32.13 -7.67 -31.08
CA LEU M 336 30.96 -7.55 -31.95
C LEU M 336 30.73 -6.08 -32.29
N THR M 337 30.92 -5.22 -31.30
CA THR M 337 30.76 -3.78 -31.52
C THR M 337 31.66 -3.39 -32.66
N TRP M 338 32.95 -3.62 -32.50
CA TRP M 338 33.96 -3.31 -33.51
C TRP M 338 33.57 -3.87 -34.87
N ILE M 339 33.26 -5.15 -34.92
CA ILE M 339 32.88 -5.78 -36.17
C ILE M 339 31.72 -5.04 -36.81
N GLY M 340 30.76 -4.62 -36.00
CA GLY M 340 29.61 -3.90 -36.49
C GLY M 340 29.96 -2.63 -37.28
N SER M 341 31.06 -1.99 -36.92
CA SER M 341 31.47 -0.77 -37.59
C SER M 341 32.36 -1.04 -38.80
N GLN M 342 32.64 -2.31 -39.06
CA GLN M 342 33.51 -2.67 -40.18
C GLN M 342 32.73 -3.23 -41.35
N PRO M 343 33.18 -2.90 -42.58
CA PRO M 343 32.51 -3.38 -43.78
C PRO M 343 32.45 -4.89 -43.82
N VAL M 344 31.57 -5.41 -44.67
CA VAL M 344 31.38 -6.85 -44.79
C VAL M 344 32.40 -7.45 -45.72
N GLU M 345 33.59 -7.72 -45.19
CA GLU M 345 34.69 -8.29 -45.96
C GLU M 345 35.63 -9.06 -45.05
N HIS M 346 36.34 -10.03 -45.61
CA HIS M 346 37.29 -10.81 -44.84
C HIS M 346 38.30 -9.79 -44.31
N PRO M 347 38.82 -10.00 -43.09
CA PRO M 347 38.59 -11.09 -42.12
C PRO M 347 37.32 -10.90 -41.28
N PHE M 348 36.85 -9.66 -41.24
CA PHE M 348 35.67 -9.24 -40.50
C PHE M 348 34.48 -10.19 -40.54
N ILE M 349 34.13 -10.68 -41.72
CA ILE M 349 33.00 -11.58 -41.85
C ILE M 349 33.11 -12.85 -40.99
N ILE M 350 34.28 -13.45 -40.97
CA ILE M 350 34.47 -14.67 -40.20
C ILE M 350 34.65 -14.36 -38.72
N ILE M 351 35.33 -13.25 -38.41
CA ILE M 351 35.54 -12.84 -37.02
C ILE M 351 34.17 -12.58 -36.44
N GLY M 352 33.32 -11.97 -37.25
CA GLY M 352 31.96 -11.67 -36.83
C GLY M 352 31.16 -12.91 -36.50
N GLN M 353 31.11 -13.86 -37.44
CA GLN M 353 30.35 -15.08 -37.21
C GLN M 353 30.84 -15.82 -35.97
N MET M 354 32.12 -15.71 -35.68
CA MET M 354 32.66 -16.38 -34.52
C MET M 354 32.13 -15.71 -33.26
N ALA M 355 32.36 -14.41 -33.16
CA ALA M 355 31.92 -13.62 -32.02
C ALA M 355 30.44 -13.82 -31.74
N SER M 356 29.63 -13.92 -32.79
CA SER M 356 28.21 -14.14 -32.59
C SER M 356 28.07 -15.50 -31.96
N LEU M 357 28.62 -16.50 -32.63
CA LEU M 357 28.54 -17.87 -32.15
C LEU M 357 29.00 -18.01 -30.69
N SER M 358 30.09 -17.35 -30.35
CA SER M 358 30.59 -17.43 -28.99
C SER M 358 29.63 -16.78 -28.00
N TYR M 359 29.02 -15.68 -28.43
CA TYR M 359 28.06 -14.91 -27.62
C TYR M 359 26.91 -15.77 -27.09
N PHE M 360 26.23 -16.49 -27.98
CA PHE M 360 25.13 -17.33 -27.55
C PHE M 360 25.61 -18.56 -26.80
N THR M 361 26.79 -19.04 -27.17
CA THR M 361 27.39 -20.21 -26.55
C THR M 361 27.69 -19.98 -25.09
N ILE M 362 28.32 -18.85 -24.81
CA ILE M 362 28.67 -18.45 -23.47
C ILE M 362 27.44 -18.36 -22.56
N LEU M 363 26.36 -17.77 -23.08
CA LEU M 363 25.14 -17.60 -22.30
C LEU M 363 24.27 -18.83 -22.16
N LEU M 364 24.15 -19.60 -23.23
CA LEU M 364 23.31 -20.79 -23.22
C LEU M 364 24.02 -22.08 -22.77
N ILE M 365 25.30 -22.20 -23.06
CA ILE M 365 26.04 -23.40 -22.70
C ILE M 365 27.04 -23.26 -21.57
N LEU M 366 28.07 -22.48 -21.81
CA LEU M 366 29.10 -22.33 -20.80
C LEU M 366 28.63 -21.89 -19.42
N PHE M 367 27.95 -20.75 -19.33
CA PHE M 367 27.50 -20.28 -18.02
C PHE M 367 26.75 -21.29 -17.17
N PRO M 368 25.68 -21.89 -17.71
CA PRO M 368 24.99 -22.87 -16.87
C PRO M 368 25.89 -24.06 -16.50
N THR M 369 26.77 -24.46 -17.41
CA THR M 369 27.68 -25.58 -17.18
C THR M 369 28.70 -25.28 -16.09
N ILE M 370 29.47 -24.21 -16.25
CA ILE M 370 30.48 -23.81 -15.28
C ILE M 370 29.90 -23.67 -13.87
N GLY M 371 28.63 -23.26 -13.80
CA GLY M 371 27.98 -23.09 -12.51
C GLY M 371 27.83 -24.44 -11.84
N THR M 372 27.40 -25.43 -12.62
CA THR M 372 27.23 -26.80 -12.13
C THR M 372 28.59 -27.31 -11.67
N LEU M 373 29.58 -27.16 -12.54
CA LEU M 373 30.94 -27.59 -12.26
C LEU M 373 31.46 -26.96 -10.96
N GLU M 374 31.18 -25.67 -10.77
CA GLU M 374 31.60 -24.97 -9.57
C GLU M 374 30.93 -25.48 -8.29
N ASN M 375 29.70 -25.94 -8.39
CA ASN M 375 29.02 -26.45 -7.20
C ASN M 375 29.72 -27.68 -6.70
N LYS M 376 30.18 -28.52 -7.62
CA LYS M 376 30.87 -29.74 -7.25
C LYS M 376 32.24 -29.45 -6.66
N MET M 377 32.87 -28.36 -7.09
CA MET M 377 34.17 -27.99 -6.56
C MET M 377 34.06 -27.45 -5.15
N LEU M 378 32.83 -27.25 -4.68
CA LEU M 378 32.61 -26.77 -3.33
C LEU M 378 32.10 -27.95 -2.53
N ASN M 379 31.92 -29.06 -3.23
CA ASN M 379 31.41 -30.28 -2.64
C ASN M 379 29.95 -30.03 -2.25
N TYR M 380 29.15 -29.81 -3.28
CA TYR M 380 27.71 -29.54 -3.16
C TYR M 380 27.01 -30.28 -4.27
N GLY N 1 39.97 0.60 -58.18
CA GLY N 1 39.78 1.46 -56.98
C GLY N 1 39.90 0.71 -55.68
N GLU N 2 39.07 1.08 -54.71
CA GLU N 2 39.04 0.47 -53.39
C GLU N 2 40.21 0.94 -52.50
N LEU N 3 41.02 1.84 -53.04
CA LEU N 3 42.15 2.44 -52.33
C LEU N 3 41.83 3.91 -52.12
N GLU N 4 42.11 4.41 -50.92
CA GLU N 4 41.82 5.81 -50.58
C GLU N 4 42.99 6.44 -49.85
N LEU N 5 43.21 7.73 -50.09
CA LEU N 5 44.29 8.43 -49.41
C LEU N 5 43.73 9.34 -48.33
N HIS N 6 44.21 9.18 -47.10
CA HIS N 6 43.74 9.98 -45.98
C HIS N 6 44.55 11.25 -45.73
N PRO N 7 43.87 12.39 -45.59
CA PRO N 7 44.55 13.67 -45.35
C PRO N 7 45.29 13.71 -44.03
N PRO N 8 46.32 14.56 -43.95
CA PRO N 8 47.11 14.69 -42.73
C PRO N 8 46.36 15.56 -41.72
N ALA N 9 46.99 15.83 -40.58
CA ALA N 9 46.35 16.63 -39.55
C ALA N 9 47.01 17.98 -39.38
N PHE N 10 46.49 19.00 -40.07
CA PHE N 10 47.06 20.32 -39.94
C PHE N 10 46.71 20.91 -38.58
N PRO N 11 47.64 21.70 -38.01
CA PRO N 11 47.47 22.34 -36.70
C PRO N 11 46.67 23.63 -36.77
N TRP N 12 45.36 23.51 -36.93
CA TRP N 12 44.53 24.71 -37.01
C TRP N 12 44.56 25.52 -35.72
N SER N 13 44.49 26.84 -35.85
CA SER N 13 44.51 27.72 -34.69
C SER N 13 43.32 27.47 -33.77
N HIS N 14 42.30 26.76 -34.27
CA HIS N 14 41.10 26.48 -33.49
C HIS N 14 40.98 24.98 -33.18
N GLY N 15 42.12 24.29 -33.16
CA GLY N 15 42.11 22.86 -32.86
C GLY N 15 42.09 22.54 -31.38
N GLY N 16 42.63 23.46 -30.57
CA GLY N 16 42.67 23.25 -29.13
C GLY N 16 41.29 23.29 -28.50
N PRO N 17 41.05 22.43 -27.50
CA PRO N 17 39.75 22.40 -26.84
C PRO N 17 39.34 23.75 -26.30
N LEU N 18 40.31 24.61 -26.03
CA LEU N 18 39.96 25.94 -25.52
C LEU N 18 40.33 27.02 -26.51
N SER N 19 40.79 26.64 -27.69
CA SER N 19 41.20 27.62 -28.68
C SER N 19 40.14 28.00 -29.70
N ALA N 20 39.75 29.26 -29.63
CA ALA N 20 38.74 29.85 -30.50
C ALA N 20 39.13 29.87 -31.98
N LEU N 21 38.29 30.48 -32.80
CA LEU N 21 38.54 30.61 -34.23
C LEU N 21 39.25 31.94 -34.43
N ASP N 22 40.20 31.96 -35.36
CA ASP N 22 40.93 33.18 -35.69
C ASP N 22 39.99 33.98 -36.59
N HIS N 23 39.32 34.98 -36.01
CA HIS N 23 38.36 35.74 -36.80
C HIS N 23 38.91 36.49 -37.99
N SER N 24 40.22 36.72 -38.00
CA SER N 24 40.81 37.42 -39.14
C SER N 24 40.87 36.44 -40.30
N SER N 25 41.17 35.19 -39.99
CA SER N 25 41.23 34.15 -41.01
C SER N 25 39.82 33.84 -41.52
N VAL N 26 38.83 33.94 -40.63
CA VAL N 26 37.45 33.68 -41.02
C VAL N 26 36.97 34.80 -41.95
N ARG N 27 37.33 36.05 -41.62
CA ARG N 27 36.93 37.18 -42.45
C ARG N 27 37.44 37.01 -43.88
N ARG N 28 38.70 36.60 -44.02
CA ARG N 28 39.29 36.37 -45.33
C ARG N 28 38.58 35.21 -46.05
N GLY N 29 38.41 34.09 -45.35
CA GLY N 29 37.74 32.94 -45.94
C GLY N 29 36.41 33.31 -46.56
N PHE N 30 35.74 34.30 -45.96
CA PHE N 30 34.46 34.78 -46.47
C PHE N 30 34.66 35.33 -47.88
N GLN N 31 35.64 36.22 -48.04
CA GLN N 31 35.98 36.81 -49.33
C GLN N 31 36.22 35.73 -50.37
N VAL N 32 37.03 34.74 -50.01
CA VAL N 32 37.30 33.62 -50.91
C VAL N 32 35.96 33.03 -51.33
N TYR N 33 35.10 32.73 -50.35
CA TYR N 33 33.79 32.18 -50.67
C TYR N 33 32.98 33.13 -51.55
N LYS N 34 32.84 34.38 -51.09
CA LYS N 34 32.07 35.39 -51.81
C LYS N 34 32.55 35.59 -53.25
N GLN N 35 33.85 35.68 -53.44
CA GLN N 35 34.42 35.91 -54.76
C GLN N 35 34.86 34.72 -55.58
N VAL N 36 34.76 33.51 -55.05
CA VAL N 36 35.19 32.35 -55.82
C VAL N 36 34.27 31.13 -55.77
N CYS N 37 34.03 30.60 -54.57
CA CYS N 37 33.19 29.42 -54.43
C CYS N 37 31.71 29.70 -54.70
N SER N 38 31.23 30.85 -54.22
CA SER N 38 29.82 31.23 -54.37
C SER N 38 29.31 31.27 -55.80
N ALA N 39 30.18 31.10 -56.77
CA ALA N 39 29.73 31.11 -58.15
C ALA N 39 29.13 29.76 -58.48
N CYS N 40 29.45 28.75 -57.68
CA CYS N 40 28.94 27.40 -57.92
C CYS N 40 28.37 26.76 -56.67
N HIS N 41 28.85 27.20 -55.51
CA HIS N 41 28.42 26.65 -54.24
C HIS N 41 27.49 27.55 -53.44
N SER N 42 26.34 26.99 -53.08
CA SER N 42 25.37 27.71 -52.29
C SER N 42 25.71 27.48 -50.84
N MET N 43 25.26 28.39 -49.99
CA MET N 43 25.46 28.27 -48.55
C MET N 43 24.16 28.79 -47.96
N ASP N 44 23.15 27.95 -48.10
CA ASP N 44 21.79 28.25 -47.69
C ASP N 44 21.52 28.65 -46.25
N TYR N 45 22.30 28.12 -45.31
CA TYR N 45 22.04 28.43 -43.92
C TYR N 45 22.71 29.63 -43.28
N VAL N 46 23.50 30.37 -44.04
CA VAL N 46 24.14 31.55 -43.47
C VAL N 46 23.54 32.84 -44.02
N ALA N 47 23.37 33.84 -43.17
CA ALA N 47 22.82 35.12 -43.60
C ALA N 47 23.81 36.24 -43.32
N PHE N 48 23.65 37.35 -44.03
CA PHE N 48 24.55 38.47 -43.87
C PHE N 48 24.60 38.98 -42.44
N ARG N 49 23.48 38.89 -41.72
CA ARG N 49 23.47 39.35 -40.33
C ARG N 49 24.40 38.50 -39.47
N ASN N 50 24.63 37.25 -39.89
CA ASN N 50 25.51 36.34 -39.15
C ASN N 50 26.96 36.82 -39.10
N LEU N 51 27.34 37.65 -40.07
CA LEU N 51 28.71 38.17 -40.15
C LEU N 51 28.92 39.25 -39.09
N ILE N 52 27.86 39.98 -38.78
CA ILE N 52 27.94 41.05 -37.81
C ILE N 52 28.48 40.61 -36.46
N GLY N 53 29.47 41.34 -35.94
CA GLY N 53 30.04 41.01 -34.65
C GLY N 53 30.92 39.77 -34.66
N VAL N 54 31.04 39.13 -35.82
CA VAL N 54 31.88 37.95 -35.92
C VAL N 54 33.12 38.21 -36.77
N THR N 55 32.88 38.73 -37.98
CA THR N 55 33.95 39.04 -38.91
C THR N 55 33.74 40.40 -39.54
N HIS N 56 32.52 40.93 -39.47
CA HIS N 56 32.26 42.22 -40.08
C HIS N 56 31.58 43.21 -39.18
N THR N 57 31.48 44.44 -39.67
CA THR N 57 30.84 45.55 -39.00
C THR N 57 29.38 45.48 -39.39
N GLU N 58 28.52 46.21 -38.70
CA GLU N 58 27.12 46.21 -39.08
C GLU N 58 27.00 46.96 -40.40
N ALA N 59 27.76 48.05 -40.52
CA ALA N 59 27.78 48.85 -41.74
C ALA N 59 28.30 48.00 -42.91
N GLU N 60 29.42 47.31 -42.67
CA GLU N 60 30.02 46.44 -43.69
C GLU N 60 29.02 45.39 -44.18
N ALA N 61 28.39 44.73 -43.22
CA ALA N 61 27.42 43.67 -43.52
C ALA N 61 26.24 44.16 -44.32
N LYS N 62 25.71 45.33 -43.98
CA LYS N 62 24.58 45.86 -44.71
C LYS N 62 24.98 46.10 -46.17
N ALA N 63 26.20 46.59 -46.36
CA ALA N 63 26.72 46.86 -47.70
C ALA N 63 26.77 45.56 -48.49
N LEU N 64 27.47 44.57 -47.94
CA LEU N 64 27.60 43.28 -48.59
C LEU N 64 26.26 42.74 -49.08
N ALA N 65 25.23 42.98 -48.29
CA ALA N 65 23.89 42.51 -48.62
C ALA N 65 23.22 43.31 -49.72
N GLU N 66 23.61 44.58 -49.87
CA GLU N 66 23.00 45.42 -50.90
C GLU N 66 23.64 45.20 -52.28
N GLU N 67 24.78 44.51 -52.27
CA GLU N 67 25.51 44.17 -53.50
C GLU N 67 24.77 43.04 -54.20
N VAL N 68 23.68 42.58 -53.59
CA VAL N 68 22.91 41.48 -54.17
C VAL N 68 21.44 41.85 -54.43
N GLU N 69 20.90 41.28 -55.50
CA GLU N 69 19.52 41.50 -55.86
C GLU N 69 18.76 40.29 -55.39
N VAL N 70 17.65 40.51 -54.70
CA VAL N 70 16.83 39.40 -54.21
C VAL N 70 15.43 39.50 -54.78
N GLN N 71 14.86 38.34 -55.11
CA GLN N 71 13.53 38.31 -55.66
C GLN N 71 12.50 38.27 -54.56
N ASP N 72 11.64 39.28 -54.52
CA ASP N 72 10.59 39.35 -53.53
C ASP N 72 9.27 39.24 -54.30
N GLY N 73 8.16 39.43 -53.61
CA GLY N 73 6.87 39.33 -54.26
C GLY N 73 5.96 38.34 -53.57
N PRO N 74 4.68 38.29 -53.97
CA PRO N 74 4.11 39.15 -55.02
C PRO N 74 3.81 40.58 -54.61
N ASP N 75 3.42 41.38 -55.60
CA ASP N 75 3.06 42.77 -55.37
C ASP N 75 1.56 42.88 -55.64
N GLU N 76 1.06 44.09 -55.85
CA GLU N 76 -0.36 44.30 -56.08
C GLU N 76 -0.92 43.42 -57.21
N ASN N 77 -0.25 43.42 -58.36
CA ASN N 77 -0.71 42.63 -59.49
C ASN N 77 -0.36 41.15 -59.40
N GLY N 78 0.23 40.76 -58.27
CA GLY N 78 0.62 39.38 -58.08
C GLY N 78 1.86 39.04 -58.89
N GLU N 79 2.75 40.01 -58.98
CA GLU N 79 3.99 39.88 -59.74
C GLU N 79 5.21 39.77 -58.83
N LEU N 80 6.18 38.97 -59.22
CA LEU N 80 7.41 38.86 -58.45
C LEU N 80 8.20 40.09 -58.85
N PHE N 81 9.29 40.38 -58.16
CA PHE N 81 10.07 41.57 -58.49
C PHE N 81 11.39 41.60 -57.73
N MET N 82 12.37 42.32 -58.27
CA MET N 82 13.66 42.42 -57.63
C MET N 82 13.70 43.54 -56.61
N ARG N 83 14.72 43.49 -55.74
CA ARG N 83 14.90 44.50 -54.72
C ARG N 83 16.31 44.31 -54.18
N PRO N 84 16.90 45.38 -53.64
CA PRO N 84 18.26 45.27 -53.09
C PRO N 84 18.21 44.42 -51.83
N GLY N 85 19.33 43.78 -51.49
CA GLY N 85 19.37 42.92 -50.32
C GLY N 85 19.40 43.57 -48.94
N LYS N 86 19.00 42.80 -47.94
CA LYS N 86 18.96 43.24 -46.54
C LYS N 86 19.81 42.26 -45.76
N ILE N 87 20.26 42.64 -44.56
CA ILE N 87 21.07 41.75 -43.74
C ILE N 87 20.29 40.54 -43.26
N SER N 88 18.97 40.59 -43.43
CA SER N 88 18.11 39.49 -43.04
C SER N 88 18.03 38.44 -44.15
N ASP N 89 18.67 38.70 -45.28
CA ASP N 89 18.65 37.76 -46.40
C ASP N 89 19.78 36.77 -46.25
N TYR N 90 19.62 35.60 -46.86
CA TYR N 90 20.66 34.58 -46.83
C TYR N 90 21.57 34.69 -48.07
N PHE N 91 22.75 34.08 -48.00
CA PHE N 91 23.66 34.12 -49.14
C PHE N 91 22.93 33.59 -50.37
N PRO N 92 23.04 34.31 -51.49
CA PRO N 92 22.38 33.95 -52.75
C PRO N 92 22.74 32.58 -53.33
N LYS N 93 21.77 31.92 -53.93
CA LYS N 93 22.01 30.62 -54.55
C LYS N 93 22.53 30.85 -55.97
N PRO N 94 23.48 30.01 -56.41
CA PRO N 94 24.03 30.15 -57.76
C PRO N 94 23.04 29.66 -58.83
N TYR N 95 22.34 28.57 -58.53
CA TYR N 95 21.37 28.01 -59.47
C TYR N 95 19.99 27.84 -58.82
N PRO N 96 18.92 27.81 -59.64
CA PRO N 96 17.54 27.67 -59.17
C PRO N 96 17.26 26.33 -58.51
N ASN N 97 17.94 25.30 -58.98
CA ASN N 97 17.74 23.94 -58.48
C ASN N 97 18.87 23.04 -58.97
N PRO N 98 19.10 21.90 -58.30
CA PRO N 98 20.16 20.97 -58.71
C PRO N 98 20.25 20.66 -60.20
N GLU N 99 19.10 20.43 -60.85
CA GLU N 99 19.09 20.14 -62.28
C GLU N 99 19.87 21.20 -63.06
N ALA N 100 19.63 22.47 -62.72
CA ALA N 100 20.29 23.58 -63.39
C ALA N 100 21.76 23.63 -63.00
N ALA N 101 22.04 23.23 -61.78
CA ALA N 101 23.41 23.21 -61.27
C ALA N 101 24.23 22.23 -62.07
N ARG N 102 23.75 21.00 -62.18
CA ARG N 102 24.46 19.97 -62.93
C ARG N 102 24.67 20.40 -64.36
N ALA N 103 23.61 20.91 -64.98
CA ALA N 103 23.68 21.35 -66.36
C ALA N 103 24.87 22.29 -66.59
N ALA N 104 25.19 23.12 -65.60
CA ALA N 104 26.30 24.07 -65.69
C ALA N 104 27.66 23.57 -65.15
N ASN N 105 27.76 22.27 -64.88
CA ASN N 105 28.99 21.70 -64.34
C ASN N 105 29.25 20.29 -64.88
N ASN N 106 28.67 20.02 -66.04
CA ASN N 106 28.86 18.73 -66.70
C ASN N 106 28.19 17.58 -65.97
N GLY N 107 26.95 17.80 -65.54
CA GLY N 107 26.24 16.75 -64.85
C GLY N 107 26.68 16.62 -63.41
N ALA N 108 27.69 17.39 -63.01
CA ALA N 108 28.19 17.37 -61.63
C ALA N 108 27.36 18.34 -60.80
N LEU N 109 27.26 18.05 -59.51
CA LEU N 109 26.48 18.87 -58.62
C LEU N 109 27.31 19.42 -57.48
N PRO N 110 27.66 20.71 -57.53
CA PRO N 110 28.46 21.26 -56.43
C PRO N 110 27.54 21.38 -55.21
N PRO N 111 27.84 20.64 -54.14
CA PRO N 111 27.06 20.64 -52.90
C PRO N 111 27.02 21.96 -52.12
N ASP N 112 25.99 22.13 -51.30
CA ASP N 112 25.85 23.32 -50.47
C ASP N 112 27.01 23.18 -49.48
N LEU N 113 27.65 24.28 -49.14
CA LEU N 113 28.79 24.24 -48.24
C LEU N 113 28.51 24.57 -46.77
N SER N 114 27.25 24.81 -46.44
CA SER N 114 26.88 25.16 -45.07
C SER N 114 27.39 24.20 -44.00
N TYR N 115 27.26 22.90 -44.27
CA TYR N 115 27.72 21.90 -43.31
C TYR N 115 28.79 21.01 -43.92
N ILE N 116 29.54 21.53 -44.89
CA ILE N 116 30.52 20.68 -45.55
C ILE N 116 31.60 20.06 -44.67
N VAL N 117 32.24 20.83 -43.80
CA VAL N 117 33.29 20.28 -42.94
C VAL N 117 32.81 19.14 -42.01
N ASN N 118 31.52 19.13 -41.66
CA ASN N 118 31.03 18.07 -40.78
C ASN N 118 30.40 16.96 -41.60
N ALA N 119 30.23 17.23 -42.89
CA ALA N 119 29.60 16.25 -43.79
C ALA N 119 30.60 15.38 -44.51
N ARG N 120 31.88 15.59 -44.23
CA ARG N 120 32.93 14.81 -44.86
C ARG N 120 33.95 14.36 -43.84
N HIS N 121 34.28 13.07 -43.85
CA HIS N 121 35.30 12.56 -42.93
C HIS N 121 36.56 13.34 -43.23
N GLY N 122 37.13 14.00 -42.22
CA GLY N 122 38.33 14.76 -42.46
C GLY N 122 38.11 16.21 -42.12
N GLY N 123 36.92 16.72 -42.38
CA GLY N 123 36.66 18.10 -42.05
C GLY N 123 37.57 19.04 -42.82
N GLU N 124 38.00 20.12 -42.16
CA GLU N 124 38.85 21.09 -42.85
C GLU N 124 40.16 20.51 -43.34
N ASP N 125 40.58 19.39 -42.75
CA ASP N 125 41.82 18.77 -43.22
C ASP N 125 41.52 18.17 -44.59
N TYR N 126 40.35 17.57 -44.73
CA TYR N 126 39.97 16.97 -46.00
C TYR N 126 39.72 18.03 -47.06
N VAL N 127 39.00 19.09 -46.71
CA VAL N 127 38.75 20.10 -47.69
C VAL N 127 40.06 20.79 -48.09
N PHE N 128 40.93 21.07 -47.13
CA PHE N 128 42.20 21.71 -47.43
C PHE N 128 43.07 20.82 -48.31
N SER N 129 43.26 19.57 -47.90
CA SER N 129 44.08 18.64 -48.66
C SER N 129 43.56 18.46 -50.09
N LEU N 130 42.26 18.58 -50.30
CA LEU N 130 41.66 18.42 -51.63
C LEU N 130 41.88 19.66 -52.50
N LEU N 131 41.66 20.83 -51.91
CA LEU N 131 41.83 22.06 -52.67
C LEU N 131 43.26 22.21 -53.17
N THR N 132 44.22 21.86 -52.33
CA THR N 132 45.61 21.98 -52.69
C THR N 132 46.25 20.66 -53.10
N GLY N 133 45.45 19.67 -53.49
CA GLY N 133 46.05 18.39 -53.84
C GLY N 133 45.84 17.91 -55.27
N TYR N 134 45.51 18.83 -56.17
CA TYR N 134 45.32 18.44 -57.56
C TYR N 134 46.64 18.09 -58.22
N CYS N 135 46.64 17.01 -58.99
CA CYS N 135 47.85 16.57 -59.67
C CYS N 135 47.51 15.60 -60.80
N ASP N 136 48.54 15.12 -61.50
CA ASP N 136 48.36 14.20 -62.62
C ASP N 136 48.21 12.75 -62.19
N PRO N 137 47.31 12.01 -62.87
CA PRO N 137 47.05 10.61 -62.56
C PRO N 137 48.27 9.71 -62.72
N PRO N 138 48.44 8.75 -61.80
CA PRO N 138 49.58 7.84 -61.89
C PRO N 138 49.44 6.94 -63.11
N ALA N 139 50.48 6.20 -63.43
CA ALA N 139 50.46 5.31 -64.59
C ALA N 139 49.34 4.27 -64.46
N GLY N 140 48.65 4.01 -65.57
CA GLY N 140 47.57 3.03 -65.58
C GLY N 140 46.19 3.60 -65.29
N VAL N 141 46.15 4.86 -64.85
CA VAL N 141 44.89 5.50 -64.51
C VAL N 141 44.46 6.59 -65.50
N VAL N 142 43.29 6.40 -66.08
CA VAL N 142 42.74 7.35 -67.04
C VAL N 142 41.48 8.01 -66.50
N VAL N 143 41.47 9.34 -66.47
CA VAL N 143 40.34 10.11 -65.98
C VAL N 143 39.42 10.49 -67.15
N ARG N 144 38.14 10.10 -67.08
CA ARG N 144 37.24 10.43 -68.18
C ARG N 144 37.16 11.94 -68.39
N GLU N 145 36.99 12.35 -69.64
CA GLU N 145 36.91 13.77 -69.98
C GLU N 145 35.90 14.51 -69.09
N GLY N 146 36.23 15.74 -68.74
CA GLY N 146 35.36 16.53 -67.90
C GLY N 146 35.70 16.39 -66.43
N LEU N 147 36.33 15.28 -66.08
CA LEU N 147 36.72 15.02 -64.70
C LEU N 147 38.20 15.36 -64.50
N HIS N 148 38.59 15.59 -63.25
CA HIS N 148 39.96 15.93 -62.92
C HIS N 148 40.54 14.98 -61.88
N TYR N 149 41.84 14.79 -61.92
CA TYR N 149 42.46 13.89 -60.97
C TYR N 149 42.78 14.56 -59.65
N ASN N 150 42.38 13.89 -58.59
CA ASN N 150 42.65 14.34 -57.25
C ASN N 150 42.69 13.06 -56.42
N PRO N 151 43.85 12.78 -55.81
CA PRO N 151 43.98 11.58 -55.00
C PRO N 151 43.14 11.60 -53.72
N TYR N 152 42.92 12.78 -53.17
CA TYR N 152 42.15 12.94 -51.94
C TYR N 152 40.65 12.72 -52.08
N PHE N 153 40.14 12.82 -53.29
CA PHE N 153 38.72 12.63 -53.55
C PHE N 153 38.47 11.15 -53.81
N PRO N 154 37.45 10.56 -53.18
CA PRO N 154 37.22 9.13 -53.45
C PRO N 154 37.04 8.90 -54.95
N GLY N 155 37.65 7.84 -55.47
CA GLY N 155 37.56 7.56 -56.89
C GLY N 155 38.60 8.36 -57.66
N GLN N 156 39.18 9.35 -56.99
CA GLN N 156 40.21 10.22 -57.56
C GLN N 156 39.83 11.09 -58.75
N ALA N 157 38.67 10.84 -59.35
CA ALA N 157 38.21 11.65 -60.49
C ALA N 157 37.08 12.59 -60.06
N ILE N 158 37.42 13.83 -59.72
CA ILE N 158 36.46 14.81 -59.24
C ILE N 158 35.95 15.74 -60.33
N GLY N 159 34.67 16.09 -60.26
CA GLY N 159 34.10 16.99 -61.25
C GLY N 159 34.40 18.46 -61.03
N MET N 160 35.21 18.79 -60.03
CA MET N 160 35.55 20.18 -59.77
C MET N 160 36.96 20.51 -60.24
N ALA N 161 37.06 21.47 -61.15
CA ALA N 161 38.36 21.89 -61.65
C ALA N 161 39.00 22.76 -60.57
N PRO N 162 40.32 22.59 -60.32
CA PRO N 162 41.05 23.36 -59.31
C PRO N 162 40.54 24.79 -59.22
N PRO N 163 39.77 25.09 -58.19
CA PRO N 163 39.18 26.42 -57.96
C PRO N 163 40.14 27.53 -57.59
N ILE N 164 41.25 27.18 -56.95
CA ILE N 164 42.19 28.22 -56.53
C ILE N 164 43.64 28.09 -56.99
N TYR N 165 44.20 29.24 -57.32
CA TYR N 165 45.59 29.37 -57.74
C TYR N 165 46.09 30.72 -57.20
N ASN N 166 47.39 30.82 -57.00
CA ASN N 166 48.00 32.01 -56.46
C ASN N 166 47.43 33.30 -57.04
N GLU N 167 47.28 34.30 -56.17
CA GLU N 167 46.73 35.59 -56.54
C GLU N 167 45.43 35.57 -57.35
N ILE N 168 44.63 34.53 -57.21
CA ILE N 168 43.36 34.46 -57.97
C ILE N 168 42.43 35.56 -57.46
N LEU N 169 42.87 36.23 -56.40
CA LEU N 169 42.14 37.34 -55.80
C LEU N 169 43.12 38.00 -54.85
N GLU N 170 42.72 39.10 -54.21
CA GLU N 170 43.63 39.75 -53.28
C GLU N 170 42.85 40.18 -52.05
N TYR N 171 43.46 39.98 -50.88
CA TYR N 171 42.83 40.34 -49.62
C TYR N 171 43.01 41.82 -49.36
N ASP N 172 41.93 42.51 -49.00
CA ASP N 172 42.01 43.95 -48.74
C ASP N 172 42.72 44.28 -47.42
N ASP N 173 43.25 43.26 -46.74
CA ASP N 173 43.96 43.47 -45.48
C ASP N 173 45.45 43.32 -45.80
N GLY N 174 45.73 43.00 -47.06
CA GLY N 174 47.11 42.85 -47.51
C GLY N 174 47.81 41.59 -47.06
N THR N 175 47.22 40.44 -47.32
CA THR N 175 47.86 39.19 -46.95
C THR N 175 48.27 38.48 -48.23
N PRO N 176 49.49 37.93 -48.26
CA PRO N 176 49.96 37.24 -49.46
C PRO N 176 49.00 36.14 -49.92
N ALA N 177 48.21 36.46 -50.94
CA ALA N 177 47.23 35.54 -51.49
C ALA N 177 47.83 34.34 -52.22
N THR N 178 48.64 33.55 -51.53
CA THR N 178 49.20 32.37 -52.17
C THR N 178 48.10 31.32 -52.15
N MET N 179 48.21 30.30 -53.00
CA MET N 179 47.18 29.27 -53.05
C MET N 179 46.90 28.62 -51.69
N SER N 180 47.94 28.10 -51.05
CA SER N 180 47.76 27.45 -49.74
C SER N 180 47.17 28.40 -48.70
N GLN N 181 47.60 29.66 -48.71
CA GLN N 181 47.05 30.64 -47.76
C GLN N 181 45.54 30.76 -47.96
N ILE N 182 45.12 30.88 -49.22
CA ILE N 182 43.71 31.00 -49.56
C ILE N 182 42.92 29.81 -49.03
N ALA N 183 43.32 28.61 -49.42
CA ALA N 183 42.63 27.40 -48.97
C ALA N 183 42.52 27.38 -47.44
N LYS N 184 43.61 27.74 -46.77
CA LYS N 184 43.64 27.76 -45.33
C LYS N 184 42.53 28.69 -44.80
N ASP N 185 42.42 29.89 -45.38
CA ASP N 185 41.39 30.83 -44.94
C ASP N 185 39.94 30.40 -45.20
N VAL N 186 39.67 29.87 -46.38
CA VAL N 186 38.32 29.46 -46.70
C VAL N 186 37.92 28.27 -45.83
N CYS N 187 38.89 27.41 -45.50
CA CYS N 187 38.59 26.26 -44.66
C CYS N 187 38.24 26.72 -43.24
N THR N 188 38.96 27.72 -42.74
CA THR N 188 38.66 28.24 -41.42
C THR N 188 37.23 28.77 -41.50
N PHE N 189 36.93 29.53 -42.55
CA PHE N 189 35.60 30.08 -42.75
C PHE N 189 34.53 28.98 -42.78
N LEU N 190 34.82 27.89 -43.49
CA LEU N 190 33.87 26.77 -43.61
C LEU N 190 33.57 26.12 -42.27
N ARG N 191 34.52 26.16 -41.34
CA ARG N 191 34.31 25.57 -40.04
C ARG N 191 33.29 26.45 -39.32
N TRP N 192 33.50 27.76 -39.39
CA TRP N 192 32.57 28.68 -38.75
C TRP N 192 31.15 28.53 -39.29
N ALA N 193 31.02 28.49 -40.61
CA ALA N 193 29.70 28.36 -41.21
C ALA N 193 28.98 27.08 -40.78
N ALA N 194 29.72 26.04 -40.45
CA ALA N 194 29.11 24.79 -40.04
C ALA N 194 28.75 24.82 -38.55
N GLU N 195 29.42 25.66 -37.79
CA GLU N 195 29.10 25.74 -36.38
C GLU N 195 29.48 27.03 -35.73
N PRO N 196 28.67 28.08 -35.97
CA PRO N 196 28.86 29.42 -35.44
C PRO N 196 29.04 29.44 -33.92
N GLU N 197 28.54 28.42 -33.25
CA GLU N 197 28.67 28.36 -31.80
C GLU N 197 30.07 27.98 -31.32
N HIS N 198 30.88 27.46 -32.24
CA HIS N 198 32.25 27.02 -31.93
C HIS N 198 32.89 27.69 -30.71
N ASP N 199 33.11 28.99 -30.79
CA ASP N 199 33.72 29.72 -29.70
C ASP N 199 32.92 29.66 -28.39
N GLN N 200 31.65 30.07 -28.42
CA GLN N 200 30.85 30.02 -27.20
C GLN N 200 30.89 28.62 -26.63
N ARG N 201 30.76 27.62 -27.51
CA ARG N 201 30.78 26.23 -27.08
C ARG N 201 32.01 25.85 -26.26
N LYS N 202 33.16 26.42 -26.61
CA LYS N 202 34.39 26.11 -25.90
C LYS N 202 34.52 26.98 -24.65
N ARG N 203 34.00 28.20 -24.68
CA ARG N 203 34.07 29.07 -23.52
C ARG N 203 33.25 28.41 -22.40
N MET N 204 32.13 27.79 -22.80
CA MET N 204 31.27 27.10 -21.86
C MET N 204 31.98 25.84 -21.36
N GLY N 205 32.51 25.04 -22.30
CA GLY N 205 33.22 23.85 -21.90
C GLY N 205 34.22 24.13 -20.79
N LEU N 206 34.86 25.30 -20.86
CA LEU N 206 35.83 25.69 -19.85
C LEU N 206 35.13 25.86 -18.51
N LYS N 207 34.12 26.72 -18.47
CA LYS N 207 33.37 26.95 -17.23
C LYS N 207 32.79 25.63 -16.69
N MET N 208 32.36 24.77 -17.59
CA MET N 208 31.79 23.48 -17.20
C MET N 208 32.84 22.66 -16.46
N LEU N 209 34.06 22.67 -16.96
CA LEU N 209 35.13 21.90 -16.35
C LEU N 209 35.48 22.37 -14.97
N LEU N 210 35.68 23.67 -14.82
CA LEU N 210 36.04 24.21 -13.52
C LEU N 210 34.96 23.88 -12.50
N ILE N 211 33.72 24.26 -12.81
CA ILE N 211 32.62 23.98 -11.89
C ILE N 211 32.50 22.49 -11.66
N SER N 212 32.70 21.70 -12.70
CA SER N 212 32.61 20.26 -12.56
C SER N 212 33.67 19.76 -11.57
N ALA N 213 34.89 20.26 -11.68
CA ALA N 213 35.96 19.85 -10.79
C ALA N 213 35.61 20.22 -9.35
N LEU N 214 35.31 21.50 -9.14
CA LEU N 214 34.95 22.03 -7.84
C LEU N 214 33.83 21.27 -7.15
N LEU N 215 32.76 20.99 -7.89
CA LEU N 215 31.60 20.28 -7.35
C LEU N 215 31.87 18.81 -7.10
N THR N 216 32.46 18.11 -8.06
CA THR N 216 32.74 16.69 -7.83
C THR N 216 33.56 16.56 -6.57
N SER N 217 34.45 17.53 -6.35
CA SER N 217 35.30 17.52 -5.17
C SER N 217 34.44 17.63 -3.91
N LEU N 218 33.84 18.79 -3.71
CA LEU N 218 32.98 19.02 -2.56
C LEU N 218 32.05 17.83 -2.27
N LEU N 219 31.35 17.33 -3.29
CA LEU N 219 30.43 16.22 -3.07
C LEU N 219 31.13 14.96 -2.65
N TYR N 220 32.42 14.82 -2.99
CA TYR N 220 33.14 13.62 -2.58
C TYR N 220 33.41 13.68 -1.08
N TYR N 221 33.71 14.89 -0.60
CA TYR N 221 33.96 15.09 0.82
C TYR N 221 32.68 14.76 1.57
N MET N 222 31.61 15.44 1.20
CA MET N 222 30.31 15.24 1.82
C MET N 222 29.92 13.77 1.91
N LYS N 223 30.03 13.05 0.80
CA LYS N 223 29.70 11.62 0.77
C LYS N 223 30.55 10.86 1.79
N ARG N 224 31.86 11.13 1.78
CA ARG N 224 32.80 10.49 2.70
C ARG N 224 32.46 10.82 4.15
N HIS N 225 32.19 12.10 4.38
CA HIS N 225 31.83 12.61 5.70
C HIS N 225 30.64 11.90 6.32
N LYS N 226 29.61 11.69 5.51
CA LYS N 226 28.42 11.00 5.99
C LYS N 226 28.74 9.54 6.21
N TRP N 227 29.35 8.90 5.22
CA TRP N 227 29.68 7.48 5.36
C TRP N 227 30.71 7.16 6.45
N SER N 228 31.47 8.15 6.90
CA SER N 228 32.48 7.92 7.92
C SER N 228 31.92 7.13 9.11
N VAL N 229 30.65 7.36 9.42
CA VAL N 229 29.98 6.68 10.52
C VAL N 229 30.00 5.18 10.33
N LEU N 230 29.88 4.74 9.08
CA LEU N 230 29.91 3.31 8.77
C LEU N 230 31.31 2.80 8.47
N LYS N 231 32.10 3.58 7.75
CA LYS N 231 33.45 3.17 7.39
C LYS N 231 34.33 2.82 8.60
N SER N 232 34.22 3.61 9.67
CA SER N 232 35.01 3.39 10.88
C SER N 232 34.32 2.52 11.93
N ARG N 233 33.03 2.22 11.73
CA ARG N 233 32.26 1.43 12.68
C ARG N 233 32.91 0.08 13.02
N LYS N 234 32.86 -0.29 14.31
CA LYS N 234 33.42 -1.56 14.78
C LYS N 234 32.32 -2.35 15.47
N MET N 235 32.38 -3.67 15.41
CA MET N 235 31.37 -4.50 16.04
C MET N 235 31.95 -5.79 16.66
N ALA N 236 31.23 -6.36 17.62
CA ALA N 236 31.67 -7.56 18.29
C ALA N 236 30.50 -8.49 18.61
N TYR N 237 30.80 -9.79 18.68
CA TYR N 237 29.80 -10.81 19.01
C TYR N 237 30.02 -11.23 20.49
N ARG N 238 29.04 -10.94 21.34
CA ARG N 238 29.12 -11.24 22.76
C ARG N 238 28.08 -12.20 23.31
N PRO N 239 28.09 -13.46 22.86
CA PRO N 239 27.11 -14.42 23.36
C PRO N 239 27.26 -14.57 24.86
N PRO N 240 26.17 -14.96 25.57
CA PRO N 240 26.24 -15.13 27.02
C PRO N 240 27.18 -16.28 27.32
N LYS N 241 27.59 -16.95 26.23
CA LYS N 241 28.50 -18.08 26.25
C LYS N 241 29.29 -18.20 27.57
N VAL O 1 29.20 -9.82 31.80
CA VAL O 1 28.34 -8.69 32.24
C VAL O 1 28.69 -7.39 31.47
N HIS O 2 27.74 -6.46 31.42
CA HIS O 2 27.98 -5.23 30.67
C HIS O 2 29.16 -4.44 31.20
N ASN O 3 29.56 -4.71 32.44
CA ASN O 3 30.68 -3.99 33.04
C ASN O 3 32.01 -4.30 32.33
N ASP O 4 32.08 -5.48 31.71
CA ASP O 4 33.27 -5.93 31.00
C ASP O 4 33.28 -5.39 29.57
N VAL O 5 32.40 -4.45 29.28
CA VAL O 5 32.34 -3.90 27.93
C VAL O 5 32.82 -2.45 27.89
N THR O 6 33.71 -2.16 26.94
CA THR O 6 34.25 -0.83 26.76
C THR O 6 34.37 -0.47 25.29
N VAL O 7 34.20 0.82 25.01
CA VAL O 7 34.27 1.35 23.66
C VAL O 7 35.69 1.28 23.11
N PRO O 8 35.88 0.62 21.95
CA PRO O 8 37.20 0.50 21.33
C PRO O 8 37.89 1.85 21.16
N ASP O 9 39.15 1.80 20.73
CA ASP O 9 39.91 3.03 20.55
C ASP O 9 39.73 3.58 19.13
N PHE O 10 39.27 4.83 19.03
CA PHE O 10 39.05 5.47 17.74
C PHE O 10 40.11 6.51 17.40
N SER O 11 41.33 6.26 17.85
CA SER O 11 42.44 7.18 17.60
C SER O 11 42.77 7.24 16.12
N ALA O 12 42.75 6.08 15.48
CA ALA O 12 43.05 5.98 14.06
C ALA O 12 42.13 6.85 13.19
N TYR O 13 40.98 7.25 13.75
CA TYR O 13 40.02 8.03 12.99
C TYR O 13 39.69 9.41 13.53
N ARG O 14 40.03 9.68 14.78
CA ARG O 14 39.68 10.98 15.33
C ARG O 14 40.35 12.17 14.68
N ARG O 15 39.65 13.29 14.68
CA ARG O 15 40.18 14.53 14.15
C ARG O 15 41.20 14.91 15.23
N GLU O 16 42.16 15.77 14.90
CA GLU O 16 43.17 16.16 15.88
C GLU O 16 42.63 16.73 17.18
N ASP O 17 41.92 17.86 17.07
CA ASP O 17 41.35 18.56 18.22
C ASP O 17 40.63 17.75 19.29
N VAL O 18 40.15 16.57 18.93
CA VAL O 18 39.46 15.72 19.89
C VAL O 18 40.19 14.39 20.06
N MET O 19 41.51 14.43 19.84
CA MET O 19 42.35 13.24 19.95
C MET O 19 42.85 12.99 21.36
N ASP O 20 42.88 14.06 22.16
CA ASP O 20 43.36 14.01 23.55
C ASP O 20 42.22 13.75 24.54
N ALA O 21 42.24 12.55 25.12
CA ALA O 21 41.20 12.15 26.06
C ALA O 21 41.04 13.04 27.29
N THR O 22 41.83 14.10 27.41
CA THR O 22 41.71 14.95 28.59
C THR O 22 41.36 16.40 28.30
N THR O 23 41.05 16.69 27.05
CA THR O 23 40.69 18.04 26.64
C THR O 23 39.23 18.14 26.21
N SER O 24 38.54 19.15 26.72
CA SER O 24 37.14 19.39 26.36
C SER O 24 36.98 19.40 24.85
N SER O 25 36.16 18.47 24.34
CA SER O 25 35.96 18.42 22.89
C SER O 25 35.03 19.55 22.44
N GLN O 26 34.46 20.29 23.39
CA GLN O 26 33.56 21.39 23.06
C GLN O 26 34.26 22.62 22.50
N THR O 27 35.52 22.81 22.84
CA THR O 27 36.24 24.00 22.38
C THR O 27 36.49 24.00 20.88
N SER O 28 36.66 22.81 20.31
CA SER O 28 36.91 22.70 18.88
C SER O 28 35.65 22.31 18.09
N SER O 29 34.51 22.22 18.80
CA SER O 29 33.26 21.84 18.17
C SER O 29 32.88 22.79 17.03
N GLU O 30 32.62 24.06 17.35
CA GLU O 30 32.27 25.03 16.33
C GLU O 30 33.25 25.06 15.18
N ASP O 31 34.47 24.60 15.43
CA ASP O 31 35.50 24.55 14.41
C ASP O 31 35.27 23.38 13.47
N ARG O 32 35.16 22.18 14.04
CA ARG O 32 34.95 20.98 13.25
C ARG O 32 33.66 21.02 12.44
N LYS O 33 32.65 21.71 12.96
CA LYS O 33 31.36 21.82 12.27
C LYS O 33 31.38 22.94 11.26
N GLY O 34 32.02 24.05 11.63
CA GLY O 34 32.10 25.17 10.71
C GLY O 34 32.79 24.76 9.42
N PHE O 35 33.75 23.86 9.51
CA PHE O 35 34.45 23.41 8.32
C PHE O 35 33.57 22.56 7.43
N SER O 36 33.03 21.50 8.01
CA SER O 36 32.17 20.60 7.26
C SER O 36 30.93 21.30 6.71
N TYR O 37 30.41 22.27 7.44
CA TYR O 37 29.25 23.01 6.97
C TYR O 37 29.66 24.00 5.89
N LEU O 38 30.92 24.40 5.90
CA LEU O 38 31.42 25.34 4.90
C LEU O 38 31.49 24.58 3.58
N VAL O 39 31.97 23.35 3.63
CA VAL O 39 32.07 22.54 2.43
C VAL O 39 30.69 22.40 1.82
N THR O 40 29.72 22.03 2.65
CA THR O 40 28.34 21.88 2.20
C THR O 40 27.78 23.18 1.61
N ALA O 41 27.89 24.26 2.35
CA ALA O 41 27.39 25.55 1.88
C ALA O 41 28.00 25.88 0.52
N THR O 42 29.25 25.51 0.32
CA THR O 42 29.93 25.79 -0.94
C THR O 42 29.34 24.97 -2.06
N ALA O 43 29.09 23.69 -1.80
CA ALA O 43 28.52 22.81 -2.80
C ALA O 43 27.17 23.41 -3.22
N CYS O 44 26.44 23.97 -2.26
CA CYS O 44 25.16 24.59 -2.55
C CYS O 44 25.37 25.76 -3.51
N VAL O 45 26.27 26.65 -3.15
CA VAL O 45 26.58 27.80 -4.01
C VAL O 45 26.96 27.38 -5.42
N ALA O 46 27.81 26.36 -5.54
CA ALA O 46 28.22 25.88 -6.86
C ALA O 46 27.01 25.37 -7.63
N THR O 47 26.18 24.58 -6.95
CA THR O 47 24.99 24.00 -7.55
C THR O 47 23.99 25.11 -7.93
N ALA O 48 23.89 26.13 -7.11
CA ALA O 48 22.97 27.23 -7.39
C ALA O 48 23.40 27.92 -8.68
N TYR O 49 24.70 28.11 -8.84
CA TYR O 49 25.24 28.72 -10.04
C TYR O 49 24.84 27.85 -11.23
N ALA O 50 25.26 26.59 -11.21
CA ALA O 50 24.93 25.66 -12.27
C ALA O 50 23.45 25.72 -12.65
N ALA O 51 22.59 25.52 -11.67
CA ALA O 51 21.14 25.54 -11.87
C ALA O 51 20.64 26.82 -12.50
N LYS O 52 20.98 27.95 -11.90
CA LYS O 52 20.53 29.22 -12.44
C LYS O 52 20.85 29.35 -13.94
N ASN O 53 22.06 28.96 -14.35
CA ASN O 53 22.43 29.08 -15.76
C ASN O 53 21.66 28.12 -16.66
N VAL O 54 21.70 26.84 -16.35
CA VAL O 54 21.00 25.85 -17.14
C VAL O 54 19.53 26.21 -17.27
N VAL O 55 18.90 26.64 -16.18
CA VAL O 55 17.49 27.02 -16.26
C VAL O 55 17.32 28.26 -17.16
N THR O 56 18.24 29.20 -17.03
CA THR O 56 18.20 30.40 -17.85
C THR O 56 18.29 30.00 -19.33
N GLN O 57 19.31 29.21 -19.66
CA GLN O 57 19.51 28.75 -21.02
C GLN O 57 18.26 28.10 -21.60
N PHE O 58 17.64 27.20 -20.86
CA PHE O 58 16.44 26.54 -21.34
C PHE O 58 15.25 27.50 -21.48
N ILE O 59 15.01 28.34 -20.47
CA ILE O 59 13.93 29.30 -20.58
C ILE O 59 14.14 30.18 -21.82
N SER O 60 15.39 30.56 -22.07
CA SER O 60 15.72 31.40 -23.23
C SER O 60 15.32 30.74 -24.54
N SER O 61 15.46 29.42 -24.60
CA SER O 61 15.15 28.67 -25.81
C SER O 61 13.75 28.99 -26.33
N LEU O 62 12.85 29.36 -25.43
CA LEU O 62 11.49 29.66 -25.81
C LEU O 62 11.21 31.05 -26.31
N SER O 63 12.12 31.99 -26.06
CA SER O 63 11.88 33.34 -26.53
C SER O 63 12.36 33.45 -27.97
N ALA O 64 11.97 34.53 -28.64
CA ALA O 64 12.30 34.81 -30.04
C ALA O 64 13.66 34.31 -30.51
N SER O 65 13.67 33.59 -31.64
CA SER O 65 14.93 33.11 -32.18
C SER O 65 15.59 34.22 -32.98
N ALA O 66 16.85 34.03 -33.33
CA ALA O 66 17.61 35.02 -34.09
C ALA O 66 16.90 35.51 -35.35
N ASP O 67 16.30 34.60 -36.10
CA ASP O 67 15.61 34.97 -37.33
C ASP O 67 14.42 35.88 -37.01
N VAL O 68 13.64 35.52 -36.01
CA VAL O 68 12.50 36.33 -35.61
C VAL O 68 12.96 37.69 -35.12
N LEU O 69 14.04 37.71 -34.35
CA LEU O 69 14.54 38.97 -33.83
C LEU O 69 14.96 39.91 -34.97
N ALA O 70 15.56 39.33 -36.00
CA ALA O 70 16.02 40.08 -37.17
C ALA O 70 14.94 40.92 -37.83
N LEU O 71 13.68 40.53 -37.68
CA LEU O 71 12.58 41.25 -38.29
C LEU O 71 11.88 42.13 -37.27
N SER O 72 12.52 42.29 -36.12
CA SER O 72 11.98 43.10 -35.04
C SER O 72 11.78 44.54 -35.43
N LYS O 73 12.85 45.15 -35.92
CA LYS O 73 12.83 46.56 -36.31
C LYS O 73 13.11 46.80 -37.79
N ILE O 74 12.71 47.96 -38.26
CA ILE O 74 12.87 48.37 -39.65
C ILE O 74 13.33 49.83 -39.69
N GLU O 75 14.36 50.13 -40.50
CA GLU O 75 14.84 51.52 -40.61
C GLU O 75 14.52 52.06 -42.00
N ILE O 76 13.64 53.06 -42.04
CA ILE O 76 13.20 53.65 -43.30
C ILE O 76 13.90 54.96 -43.65
N LYS O 77 14.18 55.15 -44.94
CA LYS O 77 14.85 56.34 -45.44
C LYS O 77 13.84 57.44 -45.80
N LEU O 78 13.76 58.47 -44.96
CA LEU O 78 12.85 59.58 -45.13
C LEU O 78 13.10 60.39 -46.41
N SER O 79 14.23 60.11 -47.07
CA SER O 79 14.57 60.79 -48.31
C SER O 79 13.74 60.21 -49.44
N ASP O 80 13.65 58.88 -49.43
CA ASP O 80 12.91 58.11 -50.42
C ASP O 80 11.41 58.41 -50.29
N ILE O 81 11.08 59.30 -49.35
CA ILE O 81 9.70 59.68 -49.10
C ILE O 81 9.45 61.17 -49.31
N PRO O 82 8.96 61.55 -50.50
CA PRO O 82 8.69 62.95 -50.83
C PRO O 82 7.38 63.40 -50.17
N GLU O 83 7.23 64.70 -49.99
CA GLU O 83 6.01 65.25 -49.39
C GLU O 83 4.77 64.99 -50.23
N GLY O 84 3.63 64.83 -49.55
CA GLY O 84 2.37 64.60 -50.25
C GLY O 84 2.12 63.18 -50.70
N LYS O 85 3.19 62.40 -50.83
CA LYS O 85 3.11 61.00 -51.25
C LYS O 85 3.38 60.09 -50.05
N ASN O 86 2.56 59.05 -49.90
CA ASN O 86 2.68 58.10 -48.81
C ASN O 86 3.33 56.80 -49.27
N VAL O 87 4.08 56.15 -48.38
CA VAL O 87 4.75 54.91 -48.71
C VAL O 87 4.49 53.84 -47.65
N ALA O 88 4.22 52.62 -48.09
CA ALA O 88 3.94 51.52 -47.19
C ALA O 88 5.05 50.47 -47.20
N PHE O 89 5.51 50.10 -46.01
CA PHE O 89 6.58 49.10 -45.87
C PHE O 89 6.07 47.96 -45.02
N LYS O 90 6.49 46.75 -45.34
CA LYS O 90 6.06 45.57 -44.58
C LYS O 90 6.84 45.50 -43.28
N TRP O 91 6.13 45.54 -42.17
CA TRP O 91 6.74 45.48 -40.85
C TRP O 91 5.97 44.51 -39.96
N ARG O 92 6.60 43.38 -39.64
CA ARG O 92 5.98 42.36 -38.82
C ARG O 92 4.70 41.86 -39.48
N GLY O 93 4.84 41.49 -40.75
CA GLY O 93 3.72 40.95 -41.51
C GLY O 93 2.64 41.92 -41.93
N LYS O 94 2.38 42.92 -41.11
CA LYS O 94 1.35 43.91 -41.43
C LYS O 94 2.00 45.13 -42.07
N PRO O 95 1.19 45.96 -42.77
CA PRO O 95 1.68 47.16 -43.44
C PRO O 95 2.09 48.28 -42.45
N LEU O 96 3.07 49.08 -42.87
CA LEU O 96 3.56 50.19 -42.06
C LEU O 96 3.51 51.47 -42.91
N PHE O 97 2.70 52.43 -42.50
CA PHE O 97 2.59 53.68 -43.23
C PHE O 97 3.47 54.81 -42.69
N VAL O 98 4.32 55.35 -43.56
CA VAL O 98 5.21 56.45 -43.20
C VAL O 98 5.00 57.54 -44.26
N ARG O 99 4.11 58.48 -43.98
CA ARG O 99 3.80 59.56 -44.92
C ARG O 99 4.55 60.86 -44.62
N HIS O 100 4.93 61.56 -45.69
CA HIS O 100 5.64 62.83 -45.60
C HIS O 100 4.63 63.95 -45.83
N ARG O 101 3.99 64.40 -44.75
CA ARG O 101 3.00 65.46 -44.86
C ARG O 101 3.61 66.78 -45.31
N THR O 102 3.12 67.30 -46.44
CA THR O 102 3.58 68.57 -46.99
C THR O 102 3.21 69.64 -45.98
N GLN O 103 3.81 70.82 -46.13
CA GLN O 103 3.50 71.91 -45.21
C GLN O 103 1.99 72.12 -45.27
N ALA O 104 1.42 71.86 -46.44
CA ALA O 104 -0.02 71.99 -46.69
C ALA O 104 -0.86 70.99 -45.89
N GLU O 105 -0.50 69.72 -45.96
CA GLU O 105 -1.23 68.66 -45.26
C GLU O 105 -1.15 68.86 -43.75
N ILE O 106 0.05 69.20 -43.27
CA ILE O 106 0.29 69.43 -41.84
C ILE O 106 -0.68 70.49 -41.32
N ASN O 107 -1.00 71.45 -42.19
CA ASN O 107 -1.90 72.54 -41.85
C ASN O 107 -3.25 71.98 -41.47
N GLN O 108 -3.97 71.47 -42.46
CA GLN O 108 -5.30 70.92 -42.27
C GLN O 108 -5.41 70.19 -40.93
N GLU O 109 -4.31 69.58 -40.51
CA GLU O 109 -4.28 68.86 -39.25
C GLU O 109 -4.51 69.79 -38.06
N ALA O 110 -3.90 70.97 -38.13
CA ALA O 110 -4.07 71.94 -37.06
C ALA O 110 -5.55 72.09 -36.75
N GLU O 111 -6.37 72.17 -37.79
CA GLU O 111 -7.81 72.31 -37.67
C GLU O 111 -8.47 70.97 -37.34
N VAL O 112 -8.51 70.64 -36.04
CA VAL O 112 -9.12 69.39 -35.59
C VAL O 112 -9.72 69.49 -34.18
N ASP O 113 -11.01 69.13 -34.10
CA ASP O 113 -11.77 69.18 -32.85
C ASP O 113 -11.41 68.05 -31.89
N VAL O 114 -10.93 68.41 -30.71
CA VAL O 114 -10.58 67.41 -29.70
C VAL O 114 -11.84 67.08 -28.90
N SER O 115 -12.95 66.95 -29.62
CA SER O 115 -14.24 66.63 -29.00
C SER O 115 -15.18 66.06 -30.06
N LYS O 116 -14.73 66.07 -31.31
CA LYS O 116 -15.52 65.55 -32.42
C LYS O 116 -14.90 64.29 -33.01
N LEU O 117 -14.02 63.65 -32.23
CA LEU O 117 -13.36 62.43 -32.67
C LEU O 117 -13.60 61.26 -31.72
N ARG O 118 -14.13 60.18 -32.28
CA ARG O 118 -14.43 58.97 -31.51
C ARG O 118 -13.27 58.64 -30.58
N ASP O 119 -12.06 58.65 -31.13
CA ASP O 119 -10.86 58.38 -30.35
C ASP O 119 -10.15 59.74 -30.25
N PRO O 120 -10.54 60.56 -29.26
CA PRO O 120 -9.99 61.91 -29.01
C PRO O 120 -8.46 62.02 -28.82
N GLN O 121 -7.81 62.61 -29.82
CA GLN O 121 -6.37 62.85 -29.82
C GLN O 121 -6.04 63.84 -30.91
N HIS O 122 -5.10 64.75 -30.62
CA HIS O 122 -4.70 65.76 -31.60
C HIS O 122 -3.30 65.38 -32.11
N ASP O 123 -2.98 65.84 -33.31
CA ASP O 123 -1.68 65.58 -33.92
C ASP O 123 -0.59 65.58 -32.87
N LEU O 124 -0.79 66.40 -31.84
CA LEU O 124 0.14 66.54 -30.73
C LEU O 124 0.82 65.22 -30.31
N ASP O 125 0.22 64.60 -29.30
CA ASP O 125 0.69 63.36 -28.71
C ASP O 125 0.82 62.15 -29.64
N ARG O 126 0.90 62.40 -30.95
CA ARG O 126 1.04 61.31 -31.93
C ARG O 126 2.42 61.31 -32.61
N VAL O 127 2.54 62.10 -33.67
CA VAL O 127 3.79 62.19 -34.42
C VAL O 127 4.92 62.85 -33.63
N LYS O 128 5.94 63.28 -34.37
CA LYS O 128 7.09 63.95 -33.80
C LYS O 128 7.42 65.13 -34.70
N LYS O 129 8.13 64.88 -35.79
CA LYS O 129 8.43 65.98 -36.71
C LYS O 129 7.23 65.95 -37.66
N PRO O 130 6.27 66.87 -37.47
CA PRO O 130 5.03 67.03 -38.23
C PRO O 130 4.95 66.50 -39.68
N GLU O 131 5.92 66.83 -40.53
CA GLU O 131 5.90 66.35 -41.92
C GLU O 131 6.07 64.83 -41.97
N TRP O 132 6.07 64.20 -40.80
CA TRP O 132 6.22 62.75 -40.69
C TRP O 132 5.12 62.12 -39.83
N VAL O 133 4.35 61.24 -40.44
CA VAL O 133 3.26 60.53 -39.74
C VAL O 133 3.48 59.03 -39.90
N ILE O 134 3.76 58.35 -38.79
CA ILE O 134 4.00 56.90 -38.81
C ILE O 134 2.82 56.11 -38.26
N LEU O 135 2.28 55.22 -39.09
CA LEU O 135 1.13 54.40 -38.72
C LEU O 135 1.28 52.90 -39.04
N VAL O 136 0.36 52.12 -38.49
CA VAL O 136 0.30 50.69 -38.72
C VAL O 136 -0.90 50.54 -39.66
N GLY O 137 -0.62 50.27 -40.93
CA GLY O 137 -1.67 50.13 -41.92
C GLY O 137 -2.69 49.03 -41.71
N VAL O 138 -3.30 49.02 -40.54
CA VAL O 138 -4.30 48.02 -40.17
C VAL O 138 -5.52 48.72 -39.58
N CYS O 139 -6.67 48.54 -40.23
CA CYS O 139 -7.90 49.15 -39.74
C CYS O 139 -8.11 48.67 -38.30
N THR O 140 -8.83 49.44 -37.48
CA THR O 140 -9.06 49.03 -36.10
C THR O 140 -10.41 48.39 -35.92
N HIS O 141 -11.13 48.26 -37.02
CA HIS O 141 -12.45 47.65 -37.01
C HIS O 141 -12.27 46.14 -37.06
N LEU O 142 -11.98 45.63 -38.26
CA LEU O 142 -11.79 44.19 -38.48
C LEU O 142 -10.55 43.88 -39.33
N GLY O 143 -9.40 44.38 -38.88
CA GLY O 143 -8.13 44.13 -39.53
C GLY O 143 -7.85 44.31 -41.01
N CYS O 144 -8.68 45.02 -41.76
CA CYS O 144 -8.39 45.20 -43.19
C CYS O 144 -7.26 46.23 -43.34
N VAL O 145 -6.74 46.35 -44.55
CA VAL O 145 -5.66 47.31 -44.81
C VAL O 145 -6.16 48.55 -45.55
N PRO O 146 -6.06 49.73 -44.90
CA PRO O 146 -6.47 51.05 -45.41
C PRO O 146 -5.77 51.56 -46.66
N ILE O 147 -6.47 52.39 -47.43
CA ILE O 147 -5.94 53.02 -48.66
C ILE O 147 -5.68 54.49 -48.29
N ALA O 148 -4.52 55.02 -48.69
CA ALA O 148 -4.12 56.39 -48.33
C ALA O 148 -4.58 57.63 -49.11
N ASN O 149 -3.99 57.88 -50.27
CA ASN O 149 -4.34 59.08 -51.04
C ASN O 149 -5.85 59.33 -51.18
N SER O 150 -6.67 58.33 -50.87
CA SER O 150 -8.13 58.46 -50.99
C SER O 150 -8.87 58.60 -49.65
N GLY O 151 -10.17 58.83 -49.73
CA GLY O 151 -10.97 58.99 -48.53
C GLY O 151 -11.72 60.31 -48.50
N ASP O 152 -12.74 60.38 -47.65
CA ASP O 152 -13.55 61.59 -47.51
C ASP O 152 -12.87 62.62 -46.62
N PHE O 153 -11.74 62.25 -46.01
CA PHE O 153 -11.01 63.19 -45.17
C PHE O 153 -9.55 63.31 -45.59
N GLY O 154 -9.28 63.00 -46.85
CA GLY O 154 -7.92 63.09 -47.38
C GLY O 154 -6.93 62.14 -46.76
N GLY O 155 -7.26 61.61 -45.59
CA GLY O 155 -6.39 60.68 -44.90
C GLY O 155 -6.38 59.30 -45.51
N TYR O 156 -7.10 58.36 -44.89
CA TYR O 156 -7.17 56.99 -45.38
C TYR O 156 -8.61 56.45 -45.43
N TYR O 157 -8.80 55.41 -46.23
CA TYR O 157 -10.12 54.80 -46.39
C TYR O 157 -10.05 53.27 -46.41
N CYS O 158 -10.73 52.62 -45.48
CA CYS O 158 -10.76 51.16 -45.42
C CYS O 158 -11.94 50.64 -46.25
N PRO O 159 -11.67 50.19 -47.46
CA PRO O 159 -12.72 49.68 -48.36
C PRO O 159 -13.45 48.43 -47.88
N CYS O 160 -13.45 48.20 -46.57
CA CYS O 160 -14.14 47.04 -46.04
C CYS O 160 -15.51 47.40 -45.47
N HIS O 161 -15.56 48.47 -44.68
CA HIS O 161 -16.83 48.92 -44.09
C HIS O 161 -16.88 50.44 -43.93
N GLY O 162 -16.17 51.16 -44.80
CA GLY O 162 -16.15 52.61 -44.72
C GLY O 162 -14.95 53.12 -43.95
N SER O 163 -15.11 53.33 -42.65
CA SER O 163 -14.03 53.83 -41.78
C SER O 163 -13.05 54.75 -42.48
N HIS O 164 -13.34 56.04 -42.45
CA HIS O 164 -12.48 57.05 -43.05
C HIS O 164 -11.54 57.58 -41.96
N TYR O 165 -10.24 57.54 -42.22
CA TYR O 165 -9.26 58.04 -41.25
C TYR O 165 -8.63 59.29 -41.83
N ASP O 166 -8.69 60.40 -41.09
CA ASP O 166 -8.10 61.63 -41.57
C ASP O 166 -6.62 61.43 -41.81
N ALA O 167 -5.97 62.43 -42.41
CA ALA O 167 -4.56 62.36 -42.71
C ALA O 167 -3.68 62.35 -41.46
N SER O 168 -4.27 62.11 -40.30
CA SER O 168 -3.53 62.08 -39.05
C SER O 168 -3.62 60.70 -38.40
N GLY O 169 -4.16 59.74 -39.14
CA GLY O 169 -4.29 58.39 -38.60
C GLY O 169 -5.35 58.34 -37.52
N ARG O 170 -6.48 58.99 -37.76
CA ARG O 170 -7.57 59.00 -36.80
C ARG O 170 -8.89 58.67 -37.47
N ILE O 171 -9.67 57.85 -36.78
CA ILE O 171 -10.96 57.43 -37.30
C ILE O 171 -11.91 58.61 -37.30
N ARG O 172 -12.61 58.75 -38.42
CA ARG O 172 -13.59 59.82 -38.57
C ARG O 172 -14.95 59.18 -38.85
N LYS O 173 -15.35 59.21 -40.12
CA LYS O 173 -16.63 58.64 -40.55
C LYS O 173 -16.53 57.13 -40.79
N GLY O 174 -17.33 56.36 -40.06
CA GLY O 174 -17.33 54.91 -40.22
C GLY O 174 -17.37 54.12 -38.93
N PRO O 175 -17.35 52.77 -39.01
CA PRO O 175 -17.38 51.84 -37.88
C PRO O 175 -16.15 51.62 -37.01
N ALA O 176 -14.96 52.01 -37.45
CA ALA O 176 -13.76 51.78 -36.63
C ALA O 176 -13.87 52.39 -35.24
N PRO O 177 -13.30 51.72 -34.21
CA PRO O 177 -13.32 52.19 -32.82
C PRO O 177 -12.14 53.08 -32.36
N TYR O 178 -10.96 52.88 -32.93
CA TYR O 178 -9.78 53.65 -32.56
C TYR O 178 -9.12 54.31 -33.76
N ASN O 179 -7.96 54.93 -33.52
CA ASN O 179 -7.19 55.56 -34.60
C ASN O 179 -6.05 54.63 -34.97
N LEU O 180 -5.66 54.63 -36.25
CA LEU O 180 -4.58 53.77 -36.71
C LEU O 180 -3.37 53.85 -35.79
N GLU O 181 -3.18 52.81 -34.99
CA GLU O 181 -2.08 52.75 -34.02
C GLU O 181 -0.74 53.32 -34.45
N VAL O 182 -0.07 53.96 -33.51
CA VAL O 182 1.24 54.54 -33.73
C VAL O 182 2.23 53.71 -32.91
N PRO O 183 3.22 53.08 -33.59
CA PRO O 183 4.24 52.24 -32.98
C PRO O 183 5.40 52.97 -32.31
N THR O 184 6.34 52.18 -31.81
CA THR O 184 7.53 52.69 -31.15
C THR O 184 8.56 53.02 -32.23
N TYR O 185 9.02 54.26 -32.22
CA TYR O 185 10.02 54.70 -33.19
C TYR O 185 10.67 55.98 -32.70
N GLN O 186 11.51 56.54 -33.56
CA GLN O 186 12.23 57.76 -33.25
C GLN O 186 12.92 58.20 -34.53
N PHE O 187 14.05 58.86 -34.39
CA PHE O 187 14.82 59.31 -35.53
C PHE O 187 16.29 59.17 -35.18
N VAL O 188 17.10 58.82 -36.16
CA VAL O 188 18.53 58.65 -35.93
C VAL O 188 19.39 59.13 -37.10
N GLY O 189 18.81 59.98 -37.94
CA GLY O 189 19.56 60.49 -39.07
C GLY O 189 18.97 61.76 -39.64
N ASP O 190 19.35 62.09 -40.86
CA ASP O 190 18.84 63.26 -41.54
C ASP O 190 17.59 62.79 -42.29
N ASP O 191 17.54 61.47 -42.49
CA ASP O 191 16.45 60.84 -43.20
C ASP O 191 16.27 59.38 -42.78
N LEU O 192 16.63 59.06 -41.54
CA LEU O 192 16.46 57.69 -41.08
C LEU O 192 15.55 57.61 -39.86
N VAL O 193 14.54 56.75 -39.96
CA VAL O 193 13.58 56.52 -38.89
C VAL O 193 13.65 55.03 -38.58
N VAL O 194 13.81 54.69 -37.30
CA VAL O 194 13.91 53.29 -36.90
C VAL O 194 12.69 52.80 -36.13
N VAL O 195 11.78 52.14 -36.85
CA VAL O 195 10.57 51.59 -36.24
C VAL O 195 10.90 50.24 -35.64
N GLY O 196 10.28 49.94 -34.51
CA GLY O 196 10.53 48.67 -33.86
C GLY O 196 11.58 48.81 -32.78
N GLY P 10 38.51 -39.24 -6.33
CA GLY P 10 40.00 -39.37 -6.25
C GLY P 10 40.60 -38.33 -5.32
N ARG P 11 41.72 -38.68 -4.68
CA ARG P 11 42.40 -37.78 -3.76
C ARG P 11 43.17 -36.68 -4.51
N LEU P 12 42.91 -36.59 -5.80
CA LEU P 12 43.52 -35.59 -6.68
C LEU P 12 42.62 -34.38 -6.72
N MET P 13 41.40 -34.58 -7.22
CA MET P 13 40.42 -33.51 -7.33
C MET P 13 40.20 -32.90 -5.94
N ASP P 14 40.66 -33.62 -4.93
CA ASP P 14 40.53 -33.17 -3.55
C ASP P 14 41.58 -32.07 -3.32
N ARG P 15 42.53 -31.99 -4.25
CA ARG P 15 43.58 -30.98 -4.21
C ARG P 15 42.97 -29.78 -4.94
N ILE P 16 42.15 -30.11 -5.93
CA ILE P 16 41.42 -29.14 -6.74
C ILE P 16 40.49 -28.37 -5.81
N ARG P 17 39.74 -29.11 -4.99
CA ARG P 17 38.81 -28.54 -4.02
C ARG P 17 39.51 -27.45 -3.22
N LYS P 18 40.51 -27.84 -2.46
CA LYS P 18 41.25 -26.89 -1.64
C LYS P 18 41.76 -25.71 -2.49
N TRP P 19 42.03 -25.96 -3.77
CA TRP P 19 42.49 -24.90 -4.64
C TRP P 19 41.36 -23.92 -4.84
N TYR P 20 40.25 -24.45 -5.35
CA TYR P 20 39.07 -23.64 -5.60
C TYR P 20 38.69 -22.89 -4.34
N TYR P 21 38.56 -23.63 -3.24
CA TYR P 21 38.21 -23.03 -1.96
C TYR P 21 38.99 -21.74 -1.71
N ASN P 22 40.28 -21.78 -2.01
CA ASN P 22 41.13 -20.61 -1.80
C ASN P 22 40.92 -19.56 -2.89
N ALA P 23 40.64 -20.03 -4.10
CA ALA P 23 40.40 -19.12 -5.22
C ALA P 23 39.13 -18.29 -4.95
N ALA P 24 38.07 -18.98 -4.51
CA ALA P 24 36.78 -18.35 -4.20
C ALA P 24 36.98 -17.12 -3.33
N GLY P 25 37.69 -17.28 -2.23
CA GLY P 25 37.98 -16.14 -1.37
C GLY P 25 37.00 -15.68 -0.33
N PHE P 26 35.95 -16.44 -0.04
CA PHE P 26 35.00 -15.98 0.97
C PHE P 26 35.56 -16.11 2.35
N ASN P 27 36.53 -17.00 2.48
CA ASN P 27 37.18 -17.20 3.77
C ASN P 27 37.91 -15.92 4.18
N LYS P 28 38.22 -15.06 3.21
CA LYS P 28 38.90 -13.79 3.51
C LYS P 28 37.97 -12.83 4.27
N TYR P 29 36.67 -13.11 4.21
CA TYR P 29 35.68 -12.29 4.90
C TYR P 29 35.33 -12.98 6.22
N GLY P 30 35.80 -14.21 6.37
CA GLY P 30 35.54 -14.97 7.58
C GLY P 30 34.26 -15.77 7.45
N LEU P 31 33.80 -15.91 6.21
CA LEU P 31 32.58 -16.64 5.94
C LEU P 31 32.84 -18.12 5.79
N MET P 32 31.89 -18.94 6.21
CA MET P 32 32.03 -20.38 6.06
C MET P 32 31.39 -20.67 4.72
N ARG P 33 31.75 -21.79 4.11
CA ARG P 33 31.18 -22.13 2.82
C ARG P 33 29.66 -22.00 2.86
N ASP P 34 29.03 -22.60 3.87
CA ASP P 34 27.57 -22.56 4.02
C ASP P 34 26.99 -21.15 4.21
N ASP P 35 27.76 -20.23 4.78
CA ASP P 35 27.29 -18.87 4.95
C ASP P 35 27.04 -18.21 3.58
N THR P 36 27.62 -18.76 2.53
CA THR P 36 27.47 -18.15 1.20
C THR P 36 26.34 -18.69 0.35
N LEU P 37 25.59 -19.64 0.88
CA LEU P 37 24.49 -20.21 0.11
C LEU P 37 23.37 -19.23 -0.17
N TYR P 38 22.89 -19.21 -1.41
CA TYR P 38 21.79 -18.35 -1.77
C TYR P 38 20.61 -18.92 -1.01
N GLU P 39 19.82 -18.06 -0.41
CA GLU P 39 18.68 -18.52 0.38
C GLU P 39 17.43 -18.81 -0.44
N ASP P 40 17.42 -19.98 -1.08
CA ASP P 40 16.26 -20.40 -1.85
C ASP P 40 15.29 -20.93 -0.78
N ASP P 41 14.30 -21.73 -1.17
CA ASP P 41 13.35 -22.23 -0.18
C ASP P 41 13.88 -23.30 0.77
N ASP P 42 14.65 -24.24 0.24
CA ASP P 42 15.22 -25.31 1.04
C ASP P 42 16.12 -24.71 2.10
N VAL P 43 16.97 -23.77 1.69
CA VAL P 43 17.90 -23.13 2.60
C VAL P 43 17.14 -22.35 3.65
N LYS P 44 16.03 -21.72 3.24
CA LYS P 44 15.22 -20.93 4.17
C LYS P 44 14.76 -21.83 5.29
N GLU P 45 14.26 -23.00 4.92
CA GLU P 45 13.75 -23.95 5.89
C GLU P 45 14.88 -24.51 6.73
N ALA P 46 15.96 -24.91 6.07
CA ALA P 46 17.12 -25.45 6.77
C ALA P 46 17.54 -24.50 7.90
N LEU P 47 17.67 -23.22 7.60
CA LEU P 47 18.09 -22.26 8.61
C LEU P 47 17.14 -22.21 9.81
N LYS P 48 15.85 -22.37 9.56
CA LYS P 48 14.86 -22.33 10.64
C LYS P 48 15.07 -23.48 11.60
N ARG P 49 15.76 -24.51 11.15
CA ARG P 49 16.02 -25.68 11.98
C ARG P 49 17.34 -25.59 12.75
N LEU P 50 18.14 -24.57 12.48
CA LEU P 50 19.42 -24.42 13.17
C LEU P 50 19.29 -24.15 14.65
N PRO P 51 20.23 -24.67 15.45
CA PRO P 51 20.18 -24.43 16.89
C PRO P 51 20.51 -22.96 17.09
N GLU P 52 19.95 -22.36 18.13
CA GLU P 52 20.16 -20.94 18.43
C GLU P 52 21.61 -20.47 18.25
N ASP P 53 22.55 -21.15 18.91
CA ASP P 53 23.96 -20.79 18.84
C ASP P 53 24.55 -20.80 17.42
N LEU P 54 24.31 -21.87 16.67
CA LEU P 54 24.85 -21.92 15.31
C LEU P 54 24.27 -20.78 14.49
N TYR P 55 22.98 -20.52 14.68
CA TYR P 55 22.27 -19.45 13.99
C TYR P 55 22.87 -18.08 14.29
N ASN P 56 23.07 -17.77 15.57
CA ASN P 56 23.64 -16.47 15.92
C ASN P 56 25.08 -16.31 15.48
N GLU P 57 25.84 -17.40 15.48
CA GLU P 57 27.24 -17.36 15.05
C GLU P 57 27.26 -16.99 13.57
N ARG P 58 26.40 -17.67 12.80
CA ARG P 58 26.26 -17.42 11.37
C ARG P 58 25.85 -15.98 11.11
N MET P 59 24.91 -15.49 11.89
CA MET P 59 24.43 -14.13 11.78
C MET P 59 25.58 -13.13 11.93
N PHE P 60 26.38 -13.28 12.98
CA PHE P 60 27.49 -12.36 13.18
C PHE P 60 28.51 -12.43 12.04
N ARG P 61 28.79 -13.63 11.57
CA ARG P 61 29.75 -13.81 10.49
C ARG P 61 29.31 -13.01 9.28
N ILE P 62 28.03 -13.14 8.93
CA ILE P 62 27.48 -12.42 7.80
C ILE P 62 27.47 -10.91 8.04
N LYS P 63 26.94 -10.46 9.17
CA LYS P 63 26.94 -9.03 9.41
C LYS P 63 28.36 -8.47 9.37
N ARG P 64 29.34 -9.32 9.71
CA ARG P 64 30.76 -8.94 9.73
C ARG P 64 31.29 -8.78 8.31
N ALA P 65 30.94 -9.72 7.45
CA ALA P 65 31.37 -9.68 6.05
C ALA P 65 30.79 -8.43 5.37
N LEU P 66 29.51 -8.16 5.60
CA LEU P 66 28.84 -7.02 5.00
C LEU P 66 29.50 -5.71 5.43
N ASP P 67 29.97 -5.66 6.66
CA ASP P 67 30.63 -4.45 7.14
C ASP P 67 31.98 -4.32 6.44
N LEU P 68 32.64 -5.45 6.23
CA LEU P 68 33.93 -5.44 5.55
C LEU P 68 33.66 -4.98 4.13
N SER P 69 32.71 -5.64 3.47
CA SER P 69 32.35 -5.29 2.09
C SER P 69 32.01 -3.81 1.90
N LEU P 70 31.34 -3.21 2.86
CA LEU P 70 31.00 -1.81 2.74
C LEU P 70 32.28 -0.99 2.87
N LYS P 71 33.18 -1.44 3.75
CA LYS P 71 34.47 -0.75 4.01
C LYS P 71 35.53 -0.97 2.91
N HIS P 72 35.32 -2.00 2.09
CA HIS P 72 36.24 -2.37 1.01
C HIS P 72 37.52 -2.92 1.60
N ARG P 73 37.38 -3.61 2.73
CA ARG P 73 38.50 -4.20 3.44
C ARG P 73 38.25 -5.68 3.55
N ILE P 74 39.18 -6.39 4.17
CA ILE P 74 39.03 -7.82 4.40
C ILE P 74 39.67 -8.18 5.73
N LEU P 75 39.66 -9.46 6.05
CA LEU P 75 40.26 -9.89 7.30
C LEU P 75 41.76 -10.09 7.18
N PRO P 76 42.48 -9.88 8.30
CA PRO P 76 43.93 -10.06 8.28
C PRO P 76 44.16 -11.54 8.01
N LYS P 77 45.11 -11.81 7.12
CA LYS P 77 45.45 -13.17 6.73
C LYS P 77 45.29 -14.23 7.83
N GLU P 78 45.69 -13.89 9.05
CA GLU P 78 45.60 -14.83 10.16
C GLU P 78 44.18 -15.34 10.39
N GLN P 79 43.23 -14.40 10.34
CA GLN P 79 41.83 -14.73 10.58
C GLN P 79 41.05 -15.43 9.48
N TRP P 80 41.66 -15.67 8.33
CA TRP P 80 40.91 -16.35 7.27
C TRP P 80 40.55 -17.81 7.61
N VAL P 81 39.34 -18.20 7.28
CA VAL P 81 38.89 -19.56 7.53
C VAL P 81 39.77 -20.46 6.67
N LYS P 82 40.27 -21.54 7.27
CA LYS P 82 41.14 -22.46 6.56
C LYS P 82 40.36 -23.64 6.02
N TYR P 83 40.66 -24.02 4.78
CA TYR P 83 39.95 -25.10 4.10
C TYR P 83 39.52 -26.27 4.97
N GLU P 84 40.43 -26.78 5.79
CA GLU P 84 40.10 -27.92 6.62
C GLU P 84 39.40 -27.59 7.93
N GLU P 85 39.19 -26.30 8.19
CA GLU P 85 38.52 -25.91 9.42
C GLU P 85 37.16 -25.27 9.15
N ASP P 86 36.68 -25.39 7.91
CA ASP P 86 35.39 -24.83 7.52
C ASP P 86 34.27 -25.79 7.91
N LYS P 87 33.45 -25.35 8.85
CA LYS P 87 32.34 -26.15 9.36
C LYS P 87 31.09 -26.12 8.48
N PRO P 88 30.76 -27.26 7.85
CA PRO P 88 29.60 -27.38 6.98
C PRO P 88 28.36 -27.60 7.86
N TYR P 89 28.13 -26.64 8.76
CA TYR P 89 27.05 -26.72 9.71
C TYR P 89 25.63 -26.87 9.16
N LEU P 90 25.36 -26.28 8.00
CA LEU P 90 24.02 -26.34 7.44
C LEU P 90 23.72 -27.50 6.52
N GLU P 91 24.73 -28.01 5.84
CA GLU P 91 24.53 -29.11 4.90
C GLU P 91 23.72 -30.32 5.42
N PRO P 92 23.91 -30.70 6.70
CA PRO P 92 23.15 -31.83 7.24
C PRO P 92 21.64 -31.57 7.21
N TYR P 93 21.26 -30.38 7.65
CA TYR P 93 19.85 -29.99 7.69
C TYR P 93 19.31 -29.81 6.28
N LEU P 94 20.02 -29.05 5.46
CA LEU P 94 19.61 -28.82 4.09
C LEU P 94 19.37 -30.14 3.36
N LYS P 95 20.28 -31.09 3.57
CA LYS P 95 20.16 -32.42 2.95
C LYS P 95 18.84 -33.08 3.28
N GLU P 96 18.40 -32.88 4.52
CA GLU P 96 17.15 -33.45 5.03
C GLU P 96 15.93 -32.74 4.48
N VAL P 97 15.94 -31.41 4.54
CA VAL P 97 14.83 -30.61 4.03
C VAL P 97 14.56 -31.04 2.59
N ILE P 98 15.61 -31.29 1.83
CA ILE P 98 15.44 -31.73 0.45
C ILE P 98 14.90 -33.16 0.33
N ARG P 99 15.27 -34.03 1.27
CA ARG P 99 14.79 -35.41 1.23
C ARG P 99 13.29 -35.42 1.43
N GLU P 100 12.85 -34.74 2.49
CA GLU P 100 11.43 -34.64 2.84
C GLU P 100 10.62 -34.14 1.66
N ARG P 101 11.08 -33.03 1.07
CA ARG P 101 10.40 -32.42 -0.07
C ARG P 101 10.25 -33.41 -1.21
N LEU P 102 11.31 -34.11 -1.55
CA LEU P 102 11.24 -35.07 -2.65
C LEU P 102 10.23 -36.15 -2.30
N GLU P 103 10.23 -36.58 -1.04
CA GLU P 103 9.28 -37.61 -0.61
C GLU P 103 7.86 -37.16 -0.90
N ARG P 104 7.52 -35.98 -0.39
CA ARG P 104 6.20 -35.40 -0.58
C ARG P 104 5.90 -35.27 -2.07
N GLU P 105 6.86 -34.72 -2.82
CA GLU P 105 6.68 -34.55 -4.25
C GLU P 105 6.31 -35.85 -4.92
N ALA P 106 7.12 -36.88 -4.72
CA ALA P 106 6.89 -38.20 -5.31
C ALA P 106 5.57 -38.81 -4.88
N TRP P 107 5.23 -38.61 -3.62
CA TRP P 107 4.00 -39.15 -3.04
C TRP P 107 2.76 -38.46 -3.59
N ASN P 108 2.87 -37.18 -3.94
CA ASN P 108 1.72 -36.44 -4.48
C ASN P 108 1.44 -36.69 -5.95
N LYS P 109 2.40 -37.27 -6.66
CA LYS P 109 2.18 -37.58 -8.08
C LYS P 109 1.51 -38.94 -8.06
N LYS P 110 1.98 -39.78 -7.14
CA LYS P 110 1.50 -41.14 -6.93
C LYS P 110 -0.02 -41.16 -6.65
N ILE Q 2 6.87 0.22 5.39
CA ILE Q 2 7.41 -0.21 6.72
C ILE Q 2 8.16 -1.54 6.59
N HIS Q 3 9.49 -1.45 6.62
CA HIS Q 3 10.36 -2.62 6.50
C HIS Q 3 11.39 -2.66 7.62
N PHE Q 4 11.47 -1.60 8.42
CA PHE Q 4 12.42 -1.52 9.52
C PHE Q 4 11.85 -2.00 10.87
N GLY Q 5 12.22 -3.22 11.24
CA GLY Q 5 11.74 -3.79 12.49
C GLY Q 5 11.32 -5.24 12.32
N ASN Q 6 10.97 -5.60 11.08
CA ASN Q 6 10.54 -6.97 10.76
C ASN Q 6 11.63 -7.76 10.06
N LEU Q 7 12.71 -7.07 9.71
CA LEU Q 7 13.83 -7.63 8.97
C LEU Q 7 14.47 -8.94 9.44
N ALA Q 8 15.21 -8.93 10.54
CA ALA Q 8 15.86 -10.17 10.99
C ALA Q 8 15.95 -10.39 12.49
N ARG Q 9 16.13 -11.65 12.87
CA ARG Q 9 16.28 -12.06 14.27
C ARG Q 9 17.77 -11.95 14.58
N VAL Q 10 18.14 -10.98 15.40
CA VAL Q 10 19.54 -10.77 15.73
C VAL Q 10 19.83 -10.68 17.22
N ARG Q 11 20.90 -11.34 17.65
CA ARG Q 11 21.26 -11.31 19.07
C ARG Q 11 22.74 -11.19 19.38
N HIS Q 12 23.02 -10.55 20.51
CA HIS Q 12 24.38 -10.37 21.02
C HIS Q 12 25.38 -9.72 20.09
N ILE Q 13 25.03 -8.59 19.49
CA ILE Q 13 25.98 -7.93 18.63
C ILE Q 13 26.03 -6.50 19.07
N ILE Q 14 27.24 -6.00 19.33
CA ILE Q 14 27.41 -4.63 19.76
C ILE Q 14 28.13 -3.88 18.65
N THR Q 15 27.79 -2.61 18.45
CA THR Q 15 28.46 -1.81 17.43
C THR Q 15 28.77 -0.47 18.04
N TYR Q 16 29.89 0.13 17.60
CA TYR Q 16 30.29 1.42 18.12
C TYR Q 16 30.60 2.32 16.94
N SER Q 17 30.19 3.59 17.03
CA SER Q 17 30.41 4.52 15.94
C SER Q 17 30.57 5.92 16.52
N LEU Q 18 31.22 6.80 15.75
CA LEU Q 18 31.42 8.17 16.19
C LEU Q 18 30.71 9.17 15.28
N SER Q 19 30.29 10.29 15.84
CA SER Q 19 29.65 11.33 15.05
C SER Q 19 30.63 11.64 13.92
N PRO Q 20 30.13 12.06 12.75
CA PRO Q 20 31.07 12.36 11.67
C PRO Q 20 31.90 13.59 11.99
N PHE Q 21 31.42 14.42 12.93
CA PHE Q 21 32.12 15.62 13.32
C PHE Q 21 33.29 15.39 14.29
N GLU Q 22 33.52 14.12 14.63
CA GLU Q 22 34.60 13.77 15.54
C GLU Q 22 35.68 13.05 14.74
N GLN Q 23 35.32 12.54 13.57
CA GLN Q 23 36.30 11.82 12.77
C GLN Q 23 36.73 12.45 11.47
N ARG Q 24 37.64 11.75 10.80
CA ARG Q 24 38.21 12.21 9.54
C ARG Q 24 37.45 11.62 8.34
N ALA Q 25 36.99 12.52 7.47
CA ALA Q 25 36.26 12.14 6.27
C ALA Q 25 37.05 11.14 5.43
N ILE Q 26 38.29 11.49 5.13
CA ILE Q 26 39.18 10.63 4.34
C ILE Q 26 40.44 10.43 5.18
N PRO Q 27 40.43 9.40 6.06
CA PRO Q 27 41.58 9.14 6.90
C PRO Q 27 42.50 8.03 6.41
N ASN Q 28 43.77 8.11 6.82
CA ASN Q 28 44.77 7.10 6.48
C ASN Q 28 44.87 6.84 4.98
N ILE Q 29 45.07 7.90 4.19
CA ILE Q 29 45.16 7.76 2.75
C ILE Q 29 46.33 6.86 2.33
N PHE Q 30 47.48 7.10 2.95
CA PHE Q 30 48.67 6.34 2.61
C PHE Q 30 48.88 5.05 3.36
N SER Q 31 48.62 5.04 4.67
CA SER Q 31 48.80 3.84 5.44
C SER Q 31 47.72 2.75 5.22
N ASP Q 32 46.53 3.17 4.80
CA ASP Q 32 45.42 2.23 4.61
C ASP Q 32 44.72 2.29 3.26
N ALA Q 33 44.28 3.47 2.87
CA ALA Q 33 43.60 3.66 1.61
C ALA Q 33 44.29 3.01 0.43
N LEU Q 34 45.34 3.67 -0.06
CA LEU Q 34 46.11 3.21 -1.22
C LEU Q 34 46.52 1.74 -1.20
N PRO Q 35 47.09 1.26 -0.07
CA PRO Q 35 47.49 -0.14 0.01
C PRO Q 35 46.36 -1.07 -0.44
N ASN Q 36 45.15 -0.81 0.05
CA ASN Q 36 43.97 -1.61 -0.32
C ASN Q 36 43.57 -1.40 -1.77
N VAL Q 37 43.70 -0.17 -2.26
CA VAL Q 37 43.38 0.12 -3.64
C VAL Q 37 44.22 -0.82 -4.49
N TRP Q 38 45.49 -0.97 -4.12
CA TRP Q 38 46.40 -1.85 -4.83
C TRP Q 38 45.97 -3.31 -4.63
N ARG Q 39 45.74 -3.69 -3.37
CA ARG Q 39 45.32 -5.04 -3.03
C ARG Q 39 44.22 -5.48 -3.99
N ARG Q 40 43.20 -4.63 -4.07
CA ARG Q 40 42.04 -4.87 -4.91
C ARG Q 40 42.39 -4.96 -6.40
N PHE Q 41 43.15 -3.99 -6.87
CA PHE Q 41 43.57 -3.97 -8.27
C PHE Q 41 44.25 -5.28 -8.61
N SER Q 42 45.22 -5.65 -7.79
CA SER Q 42 46.01 -6.86 -7.95
C SER Q 42 45.17 -8.11 -8.16
N SER Q 43 44.27 -8.36 -7.21
CA SER Q 43 43.41 -9.52 -7.23
C SER Q 43 42.48 -9.67 -8.43
N GLN Q 44 42.24 -8.59 -9.17
CA GLN Q 44 41.35 -8.67 -10.32
C GLN Q 44 42.02 -8.66 -11.69
N VAL Q 45 43.10 -7.89 -11.82
CA VAL Q 45 43.84 -7.80 -13.07
C VAL Q 45 43.88 -9.07 -13.90
N PHE Q 46 44.25 -10.18 -13.29
CA PHE Q 46 44.35 -11.44 -14.02
C PHE Q 46 43.05 -12.09 -14.46
N LYS Q 47 41.92 -11.58 -13.98
CA LYS Q 47 40.64 -12.15 -14.38
C LYS Q 47 40.10 -11.26 -15.46
N VAL Q 48 40.25 -9.96 -15.27
CA VAL Q 48 39.76 -8.98 -16.21
C VAL Q 48 40.65 -8.82 -17.45
N ALA Q 49 41.83 -8.23 -17.25
CA ALA Q 49 42.78 -7.96 -18.33
C ALA Q 49 42.92 -9.03 -19.41
N PRO Q 50 43.14 -10.30 -19.03
CA PRO Q 50 43.28 -11.38 -20.00
C PRO Q 50 42.39 -11.30 -21.24
N PRO Q 51 41.06 -11.44 -21.09
CA PRO Q 51 40.20 -11.35 -22.27
C PRO Q 51 40.21 -10.02 -23.02
N PHE Q 52 40.39 -8.91 -22.31
CA PHE Q 52 40.45 -7.61 -22.99
C PHE Q 52 41.66 -7.57 -23.88
N LEU Q 53 42.78 -8.09 -23.36
CA LEU Q 53 44.02 -8.14 -24.13
C LEU Q 53 43.84 -9.07 -25.34
N GLY Q 54 43.23 -10.23 -25.10
CA GLY Q 54 43.00 -11.18 -26.18
C GLY Q 54 42.14 -10.57 -27.27
N ALA Q 55 41.36 -9.55 -26.92
CA ALA Q 55 40.52 -8.89 -27.88
C ALA Q 55 41.38 -7.87 -28.63
N TYR Q 56 42.17 -7.10 -27.88
CA TYR Q 56 43.02 -6.10 -28.50
C TYR Q 56 43.80 -6.73 -29.64
N LEU Q 57 44.31 -7.93 -29.40
CA LEU Q 57 45.08 -8.65 -30.40
C LEU Q 57 44.19 -8.87 -31.60
N LEU Q 58 43.16 -9.68 -31.41
CA LEU Q 58 42.23 -9.97 -32.49
C LEU Q 58 41.95 -8.72 -33.28
N TYR Q 59 41.64 -7.64 -32.57
CA TYR Q 59 41.35 -6.36 -33.20
C TYR Q 59 42.51 -5.89 -34.07
N SER Q 60 43.67 -5.81 -33.46
CA SER Q 60 44.88 -5.36 -34.13
C SER Q 60 45.23 -6.23 -35.34
N TRP Q 61 45.09 -7.55 -35.21
CA TRP Q 61 45.38 -8.42 -36.32
C TRP Q 61 44.44 -8.13 -37.48
N GLY Q 62 43.16 -8.39 -37.25
CA GLY Q 62 42.14 -8.19 -38.27
C GLY Q 62 42.16 -6.82 -38.94
N THR Q 63 42.53 -5.79 -38.17
CA THR Q 63 42.60 -4.44 -38.72
C THR Q 63 43.72 -4.38 -39.75
N GLN Q 64 44.85 -4.99 -39.41
CA GLN Q 64 45.99 -5.01 -40.32
C GLN Q 64 45.80 -6.00 -41.47
N GLU Q 65 45.45 -7.25 -41.14
CA GLU Q 65 45.22 -8.27 -42.16
C GLU Q 65 44.28 -7.74 -43.24
N PHE Q 66 43.43 -6.80 -42.86
CA PHE Q 66 42.45 -6.21 -43.75
C PHE Q 66 43.10 -5.18 -44.67
N GLU Q 67 44.05 -4.44 -44.12
CA GLU Q 67 44.76 -3.41 -44.87
C GLU Q 67 45.75 -4.05 -45.83
N ARG Q 68 46.29 -5.19 -45.41
CA ARG Q 68 47.25 -5.93 -46.19
C ARG Q 68 46.62 -6.40 -47.50
N LEU Q 69 45.33 -6.74 -47.43
CA LEU Q 69 44.62 -7.20 -48.60
C LEU Q 69 44.28 -6.08 -49.58
N LYS Q 70 44.67 -4.86 -49.23
CA LYS Q 70 44.44 -3.70 -50.09
C LYS Q 70 45.69 -3.43 -50.92
N ARG Q 71 46.85 -3.70 -50.33
CA ARG Q 71 48.14 -3.53 -51.01
C ARG Q 71 48.17 -4.56 -52.14
N LYS Q 72 48.92 -4.29 -53.19
CA LYS Q 72 48.98 -5.25 -54.30
C LYS Q 72 50.12 -6.24 -54.18
N ASN Q 73 49.98 -7.33 -54.92
CA ASN Q 73 51.00 -8.38 -54.93
C ASN Q 73 51.75 -8.26 -56.24
N PRO Q 74 53.00 -7.74 -56.19
CA PRO Q 74 53.82 -7.57 -57.40
C PRO Q 74 53.96 -8.83 -58.26
N ALA Q 75 53.48 -9.96 -57.75
CA ALA Q 75 53.55 -11.24 -58.47
C ALA Q 75 52.35 -11.49 -59.38
N ASP Q 76 51.76 -10.40 -59.89
CA ASP Q 76 50.62 -10.48 -60.80
C ASP Q 76 50.94 -9.65 -62.03
N TYR Q 77 52.04 -8.92 -61.96
CA TYR Q 77 52.48 -8.06 -63.05
C TYR Q 77 53.91 -8.34 -63.49
N GLU Q 78 54.35 -9.59 -63.30
CA GLU Q 78 55.70 -10.01 -63.69
C GLU Q 78 55.57 -10.67 -65.06
N ASN Q 79 54.52 -11.51 -65.16
CA ASN Q 79 54.20 -12.29 -66.34
C ASN Q 79 53.34 -11.51 -67.33
N ASP Q 80 53.84 -10.34 -67.72
CA ASP Q 80 53.13 -9.49 -68.67
C ASP Q 80 54.01 -8.28 -69.01
N GLU R 11 57.22 39.12 -57.67
CA GLU R 11 56.28 37.96 -57.61
C GLU R 11 56.32 37.25 -56.26
N LEU R 12 55.19 36.62 -55.89
CA LEU R 12 55.05 35.92 -54.61
C LEU R 12 55.19 34.39 -54.81
N VAL R 13 55.74 33.72 -53.80
CA VAL R 13 55.92 32.26 -53.85
C VAL R 13 55.04 31.52 -52.85
N ASP R 14 54.49 30.39 -53.29
CA ASP R 14 53.62 29.57 -52.46
C ASP R 14 54.47 28.77 -51.48
N PRO R 15 54.47 29.18 -50.19
CA PRO R 15 55.28 28.44 -49.22
C PRO R 15 55.02 26.94 -49.26
N LEU R 16 53.90 26.55 -49.87
CA LEU R 16 53.57 25.13 -49.99
C LEU R 16 54.55 24.43 -50.92
N THR R 17 54.72 24.99 -52.11
CA THR R 17 55.63 24.42 -53.10
C THR R 17 57.06 24.34 -52.55
N THR R 18 57.49 25.37 -51.85
CA THR R 18 58.83 25.39 -51.24
C THR R 18 58.94 24.18 -50.32
N ILE R 19 58.14 24.19 -49.25
CA ILE R 19 58.12 23.11 -48.26
C ILE R 19 57.85 21.75 -48.88
N ARG R 20 57.13 21.75 -50.00
CA ARG R 20 56.82 20.52 -50.72
C ARG R 20 58.13 19.94 -51.23
N GLU R 21 58.96 20.84 -51.78
CA GLU R 21 60.27 20.47 -52.33
C GLU R 21 61.18 19.98 -51.21
N HIS R 22 61.40 20.84 -50.21
CA HIS R 22 62.24 20.49 -49.08
C HIS R 22 61.86 19.14 -48.47
N CYS R 23 60.57 18.82 -48.46
CA CYS R 23 60.11 17.55 -47.90
C CYS R 23 60.42 16.35 -48.77
N GLU R 24 60.29 16.51 -50.08
CA GLU R 24 60.56 15.42 -51.00
C GLU R 24 61.96 14.87 -50.84
N GLN R 25 62.76 15.53 -50.00
CA GLN R 25 64.14 15.12 -49.74
C GLN R 25 64.16 13.95 -48.76
N THR R 26 63.25 13.99 -47.80
CA THR R 26 63.14 12.96 -46.77
C THR R 26 63.50 11.58 -47.28
N GLU R 27 64.15 10.79 -46.43
CA GLU R 27 64.52 9.45 -46.80
C GLU R 27 63.22 8.71 -47.13
N LYS R 28 62.17 9.06 -46.38
CA LYS R 28 60.84 8.46 -46.55
C LYS R 28 60.27 8.74 -47.94
N CYS R 29 60.34 9.99 -48.36
CA CYS R 29 59.83 10.41 -49.66
C CYS R 29 60.69 9.81 -50.77
N VAL R 30 61.99 10.08 -50.69
CA VAL R 30 62.93 9.58 -51.67
C VAL R 30 62.70 8.10 -51.95
N LYS R 31 62.64 7.29 -50.89
CA LYS R 31 62.42 5.86 -51.03
C LYS R 31 61.08 5.57 -51.68
N ALA R 32 60.06 6.33 -51.28
CA ALA R 32 58.71 6.17 -51.83
C ALA R 32 58.68 6.66 -53.27
N ARG R 33 59.24 7.85 -53.49
CA ARG R 33 59.30 8.46 -54.82
C ARG R 33 59.93 7.52 -55.83
N GLU R 34 61.03 6.89 -55.43
CA GLU R 34 61.76 5.96 -56.29
C GLU R 34 60.86 4.79 -56.72
N ARG R 35 60.11 4.25 -55.76
CA ARG R 35 59.21 3.14 -56.00
C ARG R 35 58.23 3.46 -57.11
N LEU R 36 57.74 4.69 -57.08
CA LEU R 36 56.77 5.17 -58.05
C LEU R 36 57.37 5.23 -59.45
N GLU R 37 58.45 5.99 -59.59
CA GLU R 37 59.11 6.14 -60.88
C GLU R 37 59.35 4.77 -61.51
N LEU R 38 59.60 3.77 -60.69
CA LEU R 38 59.83 2.42 -61.20
C LEU R 38 58.54 1.82 -61.74
N CYS R 39 57.46 1.94 -60.98
CA CYS R 39 56.16 1.41 -61.41
C CYS R 39 55.73 2.12 -62.69
N ASP R 40 55.68 3.45 -62.63
CA ASP R 40 55.30 4.29 -63.74
C ASP R 40 56.00 3.82 -65.01
N ALA R 41 57.31 3.65 -64.90
CA ALA R 41 58.14 3.22 -66.00
C ALA R 41 57.69 1.91 -66.62
N ARG R 42 57.59 0.86 -65.81
CA ARG R 42 57.18 -0.45 -66.36
C ARG R 42 55.73 -0.46 -66.82
N VAL R 43 54.89 0.38 -66.23
CA VAL R 43 53.49 0.43 -66.63
C VAL R 43 53.34 1.20 -67.94
N SER R 44 54.06 2.32 -68.05
CA SER R 44 54.02 3.15 -69.24
C SER R 44 54.57 2.41 -70.45
N SER R 45 55.49 1.49 -70.19
CA SER R 45 56.15 0.71 -71.24
C SER R 45 55.54 -0.68 -71.41
N ARG R 46 54.21 -0.76 -71.37
CA ARG R 46 53.54 -2.03 -71.55
C ARG R 46 52.12 -1.76 -71.97
N SER R 47 51.81 -2.08 -73.23
CA SER R 47 50.47 -1.88 -73.77
C SER R 47 49.62 -3.09 -73.42
N HIS R 48 48.41 -2.83 -72.93
CA HIS R 48 47.46 -3.87 -72.54
C HIS R 48 47.83 -4.50 -71.20
N THR R 49 47.39 -3.89 -70.10
CA THR R 49 47.66 -4.39 -68.76
C THR R 49 46.71 -3.81 -67.72
N GLU R 50 46.82 -4.29 -66.49
CA GLU R 50 45.97 -3.84 -65.39
C GLU R 50 46.70 -2.83 -64.50
N GLU R 51 47.64 -3.33 -63.70
CA GLU R 51 48.43 -2.52 -62.78
C GLU R 51 48.33 -1.00 -62.94
N GLN R 52 48.16 -0.33 -61.80
CA GLN R 52 48.04 1.12 -61.75
C GLN R 52 48.94 1.57 -60.60
N CYS R 53 49.74 2.60 -60.83
CA CYS R 53 50.66 3.08 -59.79
C CYS R 53 49.98 3.91 -58.71
N THR R 54 48.70 3.64 -58.48
CA THR R 54 47.93 4.35 -57.47
C THR R 54 48.57 4.11 -56.09
N GLU R 55 48.64 2.85 -55.70
CA GLU R 55 49.21 2.45 -54.42
C GLU R 55 50.54 3.13 -54.15
N GLU R 56 51.41 3.15 -55.15
CA GLU R 56 52.73 3.77 -55.02
C GLU R 56 52.60 5.28 -54.91
N LEU R 57 51.75 5.85 -55.74
CA LEU R 57 51.56 7.29 -55.72
C LEU R 57 51.10 7.69 -54.32
N PHE R 58 50.17 6.92 -53.80
CA PHE R 58 49.63 7.16 -52.48
C PHE R 58 50.67 7.13 -51.37
N ASP R 59 51.56 6.14 -51.41
CA ASP R 59 52.59 6.04 -50.38
C ASP R 59 53.46 7.30 -50.38
N PHE R 60 53.79 7.78 -51.58
CA PHE R 60 54.61 8.97 -51.71
C PHE R 60 53.87 10.17 -51.16
N LEU R 61 52.68 10.41 -51.73
CA LEU R 61 51.86 11.52 -51.33
C LEU R 61 51.61 11.51 -49.84
N HIS R 62 51.47 10.30 -49.30
CA HIS R 62 51.22 10.14 -47.88
C HIS R 62 52.41 10.60 -47.04
N ALA R 63 53.61 10.23 -47.48
CA ALA R 63 54.82 10.62 -46.75
C ALA R 63 55.12 12.12 -46.97
N ARG R 64 55.03 12.58 -48.22
CA ARG R 64 55.31 13.98 -48.51
C ARG R 64 54.37 14.88 -47.73
N ASP R 65 53.08 14.69 -47.97
CA ASP R 65 52.06 15.48 -47.32
C ASP R 65 52.10 15.39 -45.80
N HIS R 66 52.51 14.23 -45.28
CA HIS R 66 52.61 14.08 -43.84
C HIS R 66 53.61 15.13 -43.35
N CYS R 67 54.77 15.14 -44.00
CA CYS R 67 55.86 16.07 -43.71
C CYS R 67 55.41 17.53 -43.84
N VAL R 68 54.73 17.84 -44.94
CA VAL R 68 54.26 19.20 -45.21
C VAL R 68 53.45 19.79 -44.07
N ALA R 69 52.57 18.94 -43.51
CA ALA R 69 51.68 19.32 -42.43
C ALA R 69 52.33 20.02 -41.24
N HIS R 70 53.38 19.43 -40.68
CA HIS R 70 54.04 20.05 -39.53
C HIS R 70 54.53 21.44 -39.85
N LYS R 71 55.18 21.55 -41.01
CA LYS R 71 55.79 22.80 -41.43
C LYS R 71 54.93 23.90 -42.06
N LEU R 72 54.14 23.53 -43.06
CA LEU R 72 53.33 24.50 -43.80
C LEU R 72 52.63 25.65 -43.07
N PHE R 73 51.86 25.35 -42.03
CA PHE R 73 51.13 26.41 -41.34
C PHE R 73 52.00 27.45 -40.64
N ASN R 74 53.24 27.08 -40.33
CA ASN R 74 54.16 27.99 -39.67
C ASN R 74 54.34 29.22 -40.54
N LYS R 75 54.32 29.00 -41.85
CA LYS R 75 54.51 30.08 -42.81
C LYS R 75 53.24 30.54 -43.50
N LEU R 76 52.15 30.62 -42.74
CA LEU R 76 50.87 31.09 -43.25
C LEU R 76 50.26 32.02 -42.20
N LYS R 77 49.59 33.09 -42.65
CA LYS R 77 48.99 34.05 -41.73
C LYS R 77 47.50 33.79 -41.45
N LEU S 2 -1.69 3.58 65.06
CA LEU S 2 -2.80 3.08 64.27
C LEU S 2 -2.51 3.14 62.78
N SER S 3 -1.27 3.54 62.45
CA SER S 3 -0.80 3.65 61.08
C SER S 3 -0.79 2.27 60.41
N VAL S 4 -1.40 2.17 59.23
CA VAL S 4 -1.45 0.91 58.50
C VAL S 4 -0.04 0.59 57.98
N ALA S 5 0.84 1.60 58.05
CA ALA S 5 2.22 1.47 57.61
C ALA S 5 3.16 1.22 58.79
N ALA S 6 2.93 1.94 59.88
CA ALA S 6 3.76 1.80 61.09
C ALA S 6 3.51 0.51 61.87
N ARG S 7 3.24 -0.59 61.17
CA ARG S 7 2.98 -1.90 61.77
C ARG S 7 2.97 -2.98 60.70
N SER S 8 2.73 -2.55 59.46
CA SER S 8 2.67 -3.46 58.33
N UNK S 30 6.24 14.70 41.74
CA UNK S 30 7.60 15.21 41.72
C UNK S 30 8.62 14.07 41.48
N UNK S 31 8.64 13.10 42.38
CA UNK S 31 9.55 11.95 42.30
C UNK S 31 8.81 10.60 42.24
N UNK S 32 9.58 9.52 42.10
CA UNK S 32 9.00 8.19 42.02
C UNK S 32 9.39 7.54 40.70
N UNK S 33 9.72 6.25 40.71
CA UNK S 33 10.11 5.59 39.47
C UNK S 33 9.10 4.56 38.97
N UNK S 34 8.78 4.60 37.67
CA UNK S 34 7.81 3.67 37.08
C UNK S 34 8.37 2.39 36.53
N UNK S 35 7.54 1.61 35.83
CA UNK S 35 7.99 0.34 35.23
C UNK S 35 7.07 -0.13 34.09
N UNK S 36 7.25 -1.35 33.61
CA UNK S 36 6.41 -1.85 32.54
C UNK S 36 6.49 -3.36 32.32
N UNK S 37 5.34 -3.96 31.97
CA UNK S 37 5.30 -5.40 31.74
C UNK S 37 4.53 -5.79 30.49
N UNK S 38 4.30 -7.09 30.33
CA UNK S 38 3.56 -7.64 29.17
C UNK S 38 2.31 -8.39 29.64
N UNK S 39 1.35 -8.63 28.74
CA UNK S 39 0.13 -9.33 29.15
C UNK S 39 -0.60 -10.09 28.04
N UNK S 40 -1.92 -9.98 28.04
CA UNK S 40 -2.76 -10.64 27.04
C UNK S 40 -2.51 -12.12 26.87
N UNK S 41 -1.84 -12.72 27.85
N PRO S 46 16.50 -10.04 39.28
CA PRO S 46 16.87 -11.35 39.81
C PRO S 46 17.53 -11.28 41.19
N LEU S 47 17.23 -12.27 42.05
CA LEU S 47 17.80 -12.35 43.39
C LEU S 47 18.67 -13.61 43.48
N LEU S 48 19.95 -13.44 43.81
CA LEU S 48 20.86 -14.59 43.89
C LEU S 48 21.77 -14.65 45.14
N CYS S 49 21.52 -13.77 46.11
CA CYS S 49 22.30 -13.74 47.35
C CYS S 49 21.44 -13.18 48.48
N ARG S 50 21.78 -13.53 49.73
CA ARG S 50 21.02 -13.05 50.89
C ARG S 50 20.94 -11.52 50.98
N GLU S 51 21.79 -10.84 50.21
CA GLU S 51 21.84 -9.37 50.19
C GLU S 51 20.72 -8.73 49.35
N SER S 52 20.56 -9.20 48.12
CA SER S 52 19.54 -8.69 47.21
C SER S 52 18.19 -9.39 47.43
N MET S 53 17.90 -9.74 48.69
CA MET S 53 16.66 -10.41 49.05
C MET S 53 16.18 -9.98 50.44
N SER S 54 17.12 -9.68 51.33
CA SER S 54 16.79 -9.26 52.69
C SER S 54 15.97 -7.98 52.71
N GLY S 55 14.87 -8.01 53.45
CA GLY S 55 13.98 -6.86 53.55
C GLY S 55 12.82 -7.04 52.57
N ARG S 56 12.73 -8.24 52.00
CA ARG S 56 11.69 -8.56 51.05
C ARG S 56 10.80 -9.69 51.57
N SER S 57 10.36 -9.60 52.83
CA SER S 57 9.50 -10.64 53.41
C SER S 57 8.19 -10.15 54.03
N ALA S 58 7.48 -9.30 53.31
CA ALA S 58 6.22 -8.77 53.79
C ALA S 58 6.36 -8.20 55.19
N ARG S 59 6.56 -6.89 55.30
CA ARG S 59 6.71 -6.25 56.60
C ARG S 59 5.38 -6.40 57.35
N ARG S 60 4.28 -6.13 56.66
CA ARG S 60 2.94 -6.24 57.23
C ARG S 60 1.88 -6.29 56.12
N ASP S 61 0.84 -5.47 56.27
CA ASP S 61 -0.25 -5.41 55.28
C ASP S 61 0.25 -4.92 53.92
N LEU S 62 -0.58 -5.07 52.90
CA LEU S 62 -0.21 -4.65 51.57
C LEU S 62 -1.00 -3.40 51.22
N VAL S 63 -0.31 -2.35 50.86
CA VAL S 63 -0.96 -1.09 50.49
C VAL S 63 -0.88 -1.00 48.96
N ALA S 64 -1.67 -0.11 48.36
CA ALA S 64 -1.63 0.06 46.92
C ALA S 64 -1.91 1.51 46.63
N GLY S 65 -1.10 2.07 45.75
CA GLY S 65 -1.27 3.46 45.40
C GLY S 65 -1.32 3.69 43.91
N ILE S 66 -1.90 4.83 43.56
CA ILE S 66 -2.03 5.25 42.18
C ILE S 66 -2.01 6.76 42.22
N SER S 67 -1.27 7.36 41.31
CA SER S 67 -1.17 8.79 41.28
C SER S 67 -1.52 9.21 39.87
N LEU S 68 -2.08 10.41 39.72
CA LEU S 68 -2.43 10.90 38.40
C LEU S 68 -1.16 11.43 37.75
N ASN S 69 -0.10 11.56 38.54
CA ASN S 69 1.21 12.04 38.05
C ASN S 69 2.34 11.50 38.91
N ALA S 70 2.67 10.24 38.68
CA ALA S 70 3.72 9.52 39.40
C ALA S 70 3.36 8.04 39.28
N PRO S 71 4.36 7.16 39.45
CA PRO S 71 4.20 5.70 39.34
C PRO S 71 3.30 5.03 40.38
N ALA S 72 2.96 3.77 40.09
CA ALA S 72 2.13 2.98 40.97
C ALA S 72 3.06 2.27 41.95
N SER S 73 2.64 2.20 43.21
CA SER S 73 3.43 1.54 44.26
C SER S 73 2.64 0.51 45.06
N VAL S 74 3.37 -0.39 45.73
CA VAL S 74 2.77 -1.45 46.55
C VAL S 74 3.76 -1.91 47.63
N ARG S 75 3.27 -2.13 48.86
CA ARG S 75 4.10 -2.57 49.98
C ARG S 75 3.82 -4.02 50.34
N ALA T 1 39.65 33.12 14.35
CA ALA T 1 39.06 31.78 14.09
C ALA T 1 37.82 31.91 13.23
N LEU T 2 38.01 31.95 11.91
CA LEU T 2 36.89 32.09 10.99
C LEU T 2 35.90 30.93 11.01
N LEU T 3 36.42 29.71 11.13
CA LEU T 3 35.54 28.56 11.08
C LEU T 3 34.55 28.68 12.20
N ARG T 4 35.03 29.13 13.35
CA ARG T 4 34.19 29.29 14.52
C ARG T 4 33.19 30.40 14.26
N GLN T 5 33.67 31.57 13.83
CA GLN T 5 32.82 32.72 13.57
C GLN T 5 31.80 32.42 12.49
N ALA T 6 32.25 31.75 11.43
CA ALA T 6 31.40 31.40 10.31
C ALA T 6 30.30 30.46 10.76
N TYR T 7 30.67 29.49 11.58
CA TYR T 7 29.71 28.52 12.07
C TYR T 7 28.63 29.18 12.93
N SER T 8 29.01 30.16 13.73
CA SER T 8 28.06 30.80 14.59
C SER T 8 27.17 31.80 13.89
N ALA T 9 27.72 32.46 12.89
CA ALA T 9 26.97 33.48 12.15
C ALA T 9 26.28 32.98 10.90
N LEU T 10 26.94 32.09 10.18
CA LEU T 10 26.40 31.60 8.92
C LEU T 10 25.76 30.22 8.91
N PHE T 11 26.48 29.22 9.41
CA PHE T 11 25.99 27.83 9.38
C PHE T 11 25.12 27.32 10.53
N ARG T 12 24.99 28.14 11.59
CA ARG T 12 24.19 27.76 12.75
C ARG T 12 22.70 27.62 12.39
N ARG T 13 22.03 28.76 12.30
CA ARG T 13 20.61 28.81 11.97
C ARG T 13 20.40 28.52 10.48
N THR T 14 19.53 27.56 10.18
CA THR T 14 19.26 27.20 8.79
C THR T 14 18.87 28.42 7.96
N SER T 15 18.21 29.38 8.60
CA SER T 15 17.78 30.62 7.95
C SER T 15 18.96 31.43 7.42
N THR T 16 19.99 31.61 8.24
CA THR T 16 21.15 32.36 7.80
C THR T 16 22.01 31.52 6.86
N PHE T 17 21.95 30.20 6.99
CA PHE T 17 22.74 29.33 6.12
C PHE T 17 22.25 29.48 4.69
N ALA T 18 20.93 29.50 4.51
CA ALA T 18 20.35 29.64 3.17
C ALA T 18 20.65 31.04 2.65
N LEU T 19 20.47 32.04 3.50
CA LEU T 19 20.74 33.42 3.12
C LEU T 19 22.20 33.53 2.68
N THR T 20 23.08 32.75 3.32
CA THR T 20 24.49 32.75 2.97
C THR T 20 24.71 32.11 1.61
N VAL T 21 24.00 31.01 1.34
CA VAL T 21 24.14 30.32 0.06
C VAL T 21 23.77 31.26 -1.10
N VAL T 22 22.76 32.10 -0.89
CA VAL T 22 22.33 33.03 -1.92
C VAL T 22 23.42 34.06 -2.21
N LEU T 23 23.76 34.89 -1.22
CA LEU T 23 24.80 35.89 -1.43
C LEU T 23 26.07 35.22 -1.90
N GLY T 24 26.27 33.99 -1.47
CA GLY T 24 27.45 33.23 -1.86
C GLY T 24 27.40 32.97 -3.34
N ALA T 25 26.22 32.62 -3.85
CA ALA T 25 26.07 32.35 -5.27
C ALA T 25 26.17 33.67 -6.06
N VAL T 26 25.50 34.71 -5.58
CA VAL T 26 25.55 35.99 -6.26
C VAL T 26 27.01 36.41 -6.49
N LEU T 27 27.77 36.46 -5.41
CA LEU T 27 29.17 36.84 -5.50
C LEU T 27 29.97 35.87 -6.34
N PHE T 28 29.83 34.58 -6.07
CA PHE T 28 30.57 33.58 -6.83
C PHE T 28 30.35 33.66 -8.32
N GLU T 29 29.14 33.92 -8.74
CA GLU T 29 28.86 34.00 -10.16
C GLU T 29 29.67 35.14 -10.78
N ARG T 30 29.39 36.35 -10.33
CA ARG T 30 30.06 37.54 -10.81
C ARG T 30 31.56 37.29 -10.96
N ALA T 31 32.16 36.68 -9.93
CA ALA T 31 33.59 36.39 -9.93
C ALA T 31 34.00 35.26 -10.86
N PHE T 32 33.33 34.12 -10.74
CA PHE T 32 33.67 32.98 -11.59
C PHE T 32 33.56 33.34 -13.07
N ASP T 33 32.54 34.13 -13.43
CA ASP T 33 32.36 34.50 -14.84
C ASP T 33 33.52 35.35 -15.36
N GLN T 34 33.79 36.48 -14.70
CA GLN T 34 34.88 37.33 -15.13
C GLN T 34 36.17 36.53 -15.26
N GLY T 35 36.52 35.80 -14.22
CA GLY T 35 37.73 35.01 -14.26
C GLY T 35 37.76 34.03 -15.42
N ALA T 36 36.64 33.40 -15.68
CA ALA T 36 36.53 32.42 -16.76
C ALA T 36 36.73 33.07 -18.13
N ASP T 37 36.03 34.18 -18.38
CA ASP T 37 36.17 34.86 -19.67
C ASP T 37 37.58 35.41 -19.82
N ALA T 38 38.10 35.95 -18.72
CA ALA T 38 39.45 36.49 -18.70
C ALA T 38 40.43 35.38 -19.09
N ILE T 39 40.24 34.19 -18.55
CA ILE T 39 41.13 33.09 -18.90
C ILE T 39 40.98 32.73 -20.36
N PHE T 40 39.74 32.54 -20.79
CA PHE T 40 39.44 32.16 -22.16
C PHE T 40 39.99 33.14 -23.19
N GLU T 41 39.71 34.42 -23.00
CA GLU T 41 40.18 35.43 -23.95
C GLU T 41 41.70 35.53 -23.98
N HIS T 42 42.33 35.53 -22.81
CA HIS T 42 43.77 35.61 -22.75
C HIS T 42 44.37 34.44 -23.53
N LEU T 43 43.76 33.26 -23.41
CA LEU T 43 44.24 32.09 -24.14
C LEU T 43 44.07 32.24 -25.65
N ASN T 44 43.26 33.21 -26.06
CA ASN T 44 43.01 33.44 -27.49
C ASN T 44 43.27 34.87 -27.90
N GLU T 45 44.43 35.40 -27.51
CA GLU T 45 44.78 36.77 -27.84
C GLU T 45 44.79 37.06 -29.34
N GLY T 46 44.09 38.13 -29.70
CA GLY T 46 44.00 38.57 -31.08
C GLY T 46 43.20 37.76 -32.10
N LYS T 47 42.50 36.72 -31.65
CA LYS T 47 41.73 35.89 -32.58
C LYS T 47 40.25 36.23 -32.59
N LEU T 48 39.78 36.79 -31.48
CA LEU T 48 38.37 37.12 -31.35
C LEU T 48 38.02 38.44 -32.02
N TRP T 49 36.73 38.61 -32.34
CA TRP T 49 36.28 39.84 -32.98
C TRP T 49 36.63 41.00 -32.07
N LYS T 50 36.40 40.79 -30.78
CA LYS T 50 36.69 41.80 -29.77
C LYS T 50 38.06 42.47 -30.03
N HIS T 51 39.04 41.63 -30.35
CA HIS T 51 40.41 42.06 -30.63
C HIS T 51 40.58 42.79 -31.98
N ILE T 52 40.35 42.09 -33.09
CA ILE T 52 40.50 42.68 -34.41
C ILE T 52 39.46 43.74 -34.75
N LYS T 53 38.54 43.98 -33.82
CA LYS T 53 37.47 44.93 -34.01
C LYS T 53 37.86 46.36 -34.39
N HIS T 54 38.91 46.88 -33.77
CA HIS T 54 39.38 48.25 -34.03
C HIS T 54 39.69 48.56 -35.50
N LYS T 55 40.18 47.55 -36.21
CA LYS T 55 40.53 47.69 -37.62
C LYS T 55 39.41 48.15 -38.53
N TYR T 56 38.16 47.94 -38.13
CA TYR T 56 37.05 48.34 -38.99
C TYR T 56 36.03 49.25 -38.34
N GLU T 57 36.35 49.79 -37.16
CA GLU T 57 35.43 50.70 -36.48
C GLU T 57 36.01 52.12 -36.43
N ALA T 58 35.33 53.04 -37.11
CA ALA T 58 35.71 54.46 -37.20
C ALA T 58 35.07 55.09 -38.45
N SER T 59 33.96 55.82 -38.25
CA SER T 59 33.24 56.47 -39.35
C SER T 59 33.80 57.85 -39.72
N GLU T 60 34.27 58.60 -38.73
#